data_3PQ8
#
_entry.id   3PQ8
#
_cell.length_a   93.503
_cell.length_b   133.022
_cell.length_c   122.674
_cell.angle_alpha   90.000
_cell.angle_beta   109.400
_cell.angle_gamma   90.000
#
_symmetry.space_group_name_H-M   'P 1 21 1'
#
loop_
_entity.id
_entity.type
_entity.pdbx_description
1 polymer 'Catalase HPII'
2 non-polymer 'CIS-HEME D HYDROXYCHLORIN GAMMA-SPIROLACTONE'
3 non-polymer 'CIS-HEME D HYDROXYCHLORIN GAMMA-SPIROLACTONE 17R, 18S'
4 non-polymer 'HYDROSULFURIC ACID'
5 water water
#
_entity_poly.entity_id   1
_entity_poly.type   'polypeptide(L)'
_entity_poly.pdbx_seq_one_letter_code
;MSQHNEKNPHQHQSPLHDSSEAKPGMDSLAPEDGSHRPAAEPTPPGAQPTAPGSLKAPDTRNEKLNSLEDVRKGSENYAL
TTNQGVRIADDQNSLRAGSRGPTLLEDFILREKITHFDHERIPERIVHARGSAAHGYFQPYKSLSDITKADFLSDPNKIT
PVFVRFSTVQGGAGSADTVRDIRGFATKFYTEEGIFDLVGNNTPIFFIQDAHKFPDFVHAVKPEPHWAIPQGQSAHDTFW
DYVSLQPETLHNVMWAMSDRGIPRSYRTMEGFGCHTFRLINAEGKATFVRFHWKPLAGKASLVWDEAQKLTGRDPDFHRR
ELWEAIEAGDFPEYELGFQLIPEEDEFKFDFDLLDPTKLIPEELVPVQRVGKMVLNRNPDNFFAENEQAAFHPGHIVPGL
DFTNDPLLQGRLFSYTDTQISRLGGPNFHEIPINRPTAPYHNFQRDGMHRMGIDTNPANYEPNSINDNWPRETPPGPKRG
GFESYQERVEGNKVRERSPSFGEYYSHPRLFWLSQTPFEQRHIVDGFSFELSKVVRPYIRERVVDQLAHIDLTLAQAVAK
NLGIELTDDQLNITPPPDVNGLKKDPSLSLYAIPDGDVKGRVVAILLNDEVRSADLLAILKALKAKGVHAKLLYSRMGEV
TADDGTVLPIAATFAGAPSLTVDAVIVPAGNIADIADNGDANYYLMEAYKHLKPIALAGDARKFKATIKIADQGEEGIVE
ADSADGSFMDELLTLMAAHRVWSRIPKIDKIPA
;
_entity_poly.pdbx_strand_id   A,B,C,D
#
loop_
_chem_comp.id
_chem_comp.type
_chem_comp.name
_chem_comp.formula
H2S non-polymer 'HYDROSULFURIC ACID' 'H2 S'
HDD non-polymer 'CIS-HEME D HYDROXYCHLORIN GAMMA-SPIROLACTONE' 'C34 H32 Fe N4 O5'
HDE non-polymer 'CIS-HEME D HYDROXYCHLORIN GAMMA-SPIROLACTONE 17R, 18S' 'C34 H38 Fe N4 O5'
#
# COMPACT_ATOMS: atom_id res chain seq x y z
N SER A 28 32.46 -21.38 -12.33
CA SER A 28 31.09 -21.58 -11.86
C SER A 28 30.28 -21.43 -13.10
N LEU A 29 30.49 -22.34 -14.03
CA LEU A 29 30.07 -22.01 -15.26
C LEU A 29 29.43 -23.16 -15.94
N ALA A 30 28.95 -22.83 -17.12
CA ALA A 30 28.19 -23.71 -17.93
C ALA A 30 29.15 -24.82 -18.29
N PRO A 31 28.58 -26.02 -18.56
CA PRO A 31 29.37 -27.14 -19.08
C PRO A 31 29.84 -26.77 -20.51
N GLU A 32 31.09 -27.09 -20.82
CA GLU A 32 31.57 -27.07 -22.23
C GLU A 32 30.62 -27.61 -23.32
N ASP A 33 29.87 -28.67 -23.03
CA ASP A 33 29.05 -29.29 -24.08
C ASP A 33 27.79 -28.53 -24.42
N GLY A 34 27.55 -27.40 -23.75
CA GLY A 34 26.33 -26.59 -23.92
C GLY A 34 25.03 -27.22 -23.43
N SER A 35 25.09 -28.31 -22.63
CA SER A 35 23.89 -29.02 -22.23
C SER A 35 23.02 -28.30 -21.17
N HIS A 36 23.47 -27.14 -20.68
CA HIS A 36 22.67 -26.32 -19.72
C HIS A 36 21.48 -25.63 -20.44
N ARG A 37 21.59 -25.43 -21.76
CA ARG A 37 20.66 -24.56 -22.52
C ARG A 37 19.72 -25.40 -23.43
N PRO A 38 18.40 -25.31 -23.22
CA PRO A 38 17.38 -26.05 -24.02
C PRO A 38 17.41 -25.63 -25.49
N ALA A 39 17.30 -26.59 -26.42
CA ALA A 39 17.10 -26.22 -27.82
C ALA A 39 15.86 -25.31 -28.00
N ALA A 40 16.01 -24.30 -28.85
CA ALA A 40 14.96 -23.35 -29.21
C ALA A 40 14.20 -23.91 -30.43
N GLU A 41 13.61 -25.10 -30.22
CA GLU A 41 12.84 -25.86 -31.16
C GLU A 41 11.82 -26.63 -30.33
N PRO A 42 10.69 -27.01 -30.95
CA PRO A 42 9.74 -27.84 -30.23
C PRO A 42 10.33 -29.18 -29.80
N THR A 43 10.11 -29.59 -28.53
CA THR A 43 10.67 -30.83 -28.03
C THR A 43 9.63 -31.45 -27.12
N PRO A 44 9.59 -32.80 -27.07
CA PRO A 44 8.59 -33.50 -26.26
C PRO A 44 8.85 -33.28 -24.75
N PRO A 45 7.81 -33.50 -23.91
CA PRO A 45 8.00 -33.23 -22.50
C PRO A 45 9.18 -34.03 -21.97
N GLY A 46 9.99 -33.42 -21.08
CA GLY A 46 11.20 -34.08 -20.51
C GLY A 46 12.46 -34.16 -21.36
N ALA A 47 12.39 -33.87 -22.65
CA ALA A 47 13.58 -33.98 -23.49
C ALA A 47 14.62 -32.86 -23.22
N GLN A 48 14.18 -31.71 -22.75
CA GLN A 48 15.05 -30.56 -22.53
C GLN A 48 14.54 -29.89 -21.27
N PRO A 49 15.45 -29.14 -20.56
CA PRO A 49 14.87 -28.31 -19.48
C PRO A 49 13.88 -27.29 -20.04
N THR A 50 12.90 -26.87 -19.22
CA THR A 50 11.91 -25.90 -19.73
C THR A 50 12.53 -24.53 -19.69
N ALA A 51 11.93 -23.59 -20.41
CA ALA A 51 12.58 -22.27 -20.53
C ALA A 51 11.55 -21.15 -20.69
N PRO A 52 11.95 -19.90 -20.43
CA PRO A 52 11.09 -18.75 -20.76
C PRO A 52 10.68 -18.81 -22.22
N GLY A 53 9.42 -18.51 -22.52
CA GLY A 53 8.92 -18.54 -23.91
C GLY A 53 9.72 -17.82 -24.98
N SER A 54 10.24 -16.63 -24.69
CA SER A 54 10.91 -15.85 -25.73
C SER A 54 12.28 -16.52 -26.10
N LEU A 55 12.84 -17.35 -25.19
CA LEU A 55 14.07 -18.06 -25.45
C LEU A 55 13.79 -19.44 -26.07
N LYS A 56 12.68 -20.06 -25.65
CA LYS A 56 12.31 -21.37 -26.24
C LYS A 56 11.83 -21.26 -27.69
N ALA A 57 11.06 -20.21 -27.97
CA ALA A 57 10.30 -20.08 -29.19
C ALA A 57 10.42 -18.63 -29.65
N PRO A 58 11.67 -18.19 -29.95
CA PRO A 58 11.88 -16.80 -30.34
C PRO A 58 11.18 -16.32 -31.60
N ASP A 59 10.80 -17.24 -32.50
CA ASP A 59 10.19 -16.85 -33.75
C ASP A 59 8.69 -16.85 -33.64
N THR A 60 8.13 -17.20 -32.47
CA THR A 60 6.65 -17.20 -32.31
C THR A 60 6.28 -15.79 -31.88
N ARG A 61 5.51 -15.07 -32.71
CA ARG A 61 5.20 -13.68 -32.36
C ARG A 61 3.72 -13.40 -32.55
N ASN A 62 3.23 -12.40 -31.84
CA ASN A 62 1.96 -11.76 -32.21
C ASN A 62 2.07 -10.30 -31.75
N GLU A 63 1.06 -9.49 -32.08
CA GLU A 63 1.18 -8.02 -31.79
C GLU A 63 1.42 -7.69 -30.32
N LYS A 64 0.80 -8.47 -29.44
CA LYS A 64 0.96 -8.23 -28.02
C LYS A 64 2.34 -8.66 -27.54
N LEU A 65 2.75 -9.84 -27.97
CA LEU A 65 4.10 -10.33 -27.57
C LEU A 65 5.20 -9.36 -28.00
N ASN A 66 5.05 -8.79 -29.20
CA ASN A 66 6.03 -7.82 -29.69
C ASN A 66 6.00 -6.55 -28.85
N SER A 67 4.81 -6.10 -28.47
CA SER A 67 4.64 -4.83 -27.72
C SER A 67 5.29 -4.93 -26.32
N LEU A 68 5.50 -6.14 -25.83
CA LEU A 68 6.28 -6.34 -24.56
C LEU A 68 7.77 -6.18 -24.67
N GLU A 69 8.29 -6.04 -25.91
CA GLU A 69 9.71 -5.91 -26.06
C GLU A 69 10.26 -4.77 -25.27
N ASP A 70 9.51 -3.69 -25.04
CA ASP A 70 10.10 -2.54 -24.33
C ASP A 70 10.54 -2.86 -22.92
N VAL A 71 9.88 -3.88 -22.33
CA VAL A 71 10.21 -4.19 -20.98
C VAL A 71 10.93 -5.56 -20.80
N ARG A 72 11.06 -6.38 -21.86
CA ARG A 72 11.85 -7.62 -21.72
C ARG A 72 13.32 -7.25 -21.43
N LYS A 73 13.89 -7.89 -20.43
CA LYS A 73 15.30 -7.66 -20.09
C LYS A 73 16.09 -8.96 -20.28
N GLY A 74 17.19 -8.92 -21.04
CA GLY A 74 18.12 -10.09 -21.20
C GLY A 74 19.12 -10.14 -20.06
N SER A 75 20.27 -10.72 -20.32
CA SER A 75 21.23 -10.95 -19.23
C SER A 75 22.65 -11.31 -19.76
N GLU A 76 22.74 -12.08 -20.85
CA GLU A 76 24.03 -12.59 -21.37
C GLU A 76 24.94 -11.42 -21.76
N ASN A 77 26.18 -11.51 -21.31
CA ASN A 77 27.18 -10.49 -21.55
C ASN A 77 26.98 -9.22 -20.83
N TYR A 78 26.06 -9.14 -19.88
CA TYR A 78 25.89 -7.88 -19.19
C TYR A 78 26.51 -7.94 -17.79
N ALA A 79 26.99 -6.79 -17.31
CA ALA A 79 27.51 -6.71 -15.95
C ALA A 79 26.38 -6.76 -14.90
N LEU A 80 26.68 -7.34 -13.74
CA LEU A 80 25.72 -7.39 -12.65
C LEU A 80 25.71 -5.96 -11.98
N THR A 81 24.54 -5.38 -11.73
CA THR A 81 24.52 -4.03 -11.21
C THR A 81 23.52 -3.92 -10.09
N THR A 82 23.58 -2.81 -9.35
CA THR A 82 22.46 -2.38 -8.55
C THR A 82 21.29 -1.95 -9.50
N ASN A 83 20.12 -1.67 -8.90
CA ASN A 83 19.04 -1.14 -9.72
C ASN A 83 19.28 0.30 -10.26
N GLN A 84 20.22 0.97 -9.62
CA GLN A 84 20.65 2.31 -10.08
C GLN A 84 21.75 2.27 -11.17
N GLY A 85 22.12 1.06 -11.60
CA GLY A 85 23.11 0.91 -12.72
C GLY A 85 24.55 0.88 -12.30
N VAL A 86 24.81 0.71 -11.01
CA VAL A 86 26.20 0.62 -10.53
C VAL A 86 26.73 -0.81 -10.58
N ARG A 87 27.86 -1.03 -11.22
CA ARG A 87 28.44 -2.38 -11.28
C ARG A 87 28.84 -2.89 -9.91
N ILE A 88 28.51 -4.16 -9.69
CA ILE A 88 28.89 -4.82 -8.43
C ILE A 88 30.16 -5.60 -8.64
N ALA A 89 31.15 -5.42 -7.72
CA ALA A 89 32.41 -6.14 -7.80
C ALA A 89 32.33 -7.43 -7.01
N ASP A 90 31.70 -7.40 -5.83
CA ASP A 90 31.66 -8.63 -4.99
C ASP A 90 30.24 -8.89 -4.56
N ASP A 91 29.58 -9.85 -5.19
CA ASP A 91 28.18 -10.12 -4.87
C ASP A 91 28.15 -11.32 -3.90
N GLN A 92 29.28 -11.58 -3.19
CA GLN A 92 29.29 -12.71 -2.23
C GLN A 92 29.33 -12.28 -0.78
N ASN A 93 29.51 -10.96 -0.49
CA ASN A 93 29.81 -10.55 0.88
C ASN A 93 29.19 -9.21 1.19
N SER A 94 28.78 -9.04 2.45
CA SER A 94 28.47 -7.77 3.09
C SER A 94 29.72 -6.97 3.42
N LEU A 95 29.55 -5.64 3.45
CA LEU A 95 30.69 -4.80 3.85
C LEU A 95 30.73 -4.82 5.38
N ARG A 96 31.91 -5.12 5.92
CA ARG A 96 32.05 -5.18 7.38
C ARG A 96 33.35 -4.56 7.85
N ALA A 97 33.44 -4.28 9.14
CA ALA A 97 34.73 -3.74 9.69
C ALA A 97 35.62 -4.86 10.19
N GLY A 98 36.57 -5.27 9.32
CA GLY A 98 37.32 -6.55 9.38
C GLY A 98 36.50 -7.70 8.86
N SER A 99 37.18 -8.75 8.41
CA SER A 99 36.47 -9.89 7.79
C SER A 99 35.69 -10.75 8.75
N ARG A 100 35.91 -10.62 10.05
CA ARG A 100 34.99 -11.14 11.09
C ARG A 100 34.20 -10.05 11.85
N GLY A 101 34.01 -8.87 11.25
CA GLY A 101 33.41 -7.79 12.00
C GLY A 101 31.95 -7.53 11.67
N PRO A 102 31.39 -6.48 12.27
CA PRO A 102 29.96 -6.23 12.14
C PRO A 102 29.68 -5.64 10.75
N THR A 103 28.48 -5.90 10.24
CA THR A 103 28.11 -5.35 8.92
C THR A 103 27.81 -3.87 9.07
N LEU A 104 28.24 -3.08 8.09
CA LEU A 104 28.12 -1.63 8.19
C LEU A 104 26.89 -1.10 7.47
N LEU A 105 26.30 -0.06 8.07
CA LEU A 105 25.03 0.49 7.54
C LEU A 105 25.27 1.15 6.16
N GLU A 106 26.51 1.58 5.89
CA GLU A 106 26.80 2.11 4.52
C GLU A 106 26.81 1.10 3.37
N ASP A 107 26.62 -0.21 3.64
CA ASP A 107 26.53 -1.17 2.57
C ASP A 107 25.17 -1.01 1.84
N PHE A 108 25.16 -0.05 0.88
CA PHE A 108 23.94 0.24 0.11
C PHE A 108 23.67 -0.88 -0.88
N ILE A 109 24.70 -1.62 -1.32
CA ILE A 109 24.47 -2.77 -2.25
C ILE A 109 23.68 -3.90 -1.59
N LEU A 110 24.14 -4.31 -0.39
CA LEU A 110 23.44 -5.29 0.45
C LEU A 110 21.99 -4.77 0.68
N ARG A 111 21.82 -3.53 1.18
CA ARG A 111 20.46 -3.09 1.56
C ARG A 111 19.50 -3.00 0.37
N GLU A 112 19.99 -2.57 -0.78
CA GLU A 112 19.07 -2.60 -1.93
C GLU A 112 18.64 -4.03 -2.28
N LYS A 113 19.61 -4.94 -2.33
CA LYS A 113 19.29 -6.30 -2.69
C LYS A 113 18.29 -6.97 -1.74
N ILE A 114 18.56 -6.81 -0.45
CA ILE A 114 17.74 -7.35 0.58
C ILE A 114 16.39 -6.61 0.58
N THR A 115 16.40 -5.28 0.38
CA THR A 115 15.11 -4.56 0.39
C THR A 115 14.24 -5.08 -0.73
N HIS A 116 14.83 -5.32 -1.92
CA HIS A 116 13.97 -5.73 -3.06
C HIS A 116 13.42 -7.11 -2.72
N PHE A 117 14.24 -7.94 -2.10
CA PHE A 117 13.78 -9.29 -1.79
C PHE A 117 12.66 -9.26 -0.69
N ASP A 118 12.84 -8.39 0.29
CA ASP A 118 11.91 -8.24 1.43
C ASP A 118 10.53 -7.80 0.98
N HIS A 119 10.44 -7.26 -0.24
CA HIS A 119 9.15 -6.73 -0.74
C HIS A 119 8.70 -7.41 -2.03
N GLU A 120 9.12 -8.65 -2.24
CA GLU A 120 8.75 -9.32 -3.49
C GLU A 120 7.27 -9.67 -3.65
N ARG A 121 6.59 -10.02 -2.51
CA ARG A 121 5.27 -10.59 -2.59
C ARG A 121 4.18 -9.53 -2.64
N ILE A 122 3.18 -9.76 -3.47
CA ILE A 122 1.97 -8.88 -3.47
C ILE A 122 0.79 -9.76 -3.10
N PRO A 123 -0.35 -9.14 -2.80
CA PRO A 123 -1.44 -9.97 -2.27
C PRO A 123 -1.84 -10.91 -3.35
N GLU A 124 -2.15 -12.18 -3.02
CA GLU A 124 -2.70 -13.09 -4.07
C GLU A 124 -4.16 -12.75 -4.37
N ARG A 125 -4.68 -13.28 -5.48
CA ARG A 125 -6.14 -13.03 -5.83
C ARG A 125 -7.05 -13.55 -4.73
N ILE A 126 -8.16 -12.86 -4.40
CA ILE A 126 -9.05 -13.38 -3.32
C ILE A 126 -9.55 -14.82 -3.64
N VAL A 127 -9.93 -15.05 -4.90
CA VAL A 127 -10.28 -16.41 -5.41
C VAL A 127 -9.48 -16.60 -6.73
N HIS A 128 -9.34 -17.86 -7.15
CA HIS A 128 -8.56 -18.24 -8.32
C HIS A 128 -7.10 -17.87 -8.11
N ALA A 129 -6.61 -17.93 -6.86
CA ALA A 129 -5.19 -17.52 -6.65
C ALA A 129 -4.23 -18.41 -7.35
N ARG A 130 -4.65 -19.68 -7.56
CA ARG A 130 -3.77 -20.71 -8.14
C ARG A 130 -4.06 -20.74 -9.63
N GLY A 131 -3.10 -20.44 -10.48
CA GLY A 131 -3.45 -20.33 -11.92
C GLY A 131 -2.20 -20.40 -12.81
N SER A 132 -2.42 -20.75 -14.07
CA SER A 132 -1.34 -21.06 -15.05
C SER A 132 -1.77 -20.44 -16.36
N ALA A 133 -0.81 -19.78 -17.05
CA ALA A 133 -1.21 -18.85 -18.15
C ALA A 133 -0.29 -19.04 -19.34
N ALA A 134 -0.77 -18.61 -20.50
CA ALA A 134 -0.01 -18.61 -21.70
C ALA A 134 -0.57 -17.56 -22.68
N HIS A 135 0.27 -17.20 -23.62
CA HIS A 135 -0.06 -16.35 -24.80
C HIS A 135 -0.57 -17.18 -25.99
N GLY A 136 -1.33 -16.52 -26.84
CA GLY A 136 -1.82 -17.17 -28.07
C GLY A 136 -2.61 -16.18 -28.94
N TYR A 137 -3.43 -16.71 -29.85
CA TYR A 137 -4.13 -15.80 -30.76
C TYR A 137 -5.53 -16.38 -31.04
N PHE A 138 -6.46 -15.51 -31.45
CA PHE A 138 -7.79 -15.98 -31.82
C PHE A 138 -8.10 -15.39 -33.21
N GLN A 139 -8.89 -16.15 -33.99
CA GLN A 139 -9.57 -15.57 -35.12
C GLN A 139 -10.94 -16.24 -35.37
N PRO A 140 -11.88 -15.45 -35.85
CA PRO A 140 -13.21 -15.98 -36.16
C PRO A 140 -13.21 -16.78 -37.46
N TYR A 141 -14.22 -17.65 -37.64
CA TYR A 141 -14.31 -18.51 -38.81
C TYR A 141 -14.90 -17.68 -39.97
N LYS A 142 -15.83 -16.79 -39.61
CA LYS A 142 -16.52 -15.91 -40.56
C LYS A 142 -16.95 -14.64 -39.85
N SER A 143 -17.23 -13.61 -40.63
CA SER A 143 -17.73 -12.37 -40.05
C SER A 143 -19.06 -12.60 -39.31
N LEU A 144 -19.17 -12.05 -38.11
CA LEU A 144 -20.42 -12.06 -37.35
C LEU A 144 -21.21 -10.71 -37.37
N SER A 145 -20.97 -9.88 -38.40
CA SER A 145 -21.49 -8.50 -38.36
C SER A 145 -23.02 -8.44 -38.36
N ASP A 146 -23.66 -9.54 -38.77
CA ASP A 146 -25.15 -9.61 -38.69
C ASP A 146 -25.67 -9.65 -37.27
N ILE A 147 -24.87 -10.18 -36.36
CA ILE A 147 -25.30 -10.26 -34.96
C ILE A 147 -24.51 -9.37 -33.99
N THR A 148 -23.26 -9.01 -34.36
CA THR A 148 -22.46 -8.11 -33.49
C THR A 148 -21.55 -7.16 -34.25
N LYS A 149 -21.42 -5.94 -33.78
CA LYS A 149 -20.47 -5.07 -34.42
C LYS A 149 -19.10 -5.16 -33.78
N ALA A 150 -18.87 -6.09 -32.85
CA ALA A 150 -17.51 -6.27 -32.23
C ALA A 150 -16.43 -6.44 -33.27
N ASP A 151 -15.39 -5.59 -33.26
CA ASP A 151 -14.39 -5.62 -34.33
C ASP A 151 -13.63 -6.94 -34.38
N PHE A 152 -13.37 -7.56 -33.21
CA PHE A 152 -12.62 -8.83 -33.23
C PHE A 152 -13.34 -10.01 -33.82
N LEU A 153 -14.64 -9.88 -34.08
CA LEU A 153 -15.44 -10.93 -34.70
C LEU A 153 -15.88 -10.58 -36.11
N SER A 154 -15.26 -9.55 -36.67
CA SER A 154 -15.80 -9.00 -37.87
C SER A 154 -15.18 -9.55 -39.15
N ASP A 155 -14.03 -10.20 -39.07
CA ASP A 155 -13.29 -10.56 -40.29
C ASP A 155 -12.55 -11.89 -40.00
N PRO A 156 -12.75 -12.94 -40.81
CA PRO A 156 -11.98 -14.17 -40.47
C PRO A 156 -10.48 -14.04 -40.54
N ASN A 157 -9.97 -12.96 -41.12
CA ASN A 157 -8.53 -12.83 -41.19
C ASN A 157 -8.02 -11.75 -40.23
N LYS A 158 -8.88 -11.30 -39.35
CA LYS A 158 -8.33 -10.46 -38.33
C LYS A 158 -7.95 -11.27 -37.09
N ILE A 159 -6.66 -11.24 -36.85
CA ILE A 159 -6.07 -12.05 -35.78
C ILE A 159 -5.98 -11.21 -34.50
N THR A 160 -6.46 -11.76 -33.39
CA THR A 160 -6.48 -11.00 -32.12
C THR A 160 -5.60 -11.74 -31.15
N PRO A 161 -4.56 -11.08 -30.59
CA PRO A 161 -3.73 -11.72 -29.55
C PRO A 161 -4.52 -11.97 -28.32
N VAL A 162 -4.22 -13.10 -27.64
CA VAL A 162 -4.86 -13.42 -26.35
C VAL A 162 -3.83 -13.73 -25.29
N PHE A 163 -4.21 -13.58 -24.02
CA PHE A 163 -3.45 -14.15 -22.91
C PHE A 163 -4.48 -14.85 -22.07
N VAL A 164 -4.28 -16.14 -21.79
CA VAL A 164 -5.29 -16.90 -21.08
C VAL A 164 -4.70 -17.39 -19.77
N ARG A 165 -5.49 -17.26 -18.70
CA ARG A 165 -5.09 -17.87 -17.44
C ARG A 165 -6.19 -18.88 -17.02
N PHE A 166 -5.75 -20.11 -16.73
CA PHE A 166 -6.59 -21.18 -16.15
C PHE A 166 -6.32 -21.25 -14.66
N SER A 167 -7.33 -21.60 -13.86
CA SER A 167 -7.12 -21.56 -12.38
C SER A 167 -7.98 -22.58 -11.67
N THR A 168 -7.67 -22.91 -10.43
CA THR A 168 -8.67 -23.44 -9.52
C THR A 168 -9.35 -22.23 -8.84
N VAL A 169 -10.11 -22.46 -7.80
CA VAL A 169 -10.89 -21.36 -7.15
C VAL A 169 -10.46 -21.13 -5.72
N GLN A 170 -10.49 -22.21 -4.89
CA GLN A 170 -10.50 -21.99 -3.45
C GLN A 170 -9.06 -21.76 -2.93
N GLY A 171 -8.12 -22.53 -3.43
CA GLY A 171 -6.78 -22.63 -2.86
C GLY A 171 -5.89 -21.43 -3.15
N GLY A 172 -4.90 -21.27 -2.26
CA GLY A 172 -3.91 -20.17 -2.43
C GLY A 172 -3.01 -20.41 -3.64
N ALA A 173 -2.23 -19.37 -3.97
CA ALA A 173 -1.31 -19.50 -5.13
C ALA A 173 -0.32 -20.68 -5.01
N GLY A 174 0.00 -21.13 -3.80
CA GLY A 174 0.86 -22.34 -3.67
C GLY A 174 0.11 -23.62 -3.31
N SER A 175 -1.20 -23.70 -3.63
CA SER A 175 -1.95 -24.93 -3.43
C SER A 175 -1.78 -25.80 -4.67
N ALA A 176 -2.39 -26.97 -4.64
CA ALA A 176 -2.11 -27.97 -5.68
C ALA A 176 -3.08 -27.85 -6.87
N ASP A 177 -2.68 -28.36 -8.02
CA ASP A 177 -3.48 -28.23 -9.21
C ASP A 177 -4.64 -29.21 -9.31
N THR A 178 -4.39 -30.50 -9.01
CA THR A 178 -5.42 -31.60 -9.29
C THR A 178 -6.39 -31.83 -8.14
N VAL A 179 -6.80 -30.73 -7.49
CA VAL A 179 -7.83 -30.76 -6.40
C VAL A 179 -9.19 -30.99 -7.05
N ARG A 180 -10.20 -31.34 -6.26
CA ARG A 180 -11.58 -31.24 -6.73
C ARG A 180 -12.03 -29.80 -6.51
N ASP A 181 -12.38 -29.09 -7.59
CA ASP A 181 -12.76 -27.68 -7.48
C ASP A 181 -13.35 -27.29 -8.85
N ILE A 182 -14.07 -26.17 -8.93
CA ILE A 182 -14.34 -25.55 -10.27
C ILE A 182 -13.00 -25.03 -10.82
N ARG A 183 -12.86 -24.89 -12.16
CA ARG A 183 -11.68 -24.26 -12.73
C ARG A 183 -12.14 -23.00 -13.39
N GLY A 184 -11.27 -22.02 -13.29
CA GLY A 184 -11.40 -20.69 -14.01
C GLY A 184 -10.76 -20.80 -15.38
N PHE A 185 -11.28 -20.06 -16.33
CA PHE A 185 -10.75 -20.08 -17.71
C PHE A 185 -11.00 -18.65 -18.21
N ALA A 186 -9.99 -17.80 -18.03
CA ALA A 186 -10.08 -16.34 -18.32
C ALA A 186 -9.26 -15.99 -19.58
N THR A 187 -9.89 -15.24 -20.53
CA THR A 187 -9.22 -14.90 -21.80
C THR A 187 -9.20 -13.35 -21.94
N LYS A 188 -8.02 -12.79 -22.11
CA LYS A 188 -7.87 -11.36 -22.38
C LYS A 188 -7.65 -11.27 -23.89
N PHE A 189 -8.61 -10.64 -24.60
CA PHE A 189 -8.53 -10.42 -26.06
C PHE A 189 -8.01 -8.96 -26.25
N TYR A 190 -6.86 -8.81 -26.91
CA TYR A 190 -6.31 -7.48 -27.08
C TYR A 190 -6.86 -7.01 -28.45
N THR A 191 -8.09 -6.49 -28.44
CA THR A 191 -8.71 -6.09 -29.74
C THR A 191 -8.34 -4.66 -30.18
N GLU A 192 -8.63 -4.39 -31.49
CA GLU A 192 -8.31 -3.10 -32.02
C GLU A 192 -9.20 -2.03 -31.45
N GLU A 193 -10.28 -2.42 -30.80
CA GLU A 193 -11.21 -1.47 -30.18
C GLU A 193 -11.24 -1.61 -28.68
N GLY A 194 -10.17 -2.21 -28.15
CA GLY A 194 -9.98 -2.27 -26.71
C GLY A 194 -9.84 -3.67 -26.17
N ILE A 195 -9.52 -3.75 -24.89
CA ILE A 195 -9.41 -5.08 -24.24
C ILE A 195 -10.80 -5.65 -23.96
N PHE A 196 -11.05 -6.90 -24.38
CA PHE A 196 -12.25 -7.62 -23.93
C PHE A 196 -11.77 -8.84 -23.09
N ASP A 197 -12.23 -8.96 -21.85
CA ASP A 197 -11.86 -10.08 -20.97
C ASP A 197 -13.12 -10.98 -20.90
N LEU A 198 -13.00 -12.22 -21.33
CA LEU A 198 -14.08 -13.18 -21.17
C LEU A 198 -13.64 -14.05 -20.00
N VAL A 199 -14.32 -13.86 -18.87
CA VAL A 199 -13.78 -14.39 -17.59
C VAL A 199 -14.73 -15.53 -17.20
N GLY A 200 -14.42 -16.74 -17.66
CA GLY A 200 -15.36 -17.85 -17.50
C GLY A 200 -14.86 -18.95 -16.59
N ASN A 201 -15.62 -20.07 -16.53
CA ASN A 201 -15.30 -21.18 -15.62
C ASN A 201 -15.49 -22.45 -16.46
N ASN A 202 -15.15 -23.60 -15.91
CA ASN A 202 -15.33 -24.90 -16.64
C ASN A 202 -16.69 -25.60 -16.42
N THR A 203 -17.65 -24.92 -15.75
CA THR A 203 -19.03 -25.45 -15.73
C THR A 203 -19.92 -24.26 -16.16
N PRO A 204 -21.18 -24.52 -16.64
CA PRO A 204 -21.96 -23.46 -17.27
C PRO A 204 -22.81 -22.64 -16.30
N ILE A 205 -22.65 -22.90 -14.99
CA ILE A 205 -23.43 -22.18 -13.99
C ILE A 205 -22.55 -21.81 -12.81
N PHE A 206 -23.15 -21.09 -11.85
CA PHE A 206 -22.43 -20.86 -10.58
C PHE A 206 -23.28 -21.37 -9.41
N PHE A 207 -22.69 -21.40 -8.22
CA PHE A 207 -23.36 -21.90 -7.02
C PHE A 207 -24.45 -20.96 -6.51
N ILE A 208 -24.37 -19.65 -6.80
CA ILE A 208 -25.30 -18.73 -6.14
C ILE A 208 -25.90 -17.78 -7.20
N GLN A 209 -27.03 -17.12 -6.82
CA GLN A 209 -27.83 -16.26 -7.68
C GLN A 209 -27.51 -14.77 -7.60
N ASP A 210 -27.15 -14.24 -6.41
CA ASP A 210 -26.98 -12.81 -6.26
C ASP A 210 -25.58 -12.50 -5.74
N ALA A 211 -24.88 -11.57 -6.38
CA ALA A 211 -23.51 -11.19 -5.97
C ALA A 211 -23.39 -10.85 -4.52
N HIS A 212 -24.46 -10.35 -3.91
CA HIS A 212 -24.36 -9.97 -2.52
C HIS A 212 -23.95 -11.13 -1.61
N LYS A 213 -24.28 -12.36 -2.04
CA LYS A 213 -23.91 -13.58 -1.31
C LYS A 213 -22.52 -14.11 -1.61
N PHE A 214 -21.80 -13.54 -2.56
CA PHE A 214 -20.52 -14.09 -2.93
C PHE A 214 -19.57 -14.23 -1.73
N PRO A 215 -19.47 -13.21 -0.86
CA PRO A 215 -18.56 -13.46 0.26
C PRO A 215 -19.00 -14.52 1.23
N ASP A 216 -20.33 -14.72 1.37
CA ASP A 216 -20.81 -15.84 2.23
C ASP A 216 -20.42 -17.19 1.61
N PHE A 217 -20.73 -17.37 0.31
CA PHE A 217 -20.36 -18.62 -0.33
C PHE A 217 -18.82 -18.87 -0.28
N VAL A 218 -18.04 -17.89 -0.72
CA VAL A 218 -16.57 -18.07 -0.74
C VAL A 218 -16.05 -18.33 0.65
N HIS A 219 -16.53 -17.60 1.66
CA HIS A 219 -16.03 -17.87 3.01
C HIS A 219 -16.39 -19.31 3.43
N ALA A 220 -17.57 -19.79 3.04
CA ALA A 220 -17.97 -21.13 3.42
C ALA A 220 -17.08 -22.17 2.74
N VAL A 221 -16.74 -21.95 1.46
CA VAL A 221 -15.89 -23.00 0.79
C VAL A 221 -14.39 -22.94 1.19
N LYS A 222 -13.91 -21.75 1.56
CA LYS A 222 -12.46 -21.47 1.89
C LYS A 222 -12.07 -22.16 3.17
N PRO A 223 -10.77 -22.20 3.50
CA PRO A 223 -10.38 -22.76 4.81
C PRO A 223 -11.12 -22.03 5.93
N GLU A 224 -11.58 -22.79 6.94
CA GLU A 224 -12.37 -22.22 8.07
C GLU A 224 -11.52 -21.26 8.93
N PRO A 225 -12.18 -20.23 9.42
CA PRO A 225 -11.43 -19.05 9.90
C PRO A 225 -10.65 -19.30 11.21
N HIS A 226 -11.08 -20.27 12.04
CA HIS A 226 -10.32 -20.46 13.27
C HIS A 226 -8.94 -21.00 12.99
N TRP A 227 -8.85 -22.06 12.14
CA TRP A 227 -7.60 -22.80 11.98
C TRP A 227 -7.03 -22.79 10.60
N ALA A 228 -7.72 -22.12 9.67
CA ALA A 228 -7.32 -22.10 8.23
C ALA A 228 -7.05 -23.50 7.63
N ILE A 229 -8.03 -24.41 7.79
CA ILE A 229 -8.05 -25.75 7.17
C ILE A 229 -9.49 -25.92 6.62
N PRO A 230 -9.68 -26.56 5.47
CA PRO A 230 -8.67 -27.20 4.64
C PRO A 230 -8.31 -26.43 3.35
N GLN A 231 -7.11 -26.68 2.85
CA GLN A 231 -6.70 -26.02 1.61
C GLN A 231 -7.16 -26.83 0.37
N GLY A 232 -7.72 -26.12 -0.61
CA GLY A 232 -8.00 -26.71 -1.91
C GLY A 232 -9.15 -27.72 -1.86
N GLN A 233 -10.08 -27.62 -0.87
CA GLN A 233 -11.06 -28.71 -0.63
C GLN A 233 -12.37 -28.15 -0.13
N SER A 234 -13.46 -28.63 -0.73
CA SER A 234 -14.81 -28.28 -0.24
C SER A 234 -15.24 -29.29 0.82
N ALA A 235 -14.37 -30.28 1.11
CA ALA A 235 -14.81 -31.39 1.98
C ALA A 235 -14.67 -31.02 3.45
N HIS A 236 -15.54 -30.15 3.94
CA HIS A 236 -15.50 -29.69 5.30
C HIS A 236 -16.84 -29.06 5.70
N ASP A 237 -17.05 -28.95 7.00
CA ASP A 237 -18.39 -28.61 7.51
C ASP A 237 -18.95 -27.33 6.97
N THR A 238 -18.17 -26.23 6.91
CA THR A 238 -18.83 -24.96 6.52
C THR A 238 -19.41 -25.00 5.07
N PHE A 239 -18.72 -25.68 4.18
CA PHE A 239 -19.20 -25.62 2.82
C PHE A 239 -20.51 -26.38 2.71
N TRP A 240 -20.54 -27.59 3.31
CA TRP A 240 -21.76 -28.42 3.25
C TRP A 240 -22.89 -27.83 4.09
N ASP A 241 -22.53 -27.12 5.17
CA ASP A 241 -23.53 -26.30 5.93
C ASP A 241 -24.24 -25.28 4.99
N TYR A 242 -23.46 -24.42 4.33
CA TYR A 242 -24.02 -23.45 3.37
C TYR A 242 -24.87 -24.13 2.28
N VAL A 243 -24.33 -25.19 1.66
CA VAL A 243 -25.05 -25.87 0.59
C VAL A 243 -26.42 -26.38 1.17
N SER A 244 -26.41 -26.95 2.35
CA SER A 244 -27.67 -27.58 2.92
C SER A 244 -28.70 -26.53 3.19
N LEU A 245 -28.27 -25.31 3.40
CA LEU A 245 -29.11 -24.17 3.73
C LEU A 245 -29.50 -23.28 2.51
N GLN A 246 -28.89 -23.56 1.38
CA GLN A 246 -29.08 -22.69 0.17
C GLN A 246 -29.22 -23.63 -1.04
N PRO A 247 -30.39 -24.28 -1.18
CA PRO A 247 -30.54 -25.24 -2.28
C PRO A 247 -30.22 -24.71 -3.68
N GLU A 248 -30.23 -23.38 -3.87
CA GLU A 248 -29.74 -22.81 -5.13
C GLU A 248 -28.31 -23.27 -5.58
N THR A 249 -27.48 -23.65 -4.61
CA THR A 249 -26.15 -24.15 -4.91
C THR A 249 -26.12 -25.52 -5.51
N LEU A 250 -27.22 -26.28 -5.46
CA LEU A 250 -27.13 -27.68 -5.77
C LEU A 250 -26.68 -28.02 -7.19
N HIS A 251 -27.00 -27.16 -8.17
CA HIS A 251 -26.68 -27.47 -9.55
C HIS A 251 -25.14 -27.49 -9.69
N ASN A 252 -24.45 -26.44 -9.25
CA ASN A 252 -22.96 -26.38 -9.46
C ASN A 252 -22.27 -27.38 -8.55
N VAL A 253 -22.88 -27.70 -7.40
CA VAL A 253 -22.34 -28.78 -6.56
C VAL A 253 -22.42 -30.09 -7.31
N MET A 254 -23.50 -30.35 -8.04
CA MET A 254 -23.54 -31.61 -8.82
C MET A 254 -22.35 -31.64 -9.77
N TRP A 255 -22.10 -30.55 -10.48
CA TRP A 255 -20.95 -30.50 -11.42
C TRP A 255 -19.62 -30.75 -10.69
N ALA A 256 -19.43 -30.09 -9.55
CA ALA A 256 -18.21 -30.19 -8.75
C ALA A 256 -17.94 -31.64 -8.25
N MET A 257 -18.99 -32.30 -7.80
CA MET A 257 -18.90 -33.72 -7.34
C MET A 257 -18.72 -34.73 -8.50
N SER A 258 -19.08 -34.35 -9.73
CA SER A 258 -18.79 -35.19 -10.88
C SER A 258 -17.28 -35.13 -11.21
N ASP A 259 -16.89 -35.91 -12.20
CA ASP A 259 -15.52 -35.86 -12.62
C ASP A 259 -15.16 -34.53 -13.31
N ARG A 260 -16.14 -33.68 -13.58
CA ARG A 260 -15.82 -32.35 -14.14
C ARG A 260 -14.95 -31.63 -13.14
N GLY A 261 -15.02 -32.00 -11.87
CA GLY A 261 -14.27 -31.28 -10.79
C GLY A 261 -12.79 -31.63 -10.79
N ILE A 262 -12.39 -32.67 -11.58
CA ILE A 262 -11.01 -33.14 -11.54
C ILE A 262 -10.54 -33.34 -12.98
N PRO A 263 -10.36 -32.21 -13.73
CA PRO A 263 -9.96 -32.39 -15.11
C PRO A 263 -8.59 -33.01 -15.29
N ARG A 264 -8.37 -33.64 -16.44
CA ARG A 264 -7.07 -34.28 -16.75
C ARG A 264 -6.04 -33.18 -17.07
N SER A 265 -6.51 -32.10 -17.67
CA SER A 265 -5.60 -31.10 -18.20
C SER A 265 -6.48 -29.89 -18.44
N TYR A 266 -5.93 -28.67 -18.37
CA TYR A 266 -6.68 -27.51 -18.88
C TYR A 266 -7.08 -27.58 -20.37
N ARG A 267 -6.31 -28.35 -21.14
CA ARG A 267 -6.58 -28.63 -22.55
C ARG A 267 -7.81 -29.53 -22.76
N THR A 268 -8.24 -30.21 -21.69
CA THR A 268 -9.32 -31.24 -21.83
C THR A 268 -10.56 -30.95 -20.96
N MET A 269 -10.85 -29.67 -20.74
CA MET A 269 -12.08 -29.26 -20.09
C MET A 269 -12.86 -28.24 -21.00
N GLU A 270 -14.17 -28.10 -20.78
CA GLU A 270 -14.95 -27.05 -21.46
C GLU A 270 -14.81 -25.76 -20.71
N GLY A 271 -15.13 -24.66 -21.39
CA GLY A 271 -15.19 -23.29 -20.77
C GLY A 271 -16.56 -22.76 -21.05
N PHE A 272 -17.02 -21.89 -20.17
CA PHE A 272 -18.34 -21.26 -20.29
C PHE A 272 -18.21 -19.83 -19.73
N GLY A 273 -19.03 -18.93 -20.27
CA GLY A 273 -19.01 -17.59 -19.81
C GLY A 273 -19.94 -17.30 -18.64
N CYS A 274 -20.68 -18.33 -18.20
CA CYS A 274 -21.46 -18.31 -16.94
C CYS A 274 -22.77 -17.50 -16.99
N HIS A 275 -22.73 -16.33 -17.64
CA HIS A 275 -23.97 -15.45 -17.78
C HIS A 275 -24.54 -15.24 -19.18
N THR A 276 -25.78 -14.76 -19.20
CA THR A 276 -26.30 -14.25 -20.42
C THR A 276 -25.70 -12.84 -20.57
N PHE A 277 -25.04 -12.61 -21.70
CA PHE A 277 -24.58 -11.27 -22.07
C PHE A 277 -25.43 -10.91 -23.29
N ARG A 278 -25.17 -9.74 -23.91
CA ARG A 278 -25.86 -9.33 -25.15
C ARG A 278 -24.83 -9.08 -26.23
N LEU A 279 -25.14 -9.49 -27.46
CA LEU A 279 -24.48 -8.97 -28.69
C LEU A 279 -25.34 -7.84 -29.29
N ILE A 280 -24.68 -6.79 -29.76
CA ILE A 280 -25.41 -5.65 -30.34
C ILE A 280 -24.82 -5.49 -31.74
N ASN A 281 -25.69 -5.55 -32.77
CA ASN A 281 -25.19 -5.33 -34.15
C ASN A 281 -25.28 -3.85 -34.58
N ALA A 282 -24.80 -3.55 -35.78
CA ALA A 282 -24.71 -2.13 -36.22
C ALA A 282 -26.11 -1.48 -36.29
N GLU A 283 -27.14 -2.28 -36.56
CA GLU A 283 -28.55 -1.78 -36.60
C GLU A 283 -29.13 -1.54 -35.23
N GLY A 284 -28.38 -1.85 -34.16
CA GLY A 284 -28.92 -1.71 -32.81
C GLY A 284 -29.63 -2.92 -32.24
N LYS A 285 -29.71 -4.02 -32.98
CA LYS A 285 -30.43 -5.19 -32.52
C LYS A 285 -29.64 -5.88 -31.41
N ALA A 286 -30.30 -6.19 -30.28
CA ALA A 286 -29.73 -7.02 -29.21
C ALA A 286 -30.08 -8.52 -29.34
N THR A 287 -29.07 -9.39 -29.24
CA THR A 287 -29.31 -10.83 -29.12
C THR A 287 -28.73 -11.29 -27.80
N PHE A 288 -29.45 -12.08 -27.03
CA PHE A 288 -28.83 -12.71 -25.87
C PHE A 288 -27.82 -13.76 -26.28
N VAL A 289 -26.75 -13.90 -25.53
CA VAL A 289 -25.70 -14.86 -25.91
C VAL A 289 -25.15 -15.51 -24.64
N ARG A 290 -24.85 -16.80 -24.69
CA ARG A 290 -23.96 -17.36 -23.69
C ARG A 290 -22.74 -17.95 -24.42
N PHE A 291 -21.58 -17.79 -23.80
CA PHE A 291 -20.30 -18.14 -24.41
C PHE A 291 -19.79 -19.51 -24.00
N HIS A 292 -19.15 -20.20 -24.97
CA HIS A 292 -18.65 -21.54 -24.76
C HIS A 292 -17.28 -21.66 -25.31
N TRP A 293 -16.45 -22.48 -24.66
CA TRP A 293 -15.20 -22.93 -25.26
C TRP A 293 -15.23 -24.43 -25.37
N LYS A 294 -14.98 -24.96 -26.58
CA LYS A 294 -14.90 -26.41 -26.80
C LYS A 294 -13.43 -26.79 -26.93
N PRO A 295 -12.94 -27.77 -26.08
CA PRO A 295 -11.55 -28.17 -26.18
C PRO A 295 -11.36 -29.03 -27.41
N LEU A 296 -10.51 -28.59 -28.32
CA LEU A 296 -10.24 -29.45 -29.49
C LEU A 296 -9.48 -30.73 -29.20
N ALA A 297 -8.82 -30.84 -28.03
CA ALA A 297 -8.24 -32.10 -27.55
C ALA A 297 -9.28 -33.05 -26.87
N GLY A 298 -10.55 -32.64 -26.85
CA GLY A 298 -11.59 -33.46 -26.24
C GLY A 298 -11.74 -33.30 -24.75
N LYS A 299 -12.80 -33.87 -24.20
CA LYS A 299 -13.16 -33.68 -22.76
C LYS A 299 -12.57 -34.86 -22.01
N ALA A 300 -11.77 -34.59 -20.97
CA ALA A 300 -11.20 -35.77 -20.22
C ALA A 300 -10.88 -35.40 -18.78
N SER A 301 -11.22 -36.28 -17.86
CA SER A 301 -10.97 -36.03 -16.42
C SER A 301 -10.26 -37.23 -15.78
N LEU A 302 -9.67 -36.96 -14.61
CA LEU A 302 -9.07 -37.94 -13.73
C LEU A 302 -10.17 -38.69 -13.00
N VAL A 303 -9.77 -39.68 -12.20
CA VAL A 303 -10.64 -40.28 -11.19
C VAL A 303 -10.15 -39.84 -9.81
N TRP A 304 -11.04 -39.85 -8.79
CA TRP A 304 -10.74 -39.08 -7.54
C TRP A 304 -9.47 -39.58 -6.89
N ASP A 305 -9.32 -40.91 -6.73
CA ASP A 305 -8.13 -41.43 -6.04
C ASP A 305 -6.84 -40.99 -6.70
N GLU A 306 -6.88 -40.97 -8.04
CA GLU A 306 -5.76 -40.53 -8.85
C GLU A 306 -5.47 -39.04 -8.64
N ALA A 307 -6.53 -38.23 -8.74
CA ALA A 307 -6.47 -36.80 -8.60
C ALA A 307 -5.90 -36.45 -7.22
N GLN A 308 -6.38 -37.13 -6.18
CA GLN A 308 -5.98 -36.76 -4.82
C GLN A 308 -4.52 -37.12 -4.58
N LYS A 309 -4.13 -38.33 -5.01
CA LYS A 309 -2.78 -38.80 -4.83
C LYS A 309 -1.84 -37.92 -5.66
N LEU A 310 -2.35 -37.37 -6.76
CA LEU A 310 -1.51 -36.57 -7.64
C LEU A 310 -1.24 -35.18 -7.05
N THR A 311 -2.13 -34.70 -6.20
CA THR A 311 -1.85 -33.43 -5.51
C THR A 311 -0.61 -33.61 -4.59
N GLY A 312 -0.30 -34.83 -4.14
CA GLY A 312 0.95 -34.98 -3.39
C GLY A 312 2.13 -35.37 -4.29
N ARG A 313 1.93 -36.25 -5.28
CA ARG A 313 3.07 -36.65 -6.13
C ARG A 313 3.56 -35.52 -7.05
N ASP A 314 2.64 -34.68 -7.53
CA ASP A 314 3.03 -33.50 -8.31
C ASP A 314 1.95 -32.43 -8.17
N PRO A 315 2.07 -31.56 -7.13
CA PRO A 315 1.03 -30.54 -6.95
C PRO A 315 1.02 -29.53 -8.14
N ASP A 316 2.04 -29.61 -8.99
CA ASP A 316 2.13 -28.68 -10.17
C ASP A 316 1.77 -29.32 -11.49
N PHE A 317 1.02 -30.47 -11.44
CA PHE A 317 0.82 -31.31 -12.63
C PHE A 317 0.16 -30.51 -13.80
N HIS A 318 -0.86 -29.67 -13.51
CA HIS A 318 -1.59 -29.03 -14.61
C HIS A 318 -0.76 -27.87 -15.18
N ARG A 319 -0.12 -27.11 -14.28
CA ARG A 319 0.79 -26.05 -14.69
C ARG A 319 1.89 -26.63 -15.62
N ARG A 320 2.46 -27.76 -15.16
CA ARG A 320 3.58 -28.37 -15.86
C ARG A 320 3.13 -28.83 -17.20
N GLU A 321 1.99 -29.56 -17.23
CA GLU A 321 1.48 -30.15 -18.45
C GLU A 321 1.11 -29.11 -19.50
N LEU A 322 0.58 -27.96 -19.03
CA LEU A 322 0.22 -26.89 -19.95
C LEU A 322 1.53 -26.35 -20.59
N TRP A 323 2.51 -26.05 -19.75
CA TRP A 323 3.80 -25.50 -20.19
C TRP A 323 4.48 -26.43 -21.23
N GLU A 324 4.49 -27.73 -20.89
CA GLU A 324 5.23 -28.73 -21.73
C GLU A 324 4.46 -29.00 -22.99
N ALA A 325 3.13 -28.89 -22.94
CA ALA A 325 2.38 -29.10 -24.17
C ALA A 325 2.77 -28.02 -25.15
N ILE A 326 2.84 -26.78 -24.65
CA ILE A 326 3.18 -25.65 -25.52
C ILE A 326 4.62 -25.78 -26.04
N GLU A 327 5.55 -26.14 -25.16
CA GLU A 327 6.96 -26.36 -25.61
C GLU A 327 7.07 -27.47 -26.68
N ALA A 328 6.13 -28.42 -26.63
CA ALA A 328 6.15 -29.56 -27.59
C ALA A 328 5.50 -29.25 -28.93
N GLY A 329 4.86 -28.09 -29.03
CA GLY A 329 3.94 -27.88 -30.18
C GLY A 329 2.54 -28.50 -30.10
N ASP A 330 2.16 -29.10 -28.96
CA ASP A 330 0.79 -29.54 -28.76
C ASP A 330 -0.05 -28.37 -28.25
N PHE A 331 -0.17 -27.35 -29.07
CA PHE A 331 -0.76 -26.09 -28.58
C PHE A 331 -2.19 -26.31 -28.15
N PRO A 332 -2.55 -25.86 -26.96
CA PRO A 332 -3.99 -25.91 -26.57
C PRO A 332 -4.88 -25.16 -27.57
N GLU A 333 -5.87 -25.88 -28.13
CA GLU A 333 -6.79 -25.18 -29.03
C GLU A 333 -8.22 -25.29 -28.53
N TYR A 334 -8.95 -24.19 -28.69
CA TYR A 334 -10.38 -24.12 -28.22
C TYR A 334 -11.24 -23.44 -29.23
N GLU A 335 -12.47 -23.98 -29.41
CA GLU A 335 -13.38 -23.35 -30.32
C GLU A 335 -14.35 -22.52 -29.55
N LEU A 336 -14.42 -21.24 -29.89
CA LEU A 336 -15.39 -20.34 -29.23
C LEU A 336 -16.74 -20.63 -29.93
N GLY A 337 -17.81 -20.66 -29.14
CA GLY A 337 -19.13 -20.95 -29.65
C GLY A 337 -20.14 -20.12 -28.87
N PHE A 338 -21.26 -19.79 -29.52
CA PHE A 338 -22.28 -18.95 -28.91
C PHE A 338 -23.61 -19.71 -28.89
N GLN A 339 -24.27 -19.75 -27.74
CA GLN A 339 -25.74 -19.99 -27.67
C GLN A 339 -26.41 -18.63 -27.83
N LEU A 340 -27.27 -18.50 -28.87
CA LEU A 340 -27.91 -17.24 -29.21
C LEU A 340 -29.45 -17.34 -29.03
N ILE A 341 -30.02 -16.38 -28.28
CA ILE A 341 -31.47 -16.31 -27.99
C ILE A 341 -31.97 -14.96 -28.39
N PRO A 342 -32.93 -14.91 -29.33
CA PRO A 342 -33.46 -13.58 -29.72
C PRO A 342 -34.10 -12.93 -28.53
N GLU A 343 -34.14 -11.60 -28.56
CA GLU A 343 -34.69 -10.83 -27.48
C GLU A 343 -36.13 -11.24 -27.16
N GLU A 344 -36.94 -11.57 -28.18
CA GLU A 344 -38.34 -11.93 -28.01
C GLU A 344 -38.56 -13.28 -27.35
N ASP A 345 -37.47 -14.05 -27.23
CA ASP A 345 -37.50 -15.40 -26.65
C ASP A 345 -37.02 -15.44 -25.17
N GLU A 346 -36.87 -14.28 -24.58
CA GLU A 346 -36.36 -14.18 -23.20
C GLU A 346 -37.11 -15.04 -22.22
N PHE A 347 -38.44 -15.17 -22.42
CA PHE A 347 -39.30 -15.78 -21.37
C PHE A 347 -39.79 -17.15 -21.79
N LYS A 348 -39.23 -17.66 -22.88
CA LYS A 348 -39.76 -18.87 -23.48
C LYS A 348 -39.34 -20.18 -22.85
N PHE A 349 -38.42 -20.12 -21.85
CA PHE A 349 -37.98 -21.36 -21.22
C PHE A 349 -38.61 -21.54 -19.86
N ASP A 350 -38.47 -22.73 -19.28
CA ASP A 350 -39.11 -22.83 -17.97
C ASP A 350 -38.20 -22.35 -16.78
N PHE A 351 -37.04 -21.81 -17.14
CA PHE A 351 -36.16 -21.20 -16.17
C PHE A 351 -35.91 -19.77 -16.66
N ASP A 352 -35.33 -18.94 -15.82
CA ASP A 352 -35.07 -17.54 -16.19
C ASP A 352 -33.69 -17.45 -16.89
N LEU A 353 -33.60 -16.82 -18.07
CA LEU A 353 -32.28 -16.65 -18.73
C LEU A 353 -31.26 -15.92 -17.85
N LEU A 354 -31.71 -15.09 -16.90
CA LEU A 354 -30.78 -14.26 -16.12
C LEU A 354 -30.33 -14.96 -14.84
N ASP A 355 -30.78 -16.19 -14.65
CA ASP A 355 -30.41 -16.94 -13.43
C ASP A 355 -29.15 -17.73 -13.72
N PRO A 356 -28.03 -17.41 -13.02
CA PRO A 356 -26.77 -18.10 -13.34
C PRO A 356 -26.67 -19.45 -12.65
N THR A 357 -27.69 -19.87 -11.91
CA THR A 357 -27.70 -21.29 -11.48
C THR A 357 -28.36 -22.22 -12.48
N LYS A 358 -28.83 -21.67 -13.61
CA LYS A 358 -29.52 -22.41 -14.66
C LYS A 358 -28.65 -22.47 -15.90
N LEU A 359 -28.56 -23.64 -16.53
CA LEU A 359 -27.85 -23.74 -17.84
C LEU A 359 -28.86 -23.71 -18.95
N ILE A 360 -28.37 -23.48 -20.20
CA ILE A 360 -29.31 -23.57 -21.34
C ILE A 360 -28.91 -24.85 -22.08
N PRO A 361 -29.81 -25.86 -22.10
CA PRO A 361 -29.44 -27.14 -22.64
C PRO A 361 -29.16 -26.96 -24.13
N GLU A 362 -28.07 -27.54 -24.62
CA GLU A 362 -27.77 -27.50 -26.06
C GLU A 362 -28.83 -28.18 -26.87
N GLU A 363 -29.56 -29.13 -26.28
CA GLU A 363 -30.71 -29.66 -27.06
C GLU A 363 -31.80 -28.59 -27.38
N LEU A 364 -31.91 -27.56 -26.55
CA LEU A 364 -32.86 -26.48 -26.74
C LEU A 364 -32.30 -25.36 -27.58
N VAL A 365 -31.04 -25.02 -27.33
CA VAL A 365 -30.39 -23.91 -28.03
C VAL A 365 -28.95 -24.37 -28.42
N PRO A 366 -28.72 -24.66 -29.73
CA PRO A 366 -27.39 -25.25 -30.10
C PRO A 366 -26.24 -24.26 -29.97
N VAL A 367 -25.01 -24.76 -29.73
CA VAL A 367 -23.87 -23.84 -29.73
C VAL A 367 -23.47 -23.57 -31.22
N GLN A 368 -23.47 -22.31 -31.63
CA GLN A 368 -22.97 -21.94 -32.96
C GLN A 368 -21.45 -21.70 -32.94
N ARG A 369 -20.73 -22.38 -33.82
CA ARG A 369 -19.27 -22.25 -33.86
C ARG A 369 -18.88 -20.83 -34.32
N VAL A 370 -17.98 -20.18 -33.59
CA VAL A 370 -17.62 -18.80 -33.83
C VAL A 370 -16.14 -18.65 -34.26
N GLY A 371 -15.21 -19.35 -33.62
CA GLY A 371 -13.81 -19.21 -34.12
C GLY A 371 -12.89 -20.04 -33.27
N LYS A 372 -11.58 -19.90 -33.49
CA LYS A 372 -10.61 -20.79 -32.89
C LYS A 372 -9.53 -20.00 -32.13
N MET A 373 -9.14 -20.49 -30.95
CA MET A 373 -8.10 -19.87 -30.17
C MET A 373 -7.03 -20.88 -29.99
N VAL A 374 -5.78 -20.45 -30.21
CA VAL A 374 -4.60 -21.36 -30.15
C VAL A 374 -3.65 -20.73 -29.10
N LEU A 375 -3.25 -21.49 -28.07
CA LEU A 375 -2.24 -20.99 -27.10
C LEU A 375 -0.88 -21.52 -27.53
N ASN A 376 0.01 -20.63 -28.00
CA ASN A 376 1.23 -21.11 -28.60
C ASN A 376 2.53 -20.49 -28.04
N ARG A 377 2.47 -19.80 -26.91
CA ARG A 377 3.73 -19.43 -26.29
C ARG A 377 3.59 -19.27 -24.79
N ASN A 378 4.61 -19.71 -24.07
CA ASN A 378 4.58 -19.57 -22.62
C ASN A 378 5.08 -18.20 -22.29
N PRO A 379 4.73 -17.68 -21.12
CA PRO A 379 5.35 -16.40 -20.75
C PRO A 379 6.86 -16.51 -20.50
N ASP A 380 7.49 -15.38 -20.31
CA ASP A 380 8.95 -15.32 -19.87
C ASP A 380 9.11 -15.34 -18.36
N ASN A 381 8.33 -14.53 -17.65
CA ASN A 381 8.47 -14.47 -16.16
C ASN A 381 7.04 -14.64 -15.55
N PHE A 382 6.84 -15.70 -14.75
CA PHE A 382 5.53 -15.99 -14.21
C PHE A 382 4.99 -14.83 -13.38
N PHE A 383 5.79 -14.29 -12.46
CA PHE A 383 5.27 -13.20 -11.64
C PHE A 383 4.79 -12.02 -12.52
N ALA A 384 5.67 -11.62 -13.45
CA ALA A 384 5.45 -10.32 -14.16
C ALA A 384 4.23 -10.43 -15.05
N GLU A 385 4.07 -11.58 -15.71
CA GLU A 385 2.99 -11.76 -16.70
C GLU A 385 1.76 -12.49 -16.17
N ASN A 386 1.96 -13.59 -15.43
CA ASN A 386 0.80 -14.34 -14.86
C ASN A 386 0.30 -13.67 -13.57
N GLU A 387 1.15 -13.56 -12.56
CA GLU A 387 0.64 -13.19 -11.26
C GLU A 387 0.04 -11.78 -11.35
N GLN A 388 0.63 -10.90 -12.19
CA GLN A 388 0.12 -9.54 -12.20
C GLN A 388 -0.99 -9.29 -13.22
N ALA A 389 -1.37 -10.32 -14.01
CA ALA A 389 -2.42 -10.10 -15.03
C ALA A 389 -3.76 -9.82 -14.33
N ALA A 390 -4.49 -8.82 -14.82
CA ALA A 390 -5.83 -8.52 -14.22
C ALA A 390 -6.91 -8.71 -15.28
N PHE A 391 -7.82 -9.63 -15.03
CA PHE A 391 -8.95 -9.90 -15.93
C PHE A 391 -10.20 -9.43 -15.25
N HIS A 392 -11.14 -8.93 -16.03
CA HIS A 392 -12.38 -8.47 -15.41
C HIS A 392 -13.54 -8.47 -16.45
N PRO A 393 -14.71 -9.06 -16.11
CA PRO A 393 -15.75 -9.24 -17.17
C PRO A 393 -16.46 -7.91 -17.53
N GLY A 394 -16.23 -6.85 -16.75
CA GLY A 394 -16.68 -5.52 -17.11
C GLY A 394 -15.91 -5.00 -18.31
N HIS A 395 -14.75 -5.60 -18.66
CA HIS A 395 -13.93 -5.10 -19.81
C HIS A 395 -14.55 -5.63 -21.06
N ILE A 396 -15.58 -4.96 -21.53
CA ILE A 396 -16.25 -5.31 -22.81
C ILE A 396 -15.89 -4.24 -23.86
N VAL A 397 -16.41 -4.44 -25.09
CA VAL A 397 -16.11 -3.53 -26.23
C VAL A 397 -17.42 -3.29 -26.95
N PRO A 398 -17.46 -2.31 -27.86
CA PRO A 398 -18.66 -2.00 -28.61
C PRO A 398 -19.06 -3.24 -29.39
N GLY A 399 -20.37 -3.58 -29.37
CA GLY A 399 -20.80 -4.83 -29.98
C GLY A 399 -21.14 -5.88 -28.93
N LEU A 400 -20.75 -5.63 -27.67
CA LEU A 400 -21.13 -6.47 -26.58
C LEU A 400 -21.88 -5.67 -25.53
N ASP A 401 -22.70 -6.32 -24.71
CA ASP A 401 -23.27 -5.58 -23.56
C ASP A 401 -23.66 -6.59 -22.46
N PHE A 402 -24.08 -6.06 -21.32
CA PHE A 402 -24.41 -6.85 -20.15
C PHE A 402 -25.89 -7.18 -20.18
N THR A 403 -26.35 -7.93 -19.14
CA THR A 403 -27.78 -8.11 -18.87
C THR A 403 -27.93 -7.87 -17.38
N ASN A 404 -29.17 -7.98 -16.91
CA ASN A 404 -29.42 -7.81 -15.48
C ASN A 404 -29.19 -9.06 -14.65
N ASP A 405 -28.58 -10.12 -15.20
CA ASP A 405 -28.12 -11.23 -14.34
C ASP A 405 -27.55 -10.66 -13.01
N PRO A 406 -28.12 -11.06 -11.82
CA PRO A 406 -27.76 -10.27 -10.59
C PRO A 406 -26.43 -10.70 -9.97
N LEU A 407 -25.90 -11.80 -10.49
CA LEU A 407 -24.52 -12.22 -10.22
C LEU A 407 -23.51 -11.44 -11.03
N LEU A 408 -23.68 -11.45 -12.35
CA LEU A 408 -22.92 -10.56 -13.29
C LEU A 408 -22.92 -9.11 -12.83
N GLN A 409 -24.09 -8.61 -12.45
CA GLN A 409 -24.17 -7.18 -12.04
C GLN A 409 -23.18 -6.84 -10.92
N GLY A 410 -23.13 -7.67 -9.88
CA GLY A 410 -22.20 -7.48 -8.81
C GLY A 410 -20.73 -7.72 -9.19
N ARG A 411 -20.47 -8.69 -10.07
CA ARG A 411 -19.12 -8.91 -10.51
C ARG A 411 -18.53 -7.62 -11.07
N LEU A 412 -19.35 -6.84 -11.79
CA LEU A 412 -18.85 -5.58 -12.41
C LEU A 412 -18.23 -4.65 -11.38
N PHE A 413 -18.73 -4.66 -10.13
CA PHE A 413 -18.07 -3.81 -9.14
C PHE A 413 -16.68 -4.37 -8.70
N SER A 414 -16.61 -5.67 -8.50
CA SER A 414 -15.53 -6.31 -7.73
C SER A 414 -14.21 -6.32 -8.51
N TYR A 415 -14.26 -6.62 -9.81
CA TYR A 415 -12.98 -6.87 -10.51
C TYR A 415 -12.20 -5.63 -10.70
N THR A 416 -12.82 -4.43 -10.70
CA THR A 416 -12.00 -3.20 -10.73
C THR A 416 -11.54 -2.82 -9.31
N ASP A 417 -12.43 -2.93 -8.34
CA ASP A 417 -12.14 -2.59 -6.96
C ASP A 417 -10.90 -3.43 -6.43
N THR A 418 -10.96 -4.77 -6.56
CA THR A 418 -9.90 -5.64 -5.97
C THR A 418 -8.45 -5.30 -6.41
N GLN A 419 -8.27 -4.80 -7.64
CA GLN A 419 -6.96 -4.41 -8.15
C GLN A 419 -6.26 -3.35 -7.37
N ILE A 420 -7.04 -2.48 -6.69
CA ILE A 420 -6.43 -1.40 -5.95
C ILE A 420 -5.47 -1.86 -4.88
N SER A 421 -5.77 -2.96 -4.18
CA SER A 421 -4.80 -3.49 -3.20
C SER A 421 -3.92 -4.52 -3.91
N ARG A 422 -4.51 -5.35 -4.77
CA ARG A 422 -3.70 -6.49 -5.30
C ARG A 422 -2.56 -6.02 -6.17
N LEU A 423 -2.86 -5.02 -7.00
CA LEU A 423 -1.84 -4.50 -7.97
C LEU A 423 -1.40 -3.06 -7.57
N GLY A 424 -1.80 -2.61 -6.39
CA GLY A 424 -1.13 -1.46 -5.75
C GLY A 424 -1.63 -0.11 -6.21
N GLY A 425 -2.73 -0.11 -6.99
CA GLY A 425 -3.33 1.12 -7.39
C GLY A 425 -4.07 1.17 -8.69
N PRO A 426 -4.50 2.38 -9.09
CA PRO A 426 -5.36 2.44 -10.25
C PRO A 426 -4.62 2.40 -11.62
N ASN A 427 -3.28 2.39 -11.60
CA ASN A 427 -2.50 2.33 -12.85
C ASN A 427 -2.16 0.88 -13.23
N PHE A 428 -2.97 -0.08 -12.77
CA PHE A 428 -2.72 -1.48 -13.16
C PHE A 428 -2.79 -1.78 -14.67
N HIS A 429 -3.53 -0.97 -15.46
CA HIS A 429 -3.48 -1.10 -16.89
C HIS A 429 -2.16 -0.76 -17.48
N GLU A 430 -1.23 -0.12 -16.71
CA GLU A 430 0.06 0.14 -17.26
C GLU A 430 1.03 -0.97 -17.00
N ILE A 431 0.64 -1.91 -16.15
CA ILE A 431 1.51 -3.12 -16.00
C ILE A 431 1.58 -3.80 -17.34
N PRO A 432 2.79 -4.15 -17.84
CA PRO A 432 2.91 -4.49 -19.25
C PRO A 432 1.89 -5.52 -19.79
N ILE A 433 1.72 -6.65 -19.08
CA ILE A 433 0.80 -7.74 -19.54
C ILE A 433 -0.65 -7.14 -19.74
N ASN A 434 -1.02 -6.14 -18.93
CA ASN A 434 -2.39 -5.56 -18.96
C ASN A 434 -2.64 -4.50 -19.98
N ARG A 435 -1.58 -3.93 -20.54
CA ARG A 435 -1.72 -2.79 -21.45
C ARG A 435 -2.48 -3.22 -22.75
N PRO A 436 -3.43 -2.43 -23.17
CA PRO A 436 -4.08 -2.62 -24.48
C PRO A 436 -3.05 -2.45 -25.56
N THR A 437 -3.26 -3.16 -26.67
CA THR A 437 -2.48 -2.82 -27.87
C THR A 437 -3.21 -1.69 -28.65
N ALA A 438 -4.52 -1.52 -28.44
CA ALA A 438 -5.29 -0.42 -29.06
C ALA A 438 -4.84 0.89 -28.39
N PRO A 439 -4.94 2.04 -29.06
CA PRO A 439 -4.58 3.31 -28.41
C PRO A 439 -5.43 3.58 -27.15
N TYR A 440 -4.87 4.21 -26.11
CA TYR A 440 -5.72 4.75 -25.07
C TYR A 440 -5.26 6.15 -24.68
N HIS A 441 -6.20 7.07 -24.61
CA HIS A 441 -5.90 8.49 -24.26
C HIS A 441 -7.07 9.00 -23.50
N ASN A 442 -6.84 9.62 -22.35
CA ASN A 442 -7.99 10.23 -21.63
C ASN A 442 -7.43 11.26 -20.66
N PHE A 443 -8.23 11.71 -19.73
CA PHE A 443 -7.87 12.84 -18.87
C PHE A 443 -7.54 12.39 -17.45
N GLN A 444 -7.39 11.09 -17.28
CA GLN A 444 -6.99 10.57 -15.96
C GLN A 444 -5.52 10.79 -15.74
N ARG A 445 -5.13 11.08 -14.48
CA ARG A 445 -3.71 11.44 -14.22
C ARG A 445 -3.29 10.85 -12.87
N ASP A 446 -2.00 10.75 -12.67
CA ASP A 446 -1.37 10.47 -11.37
C ASP A 446 -1.70 9.02 -10.91
N GLY A 447 -1.86 8.81 -9.58
CA GLY A 447 -1.99 7.42 -9.02
C GLY A 447 -0.57 6.89 -8.75
N MET A 448 -0.46 5.92 -7.81
CA MET A 448 0.84 5.32 -7.51
C MET A 448 1.44 4.66 -8.78
N HIS A 449 2.77 4.80 -8.86
N HIS A 449 2.75 4.65 -8.93
CA HIS A 449 3.66 4.27 -9.94
CA HIS A 449 3.34 3.91 -10.09
C HIS A 449 3.10 4.54 -11.35
C HIS A 449 2.86 4.47 -11.43
N ARG A 450 2.68 5.79 -11.54
CA ARG A 450 2.25 6.34 -12.84
C ARG A 450 3.43 6.22 -13.84
N MET A 451 3.21 5.46 -14.91
CA MET A 451 4.18 5.33 -15.97
C MET A 451 4.00 6.37 -17.07
N GLY A 452 2.78 6.51 -17.55
CA GLY A 452 2.57 7.44 -18.69
C GLY A 452 2.81 8.87 -18.30
N ILE A 453 3.62 9.59 -19.14
CA ILE A 453 3.85 11.01 -18.97
C ILE A 453 2.98 11.76 -19.96
N ASP A 454 1.90 12.32 -19.43
CA ASP A 454 0.97 12.99 -20.31
C ASP A 454 1.49 14.38 -20.72
N THR A 455 1.44 14.65 -22.04
CA THR A 455 1.90 15.98 -22.49
C THR A 455 0.68 16.95 -22.72
N ASN A 456 -0.54 16.41 -22.64
CA ASN A 456 -1.73 17.19 -22.95
C ASN A 456 -1.76 18.45 -22.05
N PRO A 457 -1.83 19.67 -22.63
CA PRO A 457 -1.95 20.84 -21.73
C PRO A 457 -3.16 20.71 -20.81
N ALA A 458 -4.18 19.98 -21.29
CA ALA A 458 -5.42 19.80 -20.56
C ALA A 458 -5.48 18.48 -19.82
N ASN A 459 -6.05 18.52 -18.62
CA ASN A 459 -6.43 17.24 -17.95
C ASN A 459 -7.93 17.17 -17.61
N TYR A 460 -8.75 17.82 -18.43
CA TYR A 460 -10.21 17.92 -18.16
C TYR A 460 -10.85 18.13 -19.52
N GLU A 461 -12.15 17.80 -19.64
CA GLU A 461 -12.90 18.22 -20.80
C GLU A 461 -14.32 18.53 -20.30
N PRO A 462 -15.01 19.45 -20.99
CA PRO A 462 -14.51 20.16 -22.19
C PRO A 462 -13.37 21.18 -21.96
N ASN A 463 -12.45 21.26 -22.94
CA ASN A 463 -11.39 22.22 -22.84
C ASN A 463 -11.24 22.92 -24.19
N SER A 464 -10.83 24.18 -24.16
CA SER A 464 -10.43 24.81 -25.40
C SER A 464 -8.92 24.78 -25.61
N ILE A 465 -8.14 24.65 -24.52
CA ILE A 465 -6.68 24.82 -24.58
C ILE A 465 -5.98 23.75 -25.33
N ASN A 466 -6.65 22.59 -25.52
CA ASN A 466 -6.11 21.54 -26.40
C ASN A 466 -7.11 21.21 -27.51
N ASP A 467 -7.97 22.18 -27.79
CA ASP A 467 -9.06 21.99 -28.75
C ASP A 467 -9.88 20.74 -28.44
N ASN A 468 -10.06 20.50 -27.13
CA ASN A 468 -10.88 19.40 -26.61
C ASN A 468 -10.38 17.98 -26.89
N TRP A 469 -9.11 17.77 -27.31
CA TRP A 469 -8.58 16.41 -27.53
C TRP A 469 -8.06 15.85 -26.18
N PRO A 470 -8.16 14.51 -25.93
CA PRO A 470 -8.83 13.55 -26.82
C PRO A 470 -10.37 13.70 -26.77
N ARG A 471 -11.04 13.43 -27.88
CA ARG A 471 -12.46 13.68 -28.05
C ARG A 471 -13.37 12.45 -27.97
N GLU A 472 -14.57 12.63 -27.42
CA GLU A 472 -15.63 11.67 -27.51
C GLU A 472 -15.90 11.27 -28.96
N THR A 473 -16.34 10.04 -29.15
CA THR A 473 -16.65 9.59 -30.52
C THR A 473 -18.05 9.03 -30.49
N PRO A 474 -18.93 9.45 -31.44
CA PRO A 474 -20.26 8.91 -31.48
C PRO A 474 -20.28 7.40 -31.69
N PRO A 475 -21.35 6.73 -31.24
CA PRO A 475 -21.43 5.31 -31.57
C PRO A 475 -21.67 5.12 -33.06
N GLY A 476 -21.34 3.96 -33.61
CA GLY A 476 -21.75 3.70 -34.98
C GLY A 476 -21.27 2.30 -35.32
N PRO A 477 -21.27 1.97 -36.62
CA PRO A 477 -21.01 0.58 -37.02
C PRO A 477 -19.66 -0.01 -36.68
N LYS A 478 -18.61 0.79 -36.71
CA LYS A 478 -17.24 0.32 -36.41
C LYS A 478 -16.53 1.57 -35.89
N ARG A 479 -15.51 1.36 -35.07
CA ARG A 479 -14.65 2.37 -34.41
C ARG A 479 -15.47 3.45 -33.71
N GLY A 480 -16.68 3.10 -33.22
CA GLY A 480 -17.57 4.05 -32.55
C GLY A 480 -17.36 4.09 -31.05
N GLY A 481 -17.94 5.08 -30.37
CA GLY A 481 -17.93 5.17 -28.88
C GLY A 481 -18.86 4.11 -28.30
N PHE A 482 -18.57 3.67 -27.07
CA PHE A 482 -19.45 2.76 -26.40
C PHE A 482 -20.75 3.43 -25.94
N GLU A 483 -21.89 2.87 -26.35
CA GLU A 483 -23.21 3.20 -25.80
C GLU A 483 -23.94 1.97 -25.29
N SER A 484 -24.57 2.08 -24.12
CA SER A 484 -25.28 0.94 -23.57
C SER A 484 -26.55 0.74 -24.38
N TYR A 485 -26.93 -0.53 -24.58
CA TYR A 485 -28.20 -0.89 -25.19
C TYR A 485 -29.30 -0.30 -24.30
N GLN A 486 -30.28 0.35 -24.91
CA GLN A 486 -31.33 1.08 -24.12
C GLN A 486 -32.43 0.16 -23.60
N GLU A 487 -32.06 -0.78 -22.73
CA GLU A 487 -32.99 -1.72 -22.17
C GLU A 487 -34.00 -0.97 -21.35
N ARG A 488 -35.29 -1.32 -21.46
CA ARG A 488 -36.35 -0.81 -20.56
C ARG A 488 -36.24 -1.35 -19.10
N VAL A 489 -36.27 -0.45 -18.11
CA VAL A 489 -36.23 -0.83 -16.72
C VAL A 489 -37.54 -0.33 -16.09
N GLU A 490 -38.31 -1.20 -15.47
CA GLU A 490 -39.54 -0.79 -14.79
C GLU A 490 -39.66 -1.64 -13.54
N GLY A 491 -39.66 -0.99 -12.39
CA GLY A 491 -39.77 -1.74 -11.15
C GLY A 491 -39.51 -0.82 -9.98
N ASN A 492 -39.83 -1.24 -8.76
CA ASN A 492 -39.47 -0.39 -7.66
C ASN A 492 -38.07 -0.75 -7.08
N LYS A 493 -37.41 0.16 -6.35
CA LYS A 493 -36.13 -0.16 -5.68
C LYS A 493 -36.33 -1.19 -4.61
N VAL A 494 -35.89 -2.40 -4.93
CA VAL A 494 -36.10 -3.52 -4.01
C VAL A 494 -34.86 -4.37 -3.79
N ARG A 495 -34.73 -4.93 -2.59
CA ARG A 495 -33.78 -6.03 -2.38
C ARG A 495 -34.62 -7.30 -2.36
N GLU A 496 -34.82 -7.94 -3.49
CA GLU A 496 -35.74 -9.06 -3.61
C GLU A 496 -35.25 -9.99 -4.70
N ARG A 497 -35.31 -11.30 -4.45
CA ARG A 497 -34.91 -12.27 -5.45
C ARG A 497 -36.10 -12.46 -6.43
N SER A 498 -35.89 -12.44 -7.74
CA SER A 498 -37.03 -12.69 -8.65
C SER A 498 -37.70 -14.05 -8.33
N PRO A 499 -39.07 -14.11 -8.23
CA PRO A 499 -39.73 -15.39 -8.01
C PRO A 499 -39.32 -16.45 -9.07
N SER A 500 -38.99 -16.03 -10.29
CA SER A 500 -38.66 -17.00 -11.33
C SER A 500 -37.35 -17.75 -11.02
N PHE A 501 -36.57 -17.25 -10.05
CA PHE A 501 -35.27 -17.85 -9.69
C PHE A 501 -35.45 -19.00 -8.62
N GLY A 502 -36.68 -19.15 -8.14
CA GLY A 502 -36.97 -19.98 -6.93
C GLY A 502 -37.18 -21.45 -7.27
N GLU A 503 -36.38 -22.01 -8.14
CA GLU A 503 -36.52 -23.46 -8.48
C GLU A 503 -35.08 -23.97 -8.50
N TYR A 504 -34.83 -25.08 -7.81
CA TYR A 504 -33.44 -25.42 -7.44
C TYR A 504 -33.05 -26.83 -7.81
N TYR A 505 -34.05 -27.63 -8.16
CA TYR A 505 -33.81 -29.10 -8.29
C TYR A 505 -33.85 -29.64 -9.71
N SER A 506 -34.56 -28.98 -10.63
CA SER A 506 -34.68 -29.57 -12.01
C SER A 506 -33.39 -29.62 -12.82
N HIS A 507 -32.55 -28.59 -12.69
CA HIS A 507 -31.26 -28.65 -13.39
C HIS A 507 -30.26 -29.64 -12.81
N PRO A 508 -30.14 -29.75 -11.47
CA PRO A 508 -29.34 -30.86 -10.91
C PRO A 508 -29.84 -32.21 -11.47
N ARG A 509 -31.15 -32.39 -11.46
CA ARG A 509 -31.68 -33.66 -11.96
C ARG A 509 -31.38 -33.85 -13.44
N LEU A 510 -31.50 -32.81 -14.27
CA LEU A 510 -31.19 -32.94 -15.70
C LEU A 510 -29.74 -33.37 -15.86
N PHE A 511 -28.86 -32.68 -15.14
CA PHE A 511 -27.45 -33.09 -15.16
C PHE A 511 -27.25 -34.59 -14.77
N TRP A 512 -27.80 -35.01 -13.64
CA TRP A 512 -27.67 -36.33 -13.12
C TRP A 512 -28.08 -37.41 -14.20
N LEU A 513 -29.26 -37.18 -14.80
CA LEU A 513 -29.83 -38.13 -15.76
C LEU A 513 -29.05 -38.16 -17.07
N SER A 514 -28.25 -37.15 -17.32
CA SER A 514 -27.46 -37.05 -18.57
C SER A 514 -26.12 -37.70 -18.48
N GLN A 515 -25.76 -38.17 -17.27
CA GLN A 515 -24.42 -38.75 -17.07
C GLN A 515 -24.47 -40.25 -17.41
N THR A 516 -23.34 -40.85 -17.78
CA THR A 516 -23.29 -42.32 -17.97
C THR A 516 -23.36 -43.02 -16.62
N PRO A 517 -23.62 -44.34 -16.60
CA PRO A 517 -23.70 -45.01 -15.25
C PRO A 517 -22.41 -44.88 -14.49
N PHE A 518 -21.25 -44.95 -15.15
CA PHE A 518 -19.98 -44.77 -14.39
C PHE A 518 -19.77 -43.33 -13.89
N GLU A 519 -20.26 -42.36 -14.67
CA GLU A 519 -20.15 -40.98 -14.22
C GLU A 519 -21.04 -40.74 -12.97
N GLN A 520 -22.22 -41.36 -12.99
CA GLN A 520 -23.17 -41.31 -11.87
C GLN A 520 -22.55 -41.90 -10.64
N ARG A 521 -21.94 -43.10 -10.78
CA ARG A 521 -21.19 -43.73 -9.68
C ARG A 521 -20.13 -42.78 -9.11
N HIS A 522 -19.40 -42.11 -9.99
CA HIS A 522 -18.37 -41.17 -9.50
C HIS A 522 -18.96 -39.96 -8.81
N ILE A 523 -20.10 -39.50 -9.29
CA ILE A 523 -20.81 -38.42 -8.56
C ILE A 523 -21.21 -38.88 -7.12
N VAL A 524 -21.85 -40.05 -7.05
CA VAL A 524 -22.20 -40.67 -5.75
C VAL A 524 -20.95 -40.74 -4.81
N ASP A 525 -19.83 -41.15 -5.35
CA ASP A 525 -18.65 -41.35 -4.59
C ASP A 525 -18.08 -39.98 -4.15
N GLY A 526 -18.17 -38.99 -5.05
CA GLY A 526 -17.72 -37.62 -4.66
C GLY A 526 -18.53 -37.12 -3.48
N PHE A 527 -19.85 -37.08 -3.59
CA PHE A 527 -20.68 -36.69 -2.37
C PHE A 527 -20.37 -37.54 -1.12
N SER A 528 -20.31 -38.88 -1.30
CA SER A 528 -20.05 -39.79 -0.15
C SER A 528 -18.70 -39.49 0.53
N PHE A 529 -17.66 -39.33 -0.26
CA PHE A 529 -16.33 -38.98 0.25
C PHE A 529 -16.36 -37.60 0.99
N GLU A 530 -16.96 -36.60 0.35
CA GLU A 530 -16.96 -35.30 0.95
C GLU A 530 -17.74 -35.24 2.28
N LEU A 531 -18.98 -35.78 2.28
CA LEU A 531 -19.80 -35.69 3.45
C LEU A 531 -19.25 -36.56 4.58
N SER A 532 -18.46 -37.57 4.22
CA SER A 532 -17.83 -38.40 5.25
C SER A 532 -16.80 -37.54 6.04
N LYS A 533 -16.32 -36.42 5.47
CA LYS A 533 -15.34 -35.53 6.20
C LYS A 533 -16.06 -34.39 6.90
N VAL A 534 -17.36 -34.32 6.77
CA VAL A 534 -18.13 -33.37 7.56
C VAL A 534 -18.33 -33.98 8.96
N VAL A 535 -17.87 -33.27 9.96
CA VAL A 535 -17.80 -33.77 11.34
C VAL A 535 -19.19 -33.77 11.98
N ARG A 536 -19.99 -32.74 11.72
CA ARG A 536 -21.34 -32.64 12.30
C ARG A 536 -22.35 -33.47 11.55
N PRO A 537 -22.85 -34.52 12.18
CA PRO A 537 -23.64 -35.43 11.32
C PRO A 537 -24.97 -34.83 10.80
N TYR A 538 -25.61 -33.94 11.54
CA TYR A 538 -26.85 -33.37 11.03
C TYR A 538 -26.65 -32.68 9.66
N ILE A 539 -25.41 -32.22 9.39
CA ILE A 539 -25.18 -31.52 8.11
C ILE A 539 -25.24 -32.54 7.00
N ARG A 540 -24.65 -33.73 7.23
CA ARG A 540 -24.72 -34.78 6.26
C ARG A 540 -26.19 -35.15 5.95
N GLU A 541 -26.98 -35.29 7.01
CA GLU A 541 -28.37 -35.66 6.89
C GLU A 541 -29.13 -34.63 6.06
N ARG A 542 -28.85 -33.38 6.30
CA ARG A 542 -29.59 -32.32 5.61
C ARG A 542 -29.20 -32.31 4.13
N VAL A 543 -27.91 -32.53 3.82
CA VAL A 543 -27.52 -32.62 2.41
C VAL A 543 -28.20 -33.82 1.78
N VAL A 544 -28.22 -34.96 2.44
CA VAL A 544 -28.94 -36.12 1.81
C VAL A 544 -30.42 -35.81 1.53
N ASP A 545 -31.06 -35.06 2.44
CA ASP A 545 -32.46 -34.64 2.26
C ASP A 545 -32.54 -33.79 1.02
N GLN A 546 -31.56 -32.89 0.81
CA GLN A 546 -31.59 -32.13 -0.47
C GLN A 546 -31.47 -33.09 -1.66
N LEU A 547 -30.53 -34.02 -1.58
CA LEU A 547 -30.40 -34.98 -2.67
C LEU A 547 -31.72 -35.74 -2.97
N ALA A 548 -32.49 -36.07 -1.96
CA ALA A 548 -33.79 -36.69 -2.18
C ALA A 548 -34.79 -35.85 -3.02
N HIS A 549 -34.55 -34.53 -3.12
CA HIS A 549 -35.41 -33.63 -3.90
C HIS A 549 -34.97 -33.58 -5.36
N ILE A 550 -33.79 -34.12 -5.63
CA ILE A 550 -33.23 -34.19 -7.00
C ILE A 550 -33.51 -35.55 -7.66
N ASP A 551 -33.04 -36.60 -7.03
CA ASP A 551 -33.19 -37.98 -7.55
C ASP A 551 -33.11 -38.99 -6.39
N LEU A 552 -34.11 -39.86 -6.26
CA LEU A 552 -34.09 -40.81 -5.14
C LEU A 552 -32.96 -41.81 -5.27
N THR A 553 -32.62 -42.22 -6.49
CA THR A 553 -31.53 -43.21 -6.67
C THR A 553 -30.19 -42.65 -6.18
N LEU A 554 -29.87 -41.45 -6.60
CA LEU A 554 -28.70 -40.73 -6.08
C LEU A 554 -28.78 -40.62 -4.55
N ALA A 555 -29.91 -40.14 -4.01
CA ALA A 555 -30.02 -39.92 -2.58
C ALA A 555 -29.77 -41.23 -1.85
N GLN A 556 -30.37 -42.33 -2.34
CA GLN A 556 -30.17 -43.60 -1.66
C GLN A 556 -28.78 -44.06 -1.67
N ALA A 557 -28.08 -43.87 -2.80
CA ALA A 557 -26.72 -44.41 -2.91
C ALA A 557 -25.73 -43.63 -1.98
N VAL A 558 -25.90 -42.27 -1.91
CA VAL A 558 -25.14 -41.46 -0.97
C VAL A 558 -25.48 -41.88 0.49
N ALA A 559 -26.77 -41.96 0.81
CA ALA A 559 -27.22 -42.31 2.16
C ALA A 559 -26.58 -43.63 2.66
N LYS A 560 -26.59 -44.64 1.76
CA LYS A 560 -26.06 -46.00 2.06
C LYS A 560 -24.60 -45.86 2.44
N ASN A 561 -23.83 -45.10 1.65
CA ASN A 561 -22.42 -44.89 2.03
C ASN A 561 -22.19 -44.18 3.37
N LEU A 562 -23.21 -43.46 3.86
CA LEU A 562 -23.04 -42.61 5.06
C LEU A 562 -23.73 -43.30 6.23
N GLY A 563 -24.26 -44.49 5.95
CA GLY A 563 -25.04 -45.24 6.96
C GLY A 563 -26.32 -44.55 7.41
N ILE A 564 -26.91 -43.78 6.49
CA ILE A 564 -28.16 -43.02 6.73
C ILE A 564 -29.30 -43.78 6.05
N GLU A 565 -30.47 -43.79 6.67
CA GLU A 565 -31.63 -44.47 6.06
C GLU A 565 -32.64 -43.40 5.66
N LEU A 566 -33.11 -43.38 4.41
CA LEU A 566 -34.10 -42.38 4.01
C LEU A 566 -35.41 -42.60 4.76
N THR A 567 -36.10 -41.55 5.20
CA THR A 567 -37.44 -41.79 5.76
C THR A 567 -38.51 -42.07 4.68
N ASP A 568 -39.67 -42.53 5.14
CA ASP A 568 -40.80 -42.73 4.24
C ASP A 568 -41.12 -41.45 3.51
N ASP A 569 -41.16 -40.34 4.24
CA ASP A 569 -41.44 -39.03 3.60
C ASP A 569 -40.41 -38.70 2.51
N GLN A 570 -39.14 -38.93 2.79
CA GLN A 570 -38.08 -38.67 1.82
C GLN A 570 -38.24 -39.58 0.60
N LEU A 571 -38.57 -40.85 0.82
CA LEU A 571 -38.78 -41.79 -0.27
C LEU A 571 -39.97 -41.38 -1.15
N ASN A 572 -40.89 -40.60 -0.60
CA ASN A 572 -42.05 -40.10 -1.32
C ASN A 572 -41.97 -38.72 -1.95
N ILE A 573 -40.81 -38.07 -1.89
CA ILE A 573 -40.69 -36.74 -2.50
C ILE A 573 -40.82 -36.85 -4.05
N THR A 574 -41.72 -36.06 -4.64
CA THR A 574 -41.96 -36.08 -6.09
C THR A 574 -40.72 -35.45 -6.76
N PRO A 575 -40.15 -36.14 -7.76
CA PRO A 575 -38.99 -35.60 -8.49
C PRO A 575 -39.39 -34.29 -9.14
N PRO A 576 -38.43 -33.36 -9.30
CA PRO A 576 -38.70 -32.11 -10.04
C PRO A 576 -39.09 -32.35 -11.52
N PRO A 577 -39.73 -31.38 -12.16
CA PRO A 577 -40.15 -31.51 -13.58
C PRO A 577 -38.94 -31.58 -14.51
N ASP A 578 -39.12 -32.20 -15.67
CA ASP A 578 -38.15 -32.17 -16.77
C ASP A 578 -37.89 -30.71 -17.12
N VAL A 579 -36.74 -30.43 -17.74
CA VAL A 579 -36.45 -29.07 -18.21
C VAL A 579 -36.96 -28.90 -19.62
N ASN A 580 -38.08 -28.20 -19.78
CA ASN A 580 -38.69 -28.03 -21.10
C ASN A 580 -38.80 -29.34 -21.85
N GLY A 581 -39.27 -30.39 -21.15
CA GLY A 581 -39.51 -31.67 -21.86
C GLY A 581 -38.29 -32.57 -21.97
N LEU A 582 -37.12 -32.12 -21.54
CA LEU A 582 -35.94 -32.98 -21.68
C LEU A 582 -35.78 -33.99 -20.55
N LYS A 583 -35.44 -35.20 -20.94
CA LYS A 583 -35.16 -36.28 -19.97
C LYS A 583 -33.67 -36.39 -19.75
N LYS A 584 -32.92 -35.72 -20.62
CA LYS A 584 -31.47 -35.86 -20.60
C LYS A 584 -30.95 -35.05 -21.77
N ASP A 585 -29.67 -34.69 -21.71
CA ASP A 585 -29.06 -33.95 -22.75
C ASP A 585 -27.62 -34.45 -22.73
N PRO A 586 -27.22 -35.24 -23.73
CA PRO A 586 -25.92 -35.90 -23.65
C PRO A 586 -24.73 -34.95 -23.72
N SER A 587 -24.96 -33.72 -24.10
CA SER A 587 -23.83 -32.77 -24.15
C SER A 587 -23.38 -32.45 -22.77
N LEU A 588 -24.14 -32.81 -21.75
CA LEU A 588 -23.72 -32.56 -20.36
C LEU A 588 -22.79 -33.60 -19.78
N SER A 589 -22.60 -34.70 -20.53
CA SER A 589 -21.73 -35.76 -20.05
C SER A 589 -20.31 -35.52 -20.62
N LEU A 590 -19.27 -35.89 -19.87
CA LEU A 590 -17.90 -35.78 -20.39
C LEU A 590 -17.68 -36.88 -21.43
N TYR A 591 -18.33 -38.02 -21.26
CA TYR A 591 -17.96 -39.18 -22.03
C TYR A 591 -19.02 -39.82 -22.96
N ALA A 592 -20.28 -39.47 -22.79
CA ALA A 592 -21.36 -40.16 -23.52
C ALA A 592 -21.17 -40.14 -25.02
N ILE A 593 -20.74 -39.01 -25.58
CA ILE A 593 -20.41 -38.93 -27.02
C ILE A 593 -18.89 -38.89 -27.21
N PRO A 594 -18.28 -39.94 -27.80
CA PRO A 594 -16.81 -39.98 -28.02
C PRO A 594 -16.30 -38.70 -28.61
N ASP A 595 -15.20 -38.18 -28.05
CA ASP A 595 -14.51 -37.03 -28.63
C ASP A 595 -13.02 -37.09 -28.29
N GLY A 596 -12.43 -38.30 -28.20
CA GLY A 596 -11.00 -38.50 -27.90
C GLY A 596 -9.97 -37.98 -28.92
N ASP A 597 -8.88 -37.44 -28.41
CA ASP A 597 -7.80 -36.98 -29.25
C ASP A 597 -6.58 -37.44 -28.49
N VAL A 598 -5.82 -38.38 -29.04
CA VAL A 598 -4.64 -38.81 -28.30
C VAL A 598 -3.42 -37.89 -28.38
N LYS A 599 -3.41 -36.97 -29.32
CA LYS A 599 -2.19 -36.20 -29.58
C LYS A 599 -1.87 -35.42 -28.30
N GLY A 600 -0.64 -35.49 -27.84
CA GLY A 600 -0.29 -34.74 -26.60
C GLY A 600 -0.38 -35.56 -25.35
N ARG A 601 -1.00 -36.77 -25.41
CA ARG A 601 -1.05 -37.68 -24.28
C ARG A 601 0.32 -38.30 -24.08
N VAL A 602 0.49 -39.03 -22.97
CA VAL A 602 1.79 -39.57 -22.60
C VAL A 602 1.66 -41.00 -22.10
N VAL A 603 2.62 -41.83 -22.56
CA VAL A 603 2.74 -43.20 -22.13
C VAL A 603 3.98 -43.43 -21.24
N ALA A 604 3.85 -44.17 -20.15
CA ALA A 604 5.07 -44.67 -19.47
C ALA A 604 5.51 -46.00 -20.16
N ILE A 605 6.83 -46.13 -20.40
CA ILE A 605 7.39 -47.35 -20.92
C ILE A 605 8.33 -47.88 -19.82
N LEU A 606 8.01 -49.05 -19.23
CA LEU A 606 8.83 -49.58 -18.14
C LEU A 606 10.02 -50.38 -18.73
N LEU A 607 11.23 -49.83 -18.64
CA LEU A 607 12.44 -50.56 -19.10
C LEU A 607 12.86 -51.72 -18.21
N ASN A 608 13.61 -52.64 -18.82
CA ASN A 608 14.45 -53.60 -18.12
C ASN A 608 15.91 -53.44 -18.61
N ASP A 609 16.88 -54.15 -18.02
CA ASP A 609 18.28 -53.90 -18.40
C ASP A 609 18.74 -54.49 -19.75
N GLU A 610 17.84 -55.20 -20.43
CA GLU A 610 18.09 -55.63 -21.80
C GLU A 610 16.83 -55.58 -22.66
N VAL A 611 16.35 -54.36 -22.94
CA VAL A 611 15.11 -54.21 -23.66
C VAL A 611 15.20 -54.87 -25.05
N ARG A 612 14.14 -55.55 -25.44
CA ARG A 612 14.03 -55.96 -26.83
C ARG A 612 13.85 -54.74 -27.76
N SER A 613 14.89 -54.34 -28.50
CA SER A 613 14.92 -53.08 -29.31
C SER A 613 13.90 -53.08 -30.45
N ALA A 614 13.65 -54.27 -30.99
CA ALA A 614 12.57 -54.46 -31.97
C ALA A 614 11.20 -54.02 -31.38
N ASP A 615 10.86 -54.43 -30.15
CA ASP A 615 9.62 -53.92 -29.50
C ASP A 615 9.66 -52.38 -29.41
N LEU A 616 10.73 -51.85 -28.87
CA LEU A 616 10.77 -50.41 -28.59
C LEU A 616 10.66 -49.59 -29.90
N LEU A 617 11.31 -50.12 -30.94
CA LEU A 617 11.28 -49.47 -32.21
C LEU A 617 9.83 -49.28 -32.68
N ALA A 618 9.05 -50.35 -32.59
CA ALA A 618 7.66 -50.34 -33.06
C ALA A 618 6.77 -49.49 -32.14
N ILE A 619 7.10 -49.47 -30.86
CA ILE A 619 6.26 -48.77 -29.90
C ILE A 619 6.43 -47.30 -30.21
N LEU A 620 7.67 -46.84 -30.30
CA LEU A 620 7.90 -45.40 -30.45
C LEU A 620 7.46 -44.90 -31.82
N LYS A 621 7.62 -45.78 -32.84
CA LYS A 621 7.12 -45.44 -34.15
C LYS A 621 5.61 -45.15 -34.15
N ALA A 622 4.81 -46.06 -33.58
CA ALA A 622 3.37 -45.89 -33.61
C ALA A 622 2.95 -44.65 -32.83
N LEU A 623 3.59 -44.48 -31.66
CA LEU A 623 3.30 -43.32 -30.76
C LEU A 623 3.58 -42.02 -31.49
N LYS A 624 4.74 -41.97 -32.19
CA LYS A 624 5.16 -40.76 -32.82
C LYS A 624 4.15 -40.40 -33.93
N ALA A 625 3.68 -41.41 -34.65
CA ALA A 625 2.71 -41.22 -35.74
C ALA A 625 1.38 -40.60 -35.27
N LYS A 626 1.01 -40.79 -33.99
CA LYS A 626 -0.22 -40.13 -33.45
C LYS A 626 0.04 -38.95 -32.49
N GLY A 627 1.32 -38.55 -32.32
CA GLY A 627 1.69 -37.39 -31.52
C GLY A 627 1.61 -37.68 -30.04
N VAL A 628 1.76 -38.95 -29.72
CA VAL A 628 1.76 -39.40 -28.31
C VAL A 628 3.19 -39.47 -27.76
N HIS A 629 3.40 -38.89 -26.58
CA HIS A 629 4.75 -38.87 -26.01
C HIS A 629 5.02 -40.09 -25.19
N ALA A 630 6.29 -40.36 -24.92
CA ALA A 630 6.73 -41.45 -24.08
C ALA A 630 7.67 -41.01 -22.95
N LYS A 631 7.59 -41.64 -21.77
CA LYS A 631 8.69 -41.44 -20.76
C LYS A 631 9.26 -42.81 -20.41
N LEU A 632 10.57 -42.93 -20.48
CA LEU A 632 11.27 -44.21 -20.28
C LEU A 632 11.67 -44.27 -18.81
N LEU A 633 11.16 -45.29 -18.12
CA LEU A 633 11.31 -45.38 -16.69
C LEU A 633 12.10 -46.62 -16.27
N TYR A 634 12.84 -46.51 -15.18
CA TYR A 634 13.63 -47.69 -14.75
C TYR A 634 13.69 -47.66 -13.23
N SER A 635 14.45 -48.56 -12.63
CA SER A 635 14.57 -48.61 -11.16
C SER A 635 15.69 -47.73 -10.63
N ARG A 636 16.47 -47.14 -11.54
CA ARG A 636 17.46 -46.17 -11.14
C ARG A 636 17.56 -45.16 -12.27
N MET A 637 18.34 -44.07 -12.09
CA MET A 637 18.56 -43.12 -13.20
C MET A 637 19.81 -43.54 -13.99
N GLY A 638 20.11 -42.78 -15.04
CA GLY A 638 21.33 -43.02 -15.85
C GLY A 638 20.91 -43.61 -17.20
N GLU A 639 21.53 -44.71 -17.60
CA GLU A 639 21.22 -45.31 -18.90
C GLU A 639 21.07 -46.84 -18.74
N VAL A 640 20.37 -47.46 -19.67
CA VAL A 640 20.44 -48.93 -19.83
C VAL A 640 20.75 -49.19 -21.32
N THR A 641 21.26 -50.36 -21.66
CA THR A 641 21.58 -50.64 -23.06
C THR A 641 20.64 -51.72 -23.53
N ALA A 642 20.02 -51.48 -24.69
CA ALA A 642 19.06 -52.45 -25.25
C ALA A 642 19.81 -53.67 -25.87
N ASP A 643 19.06 -54.66 -26.37
CA ASP A 643 19.69 -55.90 -26.94
C ASP A 643 20.61 -55.65 -28.15
N ASP A 644 20.44 -54.52 -28.82
CA ASP A 644 21.21 -54.26 -30.02
C ASP A 644 22.24 -53.18 -29.74
N GLY A 645 22.52 -52.91 -28.46
CA GLY A 645 23.50 -51.89 -28.17
C GLY A 645 22.99 -50.44 -28.04
N THR A 646 21.71 -50.20 -28.34
CA THR A 646 21.16 -48.83 -28.27
C THR A 646 21.22 -48.40 -26.80
N VAL A 647 21.86 -47.29 -26.50
CA VAL A 647 21.87 -46.78 -25.13
C VAL A 647 20.59 -45.93 -24.85
N LEU A 648 19.85 -46.27 -23.78
CA LEU A 648 18.55 -45.64 -23.51
C LEU A 648 18.63 -44.76 -22.26
N PRO A 649 18.57 -43.43 -22.43
CA PRO A 649 18.59 -42.59 -21.20
C PRO A 649 17.27 -42.73 -20.42
N ILE A 650 17.35 -42.70 -19.08
CA ILE A 650 16.20 -42.93 -18.23
C ILE A 650 15.63 -41.59 -17.80
N ALA A 651 14.36 -41.36 -18.11
CA ALA A 651 13.74 -40.10 -17.76
C ALA A 651 13.51 -39.95 -16.24
N ALA A 652 13.19 -41.06 -15.54
CA ALA A 652 12.78 -41.05 -14.13
C ALA A 652 12.68 -42.44 -13.58
N THR A 653 12.65 -42.61 -12.27
CA THR A 653 12.43 -43.95 -11.71
C THR A 653 10.94 -44.27 -11.63
N PHE A 654 10.62 -45.53 -11.42
CA PHE A 654 9.22 -45.94 -11.20
C PHE A 654 8.51 -45.06 -10.14
N ALA A 655 9.21 -44.77 -9.04
CA ALA A 655 8.66 -43.96 -7.94
C ALA A 655 8.67 -42.48 -8.27
N GLY A 656 9.65 -42.07 -9.07
CA GLY A 656 9.80 -40.66 -9.40
C GLY A 656 8.78 -40.11 -10.35
N ALA A 657 8.28 -40.97 -11.25
CA ALA A 657 7.22 -40.54 -12.16
C ALA A 657 6.07 -41.59 -12.20
N PRO A 658 5.20 -41.56 -11.18
CA PRO A 658 4.24 -42.64 -11.00
C PRO A 658 3.21 -42.65 -12.10
N SER A 659 2.43 -43.75 -12.18
CA SER A 659 1.47 -43.94 -13.23
C SER A 659 0.43 -42.83 -13.24
N LEU A 660 0.24 -42.16 -12.11
CA LEU A 660 -0.66 -40.94 -12.07
C LEU A 660 -0.40 -39.95 -13.18
N THR A 661 0.86 -39.79 -13.57
CA THR A 661 1.28 -38.73 -14.48
C THR A 661 1.18 -39.17 -15.94
N VAL A 662 0.70 -40.37 -16.21
CA VAL A 662 0.66 -40.82 -17.61
C VAL A 662 -0.77 -41.30 -18.01
N ASP A 663 -0.99 -41.57 -19.29
CA ASP A 663 -2.29 -41.98 -19.79
C ASP A 663 -2.42 -43.46 -19.98
N ALA A 664 -1.29 -44.14 -20.04
CA ALA A 664 -1.25 -45.61 -20.35
C ALA A 664 0.14 -46.09 -20.05
N VAL A 665 0.31 -47.41 -19.88
CA VAL A 665 1.64 -47.99 -19.55
C VAL A 665 1.96 -49.13 -20.51
N ILE A 666 3.19 -49.15 -21.03
CA ILE A 666 3.61 -50.23 -21.93
C ILE A 666 4.82 -50.88 -21.32
N VAL A 667 4.89 -52.22 -21.34
CA VAL A 667 6.05 -52.91 -20.80
C VAL A 667 6.54 -53.76 -21.97
N PRO A 668 7.70 -53.40 -22.58
CA PRO A 668 8.26 -54.17 -23.67
C PRO A 668 8.95 -55.45 -23.18
N ALA A 669 9.23 -56.36 -24.12
CA ALA A 669 9.88 -57.59 -23.75
C ALA A 669 11.39 -57.35 -23.47
N GLY A 670 12.08 -58.41 -23.06
CA GLY A 670 13.49 -58.34 -22.83
C GLY A 670 13.85 -59.15 -21.63
N ASN A 671 14.79 -58.65 -20.85
CA ASN A 671 15.13 -59.29 -19.59
C ASN A 671 14.12 -58.94 -18.48
N ILE A 672 12.93 -59.49 -18.62
CA ILE A 672 11.83 -59.22 -17.65
C ILE A 672 12.24 -59.60 -16.22
N ALA A 673 12.99 -60.68 -16.04
CA ALA A 673 13.45 -61.04 -14.67
C ALA A 673 14.07 -59.89 -13.88
N ASP A 674 14.77 -58.98 -14.59
CA ASP A 674 15.31 -57.76 -14.01
C ASP A 674 14.26 -56.96 -13.19
N ILE A 675 13.04 -56.85 -13.68
CA ILE A 675 12.02 -56.02 -12.97
C ILE A 675 10.79 -56.80 -12.45
N ALA A 676 10.76 -58.11 -12.71
CA ALA A 676 9.60 -58.94 -12.34
C ALA A 676 9.26 -58.90 -10.83
N ASP A 677 10.27 -58.75 -9.99
CA ASP A 677 10.04 -58.80 -8.53
C ASP A 677 10.27 -57.43 -7.92
N ASN A 678 10.33 -56.40 -8.78
CA ASN A 678 10.55 -55.07 -8.27
C ASN A 678 9.16 -54.57 -7.84
N GLY A 679 9.07 -54.22 -6.55
CA GLY A 679 7.79 -53.80 -5.95
C GLY A 679 7.23 -52.53 -6.61
N ASP A 680 8.10 -51.60 -6.93
CA ASP A 680 7.69 -50.37 -7.58
C ASP A 680 7.09 -50.62 -9.00
N ALA A 681 7.72 -51.50 -9.78
CA ALA A 681 7.28 -51.81 -11.12
C ALA A 681 5.92 -52.52 -11.00
N ASN A 682 5.78 -53.42 -10.03
CA ASN A 682 4.51 -54.12 -9.90
C ASN A 682 3.39 -53.15 -9.49
N TYR A 683 3.71 -52.31 -8.50
CA TYR A 683 2.77 -51.31 -8.02
C TYR A 683 2.34 -50.36 -9.15
N TYR A 684 3.31 -49.97 -9.97
CA TYR A 684 3.08 -49.06 -11.10
C TYR A 684 1.85 -49.53 -11.96
N LEU A 685 1.90 -50.82 -12.30
CA LEU A 685 0.81 -51.45 -13.01
C LEU A 685 -0.46 -51.59 -12.15
N MET A 686 -0.36 -51.87 -10.83
CA MET A 686 -1.60 -51.95 -10.02
C MET A 686 -2.31 -50.60 -9.93
N GLU A 687 -1.50 -49.57 -9.73
CA GLU A 687 -2.05 -48.22 -9.71
C GLU A 687 -2.70 -47.84 -11.04
N ALA A 688 -1.98 -48.05 -12.16
CA ALA A 688 -2.55 -47.75 -13.48
C ALA A 688 -3.82 -48.60 -13.75
N TYR A 689 -3.80 -49.86 -13.35
CA TYR A 689 -5.00 -50.69 -13.50
C TYR A 689 -6.19 -50.14 -12.72
N LYS A 690 -5.94 -49.76 -11.46
CA LYS A 690 -6.98 -49.27 -10.54
C LYS A 690 -7.63 -48.01 -11.13
N HIS A 691 -6.80 -47.16 -11.76
CA HIS A 691 -7.23 -45.88 -12.30
C HIS A 691 -7.68 -46.01 -13.74
N LEU A 692 -7.87 -47.25 -14.21
CA LEU A 692 -8.61 -47.52 -15.47
C LEU A 692 -7.84 -47.15 -16.73
N LYS A 693 -6.52 -47.23 -16.61
CA LYS A 693 -5.71 -46.86 -17.74
C LYS A 693 -5.35 -48.06 -18.57
N PRO A 694 -5.26 -47.86 -19.89
CA PRO A 694 -4.85 -48.97 -20.75
C PRO A 694 -3.42 -49.39 -20.38
N ILE A 695 -3.22 -50.71 -20.39
CA ILE A 695 -1.88 -51.30 -20.14
C ILE A 695 -1.57 -52.20 -21.32
N ALA A 696 -0.32 -52.17 -21.79
CA ALA A 696 0.09 -53.06 -22.90
C ALA A 696 1.35 -53.87 -22.49
N LEU A 697 1.30 -55.20 -22.65
CA LEU A 697 2.38 -56.10 -22.17
C LEU A 697 2.89 -56.97 -23.35
N ALA A 698 4.16 -56.89 -23.71
CA ALA A 698 4.70 -57.64 -24.90
C ALA A 698 5.60 -58.76 -24.44
N GLY A 699 5.58 -59.89 -25.16
CA GLY A 699 6.50 -61.01 -24.82
C GLY A 699 6.37 -61.41 -23.38
N ASP A 700 7.50 -61.63 -22.72
CA ASP A 700 7.54 -62.01 -21.31
C ASP A 700 7.01 -60.97 -20.31
N ALA A 701 6.71 -59.75 -20.75
CA ALA A 701 6.11 -58.75 -19.84
C ALA A 701 4.71 -59.24 -19.47
N ARG A 702 4.23 -60.24 -20.21
CA ARG A 702 2.90 -60.83 -19.91
C ARG A 702 2.82 -61.52 -18.54
N LYS A 703 3.97 -61.86 -17.97
CA LYS A 703 4.13 -62.37 -16.59
C LYS A 703 3.52 -61.40 -15.54
N PHE A 704 3.47 -60.11 -15.88
CA PHE A 704 2.82 -59.12 -15.00
C PHE A 704 1.29 -59.26 -14.95
N LYS A 705 0.68 -60.01 -15.88
CA LYS A 705 -0.77 -60.25 -15.78
C LYS A 705 -1.15 -60.77 -14.41
N ALA A 706 -0.24 -61.51 -13.76
CA ALA A 706 -0.51 -62.09 -12.44
C ALA A 706 -0.66 -61.04 -11.37
N THR A 707 0.08 -59.93 -11.48
CA THR A 707 -0.06 -58.89 -10.46
C THR A 707 -1.42 -58.21 -10.45
N ILE A 708 -2.07 -58.13 -11.59
CA ILE A 708 -3.36 -57.46 -11.73
C ILE A 708 -4.47 -58.42 -12.10
N LYS A 709 -4.22 -59.71 -11.87
CA LYS A 709 -5.20 -60.79 -12.00
C LYS A 709 -6.00 -60.79 -13.30
N ILE A 710 -5.30 -60.77 -14.43
CA ILE A 710 -5.93 -60.86 -15.75
C ILE A 710 -5.92 -62.35 -16.10
N ALA A 711 -7.08 -62.91 -16.47
CA ALA A 711 -7.15 -64.31 -16.94
C ALA A 711 -6.35 -64.54 -18.25
N ASP A 712 -5.93 -65.80 -18.54
CA ASP A 712 -5.15 -66.12 -19.76
C ASP A 712 -5.82 -65.62 -21.02
N GLN A 713 -7.14 -65.80 -21.11
CA GLN A 713 -7.97 -65.30 -22.24
C GLN A 713 -7.77 -63.79 -22.52
N GLY A 714 -7.32 -63.05 -21.51
CA GLY A 714 -7.12 -61.62 -21.64
C GLY A 714 -8.35 -60.85 -21.17
N GLU A 715 -8.30 -59.53 -21.32
CA GLU A 715 -9.33 -58.67 -20.79
C GLU A 715 -9.36 -57.42 -21.67
N GLU A 716 -10.56 -56.95 -22.00
CA GLU A 716 -10.71 -55.61 -22.62
C GLU A 716 -10.04 -54.58 -21.70
N GLY A 717 -9.09 -53.87 -22.30
CA GLY A 717 -8.25 -52.88 -21.58
C GLY A 717 -6.82 -53.28 -21.32
N ILE A 718 -6.51 -54.56 -21.49
CA ILE A 718 -5.13 -55.07 -21.43
C ILE A 718 -4.72 -55.53 -22.80
N VAL A 719 -3.73 -54.87 -23.39
CA VAL A 719 -3.26 -55.27 -24.74
C VAL A 719 -2.08 -56.22 -24.54
N GLU A 720 -2.07 -57.36 -25.26
CA GLU A 720 -1.03 -58.38 -25.07
C GLU A 720 -0.76 -59.13 -26.42
N ALA A 721 0.50 -59.50 -26.61
CA ALA A 721 0.92 -60.25 -27.78
C ALA A 721 2.35 -60.67 -27.56
N ASP A 722 2.85 -61.51 -28.49
CA ASP A 722 4.23 -62.01 -28.38
C ASP A 722 5.26 -60.91 -28.54
N SER A 723 4.91 -59.94 -29.36
CA SER A 723 5.72 -58.73 -29.54
C SER A 723 4.85 -57.51 -29.78
N ALA A 724 5.49 -56.33 -29.76
CA ALA A 724 4.83 -55.05 -29.96
C ALA A 724 4.80 -54.78 -31.43
N ASP A 725 3.69 -54.97 -32.08
CA ASP A 725 3.65 -54.79 -33.56
C ASP A 725 2.58 -53.76 -33.92
N GLY A 726 2.21 -53.79 -35.22
CA GLY A 726 1.23 -52.89 -35.78
C GLY A 726 -0.07 -53.10 -35.05
N SER A 727 -0.44 -54.35 -34.95
CA SER A 727 -1.72 -54.65 -34.37
C SER A 727 -1.80 -54.25 -32.89
N PHE A 728 -0.71 -54.57 -32.17
CA PHE A 728 -0.53 -54.37 -30.74
C PHE A 728 -0.65 -52.86 -30.45
N MET A 729 0.09 -52.01 -31.19
CA MET A 729 0.01 -50.53 -30.98
C MET A 729 -1.33 -49.96 -31.38
N ASP A 730 -1.95 -50.51 -32.43
CA ASP A 730 -3.23 -50.04 -32.92
C ASP A 730 -4.26 -50.25 -31.84
N GLU A 731 -4.22 -51.41 -31.18
CA GLU A 731 -5.19 -51.68 -30.12
C GLU A 731 -4.94 -50.75 -28.95
N LEU A 732 -3.68 -50.59 -28.58
CA LEU A 732 -3.37 -49.71 -27.46
C LEU A 732 -3.82 -48.29 -27.72
N LEU A 733 -3.48 -47.75 -28.86
CA LEU A 733 -3.94 -46.41 -29.28
C LEU A 733 -5.46 -46.23 -29.41
N THR A 734 -6.17 -47.27 -29.81
CA THR A 734 -7.63 -47.24 -29.80
C THR A 734 -8.14 -47.10 -28.33
N LEU A 735 -7.62 -47.91 -27.41
CA LEU A 735 -7.96 -47.75 -26.00
C LEU A 735 -7.69 -46.31 -25.51
N MET A 736 -6.56 -45.76 -25.89
CA MET A 736 -6.19 -44.44 -25.36
C MET A 736 -7.15 -43.35 -25.92
N ALA A 737 -7.60 -43.50 -27.16
CA ALA A 737 -8.63 -42.61 -27.73
C ALA A 737 -9.90 -42.61 -26.89
N ALA A 738 -10.18 -43.70 -26.18
CA ALA A 738 -11.38 -43.75 -25.35
C ALA A 738 -11.09 -43.30 -23.91
N HIS A 739 -9.86 -42.83 -23.69
CA HIS A 739 -9.41 -42.21 -22.41
C HIS A 739 -9.19 -43.26 -21.29
N ARG A 740 -10.25 -43.90 -20.81
CA ARG A 740 -10.10 -44.84 -19.72
C ARG A 740 -10.97 -46.07 -20.03
N VAL A 741 -10.78 -47.13 -19.25
CA VAL A 741 -11.40 -48.43 -19.52
C VAL A 741 -12.50 -48.59 -18.48
N TRP A 742 -13.66 -48.02 -18.79
CA TRP A 742 -14.73 -47.91 -17.79
C TRP A 742 -15.28 -49.31 -17.43
N SER A 743 -15.14 -50.28 -18.34
CA SER A 743 -15.71 -51.60 -18.13
C SER A 743 -14.96 -52.31 -17.03
N ARG A 744 -13.77 -51.82 -16.67
CA ARG A 744 -12.96 -52.45 -15.65
C ARG A 744 -13.46 -52.13 -14.26
N ILE A 745 -14.34 -51.14 -14.13
CA ILE A 745 -14.68 -50.63 -12.80
C ILE A 745 -15.10 -51.75 -11.80
N PRO A 746 -15.99 -52.69 -12.21
CA PRO A 746 -16.31 -53.79 -11.27
C PRO A 746 -15.08 -54.57 -10.76
N LYS A 747 -14.04 -54.69 -11.59
CA LYS A 747 -12.86 -55.49 -11.22
C LYS A 747 -11.85 -54.80 -10.27
N ILE A 748 -11.99 -53.49 -10.00
CA ILE A 748 -10.99 -52.72 -9.18
C ILE A 748 -11.21 -52.66 -7.65
N ASP A 749 -12.45 -52.84 -7.16
CA ASP A 749 -12.72 -53.01 -5.70
C ASP A 749 -11.75 -53.96 -4.99
N LYS A 750 -11.34 -54.98 -5.70
CA LYS A 750 -10.64 -56.06 -5.10
C LYS A 750 -9.16 -55.80 -5.09
N ILE A 751 -8.67 -54.94 -6.00
CA ILE A 751 -7.22 -54.73 -6.00
C ILE A 751 -6.74 -53.91 -4.77
N PRO A 752 -5.73 -54.44 -4.07
CA PRO A 752 -5.19 -53.65 -2.99
C PRO A 752 -4.13 -52.70 -3.53
N ALA A 753 -4.59 -51.51 -3.94
CA ALA A 753 -3.71 -50.48 -4.47
C ALA A 753 -4.29 -49.13 -4.16
N SER B 28 16.11 17.92 35.45
CA SER B 28 14.74 18.16 34.89
C SER B 28 14.76 19.44 34.00
N LEU B 29 14.12 19.35 32.84
CA LEU B 29 14.19 20.43 31.84
C LEU B 29 13.09 21.51 31.95
N ALA B 30 11.96 21.19 32.59
CA ALA B 30 10.90 22.17 32.67
C ALA B 30 11.34 23.30 33.61
N PRO B 31 10.72 24.50 33.46
CA PRO B 31 11.04 25.58 34.36
C PRO B 31 10.47 25.31 35.75
N GLU B 32 11.27 25.64 36.75
CA GLU B 32 10.87 25.65 38.17
C GLU B 32 9.44 26.16 38.43
N ASP B 33 9.08 27.28 37.79
CA ASP B 33 7.80 27.90 38.07
C ASP B 33 6.58 27.19 37.44
N GLY B 34 6.80 26.07 36.71
CA GLY B 34 5.70 25.33 36.05
C GLY B 34 5.00 26.00 34.88
N SER B 35 5.60 27.08 34.36
CA SER B 35 5.00 27.89 33.31
C SER B 35 5.05 27.21 31.93
N HIS B 36 5.55 25.99 31.86
CA HIS B 36 5.56 25.27 30.57
C HIS B 36 4.16 24.66 30.32
N ARG B 37 3.35 24.50 31.37
CA ARG B 37 2.08 23.68 31.31
C ARG B 37 0.87 24.67 31.30
N PRO B 38 0.01 24.62 30.25
CA PRO B 38 -1.22 25.42 30.13
C PRO B 38 -2.18 25.04 31.24
N ALA B 39 -2.91 26.02 31.80
CA ALA B 39 -3.91 25.69 32.81
C ALA B 39 -5.07 24.90 32.13
N ALA B 40 -5.62 23.93 32.87
CA ALA B 40 -6.67 23.04 32.40
C ALA B 40 -8.05 23.69 32.78
N GLU B 41 -8.27 24.87 32.20
CA GLU B 41 -9.44 25.70 32.44
C GLU B 41 -9.57 26.56 31.17
N PRO B 42 -10.78 27.04 30.88
CA PRO B 42 -10.88 27.87 29.65
C PRO B 42 -10.10 29.16 29.80
N THR B 43 -9.40 29.54 28.72
CA THR B 43 -8.59 30.74 28.77
C THR B 43 -8.70 31.42 27.40
N PRO B 44 -8.64 32.78 27.40
CA PRO B 44 -8.84 33.50 26.15
C PRO B 44 -7.67 33.28 25.19
N PRO B 45 -7.83 33.64 23.89
CA PRO B 45 -6.74 33.37 22.97
C PRO B 45 -5.44 34.06 23.37
N GLY B 46 -4.34 33.33 23.24
CA GLY B 46 -3.01 33.82 23.58
C GLY B 46 -2.63 33.89 25.05
N ALA B 47 -3.56 33.61 25.98
CA ALA B 47 -3.22 33.69 27.40
C ALA B 47 -2.34 32.50 27.84
N GLN B 48 -2.50 31.34 27.18
CA GLN B 48 -1.73 30.16 27.58
C GLN B 48 -1.22 29.49 26.31
N PRO B 49 -0.17 28.65 26.41
CA PRO B 49 0.08 27.78 25.22
C PRO B 49 -1.10 26.86 24.95
N THR B 50 -1.41 26.59 23.68
CA THR B 50 -2.53 25.64 23.38
C THR B 50 -2.01 24.20 23.70
N ALA B 51 -2.96 23.27 23.84
CA ALA B 51 -2.66 21.92 24.33
C ALA B 51 -3.60 20.86 23.72
N PRO B 52 -3.18 19.56 23.73
CA PRO B 52 -4.11 18.49 23.33
C PRO B 52 -5.42 18.56 24.11
N GLY B 53 -6.56 18.21 23.50
CA GLY B 53 -7.84 18.52 24.16
C GLY B 53 -8.08 17.77 25.47
N SER B 54 -7.60 16.52 25.58
CA SER B 54 -7.85 15.78 26.85
C SER B 54 -6.99 16.40 27.99
N LEU B 55 -5.93 17.18 27.67
CA LEU B 55 -5.11 17.84 28.76
C LEU B 55 -5.67 19.23 29.08
N LYS B 56 -6.23 19.90 28.07
CA LYS B 56 -6.82 21.24 28.27
C LYS B 56 -8.14 21.17 29.02
N ALA B 57 -8.95 20.17 28.65
CA ALA B 57 -10.34 20.04 29.12
C ALA B 57 -10.63 18.58 29.48
N PRO B 58 -9.97 18.11 30.53
CA PRO B 58 -10.06 16.71 30.92
C PRO B 58 -11.47 16.28 31.30
N ASP B 59 -12.31 17.24 31.72
CA ASP B 59 -13.63 16.84 32.20
C ASP B 59 -14.74 17.04 31.18
N THR B 60 -14.40 17.43 29.94
CA THR B 60 -15.39 17.49 28.86
C THR B 60 -15.52 16.10 28.30
N ARG B 61 -16.69 15.50 28.43
CA ARG B 61 -16.84 14.10 28.07
C ARG B 61 -18.06 13.95 27.19
N ASN B 62 -18.03 12.91 26.35
CA ASN B 62 -19.21 12.41 25.65
C ASN B 62 -18.91 10.95 25.39
N GLU B 63 -19.89 10.20 24.92
CA GLU B 63 -19.75 8.75 24.73
C GLU B 63 -18.58 8.41 23.83
N LYS B 64 -18.37 9.19 22.75
CA LYS B 64 -17.30 8.89 21.76
C LYS B 64 -15.94 9.21 22.37
N LEU B 65 -15.81 10.32 23.07
CA LEU B 65 -14.51 10.71 23.74
C LEU B 65 -14.17 9.68 24.74
N ASN B 66 -15.19 9.21 25.46
CA ASN B 66 -14.90 8.24 26.49
C ASN B 66 -14.41 6.91 25.88
N SER B 67 -15.08 6.49 24.80
CA SER B 67 -14.73 5.23 24.15
C SER B 67 -13.33 5.23 23.53
N LEU B 68 -12.75 6.42 23.28
CA LEU B 68 -11.38 6.53 22.77
C LEU B 68 -10.35 6.32 23.89
N GLU B 69 -10.79 6.24 25.14
CA GLU B 69 -9.81 6.09 26.25
C GLU B 69 -8.90 4.87 26.04
N ASP B 70 -9.40 3.78 25.43
CA ASP B 70 -8.59 2.56 25.27
C ASP B 70 -7.32 2.79 24.40
N VAL B 71 -7.31 3.86 23.60
CA VAL B 71 -6.17 4.01 22.72
C VAL B 71 -5.34 5.27 23.08
N ARG B 72 -5.83 6.13 23.99
CA ARG B 72 -5.04 7.30 24.37
C ARG B 72 -3.82 6.82 25.10
N LYS B 73 -2.71 7.44 24.75
CA LYS B 73 -1.51 7.16 25.45
C LYS B 73 -0.91 8.39 26.10
N GLY B 74 -0.62 8.31 27.40
CA GLY B 74 0.04 9.42 28.13
C GLY B 74 1.56 9.35 28.00
N SER B 75 2.28 9.90 28.98
CA SER B 75 3.75 10.06 28.77
C SER B 75 4.53 10.34 30.09
N GLU B 76 3.89 11.07 31.01
CA GLU B 76 4.57 11.54 32.23
C GLU B 76 4.92 10.35 33.05
N ASN B 77 6.16 10.32 33.53
CA ASN B 77 6.63 9.27 34.35
C ASN B 77 6.84 7.95 33.66
N TYR B 78 6.83 7.90 32.31
CA TYR B 78 7.05 6.60 31.67
C TYR B 78 8.47 6.63 31.07
N ALA B 79 9.10 5.47 30.99
CA ALA B 79 10.39 5.29 30.31
C ALA B 79 10.23 5.33 28.80
N LEU B 80 11.23 5.92 28.15
CA LEU B 80 11.31 5.97 26.71
C LEU B 80 11.63 4.54 26.21
N THR B 81 10.84 4.02 25.28
CA THR B 81 11.16 2.68 24.78
C THR B 81 11.12 2.51 23.23
N THR B 82 11.53 1.33 22.76
CA THR B 82 11.24 1.05 21.33
C THR B 82 9.71 0.79 21.26
N ASN B 83 9.24 0.57 20.03
CA ASN B 83 7.84 0.11 19.90
C ASN B 83 7.60 -1.31 20.45
N GLN B 84 8.68 -2.08 20.70
CA GLN B 84 8.57 -3.43 21.26
C GLN B 84 8.68 -3.43 22.77
N GLY B 85 8.78 -2.26 23.38
CA GLY B 85 8.69 -2.23 24.86
C GLY B 85 10.04 -2.26 25.51
N VAL B 86 11.11 -2.07 24.70
CA VAL B 86 12.49 -2.13 25.24
C VAL B 86 13.00 -0.71 25.61
N ARG B 87 13.43 -0.57 26.86
CA ARG B 87 13.84 0.73 27.35
C ARG B 87 15.13 1.13 26.66
N ILE B 88 15.20 2.40 26.29
CA ILE B 88 16.34 2.96 25.59
C ILE B 88 17.22 3.71 26.61
N ALA B 89 18.52 3.43 26.59
CA ALA B 89 19.46 4.17 27.48
C ALA B 89 19.94 5.50 26.88
N ASP B 90 20.27 5.48 25.58
CA ASP B 90 20.89 6.64 24.93
C ASP B 90 20.10 6.97 23.64
N ASP B 91 19.17 7.94 23.72
CA ASP B 91 18.43 8.40 22.53
C ASP B 91 19.12 9.56 21.80
N GLN B 92 20.44 9.77 22.04
CA GLN B 92 21.18 10.84 21.40
C GLN B 92 22.16 10.35 20.35
N ASN B 93 22.42 9.02 20.30
CA ASN B 93 23.49 8.54 19.42
C ASN B 93 23.13 7.23 18.75
N SER B 94 23.66 7.06 17.53
CA SER B 94 23.73 5.72 16.81
C SER B 94 24.85 4.88 17.36
N LEU B 95 24.73 3.56 17.21
CA LEU B 95 25.81 2.64 17.58
C LEU B 95 26.85 2.61 16.47
N ARG B 96 28.11 2.82 16.82
CA ARG B 96 29.17 2.93 15.84
C ARG B 96 30.44 2.24 16.37
N ALA B 97 31.34 1.86 15.46
CA ALA B 97 32.57 1.15 15.85
C ALA B 97 33.57 2.24 16.13
N GLY B 98 33.65 2.59 17.38
CA GLY B 98 34.49 3.77 17.84
C GLY B 98 33.61 5.03 17.81
N SER B 99 33.92 6.08 18.60
CA SER B 99 33.00 7.23 18.66
C SER B 99 33.09 8.15 17.40
N ARG B 100 34.09 7.93 16.53
CA ARG B 100 34.14 8.52 15.17
C ARG B 100 34.01 7.44 14.06
N GLY B 101 33.48 6.29 14.39
CA GLY B 101 33.43 5.23 13.40
C GLY B 101 32.09 5.14 12.62
N PRO B 102 31.99 4.09 11.79
CA PRO B 102 30.83 3.86 10.95
C PRO B 102 29.65 3.36 11.79
N THR B 103 28.42 3.71 11.39
CA THR B 103 27.20 3.24 12.11
C THR B 103 26.99 1.76 11.76
N LEU B 104 26.61 1.01 12.77
CA LEU B 104 26.48 -0.47 12.61
C LEU B 104 25.03 -0.89 12.22
N LEU B 105 24.92 -1.89 11.33
CA LEU B 105 23.63 -2.36 10.89
C LEU B 105 22.86 -2.95 12.09
N GLU B 106 23.56 -3.41 13.15
CA GLU B 106 22.86 -4.01 14.30
C GLU B 106 22.15 -2.97 15.20
N ASP B 107 22.22 -1.67 14.86
CA ASP B 107 21.53 -0.65 15.66
C ASP B 107 20.04 -0.71 15.30
N PHE B 108 19.36 -1.58 16.02
CA PHE B 108 17.90 -1.77 15.74
C PHE B 108 17.08 -0.61 16.36
N ILE B 109 17.66 0.10 17.33
CA ILE B 109 16.94 1.21 17.99
C ILE B 109 16.87 2.39 17.01
N LEU B 110 18.02 2.70 16.44
CA LEU B 110 18.13 3.72 15.41
C LEU B 110 17.19 3.33 14.25
N ARG B 111 17.27 2.11 13.76
CA ARG B 111 16.47 1.78 12.54
C ARG B 111 15.02 1.78 12.79
N GLU B 112 14.56 1.27 13.96
CA GLU B 112 13.11 1.35 14.22
C GLU B 112 12.61 2.80 14.24
N LYS B 113 13.36 3.65 14.96
CA LYS B 113 13.03 5.08 15.04
C LYS B 113 12.98 5.80 13.64
N ILE B 114 14.01 5.53 12.81
CA ILE B 114 14.08 6.13 11.47
C ILE B 114 13.07 5.49 10.55
N THR B 115 12.87 4.17 10.65
CA THR B 115 11.82 3.53 9.88
C THR B 115 10.41 4.17 10.13
N HIS B 116 10.05 4.43 11.40
CA HIS B 116 8.71 4.91 11.67
C HIS B 116 8.60 6.30 11.05
N PHE B 117 9.64 7.09 11.32
CA PHE B 117 9.79 8.45 10.73
C PHE B 117 9.61 8.39 9.19
N ASP B 118 10.31 7.46 8.55
CA ASP B 118 10.37 7.43 7.05
C ASP B 118 9.02 7.06 6.45
N HIS B 119 8.13 6.55 7.27
CA HIS B 119 6.82 6.16 6.76
C HIS B 119 5.64 6.88 7.45
N GLU B 120 5.87 8.09 7.95
CA GLU B 120 4.83 8.81 8.71
C GLU B 120 3.69 9.26 7.85
N ARG B 121 3.96 9.57 6.59
CA ARG B 121 2.92 10.20 5.80
C ARG B 121 2.03 9.23 5.06
N ILE B 122 0.75 9.62 4.95
CA ILE B 122 -0.27 8.82 4.18
C ILE B 122 -0.79 9.76 3.10
N PRO B 123 -1.43 9.22 2.03
CA PRO B 123 -1.90 10.13 1.01
C PRO B 123 -2.91 11.12 1.61
N GLU B 124 -2.91 12.37 1.13
CA GLU B 124 -3.89 13.33 1.59
C GLU B 124 -5.18 13.09 0.81
N ARG B 125 -6.30 13.66 1.30
CA ARG B 125 -7.56 13.51 0.58
C ARG B 125 -7.46 14.10 -0.83
N ILE B 126 -8.14 13.47 -1.79
CA ILE B 126 -8.07 14.00 -3.20
C ILE B 126 -8.54 15.44 -3.27
N VAL B 127 -9.65 15.73 -2.57
CA VAL B 127 -10.18 17.11 -2.37
C VAL B 127 -10.42 17.29 -0.90
N HIS B 128 -10.50 18.58 -0.45
CA HIS B 128 -10.64 18.94 0.96
C HIS B 128 -9.44 18.42 1.78
N ALA B 129 -8.24 18.38 1.18
CA ALA B 129 -7.05 17.96 1.93
C ALA B 129 -6.75 18.87 3.15
N ARG B 130 -7.12 20.15 3.04
CA ARG B 130 -6.83 21.12 4.11
C ARG B 130 -8.04 21.19 5.01
N GLY B 131 -7.91 20.86 6.29
CA GLY B 131 -9.12 20.90 7.12
C GLY B 131 -8.82 20.86 8.62
N SER B 132 -9.79 21.29 9.46
CA SER B 132 -9.55 21.48 10.88
C SER B 132 -10.78 20.91 11.57
N ALA B 133 -10.59 20.22 12.69
CA ALA B 133 -11.64 19.32 13.24
C ALA B 133 -11.79 19.49 14.72
N ALA B 134 -12.97 19.16 15.23
CA ALA B 134 -13.19 19.22 16.71
C ALA B 134 -14.31 18.26 17.07
N HIS B 135 -14.27 17.83 18.32
CA HIS B 135 -15.32 16.98 18.93
C HIS B 135 -16.45 17.82 19.52
N GLY B 136 -17.65 17.29 19.52
CA GLY B 136 -18.80 18.00 20.23
C GLY B 136 -19.97 17.03 20.36
N TYR B 137 -21.16 17.61 20.38
CA TYR B 137 -22.33 16.82 20.57
C TYR B 137 -23.52 17.53 19.92
N PHE B 138 -24.53 16.70 19.64
CA PHE B 138 -25.77 17.21 19.03
C PHE B 138 -26.98 16.78 19.88
N GLN B 139 -28.04 17.64 19.97
CA GLN B 139 -29.23 17.23 20.64
C GLN B 139 -30.38 17.88 19.89
N PRO B 140 -31.47 17.11 19.64
CA PRO B 140 -32.63 17.68 18.96
C PRO B 140 -33.43 18.59 19.92
N TYR B 141 -34.25 19.47 19.35
CA TYR B 141 -35.14 20.34 20.13
C TYR B 141 -36.46 19.65 20.45
N LYS B 142 -36.86 18.67 19.65
CA LYS B 142 -38.10 17.91 19.87
C LYS B 142 -38.03 16.58 19.13
N SER B 143 -38.90 15.65 19.46
CA SER B 143 -38.94 14.37 18.74
C SER B 143 -39.38 14.65 17.28
N LEU B 144 -38.65 14.10 16.31
CA LEU B 144 -39.12 14.11 14.93
C LEU B 144 -39.75 12.81 14.42
N SER B 145 -40.24 11.95 15.33
CA SER B 145 -40.79 10.65 14.88
C SER B 145 -41.95 10.78 13.85
N ASP B 146 -42.68 11.91 13.83
CA ASP B 146 -43.76 12.08 12.82
C ASP B 146 -43.19 12.07 11.37
N ILE B 147 -41.94 12.48 11.21
CA ILE B 147 -41.35 12.57 9.85
C ILE B 147 -40.13 11.65 9.60
N THR B 148 -39.44 11.18 10.66
CA THR B 148 -38.31 10.25 10.44
C THR B 148 -38.20 9.29 11.63
N LYS B 149 -37.92 8.02 11.37
CA LYS B 149 -37.60 7.06 12.43
C LYS B 149 -36.11 7.06 12.84
N ALA B 150 -35.31 8.05 12.37
CA ALA B 150 -33.86 8.09 12.70
C ALA B 150 -33.74 8.21 14.21
N ASP B 151 -33.02 7.28 14.83
CA ASP B 151 -33.04 7.21 16.30
C ASP B 151 -32.46 8.50 16.91
N PHE B 152 -31.41 9.04 16.30
CA PHE B 152 -30.80 10.23 16.91
C PHE B 152 -31.71 11.48 16.96
N LEU B 153 -32.77 11.47 16.16
CA LEU B 153 -33.74 12.57 16.16
C LEU B 153 -35.06 12.23 16.88
N SER B 154 -35.05 11.20 17.72
CA SER B 154 -36.31 10.65 18.23
C SER B 154 -36.71 11.28 19.53
N ASP B 155 -35.79 11.95 20.22
CA ASP B 155 -36.14 12.51 21.52
C ASP B 155 -35.18 13.65 21.84
N PRO B 156 -35.66 14.77 22.41
CA PRO B 156 -34.73 15.87 22.79
C PRO B 156 -33.67 15.41 23.82
N ASN B 157 -33.94 14.32 24.53
CA ASN B 157 -32.95 13.81 25.46
C ASN B 157 -31.82 13.01 24.82
N LYS B 158 -31.89 12.78 23.51
CA LYS B 158 -30.91 11.92 22.85
C LYS B 158 -29.69 12.78 22.54
N ILE B 159 -28.62 12.57 23.27
CA ILE B 159 -27.38 13.34 23.00
C ILE B 159 -26.49 12.47 22.11
N THR B 160 -26.12 13.01 20.95
CA THR B 160 -25.28 12.25 19.98
C THR B 160 -23.90 12.89 19.89
N PRO B 161 -22.82 12.14 20.26
CA PRO B 161 -21.46 12.71 19.98
C PRO B 161 -21.25 13.01 18.49
N VAL B 162 -20.47 14.04 18.16
CA VAL B 162 -20.09 14.33 16.80
C VAL B 162 -18.58 14.62 16.75
N PHE B 163 -18.00 14.47 15.54
CA PHE B 163 -16.68 14.94 15.23
C PHE B 163 -16.92 15.67 13.94
N VAL B 164 -16.56 16.96 13.87
CA VAL B 164 -16.78 17.76 12.66
C VAL B 164 -15.46 18.21 12.06
N ARG B 165 -15.36 18.12 10.76
CA ARG B 165 -14.14 18.61 10.11
C ARG B 165 -14.57 19.68 9.10
N PHE B 166 -13.96 20.89 9.20
CA PHE B 166 -14.15 21.99 8.25
C PHE B 166 -12.98 22.01 7.30
N SER B 167 -13.20 22.38 6.05
CA SER B 167 -12.08 22.26 5.11
C SER B 167 -12.20 23.27 4.00
N THR B 168 -11.08 23.57 3.33
CA THR B 168 -11.19 24.12 1.95
C THR B 168 -11.37 22.93 0.97
N VAL B 169 -11.18 23.18 -0.32
CA VAL B 169 -11.46 22.12 -1.30
C VAL B 169 -10.25 21.86 -2.16
N GLN B 170 -9.73 22.94 -2.75
CA GLN B 170 -8.68 22.79 -3.79
C GLN B 170 -7.25 22.48 -3.24
N GLY B 171 -6.80 23.21 -2.23
CA GLY B 171 -5.40 23.10 -1.76
C GLY B 171 -5.03 21.88 -1.02
N GLY B 172 -3.73 21.60 -0.99
CA GLY B 172 -3.21 20.47 -0.21
C GLY B 172 -3.38 20.65 1.28
N ALA B 173 -2.99 19.61 2.01
CA ALA B 173 -3.12 19.68 3.47
C ALA B 173 -2.20 20.79 4.09
N GLY B 174 -1.14 21.19 3.37
CA GLY B 174 -0.30 22.27 3.84
C GLY B 174 -0.54 23.63 3.17
N SER B 175 -1.69 23.78 2.52
CA SER B 175 -2.08 25.06 1.92
C SER B 175 -2.71 25.97 2.97
N ALA B 176 -3.04 27.20 2.57
CA ALA B 176 -3.51 28.24 3.49
C ALA B 176 -5.02 28.23 3.75
N ASP B 177 -5.43 28.79 4.88
CA ASP B 177 -6.84 28.65 5.28
C ASP B 177 -7.72 29.70 4.58
N THR B 178 -7.27 30.98 4.57
CA THR B 178 -8.16 32.10 4.13
C THR B 178 -8.08 32.37 2.65
N VAL B 179 -7.97 31.29 1.86
CA VAL B 179 -8.03 31.36 0.39
C VAL B 179 -9.48 31.70 -0.03
N ARG B 180 -9.69 32.06 -1.30
CA ARG B 180 -11.11 32.03 -1.80
C ARG B 180 -11.40 30.66 -2.37
N ASP B 181 -12.38 29.98 -1.77
CA ASP B 181 -12.67 28.59 -2.13
C ASP B 181 -14.06 28.31 -1.54
N ILE B 182 -14.64 27.20 -1.95
CA ILE B 182 -15.74 26.60 -1.20
C ILE B 182 -15.12 26.00 0.08
N ARG B 183 -15.92 25.93 1.15
CA ARG B 183 -15.50 25.22 2.35
C ARG B 183 -16.36 24.02 2.51
N GLY B 184 -15.73 22.95 2.99
CA GLY B 184 -16.48 21.78 3.46
C GLY B 184 -16.82 21.87 4.93
N PHE B 185 -17.92 21.23 5.28
CA PHE B 185 -18.44 21.18 6.64
C PHE B 185 -19.02 19.73 6.73
N ALA B 186 -18.22 18.82 7.32
CA ALA B 186 -18.55 17.42 7.43
C ALA B 186 -18.77 17.01 8.90
N THR B 187 -19.89 16.36 9.21
CA THR B 187 -20.23 16.03 10.62
C THR B 187 -20.46 14.51 10.68
N LYS B 188 -19.71 13.82 11.57
CA LYS B 188 -19.91 12.39 11.80
C LYS B 188 -20.74 12.25 13.10
N PHE B 189 -21.99 11.79 12.96
CA PHE B 189 -22.86 11.61 14.13
C PHE B 189 -22.69 10.17 14.61
N TYR B 190 -22.28 9.96 15.85
CA TYR B 190 -22.11 8.59 16.34
C TYR B 190 -23.41 8.15 17.00
N THR B 191 -24.38 7.73 16.18
CA THR B 191 -25.70 7.43 16.72
C THR B 191 -25.79 6.01 17.29
N GLU B 192 -26.86 5.76 18.04
CA GLU B 192 -27.06 4.44 18.59
C GLU B 192 -27.44 3.38 17.58
N GLU B 193 -27.73 3.82 16.33
CA GLU B 193 -28.12 2.93 15.24
C GLU B 193 -27.17 3.03 14.02
N GLY B 194 -25.96 3.47 14.31
CA GLY B 194 -24.96 3.56 13.22
C GLY B 194 -24.40 4.95 13.08
N ILE B 195 -23.23 5.04 12.45
CA ILE B 195 -22.63 6.36 12.00
C ILE B 195 -23.50 6.92 10.89
N PHE B 196 -23.93 8.18 11.11
CA PHE B 196 -24.42 8.98 10.01
C PHE B 196 -23.43 10.15 9.79
N ASP B 197 -22.90 10.19 8.55
CA ASP B 197 -22.08 11.28 8.11
C ASP B 197 -22.92 12.26 7.24
N LEU B 198 -22.99 13.51 7.70
CA LEU B 198 -23.63 14.62 6.91
C LEU B 198 -22.47 15.42 6.35
N VAL B 199 -22.21 15.20 5.06
CA VAL B 199 -20.95 15.65 4.44
C VAL B 199 -21.37 16.84 3.54
N GLY B 200 -21.32 18.03 4.13
CA GLY B 200 -21.81 19.29 3.48
C GLY B 200 -20.76 20.32 3.08
N ASN B 201 -21.23 21.41 2.50
CA ASN B 201 -20.33 22.52 2.13
C ASN B 201 -20.95 23.80 2.62
N ASN B 202 -20.25 24.90 2.36
CA ASN B 202 -20.76 26.19 2.85
C ASN B 202 -21.57 26.98 1.87
N THR B 203 -21.98 26.33 0.81
CA THR B 203 -22.97 26.93 -0.13
C THR B 203 -24.01 25.81 -0.44
N PRO B 204 -25.23 26.20 -0.91
CA PRO B 204 -26.33 25.26 -1.04
C PRO B 204 -26.33 24.47 -2.34
N ILE B 205 -25.31 24.61 -3.18
CA ILE B 205 -25.32 23.91 -4.48
C ILE B 205 -23.94 23.49 -4.81
N PHE B 206 -23.84 22.75 -5.91
CA PHE B 206 -22.53 22.47 -6.40
C PHE B 206 -22.27 23.03 -7.83
N PHE B 207 -21.00 22.95 -8.28
CA PHE B 207 -20.64 23.42 -9.63
C PHE B 207 -21.22 22.59 -10.76
N ILE B 208 -21.39 21.29 -10.51
CA ILE B 208 -21.70 20.37 -11.60
C ILE B 208 -22.93 19.53 -11.33
N GLN B 209 -23.54 19.02 -12.39
CA GLN B 209 -24.76 18.24 -12.24
C GLN B 209 -24.57 16.74 -12.08
N ASP B 210 -23.61 16.15 -12.80
CA ASP B 210 -23.49 14.69 -12.82
C ASP B 210 -22.09 14.31 -12.32
N ALA B 211 -22.03 13.35 -11.41
CA ALA B 211 -20.75 12.86 -10.82
C ALA B 211 -19.72 12.45 -11.85
N HIS B 212 -20.16 12.02 -13.05
CA HIS B 212 -19.21 11.56 -14.06
C HIS B 212 -18.24 12.71 -14.38
N LYS B 213 -18.70 13.95 -14.22
CA LYS B 213 -17.80 15.06 -14.57
C LYS B 213 -16.92 15.54 -13.37
N PHE B 214 -17.03 14.94 -12.20
CA PHE B 214 -16.27 15.46 -11.08
C PHE B 214 -14.77 15.53 -11.32
N PRO B 215 -14.14 14.49 -11.92
CA PRO B 215 -12.66 14.59 -12.16
C PRO B 215 -12.35 15.72 -13.15
N ASP B 216 -13.29 16.03 -14.05
CA ASP B 216 -13.05 17.13 -15.02
C ASP B 216 -13.05 18.43 -14.28
N PHE B 217 -14.06 18.65 -13.49
CA PHE B 217 -14.17 19.93 -12.80
C PHE B 217 -12.99 20.06 -11.80
N VAL B 218 -12.77 19.00 -11.01
CA VAL B 218 -11.67 19.08 -9.99
C VAL B 218 -10.30 19.26 -10.66
N HIS B 219 -10.02 18.55 -11.76
CA HIS B 219 -8.77 18.76 -12.47
C HIS B 219 -8.67 20.20 -12.96
N ALA B 220 -9.81 20.74 -13.43
CA ALA B 220 -9.81 22.12 -13.94
C ALA B 220 -9.50 23.17 -12.82
N VAL B 221 -10.00 22.94 -11.57
CA VAL B 221 -9.79 23.95 -10.53
C VAL B 221 -8.40 23.78 -9.82
N LYS B 222 -7.93 22.53 -9.76
CA LYS B 222 -6.63 22.17 -9.12
C LYS B 222 -5.42 22.76 -9.85
N PRO B 223 -4.24 22.70 -9.24
CA PRO B 223 -3.09 23.28 -9.90
C PRO B 223 -2.90 22.56 -11.26
N GLU B 224 -2.48 23.34 -12.24
CA GLU B 224 -2.43 22.79 -13.60
C GLU B 224 -1.33 21.74 -13.76
N PRO B 225 -1.51 20.77 -14.67
CA PRO B 225 -0.67 19.58 -14.51
C PRO B 225 0.78 19.70 -14.96
N HIS B 226 1.13 20.64 -15.84
CA HIS B 226 2.49 20.70 -16.28
C HIS B 226 3.38 21.15 -15.11
N TRP B 227 2.95 22.22 -14.43
CA TRP B 227 3.83 22.87 -13.44
C TRP B 227 3.31 22.84 -12.00
N ALA B 228 2.08 22.33 -11.81
CA ALA B 228 1.46 22.32 -10.49
C ALA B 228 1.32 23.71 -9.82
N ILE B 229 0.80 24.67 -10.61
CA ILE B 229 0.48 26.05 -10.11
C ILE B 229 -0.98 26.28 -10.58
N PRO B 230 -1.84 26.96 -9.74
CA PRO B 230 -1.52 27.59 -8.50
C PRO B 230 -2.18 26.87 -7.35
N GLN B 231 -1.60 27.05 -6.17
CA GLN B 231 -2.16 26.39 -5.01
C GLN B 231 -3.29 27.20 -4.36
N GLY B 232 -4.39 26.53 -3.98
CA GLY B 232 -5.47 27.21 -3.22
C GLY B 232 -6.22 28.30 -3.99
N GLN B 233 -6.20 28.27 -5.33
CA GLN B 233 -6.76 29.37 -6.10
C GLN B 233 -7.49 28.86 -7.33
N SER B 234 -8.68 29.42 -7.62
CA SER B 234 -9.35 29.15 -8.88
C SER B 234 -8.92 30.15 -9.97
N ALA B 235 -8.02 31.07 -9.58
CA ALA B 235 -7.66 32.21 -10.43
C ALA B 235 -6.63 31.81 -11.50
N HIS B 236 -7.05 30.93 -12.39
CA HIS B 236 -6.15 30.47 -13.45
C HIS B 236 -6.92 29.97 -14.69
N ASP B 237 -6.22 29.89 -15.82
CA ASP B 237 -6.88 29.57 -17.10
C ASP B 237 -7.77 28.32 -17.10
N THR B 238 -7.30 27.19 -16.59
CA THR B 238 -8.10 26.00 -16.80
C THR B 238 -9.47 26.03 -16.09
N PHE B 239 -9.54 26.65 -14.93
CA PHE B 239 -10.81 26.67 -14.17
C PHE B 239 -11.83 27.53 -14.96
N TRP B 240 -11.37 28.70 -15.40
CA TRP B 240 -12.23 29.60 -16.13
C TRP B 240 -12.55 29.06 -17.54
N ASP B 241 -11.63 28.28 -18.08
CA ASP B 241 -11.88 27.62 -19.35
C ASP B 241 -13.06 26.66 -19.16
N TYR B 242 -13.02 25.84 -18.12
CA TYR B 242 -14.13 24.89 -17.86
C TYR B 242 -15.43 25.64 -17.59
N VAL B 243 -15.36 26.64 -16.73
CA VAL B 243 -16.55 27.38 -16.41
C VAL B 243 -17.18 27.94 -17.72
N SER B 244 -16.36 28.56 -18.58
CA SER B 244 -16.91 29.20 -19.77
C SER B 244 -17.57 28.20 -20.72
N LEU B 245 -17.20 26.93 -20.57
CA LEU B 245 -17.72 25.86 -21.44
C LEU B 245 -18.82 25.06 -20.83
N GLN B 246 -19.13 25.34 -19.56
CA GLN B 246 -20.07 24.52 -18.79
C GLN B 246 -20.95 25.46 -17.97
N PRO B 247 -21.91 26.15 -18.60
CA PRO B 247 -22.67 27.11 -17.82
C PRO B 247 -23.43 26.57 -16.58
N GLU B 248 -23.58 25.26 -16.45
CA GLU B 248 -24.18 24.71 -15.18
C GLU B 248 -23.37 25.16 -13.93
N THR B 249 -22.07 25.47 -14.12
CA THR B 249 -21.15 25.94 -13.01
C THR B 249 -21.43 27.30 -12.46
N LEU B 250 -22.22 28.06 -13.18
CA LEU B 250 -22.21 29.50 -12.91
C LEU B 250 -22.88 29.85 -11.61
N HIS B 251 -23.86 29.07 -11.19
CA HIS B 251 -24.43 29.31 -9.90
C HIS B 251 -23.42 29.21 -8.72
N ASN B 252 -22.71 28.11 -8.63
CA ASN B 252 -21.73 27.99 -7.55
C ASN B 252 -20.59 28.95 -7.70
N VAL B 253 -20.22 29.27 -8.95
CA VAL B 253 -19.17 30.24 -9.25
C VAL B 253 -19.58 31.59 -8.64
N MET B 254 -20.86 32.01 -8.81
CA MET B 254 -21.33 33.28 -8.18
C MET B 254 -21.08 33.28 -6.69
N TRP B 255 -21.48 32.17 -6.02
CA TRP B 255 -21.23 32.01 -4.58
C TRP B 255 -19.69 32.17 -4.25
N ALA B 256 -18.84 31.47 -5.01
CA ALA B 256 -17.43 31.50 -4.69
C ALA B 256 -16.84 32.92 -4.87
N MET B 257 -17.32 33.64 -5.88
CA MET B 257 -16.81 34.98 -6.15
C MET B 257 -17.35 36.05 -5.15
N SER B 258 -18.44 35.73 -4.49
CA SER B 258 -18.93 36.58 -3.43
C SER B 258 -18.05 36.34 -2.19
N ASP B 259 -18.32 37.11 -1.16
CA ASP B 259 -17.61 37.05 0.09
C ASP B 259 -17.93 35.74 0.80
N ARG B 260 -18.93 34.99 0.33
CA ARG B 260 -19.07 33.62 0.81
C ARG B 260 -17.78 32.83 0.71
N GLY B 261 -16.92 33.14 -0.28
CA GLY B 261 -15.77 32.31 -0.52
C GLY B 261 -14.61 32.61 0.41
N ILE B 262 -14.78 33.63 1.27
CA ILE B 262 -13.68 33.99 2.20
C ILE B 262 -14.26 34.21 3.58
N PRO B 263 -14.82 33.15 4.20
CA PRO B 263 -15.31 33.30 5.57
C PRO B 263 -14.29 33.84 6.59
N ARG B 264 -14.81 34.63 7.53
CA ARG B 264 -14.06 35.12 8.68
C ARG B 264 -13.61 33.98 9.55
N SER B 265 -14.39 32.91 9.59
CA SER B 265 -14.20 31.87 10.63
C SER B 265 -15.13 30.73 10.23
N TYR B 266 -14.74 29.48 10.46
CA TYR B 266 -15.66 28.36 10.32
C TYR B 266 -16.90 28.54 11.23
N ARG B 267 -16.77 29.29 12.31
CA ARG B 267 -17.92 29.60 13.21
C ARG B 267 -18.92 30.57 12.58
N THR B 268 -18.51 31.26 11.56
CA THR B 268 -19.39 32.33 11.01
C THR B 268 -19.71 32.06 9.52
N MET B 269 -19.99 30.80 9.17
CA MET B 269 -20.44 30.44 7.82
C MET B 269 -21.62 29.47 7.93
N GLU B 270 -22.43 29.39 6.87
CA GLU B 270 -23.55 28.42 6.86
C GLU B 270 -23.05 27.08 6.33
N GLY B 271 -23.80 26.00 6.57
CA GLY B 271 -23.54 24.69 6.03
C GLY B 271 -24.80 24.23 5.35
N PHE B 272 -24.63 23.36 4.37
CA PHE B 272 -25.76 22.81 3.56
C PHE B 272 -25.39 21.36 3.19
N GLY B 273 -26.40 20.49 3.16
CA GLY B 273 -26.26 19.11 2.69
C GLY B 273 -26.15 18.98 1.17
N CYS B 274 -26.28 20.09 0.43
CA CYS B 274 -26.04 20.06 -1.00
C CYS B 274 -27.17 19.34 -1.78
N HIS B 275 -27.59 18.14 -1.39
CA HIS B 275 -28.66 17.34 -2.11
C HIS B 275 -30.00 17.18 -1.40
N THR B 276 -31.05 16.92 -2.18
CA THR B 276 -32.29 16.44 -1.68
C THR B 276 -32.04 14.97 -1.25
N PHE B 277 -32.25 14.71 0.04
CA PHE B 277 -32.25 13.36 0.57
C PHE B 277 -33.73 13.04 0.91
N ARG B 278 -33.99 11.94 1.61
CA ARG B 278 -35.34 11.64 2.07
C ARG B 278 -35.30 11.31 3.55
N LEU B 279 -36.36 11.75 4.26
CA LEU B 279 -36.61 11.20 5.58
C LEU B 279 -37.63 10.13 5.40
N ILE B 280 -37.58 9.09 6.22
CA ILE B 280 -38.53 8.02 6.15
C ILE B 280 -39.08 7.80 7.58
N ASN B 281 -40.40 7.71 7.77
CA ASN B 281 -40.96 7.56 9.13
C ASN B 281 -41.36 6.16 9.34
N ALA B 282 -41.87 5.88 10.53
CA ALA B 282 -42.25 4.52 10.89
C ALA B 282 -43.30 3.93 9.95
N GLU B 283 -44.21 4.73 9.44
CA GLU B 283 -45.19 4.26 8.42
C GLU B 283 -44.66 4.07 7.04
N GLY B 284 -43.38 4.40 6.80
CA GLY B 284 -42.74 4.26 5.49
C GLY B 284 -43.01 5.49 4.64
N LYS B 285 -43.59 6.54 5.19
CA LYS B 285 -43.79 7.74 4.36
C LYS B 285 -42.45 8.45 4.07
N ALA B 286 -42.20 8.85 2.80
CA ALA B 286 -40.96 9.56 2.45
C ALA B 286 -41.27 11.06 2.32
N THR B 287 -40.40 11.88 2.88
CA THR B 287 -40.45 13.32 2.69
C THR B 287 -39.10 13.73 2.15
N PHE B 288 -39.07 14.62 1.17
CA PHE B 288 -37.78 15.09 0.66
C PHE B 288 -37.24 16.09 1.66
N VAL B 289 -35.92 16.11 1.81
CA VAL B 289 -35.31 17.04 2.76
C VAL B 289 -34.00 17.63 2.19
N ARG B 290 -33.77 18.90 2.50
CA ARG B 290 -32.43 19.42 2.30
C ARG B 290 -31.94 19.94 3.65
N PHE B 291 -30.66 19.69 3.94
CA PHE B 291 -30.12 19.96 5.24
C PHE B 291 -29.42 21.29 5.31
N HIS B 292 -29.52 21.95 6.48
CA HIS B 292 -28.88 23.25 6.71
C HIS B 292 -28.22 23.29 8.07
N TRP B 293 -27.09 24.01 8.13
CA TRP B 293 -26.55 24.36 9.43
C TRP B 293 -26.53 25.88 9.52
N LYS B 294 -27.11 26.42 10.61
CA LYS B 294 -27.23 27.87 10.81
C LYS B 294 -26.27 28.25 11.93
N PRO B 295 -25.26 29.09 11.64
CA PRO B 295 -24.25 29.43 12.67
C PRO B 295 -24.83 30.36 13.74
N LEU B 296 -24.79 29.95 15.00
CA LEU B 296 -25.34 30.79 16.04
C LEU B 296 -24.45 32.03 16.33
N ALA B 297 -23.21 32.02 15.87
CA ALA B 297 -22.34 33.18 15.94
C ALA B 297 -22.59 34.17 14.77
N GLY B 298 -23.57 33.88 13.92
CA GLY B 298 -23.90 34.76 12.81
C GLY B 298 -22.99 34.55 11.57
N LYS B 299 -23.33 35.21 10.46
CA LYS B 299 -22.57 35.01 9.19
C LYS B 299 -21.61 36.17 9.11
N ALA B 300 -20.36 35.89 8.75
CA ALA B 300 -19.39 36.97 8.55
C ALA B 300 -18.28 36.48 7.66
N SER B 301 -17.84 37.34 6.78
CA SER B 301 -16.68 37.04 5.93
C SER B 301 -15.66 38.19 5.93
N LEU B 302 -14.44 37.86 5.49
CA LEU B 302 -13.33 38.80 5.30
C LEU B 302 -13.64 39.56 3.99
N VAL B 303 -12.76 40.50 3.63
CA VAL B 303 -12.71 41.10 2.29
C VAL B 303 -11.48 40.60 1.58
N TRP B 304 -11.49 40.70 0.26
CA TRP B 304 -10.52 39.96 -0.52
C TRP B 304 -9.08 40.33 -0.17
N ASP B 305 -8.76 41.63 -0.20
CA ASP B 305 -7.37 42.03 0.07
C ASP B 305 -6.86 41.41 1.41
N GLU B 306 -7.75 41.46 2.41
CA GLU B 306 -7.46 41.04 3.82
C GLU B 306 -7.24 39.50 3.83
N ALA B 307 -8.17 38.78 3.23
CA ALA B 307 -8.03 37.33 3.09
C ALA B 307 -6.74 36.95 2.41
N GLN B 308 -6.42 37.60 1.31
CA GLN B 308 -5.19 37.20 0.61
C GLN B 308 -3.92 37.49 1.38
N LYS B 309 -3.86 38.66 1.98
CA LYS B 309 -2.74 38.99 2.76
C LYS B 309 -2.64 38.03 3.95
N LEU B 310 -3.79 37.67 4.51
CA LEU B 310 -3.83 36.74 5.64
C LEU B 310 -3.25 35.34 5.31
N THR B 311 -3.38 34.93 4.07
CA THR B 311 -2.77 33.64 3.68
C THR B 311 -1.23 33.66 3.85
N GLY B 312 -0.62 34.86 3.69
CA GLY B 312 0.80 35.10 3.94
C GLY B 312 1.10 35.34 5.44
N ARG B 313 0.30 36.17 6.13
CA ARG B 313 0.64 36.47 7.52
C ARG B 313 0.37 35.32 8.48
N ASP B 314 -0.70 34.55 8.22
CA ASP B 314 -1.07 33.40 9.06
C ASP B 314 -1.87 32.39 8.25
N PRO B 315 -1.17 31.51 7.49
CA PRO B 315 -1.89 30.54 6.63
C PRO B 315 -2.64 29.58 7.51
N ASP B 316 -2.42 29.63 8.85
CA ASP B 316 -3.17 28.70 9.72
C ASP B 316 -4.31 29.39 10.43
N PHE B 317 -4.68 30.59 9.95
CA PHE B 317 -5.69 31.44 10.66
C PHE B 317 -6.98 30.74 11.10
N HIS B 318 -7.64 30.01 10.17
CA HIS B 318 -8.92 29.41 10.57
C HIS B 318 -8.74 28.20 11.51
N ARG B 319 -7.68 27.40 11.27
CA ARG B 319 -7.39 26.27 12.14
C ARG B 319 -7.14 26.79 13.56
N ARG B 320 -6.35 27.86 13.64
CA ARG B 320 -5.99 28.46 14.93
C ARG B 320 -7.21 29.03 15.64
N GLU B 321 -8.00 29.82 14.92
CA GLU B 321 -9.17 30.52 15.44
C GLU B 321 -10.21 29.49 16.00
N LEU B 322 -10.37 28.33 15.32
CA LEU B 322 -11.30 27.28 15.77
C LEU B 322 -10.77 26.66 17.08
N TRP B 323 -9.51 26.25 17.07
CA TRP B 323 -8.88 25.62 18.23
C TRP B 323 -8.95 26.58 19.45
N GLU B 324 -8.60 27.84 19.22
CA GLU B 324 -8.60 28.78 20.33
C GLU B 324 -10.00 29.17 20.83
N ALA B 325 -10.96 29.24 19.92
CA ALA B 325 -12.40 29.45 20.33
C ALA B 325 -12.84 28.36 21.25
N ILE B 326 -12.49 27.12 20.90
CA ILE B 326 -12.87 26.03 21.80
C ILE B 326 -12.14 26.10 23.13
N GLU B 327 -10.86 26.46 23.09
CA GLU B 327 -10.10 26.56 24.34
C GLU B 327 -10.63 27.62 25.27
N ALA B 328 -11.15 28.69 24.68
CA ALA B 328 -11.69 29.82 25.39
C ALA B 328 -13.14 29.62 25.88
N GLY B 329 -13.85 28.58 25.45
CA GLY B 329 -15.26 28.41 25.84
C GLY B 329 -16.20 29.07 24.87
N ASP B 330 -15.66 29.56 23.74
CA ASP B 330 -16.48 30.14 22.68
C ASP B 330 -16.90 29.03 21.72
N PHE B 331 -17.56 27.98 22.23
CA PHE B 331 -17.78 26.78 21.45
C PHE B 331 -18.55 27.11 20.19
N PRO B 332 -18.07 26.65 19.03
CA PRO B 332 -18.87 26.78 17.79
C PRO B 332 -20.25 26.13 17.93
N GLU B 333 -21.32 26.91 17.69
CA GLU B 333 -22.65 26.30 17.78
C GLU B 333 -23.40 26.48 16.49
N TYR B 334 -24.11 25.43 16.04
CA TYR B 334 -24.87 25.54 14.80
C TYR B 334 -26.24 24.87 15.05
N GLU B 335 -27.29 25.45 14.48
CA GLU B 335 -28.57 24.84 14.52
C GLU B 335 -28.80 24.04 13.24
N LEU B 336 -29.21 22.80 13.40
CA LEU B 336 -29.49 21.95 12.26
C LEU B 336 -30.89 22.35 11.80
N GLY B 337 -31.07 22.51 10.50
CA GLY B 337 -32.40 22.85 9.93
C GLY B 337 -32.74 21.97 8.76
N PHE B 338 -34.03 21.74 8.55
CA PHE B 338 -34.55 20.97 7.43
C PHE B 338 -35.51 21.80 6.55
N GLN B 339 -35.29 21.79 5.26
CA GLN B 339 -36.33 22.22 4.31
C GLN B 339 -37.02 20.96 3.91
N LEU B 340 -38.32 20.90 4.14
CA LEU B 340 -39.08 19.66 3.92
C LEU B 340 -40.07 19.87 2.75
N ILE B 341 -40.09 18.93 1.81
CA ILE B 341 -41.00 19.02 0.66
C ILE B 341 -41.73 17.70 0.56
N PRO B 342 -43.08 17.72 0.65
CA PRO B 342 -43.83 16.43 0.57
C PRO B 342 -43.57 15.74 -0.79
N GLU B 343 -43.76 14.41 -0.85
CA GLU B 343 -43.43 13.70 -2.09
C GLU B 343 -44.27 14.16 -3.28
N GLU B 344 -45.53 14.55 -3.05
CA GLU B 344 -46.42 15.00 -4.12
C GLU B 344 -46.07 16.37 -4.63
N ASP B 345 -45.15 17.05 -3.93
CA ASP B 345 -44.67 18.36 -4.37
C ASP B 345 -43.40 18.34 -5.24
N GLU B 346 -42.96 17.16 -5.64
CA GLU B 346 -41.75 16.95 -6.40
C GLU B 346 -41.62 17.89 -7.61
N PHE B 347 -42.74 18.10 -8.32
CA PHE B 347 -42.68 18.86 -9.57
C PHE B 347 -43.29 20.27 -9.47
N LYS B 348 -43.40 20.79 -8.25
CA LYS B 348 -44.10 22.05 -8.04
C LYS B 348 -43.25 23.33 -8.23
N PHE B 349 -41.96 23.15 -8.45
CA PHE B 349 -41.04 24.27 -8.65
C PHE B 349 -40.64 24.44 -10.10
N ASP B 350 -40.08 25.59 -10.48
CA ASP B 350 -39.71 25.69 -11.87
C ASP B 350 -38.22 25.23 -12.10
N PHE B 351 -37.65 24.57 -11.09
CA PHE B 351 -36.39 23.83 -11.18
C PHE B 351 -36.61 22.39 -10.62
N ASP B 352 -35.68 21.47 -10.94
CA ASP B 352 -35.77 20.12 -10.55
C ASP B 352 -35.19 19.95 -9.16
N LEU B 353 -35.94 19.30 -8.26
CA LEU B 353 -35.47 19.10 -6.88
C LEU B 353 -34.18 18.23 -6.84
N LEU B 354 -33.98 17.46 -7.90
CA LEU B 354 -32.81 16.58 -7.96
C LEU B 354 -31.55 17.22 -8.56
N ASP B 355 -31.64 18.48 -9.02
CA ASP B 355 -30.53 19.17 -9.71
C ASP B 355 -29.65 19.89 -8.65
N PRO B 356 -28.40 19.40 -8.42
CA PRO B 356 -27.67 19.96 -7.26
C PRO B 356 -27.03 21.31 -7.63
N THR B 357 -27.32 21.88 -8.80
CA THR B 357 -26.86 23.26 -9.11
C THR B 357 -27.99 24.28 -8.79
N LYS B 358 -29.13 23.75 -8.31
CA LYS B 358 -30.29 24.56 -7.94
C LYS B 358 -30.45 24.60 -6.43
N LEU B 359 -30.74 25.81 -5.87
CA LEU B 359 -31.11 25.91 -4.43
C LEU B 359 -32.62 25.97 -4.28
N ILE B 360 -33.09 25.66 -3.05
CA ILE B 360 -34.50 25.82 -2.66
C ILE B 360 -34.56 27.14 -1.89
N PRO B 361 -35.14 28.21 -2.49
CA PRO B 361 -35.16 29.49 -1.73
C PRO B 361 -35.94 29.30 -0.45
N GLU B 362 -35.44 29.85 0.65
CA GLU B 362 -36.11 29.69 1.93
C GLU B 362 -37.44 30.42 1.88
N GLU B 363 -37.57 31.44 1.00
CA GLU B 363 -38.89 32.11 0.86
C GLU B 363 -39.95 31.15 0.39
N LEU B 364 -39.57 30.15 -0.41
CA LEU B 364 -40.50 29.12 -0.87
C LEU B 364 -40.64 27.99 0.10
N VAL B 365 -39.54 27.48 0.65
CA VAL B 365 -39.61 26.37 1.63
C VAL B 365 -38.80 26.79 2.83
N PRO B 366 -39.47 27.12 3.95
CA PRO B 366 -38.67 27.57 5.08
C PRO B 366 -37.84 26.44 5.74
N VAL B 367 -36.78 26.87 6.38
CA VAL B 367 -35.91 25.96 7.10
C VAL B 367 -36.57 25.69 8.47
N GLN B 368 -36.92 24.44 8.75
CA GLN B 368 -37.42 24.08 10.09
C GLN B 368 -36.21 23.81 11.07
N ARG B 369 -36.14 24.49 12.20
CA ARG B 369 -35.00 24.37 13.13
C ARG B 369 -35.20 23.13 13.99
N VAL B 370 -34.23 22.22 13.99
CA VAL B 370 -34.45 20.83 14.47
C VAL B 370 -33.57 20.43 15.67
N GLY B 371 -32.39 21.05 15.83
CA GLY B 371 -31.51 20.71 17.02
C GLY B 371 -30.27 21.61 16.99
N LYS B 372 -29.40 21.45 17.96
CA LYS B 372 -28.22 22.32 18.06
C LYS B 372 -27.04 21.42 18.25
N MET B 373 -25.99 21.70 17.49
CA MET B 373 -24.69 21.06 17.66
C MET B 373 -23.72 22.06 18.28
N VAL B 374 -22.88 21.56 19.22
CA VAL B 374 -21.89 22.37 19.96
C VAL B 374 -20.56 21.67 19.87
N LEU B 375 -19.55 22.39 19.43
CA LEU B 375 -18.17 21.88 19.36
C LEU B 375 -17.39 22.33 20.57
N ASN B 376 -17.09 21.38 21.46
CA ASN B 376 -16.53 21.77 22.76
C ASN B 376 -15.24 21.11 23.12
N ARG B 377 -14.63 20.34 22.21
CA ARG B 377 -13.30 19.80 22.60
C ARG B 377 -12.40 19.58 21.44
N ASN B 378 -11.13 20.03 21.51
CA ASN B 378 -10.20 19.79 20.39
C ASN B 378 -9.67 18.36 20.44
N PRO B 379 -9.15 17.85 19.31
CA PRO B 379 -8.50 16.54 19.40
C PRO B 379 -7.25 16.54 20.29
N ASP B 380 -6.70 15.35 20.54
CA ASP B 380 -5.39 15.20 21.20
C ASP B 380 -4.26 15.18 20.15
N ASN B 381 -4.48 14.39 19.08
CA ASN B 381 -3.43 14.26 18.07
C ASN B 381 -4.08 14.52 16.70
N PHE B 382 -3.62 15.60 16.01
CA PHE B 382 -4.22 15.99 14.79
C PHE B 382 -4.21 14.84 13.75
N PHE B 383 -3.03 14.24 13.53
CA PHE B 383 -2.96 13.18 12.49
C PHE B 383 -3.90 12.04 12.86
N ALA B 384 -3.87 11.58 14.11
CA ALA B 384 -4.58 10.29 14.41
C ALA B 384 -6.12 10.51 14.34
N GLU B 385 -6.57 11.71 14.71
CA GLU B 385 -8.03 12.00 14.78
C GLU B 385 -8.54 12.77 13.58
N ASN B 386 -7.83 13.82 13.18
CA ASN B 386 -8.33 14.62 12.07
C ASN B 386 -7.86 13.99 10.76
N GLU B 387 -6.55 13.82 10.58
CA GLU B 387 -6.12 13.39 9.21
C GLU B 387 -6.69 11.98 8.80
N GLN B 388 -6.85 11.06 9.76
CA GLN B 388 -7.33 9.70 9.48
C GLN B 388 -8.85 9.58 9.50
N ALA B 389 -9.58 10.66 9.90
CA ALA B 389 -11.08 10.59 9.89
C ALA B 389 -11.60 10.36 8.46
N ALA B 390 -12.58 9.46 8.32
CA ALA B 390 -13.18 9.18 7.00
C ALA B 390 -14.70 9.51 7.09
N PHE B 391 -15.13 10.50 6.34
CA PHE B 391 -16.58 10.83 6.32
C PHE B 391 -17.11 10.33 4.94
N HIS B 392 -18.39 9.90 4.84
CA HIS B 392 -18.89 9.57 3.51
C HIS B 392 -20.40 9.73 3.55
N PRO B 393 -20.97 10.42 2.55
CA PRO B 393 -22.45 10.64 2.59
C PRO B 393 -23.35 9.40 2.40
N GLY B 394 -22.81 8.29 1.99
CA GLY B 394 -23.60 7.06 1.91
C GLY B 394 -23.72 6.47 3.31
N HIS B 395 -22.99 7.02 4.27
CA HIS B 395 -23.12 6.55 5.68
C HIS B 395 -24.43 7.08 6.25
N ILE B 396 -25.54 6.41 5.93
CA ILE B 396 -26.82 6.84 6.48
C ILE B 396 -27.38 5.86 7.50
N VAL B 397 -28.51 6.19 8.13
CA VAL B 397 -29.09 5.25 9.13
C VAL B 397 -30.56 5.08 8.78
N PRO B 398 -31.20 4.04 9.34
CA PRO B 398 -32.64 3.88 9.08
C PRO B 398 -33.41 5.13 9.52
N GLY B 399 -34.33 5.59 8.66
CA GLY B 399 -35.06 6.80 8.86
C GLY B 399 -34.51 7.88 7.88
N LEU B 400 -33.44 7.61 7.17
CA LEU B 400 -32.98 8.48 6.05
C LEU B 400 -32.85 7.63 4.81
N ASP B 401 -32.83 8.29 3.66
CA ASP B 401 -32.57 7.57 2.40
C ASP B 401 -32.12 8.54 1.33
N PHE B 402 -31.67 8.01 0.17
CA PHE B 402 -31.09 8.87 -0.90
C PHE B 402 -32.20 9.32 -1.84
N THR B 403 -31.83 10.00 -2.94
CA THR B 403 -32.72 10.28 -4.07
C THR B 403 -31.83 10.06 -5.31
N ASN B 404 -32.40 10.29 -6.49
CA ASN B 404 -31.73 10.04 -7.76
C ASN B 404 -30.86 11.23 -8.21
N ASP B 405 -30.69 12.25 -7.36
CA ASP B 405 -29.75 13.31 -7.65
C ASP B 405 -28.47 12.67 -8.25
N PRO B 406 -28.13 12.98 -9.55
CA PRO B 406 -27.07 12.22 -10.24
C PRO B 406 -25.65 12.57 -9.72
N LEU B 407 -25.52 13.68 -9.00
CA LEU B 407 -24.24 13.97 -8.28
C LEU B 407 -24.10 13.15 -7.01
N LEU B 408 -25.14 13.16 -6.17
CA LEU B 408 -25.16 12.33 -4.97
C LEU B 408 -24.95 10.89 -5.39
N GLN B 409 -25.65 10.42 -6.41
CA GLN B 409 -25.55 9.01 -6.80
C GLN B 409 -24.08 8.56 -7.00
N GLY B 410 -23.29 9.36 -7.72
CA GLY B 410 -21.87 8.98 -7.90
C GLY B 410 -20.99 9.21 -6.68
N ARG B 411 -21.29 10.23 -5.87
CA ARG B 411 -20.61 10.35 -4.55
C ARG B 411 -20.64 9.02 -3.81
N LEU B 412 -21.75 8.30 -3.86
CA LEU B 412 -21.90 7.05 -3.02
C LEU B 412 -20.77 6.05 -3.36
N PHE B 413 -20.36 6.03 -4.64
CA PHE B 413 -19.23 5.16 -5.02
C PHE B 413 -17.90 5.66 -4.45
N SER B 414 -17.64 6.96 -4.57
CA SER B 414 -16.30 7.53 -4.37
C SER B 414 -15.86 7.47 -2.88
N TYR B 415 -16.72 7.82 -1.90
CA TYR B 415 -16.16 7.99 -0.54
C TYR B 415 -15.78 6.67 0.09
N THR B 416 -16.28 5.54 -0.44
CA THR B 416 -15.84 4.22 0.10
C THR B 416 -14.51 3.84 -0.62
N ASP B 417 -14.56 3.89 -1.93
CA ASP B 417 -13.43 3.50 -2.75
C ASP B 417 -12.16 4.28 -2.33
N THR B 418 -12.23 5.61 -2.21
CA THR B 418 -10.99 6.43 -1.94
C THR B 418 -10.21 6.04 -0.67
N GLN B 419 -10.89 5.47 0.32
CA GLN B 419 -10.26 5.09 1.60
C GLN B 419 -9.34 3.88 1.48
N ILE B 420 -9.55 3.00 0.49
CA ILE B 420 -8.62 1.91 0.30
C ILE B 420 -7.15 2.35 0.06
N SER B 421 -6.89 3.48 -0.63
CA SER B 421 -5.51 3.91 -0.70
C SER B 421 -5.24 4.87 0.47
N ARG B 422 -6.16 5.80 0.72
CA ARG B 422 -5.88 6.87 1.72
C ARG B 422 -5.61 6.29 3.09
N LEU B 423 -6.42 5.30 3.49
CA LEU B 423 -6.32 4.73 4.84
C LEU B 423 -5.86 3.30 4.83
N GLY B 424 -5.38 2.87 3.66
CA GLY B 424 -4.58 1.67 3.61
C GLY B 424 -5.37 0.37 3.50
N GLY B 425 -6.69 0.39 3.44
CA GLY B 425 -7.38 -0.90 3.27
C GLY B 425 -8.81 -0.77 3.81
N PRO B 426 -9.53 -1.91 3.82
CA PRO B 426 -10.96 -1.88 4.06
C PRO B 426 -11.29 -1.90 5.52
N ASN B 427 -10.25 -1.93 6.39
CA ASN B 427 -10.58 -1.83 7.83
C ASN B 427 -10.48 -0.41 8.38
N PHE B 428 -10.77 0.63 7.57
CA PHE B 428 -10.62 1.99 8.11
C PHE B 428 -11.62 2.33 9.19
N HIS B 429 -12.74 1.57 9.29
CA HIS B 429 -13.69 1.77 10.37
C HIS B 429 -13.09 1.33 11.71
N GLU B 430 -11.94 0.63 11.74
CA GLU B 430 -11.39 0.22 13.03
C GLU B 430 -10.37 1.27 13.53
N ILE B 431 -10.01 2.24 12.67
CA ILE B 431 -9.21 3.40 13.11
C ILE B 431 -10.05 4.13 14.19
N PRO B 432 -9.49 4.35 15.40
CA PRO B 432 -10.33 4.76 16.51
C PRO B 432 -11.32 5.89 16.19
N ILE B 433 -10.89 6.98 15.57
CA ILE B 433 -11.85 8.10 15.39
C ILE B 433 -13.04 7.60 14.55
N ASN B 434 -12.82 6.61 13.66
CA ASN B 434 -13.92 6.23 12.77
C ASN B 434 -14.86 5.17 13.36
N ARG B 435 -14.49 4.59 14.50
CA ARG B 435 -15.31 3.50 15.01
C ARG B 435 -16.71 3.99 15.43
N PRO B 436 -17.75 3.20 15.14
CA PRO B 436 -19.09 3.54 15.63
C PRO B 436 -19.05 3.31 17.12
N THR B 437 -19.88 4.04 17.87
CA THR B 437 -20.15 3.68 19.27
C THR B 437 -21.30 2.63 19.29
N ALA B 438 -22.13 2.58 18.25
CA ALA B 438 -23.12 1.47 18.11
C ALA B 438 -22.42 0.13 17.94
N PRO B 439 -23.09 -0.96 18.32
CA PRO B 439 -22.52 -2.32 18.08
C PRO B 439 -22.30 -2.53 16.57
N TYR B 440 -21.23 -3.25 16.19
CA TYR B 440 -21.10 -3.69 14.82
C TYR B 440 -20.63 -5.15 14.84
N HIS B 441 -21.35 -6.00 14.10
CA HIS B 441 -21.03 -7.43 14.06
C HIS B 441 -21.40 -7.91 12.66
N ASN B 442 -20.52 -8.63 12.00
CA ASN B 442 -20.95 -9.14 10.65
C ASN B 442 -19.95 -10.26 10.29
N PHE B 443 -19.99 -10.72 9.03
CA PHE B 443 -19.16 -11.92 8.64
C PHE B 443 -17.97 -11.50 7.79
N GLN B 444 -17.66 -10.21 7.79
CA GLN B 444 -16.52 -9.71 7.02
C GLN B 444 -15.25 -10.03 7.84
N ARG B 445 -14.21 -10.45 7.14
CA ARG B 445 -12.92 -10.89 7.83
C ARG B 445 -11.68 -10.34 7.12
N ASP B 446 -10.57 -10.32 7.87
CA ASP B 446 -9.19 -10.08 7.29
C ASP B 446 -9.06 -8.66 6.77
N GLY B 447 -8.28 -8.48 5.69
CA GLY B 447 -7.90 -7.12 5.22
C GLY B 447 -6.70 -6.62 6.02
N MET B 448 -5.95 -5.71 5.40
CA MET B 448 -4.76 -5.13 6.04
C MET B 448 -5.11 -4.50 7.39
N HIS B 449 -4.21 -4.82 8.34
N HIS B 449 -4.23 -4.52 8.37
CA HIS B 449 -4.17 -4.28 9.76
CA HIS B 449 -4.53 -3.74 9.60
C HIS B 449 -5.51 -4.40 10.45
C HIS B 449 -5.77 -4.29 10.36
N ARG B 450 -5.98 -5.62 10.38
CA ARG B 450 -7.19 -6.10 10.99
C ARG B 450 -6.99 -6.10 12.50
N MET B 451 -7.83 -5.33 13.17
CA MET B 451 -7.77 -5.21 14.61
C MET B 451 -8.72 -6.20 15.31
N GLY B 452 -9.96 -6.24 14.86
CA GLY B 452 -10.97 -7.09 15.56
C GLY B 452 -10.64 -8.54 15.36
N ILE B 453 -10.64 -9.31 16.48
CA ILE B 453 -10.39 -10.76 16.42
C ILE B 453 -11.72 -11.47 16.60
N ASP B 454 -12.26 -11.97 15.49
CA ASP B 454 -13.58 -12.60 15.53
C ASP B 454 -13.57 -14.00 16.14
N THR B 455 -14.44 -14.22 17.08
CA THR B 455 -14.57 -15.57 17.68
C THR B 455 -15.67 -16.39 17.05
N ASN B 456 -16.47 -15.76 16.18
CA ASN B 456 -17.64 -16.49 15.60
C ASN B 456 -17.10 -17.73 14.87
N PRO B 457 -17.64 -18.94 15.18
CA PRO B 457 -17.26 -20.14 14.41
C PRO B 457 -17.57 -19.98 12.91
N ALA B 458 -18.56 -19.17 12.61
CA ALA B 458 -19.00 -18.97 11.21
C ALA B 458 -18.47 -17.67 10.69
N ASN B 459 -18.06 -17.66 9.40
CA ASN B 459 -17.80 -16.42 8.71
C ASN B 459 -18.72 -16.25 7.48
N TYR B 460 -19.89 -16.91 7.55
CA TYR B 460 -20.81 -16.83 6.40
C TYR B 460 -22.24 -16.96 6.99
N GLU B 461 -23.23 -16.51 6.24
CA GLU B 461 -24.64 -16.82 6.61
C GLU B 461 -25.34 -17.14 5.28
N PRO B 462 -26.38 -18.00 5.29
CA PRO B 462 -26.93 -18.63 6.51
C PRO B 462 -25.93 -19.69 7.06
N ASN B 463 -25.89 -19.81 8.38
CA ASN B 463 -25.06 -20.82 9.00
C ASN B 463 -25.88 -21.52 10.12
N SER B 464 -25.60 -22.80 10.36
CA SER B 464 -26.17 -23.51 11.50
C SER B 464 -25.18 -23.54 12.67
N ILE B 465 -23.87 -23.44 12.37
CA ILE B 465 -22.84 -23.75 13.37
C ILE B 465 -22.80 -22.67 14.45
N ASN B 466 -23.31 -21.47 14.12
CA ASN B 466 -23.46 -20.41 15.16
C ASN B 466 -24.91 -20.03 15.33
N ASP B 467 -25.85 -20.94 14.99
CA ASP B 467 -27.30 -20.63 15.01
C ASP B 467 -27.67 -19.33 14.23
N ASN B 468 -26.92 -19.13 13.15
CA ASN B 468 -27.09 -18.02 12.22
C ASN B 468 -26.77 -16.59 12.73
N TRP B 469 -26.09 -16.49 13.89
CA TRP B 469 -25.76 -15.18 14.47
C TRP B 469 -24.42 -14.72 13.87
N PRO B 470 -24.24 -13.40 13.73
CA PRO B 470 -25.24 -12.37 13.92
C PRO B 470 -26.36 -12.40 12.81
N ARG B 471 -27.59 -12.09 13.23
CA ARG B 471 -28.79 -12.23 12.40
C ARG B 471 -29.33 -10.92 11.84
N GLU B 472 -29.86 -11.00 10.61
CA GLU B 472 -30.64 -9.94 10.00
C GLU B 472 -31.80 -9.52 10.91
N THR B 473 -32.21 -8.26 10.72
CA THR B 473 -33.31 -7.65 11.50
C THR B 473 -34.30 -6.95 10.53
N PRO B 474 -35.61 -7.29 10.59
CA PRO B 474 -36.61 -6.67 9.73
C PRO B 474 -36.66 -5.13 9.98
N PRO B 475 -36.96 -4.35 8.93
CA PRO B 475 -37.16 -2.94 9.15
C PRO B 475 -38.28 -2.72 10.17
N GLY B 476 -38.22 -1.64 10.91
CA GLY B 476 -39.29 -1.38 11.88
C GLY B 476 -39.15 0.04 12.42
N PRO B 477 -40.01 0.40 13.38
CA PRO B 477 -40.03 1.79 13.84
C PRO B 477 -38.80 2.20 14.65
N LYS B 478 -38.06 1.24 15.23
CA LYS B 478 -36.89 1.54 16.10
C LYS B 478 -36.03 0.31 16.10
N ARG B 479 -34.70 0.48 16.10
CA ARG B 479 -33.78 -0.68 16.11
C ARG B 479 -34.02 -1.71 15.00
N GLY B 480 -34.52 -1.26 13.85
CA GLY B 480 -34.80 -2.20 12.76
C GLY B 480 -33.69 -2.15 11.72
N GLY B 481 -33.66 -3.16 10.85
CA GLY B 481 -32.69 -3.14 9.76
C GLY B 481 -33.06 -2.17 8.64
N PHE B 482 -32.05 -1.83 7.82
CA PHE B 482 -32.17 -0.84 6.80
C PHE B 482 -32.87 -1.42 5.56
N GLU B 483 -33.91 -0.75 5.12
CA GLU B 483 -34.60 -1.10 3.87
C GLU B 483 -34.79 0.14 3.05
N SER B 484 -34.38 0.09 1.79
CA SER B 484 -34.56 1.23 0.92
C SER B 484 -36.04 1.51 0.68
N TYR B 485 -36.35 2.83 0.59
CA TYR B 485 -37.65 3.32 0.16
C TYR B 485 -37.92 2.82 -1.25
N GLN B 486 -39.12 2.28 -1.47
CA GLN B 486 -39.38 1.50 -2.71
C GLN B 486 -39.83 2.40 -3.80
N GLU B 487 -38.95 3.33 -4.19
CA GLU B 487 -39.18 4.33 -5.24
C GLU B 487 -39.41 3.64 -6.58
N ARG B 488 -40.35 4.16 -7.38
CA ARG B 488 -40.64 3.54 -8.66
C ARG B 488 -39.63 4.03 -9.69
N VAL B 489 -39.04 3.10 -10.44
CA VAL B 489 -38.07 3.46 -11.46
C VAL B 489 -38.62 3.06 -12.81
N GLU B 490 -38.70 3.98 -13.74
CA GLU B 490 -39.19 3.64 -15.05
C GLU B 490 -38.39 4.43 -16.05
N GLY B 491 -37.68 3.73 -16.94
CA GLY B 491 -37.01 4.43 -18.05
C GLY B 491 -36.03 3.52 -18.70
N ASN B 492 -35.41 3.98 -19.79
CA ASN B 492 -34.43 3.12 -20.41
C ASN B 492 -33.03 3.39 -19.87
N LYS B 493 -32.17 2.42 -20.04
CA LYS B 493 -30.76 2.60 -19.63
C LYS B 493 -30.13 3.64 -20.55
N VAL B 494 -29.91 4.87 -20.03
CA VAL B 494 -29.36 5.93 -20.83
C VAL B 494 -28.27 6.72 -20.08
N ARG B 495 -27.32 7.25 -20.89
CA ARG B 495 -26.39 8.26 -20.41
C ARG B 495 -26.90 9.59 -20.96
N GLU B 496 -27.76 10.24 -20.21
CA GLU B 496 -28.51 11.42 -20.72
C GLU B 496 -28.86 12.34 -19.60
N ARG B 497 -28.66 13.64 -19.80
CA ARG B 497 -28.92 14.60 -18.70
C ARG B 497 -30.40 14.93 -18.80
N SER B 498 -31.10 15.01 -17.67
CA SER B 498 -32.52 15.37 -17.76
C SER B 498 -32.71 16.76 -18.37
N PRO B 499 -33.62 16.86 -19.34
CA PRO B 499 -33.96 18.16 -19.93
C PRO B 499 -34.32 19.17 -18.84
N SER B 500 -34.91 18.71 -17.77
CA SER B 500 -35.27 19.61 -16.66
C SER B 500 -34.05 20.27 -15.97
N PHE B 501 -32.84 19.72 -16.15
CA PHE B 501 -31.62 20.34 -15.57
C PHE B 501 -31.03 21.44 -16.47
N GLY B 502 -31.64 21.69 -17.63
CA GLY B 502 -30.98 22.48 -18.70
C GLY B 502 -31.18 23.98 -18.55
N GLU B 503 -31.20 24.49 -17.33
CA GLU B 503 -31.40 25.92 -17.15
C GLU B 503 -30.35 26.34 -16.12
N TYR B 504 -29.57 27.33 -16.52
CA TYR B 504 -28.26 27.69 -15.85
C TYR B 504 -28.14 29.11 -15.30
N TYR B 505 -29.08 30.00 -15.66
CA TYR B 505 -28.88 31.43 -15.35
C TYR B 505 -29.83 31.98 -14.29
N SER B 506 -31.00 31.36 -14.08
CA SER B 506 -32.00 31.97 -13.17
C SER B 506 -31.58 31.96 -11.72
N HIS B 507 -30.89 30.90 -11.31
CA HIS B 507 -30.39 30.83 -9.94
C HIS B 507 -29.21 31.79 -9.66
N PRO B 508 -28.24 31.89 -10.61
CA PRO B 508 -27.19 32.88 -10.47
C PRO B 508 -27.83 34.28 -10.30
N ARG B 509 -28.92 34.52 -11.05
CA ARG B 509 -29.51 35.87 -11.13
C ARG B 509 -30.22 36.10 -9.79
N LEU B 510 -30.95 35.09 -9.30
CA LEU B 510 -31.64 35.27 -8.02
C LEU B 510 -30.59 35.56 -6.92
N PHE B 511 -29.45 34.84 -6.98
CA PHE B 511 -28.45 35.06 -5.92
C PHE B 511 -27.93 36.50 -6.02
N TRP B 512 -27.61 36.90 -7.24
CA TRP B 512 -27.10 38.22 -7.50
C TRP B 512 -28.07 39.32 -6.96
N LEU B 513 -29.34 39.21 -7.32
CA LEU B 513 -30.33 40.24 -6.93
C LEU B 513 -30.62 40.27 -5.42
N SER B 514 -30.20 39.21 -4.72
CA SER B 514 -30.46 39.08 -3.28
C SER B 514 -29.33 39.70 -2.44
N GLN B 515 -28.24 40.13 -3.08
CA GLN B 515 -27.05 40.67 -2.37
C GLN B 515 -27.20 42.17 -2.14
N THR B 516 -26.61 42.69 -1.06
CA THR B 516 -26.51 44.18 -0.81
C THR B 516 -25.63 44.81 -1.90
N PRO B 517 -25.74 46.13 -2.07
CA PRO B 517 -24.91 46.74 -3.13
C PRO B 517 -23.40 46.51 -2.87
N PHE B 518 -22.97 46.57 -1.62
CA PHE B 518 -21.56 46.28 -1.30
C PHE B 518 -21.20 44.80 -1.54
N GLU B 519 -22.10 43.85 -1.24
CA GLU B 519 -21.84 42.42 -1.63
C GLU B 519 -21.75 42.28 -3.16
N GLN B 520 -22.63 42.97 -3.91
CA GLN B 520 -22.51 42.97 -5.39
C GLN B 520 -21.14 43.49 -5.90
N ARG B 521 -20.66 44.61 -5.37
CA ARG B 521 -19.33 45.19 -5.73
C ARG B 521 -18.21 44.14 -5.45
N HIS B 522 -18.30 43.46 -4.32
CA HIS B 522 -17.28 42.40 -3.99
C HIS B 522 -17.32 41.23 -4.94
N ILE B 523 -18.53 40.88 -5.41
CA ILE B 523 -18.66 39.80 -6.44
C ILE B 523 -18.01 40.25 -7.75
N VAL B 524 -18.30 41.50 -8.13
CA VAL B 524 -17.69 42.05 -9.36
C VAL B 524 -16.18 42.04 -9.24
N ASP B 525 -15.70 42.47 -8.10
CA ASP B 525 -14.27 42.51 -7.91
C ASP B 525 -13.67 41.12 -7.90
N GLY B 526 -14.42 40.17 -7.35
CA GLY B 526 -13.96 38.73 -7.34
C GLY B 526 -13.80 38.27 -8.79
N PHE B 527 -14.85 38.37 -9.58
CA PHE B 527 -14.68 37.94 -11.02
C PHE B 527 -13.58 38.75 -11.70
N SER B 528 -13.50 40.06 -11.45
CA SER B 528 -12.48 40.90 -12.15
C SER B 528 -11.07 40.50 -11.80
N PHE B 529 -10.82 40.31 -10.52
CA PHE B 529 -9.49 39.88 -10.05
C PHE B 529 -9.10 38.52 -10.66
N GLU B 530 -10.01 37.54 -10.57
CA GLU B 530 -9.68 36.19 -11.09
C GLU B 530 -9.50 36.20 -12.56
N LEU B 531 -10.37 36.93 -13.27
CA LEU B 531 -10.25 36.88 -14.73
C LEU B 531 -8.98 37.59 -15.19
N SER B 532 -8.51 38.62 -14.44
CA SER B 532 -7.24 39.33 -14.78
C SER B 532 -6.04 38.38 -14.74
N LYS B 533 -6.21 37.25 -14.06
CA LYS B 533 -5.14 36.23 -13.88
C LYS B 533 -5.21 35.13 -14.90
N VAL B 534 -6.23 35.16 -15.74
CA VAL B 534 -6.37 34.22 -16.84
C VAL B 534 -5.56 34.83 -18.01
N VAL B 535 -4.54 34.11 -18.46
CA VAL B 535 -3.58 34.63 -19.41
C VAL B 535 -4.20 34.67 -20.83
N ARG B 536 -5.04 33.69 -21.16
CA ARG B 536 -5.68 33.65 -22.50
C ARG B 536 -6.91 34.57 -22.57
N PRO B 537 -6.81 35.67 -23.33
CA PRO B 537 -7.89 36.62 -23.19
C PRO B 537 -9.24 36.10 -23.68
N TYR B 538 -9.28 35.20 -24.68
CA TYR B 538 -10.60 34.74 -25.15
C TYR B 538 -11.39 34.06 -24.02
N ILE B 539 -10.68 33.51 -23.02
CA ILE B 539 -11.39 32.82 -21.94
C ILE B 539 -12.11 33.88 -21.14
N ARG B 540 -11.41 34.99 -20.86
CA ARG B 540 -12.08 36.09 -20.11
C ARG B 540 -13.33 36.52 -20.88
N GLU B 541 -13.18 36.74 -22.17
CA GLU B 541 -14.28 37.19 -23.02
C GLU B 541 -15.49 36.25 -22.98
N ARG B 542 -15.19 34.94 -23.02
CA ARG B 542 -16.27 33.93 -22.97
C ARG B 542 -17.01 33.93 -21.63
N VAL B 543 -16.28 34.20 -20.54
CA VAL B 543 -16.91 34.30 -19.19
C VAL B 543 -17.79 35.56 -19.09
N VAL B 544 -17.30 36.69 -19.58
CA VAL B 544 -18.11 37.92 -19.64
C VAL B 544 -19.41 37.66 -20.46
N ASP B 545 -19.32 36.98 -21.59
CA ASP B 545 -20.55 36.57 -22.30
C ASP B 545 -21.56 35.78 -21.42
N GLN B 546 -21.04 34.81 -20.67
CA GLN B 546 -21.91 34.11 -19.69
C GLN B 546 -22.53 35.05 -18.69
N LEU B 547 -21.74 35.98 -18.16
CA LEU B 547 -22.30 36.97 -17.21
C LEU B 547 -23.46 37.77 -17.79
N ALA B 548 -23.36 38.07 -19.08
CA ALA B 548 -24.39 38.85 -19.74
C ALA B 548 -25.70 38.08 -19.84
N HIS B 549 -25.62 36.75 -19.65
CA HIS B 549 -26.85 35.91 -19.63
C HIS B 549 -27.50 35.90 -18.24
N ILE B 550 -26.79 36.41 -17.26
CA ILE B 550 -27.24 36.44 -15.85
C ILE B 550 -27.79 37.82 -15.50
N ASP B 551 -26.95 38.83 -15.67
CA ASP B 551 -27.37 40.23 -15.38
C ASP B 551 -26.45 41.16 -16.09
N LEU B 552 -27.03 42.11 -16.81
CA LEU B 552 -26.22 43.06 -17.63
C LEU B 552 -25.31 43.97 -16.79
N THR B 553 -25.81 44.36 -15.63
CA THR B 553 -25.07 45.30 -14.79
C THR B 553 -23.80 44.63 -14.29
N LEU B 554 -23.97 43.41 -13.77
CA LEU B 554 -22.83 42.58 -13.40
C LEU B 554 -21.82 42.45 -14.58
N ALA B 555 -22.35 42.06 -15.74
CA ALA B 555 -21.53 41.86 -16.93
C ALA B 555 -20.77 43.13 -17.33
N GLN B 556 -21.46 44.28 -17.38
CA GLN B 556 -20.79 45.56 -17.68
C GLN B 556 -19.69 45.95 -16.72
N ALA B 557 -19.92 45.74 -15.42
CA ALA B 557 -18.95 46.10 -14.39
C ALA B 557 -17.70 45.26 -14.54
N VAL B 558 -17.85 43.94 -14.78
CA VAL B 558 -16.68 43.07 -14.86
C VAL B 558 -15.98 43.41 -16.14
N ALA B 559 -16.74 43.58 -17.21
CA ALA B 559 -16.14 43.93 -18.52
C ALA B 559 -15.30 45.21 -18.50
N LYS B 560 -15.81 46.23 -17.81
CA LYS B 560 -15.09 47.46 -17.60
C LYS B 560 -13.74 47.22 -16.97
N ASN B 561 -13.69 46.36 -15.93
CA ASN B 561 -12.42 46.10 -15.25
C ASN B 561 -11.42 45.32 -16.05
N LEU B 562 -11.93 44.69 -17.10
CA LEU B 562 -11.13 43.88 -17.96
C LEU B 562 -10.86 44.59 -19.28
N GLY B 563 -11.42 45.79 -19.48
CA GLY B 563 -11.18 46.51 -20.74
C GLY B 563 -11.80 45.79 -21.94
N ILE B 564 -12.94 45.17 -21.68
CA ILE B 564 -13.76 44.52 -22.68
C ILE B 564 -15.03 45.41 -22.82
N GLU B 565 -15.58 45.46 -24.04
CA GLU B 565 -16.80 46.20 -24.27
C GLU B 565 -17.85 45.18 -24.70
N LEU B 566 -19.03 45.20 -24.07
CA LEU B 566 -20.16 44.39 -24.52
C LEU B 566 -20.61 44.67 -25.96
N THR B 567 -20.87 43.63 -26.76
CA THR B 567 -21.47 43.87 -28.07
C THR B 567 -22.92 44.25 -27.94
N ASP B 568 -23.53 44.64 -29.06
CA ASP B 568 -24.97 44.91 -29.08
C ASP B 568 -25.87 43.75 -28.76
N ASP B 569 -25.51 42.60 -29.33
CA ASP B 569 -26.14 41.34 -29.01
C ASP B 569 -26.09 41.07 -27.49
N GLN B 570 -24.93 41.26 -26.87
CA GLN B 570 -24.81 41.02 -25.42
C GLN B 570 -25.67 42.01 -24.64
N LEU B 571 -25.64 43.30 -25.00
CA LEU B 571 -26.47 44.30 -24.34
C LEU B 571 -27.98 43.92 -24.37
N ASN B 572 -28.34 43.11 -25.36
CA ASN B 572 -29.72 42.74 -25.65
C ASN B 572 -30.18 41.36 -25.17
N ILE B 573 -29.34 40.61 -24.46
CA ILE B 573 -29.80 39.31 -23.99
C ILE B 573 -30.88 39.52 -22.95
N THR B 574 -32.05 38.93 -23.16
CA THR B 574 -33.16 38.92 -22.21
C THR B 574 -32.77 38.22 -20.90
N PRO B 575 -32.99 38.87 -19.72
CA PRO B 575 -32.60 38.20 -18.50
C PRO B 575 -33.37 36.89 -18.28
N PRO B 576 -32.78 35.98 -17.50
CA PRO B 576 -33.51 34.75 -17.24
C PRO B 576 -34.75 35.01 -16.36
N PRO B 577 -35.72 34.07 -16.36
CA PRO B 577 -36.87 34.31 -15.49
C PRO B 577 -36.60 34.31 -13.97
N ASP B 578 -37.55 34.85 -13.23
CA ASP B 578 -37.54 34.76 -11.79
C ASP B 578 -37.73 33.30 -11.39
N VAL B 579 -37.43 33.01 -10.13
CA VAL B 579 -37.61 31.64 -9.62
C VAL B 579 -38.92 31.56 -8.88
N ASN B 580 -39.86 30.81 -9.45
CA ASN B 580 -41.21 30.74 -8.90
C ASN B 580 -41.75 32.06 -8.37
N GLY B 581 -41.53 33.14 -9.14
CA GLY B 581 -42.07 34.47 -8.83
C GLY B 581 -41.20 35.32 -7.92
N LEU B 582 -40.06 34.80 -7.49
CA LEU B 582 -39.16 35.51 -6.61
C LEU B 582 -38.21 36.36 -7.39
N LYS B 583 -38.08 37.61 -7.00
CA LYS B 583 -37.01 38.44 -7.56
C LYS B 583 -35.90 38.73 -6.53
N LYS B 584 -35.86 37.91 -5.47
CA LYS B 584 -34.77 38.00 -4.47
C LYS B 584 -35.21 37.29 -3.25
N ASP B 585 -34.23 36.91 -2.43
CA ASP B 585 -34.51 36.18 -1.21
C ASP B 585 -33.40 36.61 -0.28
N PRO B 586 -33.71 37.41 0.76
CA PRO B 586 -32.60 38.01 1.54
C PRO B 586 -31.81 37.01 2.35
N SER B 587 -32.32 35.79 2.47
CA SER B 587 -31.62 34.73 3.19
C SER B 587 -30.35 34.33 2.44
N LEU B 588 -30.24 34.74 1.16
CA LEU B 588 -29.04 34.45 0.33
C LEU B 588 -27.85 35.38 0.58
N SER B 589 -28.16 36.52 1.21
CA SER B 589 -27.16 37.51 1.56
C SER B 589 -26.52 37.18 2.91
N LEU B 590 -25.24 37.50 3.06
CA LEU B 590 -24.56 37.39 4.33
C LEU B 590 -25.00 38.44 5.32
N TYR B 591 -25.48 39.59 4.80
CA TYR B 591 -25.50 40.82 5.64
C TYR B 591 -26.84 41.58 5.58
N ALA B 592 -27.67 41.24 4.59
CA ALA B 592 -28.94 41.96 4.37
C ALA B 592 -29.75 41.99 5.68
N ILE B 593 -29.86 40.84 6.34
CA ILE B 593 -30.52 40.76 7.63
C ILE B 593 -29.49 40.65 8.78
N PRO B 594 -29.43 41.66 9.67
CA PRO B 594 -28.50 41.73 10.81
C PRO B 594 -28.57 40.48 11.62
N ASP B 595 -27.39 40.00 11.99
CA ASP B 595 -27.29 38.65 12.51
C ASP B 595 -25.95 38.58 13.26
N GLY B 596 -25.45 39.75 13.68
CA GLY B 596 -24.16 39.90 14.41
C GLY B 596 -24.11 39.34 15.83
N ASP B 597 -22.93 38.82 16.21
CA ASP B 597 -22.68 38.32 17.58
C ASP B 597 -21.24 38.67 17.88
N VAL B 598 -20.97 39.46 18.90
CA VAL B 598 -19.58 39.83 19.04
C VAL B 598 -18.78 38.84 19.91
N LYS B 599 -19.44 37.86 20.55
CA LYS B 599 -18.76 37.03 21.53
C LYS B 599 -17.74 36.24 20.76
N GLY B 600 -16.49 36.21 21.24
CA GLY B 600 -15.47 35.44 20.53
C GLY B 600 -14.64 36.28 19.57
N ARG B 601 -15.11 37.47 19.14
CA ARG B 601 -14.30 38.40 18.36
C ARG B 601 -13.10 38.96 19.16
N VAL B 602 -12.19 39.62 18.46
CA VAL B 602 -10.92 40.03 19.07
C VAL B 602 -10.61 41.47 18.64
N VAL B 603 -10.12 42.27 19.60
CA VAL B 603 -9.71 43.64 19.32
C VAL B 603 -8.18 43.79 19.55
N ALA B 604 -7.52 44.54 18.68
CA ALA B 604 -6.13 44.89 18.96
C ALA B 604 -6.15 46.22 19.74
N ILE B 605 -5.32 46.32 20.77
CA ILE B 605 -5.17 47.55 21.60
C ILE B 605 -3.72 47.98 21.39
N LEU B 606 -3.52 49.12 20.77
CA LEU B 606 -2.15 49.54 20.46
C LEU B 606 -1.59 50.35 21.65
N LEU B 607 -0.63 49.74 22.34
CA LEU B 607 -0.06 50.39 23.54
C LEU B 607 1.01 51.41 23.22
N ASN B 608 1.34 52.19 24.27
CA ASN B 608 2.43 53.17 24.25
C ASN B 608 3.19 53.03 25.57
N ASP B 609 4.36 53.67 25.72
CA ASP B 609 5.16 53.47 26.94
C ASP B 609 4.57 54.10 28.23
N GLU B 610 3.50 54.89 28.09
CA GLU B 610 2.80 55.41 29.27
C GLU B 610 1.26 55.55 29.10
N VAL B 611 0.60 54.42 29.06
CA VAL B 611 -0.84 54.34 28.78
C VAL B 611 -1.70 54.94 29.90
N ARG B 612 -2.73 55.68 29.50
CA ARG B 612 -3.73 56.13 30.47
C ARG B 612 -4.61 54.99 31.05
N SER B 613 -4.21 54.49 32.22
CA SER B 613 -4.78 53.30 32.85
C SER B 613 -6.28 53.32 33.02
N ALA B 614 -6.87 54.51 33.21
CA ALA B 614 -8.33 54.63 33.26
C ALA B 614 -9.03 54.21 31.94
N ASP B 615 -8.48 54.61 30.80
CA ASP B 615 -8.93 54.10 29.51
C ASP B 615 -8.88 52.56 29.46
N LEU B 616 -7.72 52.00 29.71
CA LEU B 616 -7.55 50.57 29.55
C LEU B 616 -8.50 49.81 30.48
N LEU B 617 -8.73 50.31 31.70
CA LEU B 617 -9.68 49.62 32.62
C LEU B 617 -11.06 49.54 32.04
N ALA B 618 -11.49 50.63 31.41
CA ALA B 618 -12.85 50.73 30.87
C ALA B 618 -12.96 49.88 29.63
N ILE B 619 -11.90 49.88 28.83
CA ILE B 619 -11.95 49.14 27.58
C ILE B 619 -12.13 47.68 27.92
N LEU B 620 -11.27 47.17 28.79
CA LEU B 620 -11.20 45.75 29.01
C LEU B 620 -12.42 45.28 29.77
N LYS B 621 -12.92 46.12 30.65
CA LYS B 621 -14.13 45.75 31.37
C LYS B 621 -15.32 45.60 30.44
N ALA B 622 -15.44 46.51 29.47
CA ALA B 622 -16.62 46.46 28.58
C ALA B 622 -16.55 45.28 27.61
N LEU B 623 -15.33 44.98 27.14
CA LEU B 623 -15.08 43.90 26.19
C LEU B 623 -15.37 42.57 26.92
N LYS B 624 -14.85 42.40 28.13
CA LYS B 624 -15.15 41.20 28.93
C LYS B 624 -16.64 40.95 29.08
N ALA B 625 -17.39 42.01 29.33
CA ALA B 625 -18.80 41.86 29.53
C ALA B 625 -19.49 41.33 28.26
N LYS B 626 -18.93 41.59 27.09
CA LYS B 626 -19.54 41.10 25.86
C LYS B 626 -18.80 39.84 25.35
N GLY B 627 -17.81 39.39 26.12
CA GLY B 627 -17.02 38.17 25.77
C GLY B 627 -16.12 38.40 24.56
N VAL B 628 -15.69 39.64 24.40
CA VAL B 628 -14.84 40.01 23.29
C VAL B 628 -13.43 39.96 23.85
N HIS B 629 -12.47 39.40 23.09
CA HIS B 629 -11.12 39.24 23.61
C HIS B 629 -10.27 40.40 23.16
N ALA B 630 -9.10 40.50 23.75
CA ALA B 630 -8.15 41.57 23.41
C ALA B 630 -6.71 41.12 23.22
N LYS B 631 -5.98 41.80 22.33
CA LYS B 631 -4.52 41.60 22.30
C LYS B 631 -3.75 42.96 22.42
N LEU B 632 -2.82 43.00 23.39
CA LEU B 632 -2.07 44.22 23.71
C LEU B 632 -0.83 44.24 22.87
N LEU B 633 -0.69 45.27 22.04
CA LEU B 633 0.36 45.25 21.02
C LEU B 633 1.32 46.42 21.27
N TYR B 634 2.58 46.24 20.93
CA TYR B 634 3.56 47.28 21.13
C TYR B 634 4.69 47.11 20.09
N SER B 635 5.75 47.92 20.17
CA SER B 635 6.80 47.84 19.19
C SER B 635 7.89 46.80 19.54
N ARG B 636 7.80 46.17 20.70
CA ARG B 636 8.73 45.14 21.17
C ARG B 636 7.99 44.26 22.15
N MET B 637 8.58 43.13 22.48
CA MET B 637 7.93 42.24 23.42
C MET B 637 8.29 42.71 24.83
N GLY B 638 7.80 41.97 25.83
CA GLY B 638 8.00 42.31 27.24
C GLY B 638 6.82 43.05 27.89
N GLU B 639 7.09 44.12 28.58
CA GLU B 639 6.03 44.77 29.30
C GLU B 639 6.21 46.24 29.07
N VAL B 640 5.14 47.01 29.27
CA VAL B 640 5.27 48.42 29.47
C VAL B 640 4.58 48.73 30.75
N THR B 641 4.73 49.99 31.19
CA THR B 641 4.14 50.48 32.46
C THR B 641 3.26 51.67 32.27
N ALA B 642 2.04 51.53 32.81
CA ALA B 642 0.96 52.49 32.70
C ALA B 642 1.22 53.64 33.66
N ASP B 643 0.46 54.72 33.49
CA ASP B 643 0.73 55.99 34.20
C ASP B 643 0.62 55.78 35.71
N ASP B 644 -0.11 54.76 36.13
CA ASP B 644 -0.22 54.47 37.55
C ASP B 644 0.61 53.28 37.97
N GLY B 645 1.64 52.99 37.18
CA GLY B 645 2.54 51.89 37.50
C GLY B 645 1.96 50.49 37.28
N THR B 646 0.77 50.38 36.67
CA THR B 646 0.25 49.04 36.30
C THR B 646 1.22 48.45 35.25
N VAL B 647 1.68 47.22 35.46
CA VAL B 647 2.54 46.61 34.48
C VAL B 647 1.66 45.86 33.47
N LEU B 648 1.82 46.26 32.20
CA LEU B 648 1.07 45.66 31.09
C LEU B 648 1.98 44.77 30.26
N PRO B 649 1.69 43.45 30.22
CA PRO B 649 2.44 42.50 29.40
C PRO B 649 2.02 42.64 27.93
N ILE B 650 2.99 42.55 27.04
CA ILE B 650 2.72 42.73 25.61
C ILE B 650 2.52 41.41 24.91
N ALA B 651 1.44 41.27 24.17
CA ALA B 651 1.15 40.00 23.54
C ALA B 651 1.96 39.79 22.27
N ALA B 652 2.14 40.88 21.49
CA ALA B 652 2.84 40.82 20.18
C ALA B 652 3.25 42.22 19.73
N THR B 653 4.11 42.28 18.72
CA THR B 653 4.45 43.53 18.12
C THR B 653 3.34 43.91 17.13
N PHE B 654 3.37 45.14 16.66
CA PHE B 654 2.48 45.60 15.60
C PHE B 654 2.60 44.75 14.35
N ALA B 655 3.86 44.44 13.98
CA ALA B 655 4.14 43.61 12.80
C ALA B 655 3.87 42.12 13.03
N GLY B 656 4.05 41.61 14.26
CA GLY B 656 3.84 40.22 14.62
C GLY B 656 2.42 39.71 14.61
N ALA B 657 1.51 40.59 15.02
CA ALA B 657 0.06 40.33 15.00
C ALA B 657 -0.70 41.47 14.26
N PRO B 658 -0.67 41.47 12.90
CA PRO B 658 -1.29 42.51 12.09
C PRO B 658 -2.79 42.63 12.25
N SER B 659 -3.30 43.78 11.82
CA SER B 659 -4.74 44.05 11.88
C SER B 659 -5.61 43.00 11.19
N LEU B 660 -5.02 42.30 10.24
CA LEU B 660 -5.68 41.19 9.57
C LEU B 660 -6.30 40.24 10.56
N THR B 661 -5.65 40.06 11.71
CA THR B 661 -6.03 38.99 12.65
C THR B 661 -7.05 39.45 13.69
N VAL B 662 -7.43 40.74 13.66
CA VAL B 662 -8.45 41.24 14.63
C VAL B 662 -9.72 41.79 13.97
N ASP B 663 -10.72 42.05 14.80
CA ASP B 663 -12.04 42.48 14.28
C ASP B 663 -12.20 44.03 14.37
N ALA B 664 -11.36 44.68 15.17
CA ALA B 664 -11.44 46.10 15.47
C ALA B 664 -10.15 46.52 16.17
N VAL B 665 -9.84 47.82 16.15
CA VAL B 665 -8.59 48.33 16.73
C VAL B 665 -8.97 49.49 17.67
N ILE B 666 -8.39 49.51 18.87
CA ILE B 666 -8.61 50.57 19.86
C ILE B 666 -7.25 51.11 20.25
N VAL B 667 -7.09 52.43 20.20
CA VAL B 667 -5.89 53.06 20.69
C VAL B 667 -6.27 53.93 21.90
N PRO B 668 -5.75 53.57 23.09
CA PRO B 668 -5.96 54.33 24.35
C PRO B 668 -5.11 55.64 24.40
N ALA B 669 -5.41 56.53 25.33
CA ALA B 669 -4.52 57.67 25.51
C ALA B 669 -3.28 57.31 26.34
N GLY B 670 -2.38 58.29 26.41
CA GLY B 670 -1.14 58.20 27.16
C GLY B 670 -0.05 58.96 26.44
N ASN B 671 1.17 58.43 26.51
CA ASN B 671 2.27 58.99 25.73
C ASN B 671 2.22 58.58 24.24
N ILE B 672 1.39 59.27 23.48
CA ILE B 672 1.22 58.99 22.04
C ILE B 672 2.46 59.28 21.21
N ALA B 673 3.26 60.25 21.64
CA ALA B 673 4.49 60.61 20.93
C ALA B 673 5.40 59.40 20.75
N ASP B 674 5.31 58.44 21.67
CA ASP B 674 6.07 57.20 21.63
C ASP B 674 5.81 56.39 20.36
N ILE B 675 4.59 56.46 19.84
CA ILE B 675 4.16 55.57 18.71
C ILE B 675 3.69 56.36 17.47
N ALA B 676 3.52 57.67 17.70
CA ALA B 676 3.03 58.66 16.73
C ALA B 676 3.73 58.62 15.37
N ASP B 677 5.00 58.25 15.38
CA ASP B 677 5.82 58.25 14.16
C ASP B 677 6.38 56.87 13.94
N ASN B 678 5.70 55.88 14.53
CA ASN B 678 6.06 54.50 14.29
C ASN B 678 5.30 54.11 13.00
N GLY B 679 6.05 53.78 11.94
CA GLY B 679 5.50 53.31 10.64
C GLY B 679 4.49 52.17 10.83
N ASP B 680 4.84 51.23 11.68
CA ASP B 680 4.08 50.03 11.91
C ASP B 680 2.76 50.32 12.58
N ALA B 681 2.78 51.26 13.53
CA ALA B 681 1.64 51.64 14.26
C ALA B 681 0.65 52.36 13.35
N ASN B 682 1.19 53.31 12.54
CA ASN B 682 0.37 54.01 11.58
C ASN B 682 -0.23 53.07 10.55
N TYR B 683 0.61 52.16 10.03
CA TYR B 683 0.15 51.21 9.00
C TYR B 683 -0.96 50.28 9.53
N TYR B 684 -0.84 49.91 10.79
CA TYR B 684 -1.82 49.10 11.46
C TYR B 684 -3.25 49.70 11.30
N LEU B 685 -3.37 50.98 11.60
CA LEU B 685 -4.62 51.71 11.50
C LEU B 685 -5.05 51.87 10.01
N MET B 686 -4.10 52.16 9.10
CA MET B 686 -4.41 52.24 7.67
C MET B 686 -4.97 50.91 7.10
N GLU B 687 -4.35 49.81 7.54
CA GLU B 687 -4.74 48.51 7.03
C GLU B 687 -6.14 48.17 7.61
N ALA B 688 -6.35 48.38 8.94
CA ALA B 688 -7.67 48.16 9.52
C ALA B 688 -8.74 48.97 8.82
N TYR B 689 -8.37 50.22 8.52
CA TYR B 689 -9.26 51.19 7.90
C TYR B 689 -9.66 50.68 6.53
N LYS B 690 -8.65 50.35 5.71
CA LYS B 690 -8.90 49.83 4.33
C LYS B 690 -9.84 48.63 4.39
N HIS B 691 -9.66 47.77 5.40
CA HIS B 691 -10.45 46.52 5.50
C HIS B 691 -11.75 46.74 6.27
N LEU B 692 -12.11 48.02 6.44
CA LEU B 692 -13.46 48.39 6.89
C LEU B 692 -13.75 47.99 8.33
N LYS B 693 -12.70 47.88 9.12
CA LYS B 693 -12.87 47.52 10.54
C LYS B 693 -13.16 48.73 11.42
N PRO B 694 -13.99 48.54 12.47
CA PRO B 694 -14.13 49.59 13.46
C PRO B 694 -12.79 50.01 14.14
N ILE B 695 -12.58 51.32 14.25
CA ILE B 695 -11.42 51.91 14.93
C ILE B 695 -11.93 52.86 16.05
N ALA B 696 -11.32 52.77 17.23
CA ALA B 696 -11.72 53.66 18.31
C ALA B 696 -10.50 54.39 18.83
N LEU B 697 -10.62 55.71 19.01
CA LEU B 697 -9.45 56.55 19.39
C LEU B 697 -9.75 57.44 20.60
N ALA B 698 -8.94 57.35 21.65
CA ALA B 698 -9.26 58.05 22.94
C ALA B 698 -8.21 59.09 23.25
N GLY B 699 -8.64 60.24 23.79
CA GLY B 699 -7.72 61.37 24.03
C GLY B 699 -6.83 61.69 22.84
N ASP B 700 -5.52 61.68 23.10
CA ASP B 700 -4.49 62.08 22.14
C ASP B 700 -4.25 61.08 20.99
N ALA B 701 -4.87 59.90 21.11
CA ALA B 701 -4.94 58.95 19.98
C ALA B 701 -5.69 59.52 18.77
N ARG B 702 -6.47 60.57 18.97
CA ARG B 702 -7.16 61.23 17.87
C ARG B 702 -6.19 61.90 16.89
N LYS B 703 -4.92 62.04 17.31
CA LYS B 703 -3.80 62.44 16.42
C LYS B 703 -3.61 61.57 15.17
N PHE B 704 -4.02 60.31 15.30
CA PHE B 704 -3.91 59.31 14.24
C PHE B 704 -4.93 59.49 13.13
N LYS B 705 -6.02 60.23 13.39
CA LYS B 705 -7.03 60.52 12.36
C LYS B 705 -6.38 61.09 11.10
N ALA B 706 -5.29 61.80 11.31
CA ALA B 706 -4.55 62.40 10.23
C ALA B 706 -4.00 61.34 9.27
N THR B 707 -3.61 60.15 9.76
CA THR B 707 -3.03 59.07 8.87
C THR B 707 -4.08 58.32 8.06
N ILE B 708 -5.32 58.30 8.51
CA ILE B 708 -6.42 57.72 7.73
C ILE B 708 -7.36 58.81 7.11
N LYS B 709 -6.85 60.04 7.09
CA LYS B 709 -7.53 61.21 6.47
C LYS B 709 -8.97 61.41 6.92
N ILE B 710 -9.18 61.37 8.24
CA ILE B 710 -10.53 61.56 8.82
C ILE B 710 -10.74 63.07 9.16
N ALA B 711 -11.79 63.66 8.61
CA ALA B 711 -12.12 65.06 8.86
C ALA B 711 -12.34 65.31 10.37
N ASP B 712 -11.99 66.53 10.81
CA ASP B 712 -12.14 66.95 12.22
C ASP B 712 -13.48 66.61 12.82
N GLN B 713 -14.53 66.83 12.04
CA GLN B 713 -15.90 66.53 12.45
C GLN B 713 -16.21 65.05 12.65
N GLY B 714 -15.25 64.17 12.35
CA GLY B 714 -15.48 62.72 12.48
C GLY B 714 -16.12 62.06 11.25
N GLU B 715 -16.36 60.75 11.41
CA GLU B 715 -16.84 59.85 10.34
C GLU B 715 -17.42 58.61 11.00
N GLU B 716 -18.59 58.23 10.53
CA GLU B 716 -19.25 56.98 10.91
C GLU B 716 -18.33 55.74 10.73
N GLY B 717 -18.20 54.95 11.81
CA GLY B 717 -17.22 53.83 11.88
C GLY B 717 -15.89 54.17 12.58
N ILE B 718 -15.67 55.46 12.87
CA ILE B 718 -14.56 55.91 13.75
C ILE B 718 -15.14 56.47 15.07
N VAL B 719 -14.67 55.93 16.19
CA VAL B 719 -15.23 56.23 17.50
C VAL B 719 -14.14 57.02 18.17
N GLU B 720 -14.51 58.18 18.68
CA GLU B 720 -13.51 59.07 19.25
C GLU B 720 -14.18 59.85 20.40
N ALA B 721 -13.37 60.10 21.41
CA ALA B 721 -13.80 60.75 22.62
C ALA B 721 -12.56 61.14 23.42
N ASP B 722 -12.76 62.13 24.28
CA ASP B 722 -11.77 62.61 25.22
C ASP B 722 -11.14 61.46 25.99
N SER B 723 -11.97 60.47 26.34
CA SER B 723 -11.53 59.29 27.08
C SER B 723 -12.42 58.09 26.74
N ALA B 724 -12.03 56.91 27.21
CA ALA B 724 -12.80 55.66 27.03
C ALA B 724 -14.09 55.43 27.88
N ASP B 725 -14.65 56.48 28.48
CA ASP B 725 -15.98 56.50 29.13
C ASP B 725 -16.97 55.41 28.65
N GLY B 726 -18.21 55.48 29.13
CA GLY B 726 -19.18 54.38 28.86
C GLY B 726 -19.77 54.29 27.46
N SER B 727 -20.19 55.46 26.97
CA SER B 727 -20.69 55.64 25.59
C SER B 727 -19.63 55.23 24.51
N PHE B 728 -18.36 55.59 24.70
CA PHE B 728 -17.22 55.22 23.79
C PHE B 728 -17.23 53.72 23.49
N MET B 729 -17.28 52.89 24.52
CA MET B 729 -17.23 51.44 24.30
C MET B 729 -18.55 50.93 23.74
N ASP B 730 -19.70 51.48 24.16
CA ASP B 730 -21.00 51.06 23.54
C ASP B 730 -21.03 51.26 22.05
N GLU B 731 -20.46 52.39 21.62
CA GLU B 731 -20.45 52.74 20.20
C GLU B 731 -19.55 51.75 19.48
N LEU B 732 -18.39 51.45 20.04
CA LEU B 732 -17.44 50.51 19.43
C LEU B 732 -18.05 49.11 19.30
N LEU B 733 -18.60 48.60 20.39
CA LEU B 733 -19.30 47.33 20.40
C LEU B 733 -20.53 47.31 19.45
N THR B 734 -21.25 48.44 19.29
CA THR B 734 -22.32 48.47 18.24
C THR B 734 -21.77 48.27 16.80
N LEU B 735 -20.67 48.96 16.51
CA LEU B 735 -19.97 48.80 15.23
C LEU B 735 -19.58 47.31 15.05
N MET B 736 -19.00 46.70 16.09
CA MET B 736 -18.51 45.30 15.98
C MET B 736 -19.67 44.34 15.73
N ALA B 737 -20.87 44.67 16.22
CA ALA B 737 -22.04 43.82 15.96
C ALA B 737 -22.48 43.82 14.53
N ALA B 738 -22.11 44.89 13.81
CA ALA B 738 -22.42 45.02 12.41
C ALA B 738 -21.25 44.56 11.54
N HIS B 739 -20.17 44.10 12.21
CA HIS B 739 -19.05 43.40 11.55
C HIS B 739 -18.05 44.33 10.84
N ARG B 740 -18.48 45.02 9.78
CA ARG B 740 -17.62 45.93 9.06
C ARG B 740 -18.41 47.21 8.72
N VAL B 741 -17.66 48.24 8.40
CA VAL B 741 -18.25 49.55 8.12
C VAL B 741 -18.40 49.74 6.62
N TRP B 742 -19.49 49.21 6.06
CA TRP B 742 -19.66 49.12 4.60
C TRP B 742 -19.73 50.50 3.96
N SER B 743 -20.20 51.46 4.75
CA SER B 743 -20.29 52.85 4.21
C SER B 743 -18.94 53.46 3.94
N ARG B 744 -17.89 52.85 4.48
CA ARG B 744 -16.52 53.37 4.31
C ARG B 744 -15.94 53.15 2.93
N ILE B 745 -16.60 52.27 2.16
CA ILE B 745 -15.99 51.73 0.96
C ILE B 745 -15.51 52.79 -0.05
N PRO B 746 -16.36 53.79 -0.36
CA PRO B 746 -15.86 54.80 -1.30
C PRO B 746 -14.66 55.60 -0.77
N LYS B 747 -14.34 55.54 0.52
CA LYS B 747 -13.18 56.30 1.01
C LYS B 747 -11.86 55.56 0.92
N ILE B 748 -11.91 54.24 0.84
CA ILE B 748 -10.67 53.47 0.93
C ILE B 748 -9.82 53.56 -0.35
N ASP B 749 -10.43 53.92 -1.49
CA ASP B 749 -9.71 53.99 -2.80
C ASP B 749 -8.46 54.83 -2.78
N LYS B 750 -8.53 55.90 -1.98
CA LYS B 750 -7.53 56.95 -1.93
C LYS B 750 -6.41 56.58 -1.01
N ILE B 751 -6.69 55.72 -0.03
CA ILE B 751 -5.71 55.40 1.00
C ILE B 751 -4.63 54.49 0.46
N PRO B 752 -3.35 54.88 0.63
CA PRO B 752 -2.32 53.96 0.16
C PRO B 752 -1.95 52.92 1.22
N ALA B 753 -2.64 51.77 1.23
CA ALA B 753 -2.35 50.64 2.13
C ALA B 753 -2.61 49.31 1.39
N SER C 28 -15.37 22.86 -33.03
CA SER C 28 -14.11 23.18 -32.34
C SER C 28 -14.29 24.23 -31.20
N LEU C 29 -13.67 23.94 -30.04
CA LEU C 29 -13.74 24.84 -28.87
C LEU C 29 -12.64 25.89 -28.80
N ALA C 30 -11.52 25.62 -29.46
CA ALA C 30 -10.35 26.50 -29.53
C ALA C 30 -10.72 27.75 -30.31
N PRO C 31 -10.14 28.89 -29.97
CA PRO C 31 -10.46 30.12 -30.71
C PRO C 31 -9.95 30.05 -32.17
N GLU C 32 -10.66 30.71 -33.10
CA GLU C 32 -10.24 30.72 -34.52
C GLU C 32 -8.82 31.23 -34.77
N ASP C 33 -8.38 32.20 -33.97
CA ASP C 33 -7.05 32.80 -34.12
C ASP C 33 -5.87 32.04 -33.54
N GLY C 34 -6.11 30.82 -33.01
CA GLY C 34 -5.01 30.00 -32.42
C GLY C 34 -4.36 30.58 -31.15
N SER C 35 -5.01 31.56 -30.53
CA SER C 35 -4.44 32.19 -29.35
C SER C 35 -4.51 31.29 -28.07
N HIS C 36 -5.02 30.05 -28.20
CA HIS C 36 -5.01 29.12 -27.07
C HIS C 36 -3.62 28.46 -26.94
N ARG C 37 -2.84 28.46 -28.00
CA ARG C 37 -1.61 27.64 -28.04
C ARG C 37 -0.37 28.51 -27.82
N PRO C 38 0.43 28.28 -26.73
CA PRO C 38 1.68 29.02 -26.46
C PRO C 38 2.65 28.84 -27.62
N ALA C 39 3.30 29.93 -28.04
CA ALA C 39 4.40 29.83 -29.03
C ALA C 39 5.48 28.83 -28.55
N ALA C 40 5.91 27.96 -29.45
CA ALA C 40 6.94 26.96 -29.18
C ALA C 40 8.33 27.55 -29.43
N GLU C 41 8.63 28.59 -28.67
CA GLU C 41 9.89 29.28 -28.77
C GLU C 41 10.12 30.10 -27.47
N PRO C 42 11.36 30.46 -27.18
CA PRO C 42 11.60 31.21 -25.94
C PRO C 42 10.87 32.54 -25.92
N THR C 43 10.19 32.82 -24.79
CA THR C 43 9.34 34.01 -24.67
C THR C 43 9.49 34.49 -23.24
N PRO C 44 9.38 35.79 -23.00
CA PRO C 44 9.70 36.31 -21.64
C PRO C 44 8.50 36.08 -20.66
N PRO C 45 8.73 36.19 -19.34
CA PRO C 45 7.62 35.81 -18.44
C PRO C 45 6.35 36.67 -18.75
N GLY C 46 5.21 36.00 -18.83
CA GLY C 46 3.93 36.67 -18.95
C GLY C 46 3.49 36.84 -20.38
N ALA C 47 4.40 36.61 -21.33
CA ALA C 47 4.09 36.84 -22.75
C ALA C 47 3.17 35.77 -23.36
N GLN C 48 3.18 34.56 -22.81
CA GLN C 48 2.43 33.45 -23.40
C GLN C 48 1.96 32.62 -22.18
N PRO C 49 0.89 31.79 -22.35
CA PRO C 49 0.64 30.85 -21.22
C PRO C 49 1.82 29.88 -21.14
N THR C 50 2.11 29.38 -19.95
CA THR C 50 3.15 28.33 -19.81
C THR C 50 2.70 26.99 -20.34
N ALA C 51 3.64 26.14 -20.73
CA ALA C 51 3.26 24.88 -21.37
C ALA C 51 4.15 23.72 -20.83
N PRO C 52 3.75 22.45 -21.02
CA PRO C 52 4.69 21.35 -20.81
C PRO C 52 5.95 21.53 -21.63
N GLY C 53 7.09 21.12 -21.06
CA GLY C 53 8.38 21.30 -21.67
C GLY C 53 8.51 20.83 -23.06
N SER C 54 8.07 19.60 -23.30
CA SER C 54 8.27 19.05 -24.66
C SER C 54 7.43 19.78 -25.74
N LEU C 55 6.35 20.49 -25.34
CA LEU C 55 5.56 21.27 -26.28
C LEU C 55 6.16 22.70 -26.41
N LYS C 56 6.66 23.26 -25.30
CA LYS C 56 7.27 24.61 -25.28
C LYS C 56 8.58 24.65 -26.05
N ALA C 57 9.40 23.59 -25.88
CA ALA C 57 10.81 23.55 -26.34
C ALA C 57 11.11 22.20 -26.94
N PRO C 58 10.39 21.86 -28.03
CA PRO C 58 10.53 20.49 -28.60
C PRO C 58 11.94 20.20 -29.11
N ASP C 59 12.67 21.24 -29.45
CA ASP C 59 14.00 21.00 -29.98
C ASP C 59 15.10 20.80 -28.91
N THR C 60 14.80 21.00 -27.64
CA THR C 60 15.77 20.79 -26.56
C THR C 60 15.84 19.29 -26.29
N ARG C 61 17.02 18.75 -26.14
CA ARG C 61 17.11 17.32 -25.89
C ARG C 61 18.33 17.00 -25.06
N ASN C 62 18.30 15.80 -24.47
CA ASN C 62 19.50 15.19 -23.93
C ASN C 62 19.17 13.70 -23.80
N GLU C 63 20.16 12.91 -23.44
CA GLU C 63 20.05 11.48 -23.45
C GLU C 63 18.87 10.97 -22.59
N LYS C 64 18.70 11.59 -21.40
CA LYS C 64 17.60 11.17 -20.51
C LYS C 64 16.24 11.59 -21.08
N LEU C 65 16.13 12.85 -21.51
CA LEU C 65 14.84 13.27 -22.14
C LEU C 65 14.51 12.37 -23.31
N ASN C 66 15.53 11.97 -24.10
CA ASN C 66 15.21 11.08 -25.25
C ASN C 66 14.67 9.74 -24.80
N SER C 67 15.27 9.22 -23.70
CA SER C 67 14.91 7.91 -23.24
C SER C 67 13.52 7.86 -22.58
N LEU C 68 12.95 9.01 -22.26
CA LEU C 68 11.57 9.08 -21.68
C LEU C 68 10.55 9.10 -22.79
N GLU C 69 10.99 9.14 -24.03
CA GLU C 69 9.98 9.24 -25.09
C GLU C 69 9.03 8.06 -25.12
N ASP C 70 9.51 6.87 -24.68
CA ASP C 70 8.68 5.66 -24.82
C ASP C 70 7.45 5.70 -23.90
N VAL C 71 7.46 6.60 -22.90
CA VAL C 71 6.31 6.72 -22.04
C VAL C 71 5.52 8.03 -22.23
N ARG C 72 6.00 8.94 -23.09
CA ARG C 72 5.29 10.22 -23.31
C ARG C 72 3.98 9.90 -24.05
N LYS C 73 2.86 10.48 -23.60
CA LYS C 73 1.54 10.27 -24.23
C LYS C 73 1.06 11.62 -24.76
N GLY C 74 0.73 11.62 -26.06
CA GLY C 74 0.13 12.78 -26.74
C GLY C 74 -1.39 12.84 -26.54
N SER C 75 -2.08 13.52 -27.46
CA SER C 75 -3.51 13.74 -27.27
C SER C 75 -4.19 14.26 -28.51
N GLU C 76 -3.55 15.18 -29.24
CA GLU C 76 -4.19 15.70 -30.48
C GLU C 76 -4.58 14.61 -31.43
N ASN C 77 -5.83 14.71 -31.92
CA ASN C 77 -6.41 13.79 -32.87
C ASN C 77 -6.75 12.41 -32.37
N TYR C 78 -6.66 12.18 -31.07
CA TYR C 78 -6.94 10.82 -30.55
C TYR C 78 -8.33 10.78 -29.96
N ALA C 79 -8.96 9.61 -30.03
CA ALA C 79 -10.24 9.43 -29.34
C ALA C 79 -10.07 9.31 -27.84
N LEU C 80 -11.05 9.84 -27.10
CA LEU C 80 -11.14 9.65 -25.63
C LEU C 80 -11.53 8.15 -25.34
N THR C 81 -10.78 7.47 -24.48
CA THR C 81 -11.04 6.07 -24.19
C THR C 81 -10.98 5.80 -22.72
N THR C 82 -11.46 4.60 -22.37
CA THR C 82 -11.15 4.02 -21.08
C THR C 82 -9.62 3.72 -21.03
N ASN C 83 -9.13 3.37 -19.85
CA ASN C 83 -7.74 2.81 -19.75
C ASN C 83 -7.57 1.48 -20.44
N GLN C 84 -8.68 0.86 -20.81
CA GLN C 84 -8.61 -0.44 -21.56
C GLN C 84 -8.67 -0.22 -23.05
N GLY C 85 -8.72 1.07 -23.49
CA GLY C 85 -8.68 1.39 -24.93
C GLY C 85 -10.07 1.39 -25.53
N VAL C 86 -11.13 1.44 -24.72
CA VAL C 86 -12.51 1.40 -25.31
C VAL C 86 -12.94 2.85 -25.52
N ARG C 87 -13.40 3.15 -26.75
CA ARG C 87 -13.83 4.57 -27.03
C ARG C 87 -15.06 4.95 -26.21
N ILE C 88 -15.07 6.16 -25.65
CA ILE C 88 -16.23 6.63 -24.89
C ILE C 88 -17.06 7.51 -25.79
N ALA C 89 -18.37 7.29 -25.79
CA ALA C 89 -19.29 8.13 -26.61
C ALA C 89 -19.79 9.38 -25.89
N ASP C 90 -20.16 9.18 -24.63
CA ASP C 90 -20.66 10.33 -23.84
C ASP C 90 -19.88 10.50 -22.51
N ASP C 91 -19.01 11.50 -22.44
CA ASP C 91 -18.15 11.67 -21.24
C ASP C 91 -18.80 12.77 -20.35
N GLN C 92 -20.14 13.02 -20.54
CA GLN C 92 -20.88 14.05 -19.76
C GLN C 92 -21.88 13.45 -18.79
N ASN C 93 -22.15 12.12 -18.87
CA ASN C 93 -23.27 11.55 -18.06
C ASN C 93 -23.03 10.16 -17.55
N SER C 94 -23.55 9.87 -16.36
CA SER C 94 -23.57 8.51 -15.86
C SER C 94 -24.65 7.72 -16.54
N LEU C 95 -24.53 6.39 -16.46
CA LEU C 95 -25.59 5.52 -16.96
C LEU C 95 -26.68 5.35 -15.88
N ARG C 96 -27.92 5.72 -16.23
CA ARG C 96 -29.04 5.64 -15.28
C ARG C 96 -30.30 5.03 -15.92
N ALA C 97 -31.21 4.58 -15.04
CA ALA C 97 -32.49 4.02 -15.51
C ALA C 97 -33.48 5.15 -15.67
N GLY C 98 -33.51 5.74 -16.86
CA GLY C 98 -34.31 6.93 -17.20
C GLY C 98 -33.46 8.15 -16.90
N SER C 99 -33.70 9.28 -17.59
CA SER C 99 -32.81 10.45 -17.45
C SER C 99 -32.88 11.16 -16.08
N ARG C 100 -33.83 10.82 -15.26
CA ARG C 100 -33.87 11.28 -13.85
C ARG C 100 -33.77 10.10 -12.90
N GLY C 101 -33.22 8.97 -13.39
CA GLY C 101 -33.23 7.77 -12.54
C GLY C 101 -31.92 7.47 -11.79
N PRO C 102 -31.88 6.31 -11.13
CA PRO C 102 -30.70 6.02 -10.34
C PRO C 102 -29.53 5.60 -11.23
N THR C 103 -28.29 5.84 -10.78
CA THR C 103 -27.09 5.43 -11.52
C THR C 103 -26.90 3.94 -11.36
N LEU C 104 -26.59 3.28 -12.47
CA LEU C 104 -26.50 1.82 -12.48
C LEU C 104 -25.06 1.32 -12.20
N LEU C 105 -25.02 0.21 -11.47
CA LEU C 105 -23.74 -0.43 -11.07
C LEU C 105 -22.98 -0.82 -12.35
N GLU C 106 -23.71 -1.15 -13.46
CA GLU C 106 -22.98 -1.58 -14.68
C GLU C 106 -22.27 -0.48 -15.42
N ASP C 107 -22.27 0.73 -14.88
CA ASP C 107 -21.56 1.82 -15.60
C ASP C 107 -20.06 1.74 -15.27
N PHE C 108 -19.38 0.92 -16.07
CA PHE C 108 -17.95 0.73 -15.86
C PHE C 108 -17.10 1.94 -16.25
N ILE C 109 -17.61 2.76 -17.16
CA ILE C 109 -16.89 3.95 -17.63
C ILE C 109 -16.84 4.96 -16.53
N LEU C 110 -17.99 5.21 -15.89
CA LEU C 110 -18.00 6.06 -14.71
C LEU C 110 -17.06 5.48 -13.62
N ARG C 111 -17.19 4.17 -13.27
CA ARG C 111 -16.38 3.71 -12.12
C ARG C 111 -14.89 3.71 -12.39
N GLU C 112 -14.51 3.37 -13.62
CA GLU C 112 -13.07 3.48 -13.93
C GLU C 112 -12.59 4.92 -13.76
N LYS C 113 -13.32 5.89 -14.31
CA LYS C 113 -12.87 7.30 -14.26
C LYS C 113 -12.79 7.75 -12.77
N ILE C 114 -13.82 7.42 -11.99
CA ILE C 114 -13.90 7.91 -10.59
C ILE C 114 -12.88 7.12 -9.75
N THR C 115 -12.67 5.82 -10.06
CA THR C 115 -11.68 5.06 -9.28
C THR C 115 -10.31 5.70 -9.47
N HIS C 116 -9.98 6.06 -10.72
CA HIS C 116 -8.60 6.61 -10.90
C HIS C 116 -8.41 7.93 -10.11
N PHE C 117 -9.42 8.81 -10.24
CA PHE C 117 -9.47 10.03 -9.46
C PHE C 117 -9.32 9.80 -7.94
N ASP C 118 -10.09 8.84 -7.40
CA ASP C 118 -10.11 8.51 -6.00
C ASP C 118 -8.80 8.07 -5.46
N HIS C 119 -7.87 7.66 -6.35
CA HIS C 119 -6.57 7.16 -5.89
C HIS C 119 -5.44 7.94 -6.48
N GLU C 120 -5.67 9.21 -6.83
CA GLU C 120 -4.60 10.02 -7.46
C GLU C 120 -3.44 10.31 -6.56
N ARG C 121 -3.64 10.44 -5.25
CA ARG C 121 -2.59 10.98 -4.34
C ARG C 121 -1.73 9.89 -3.78
N ILE C 122 -0.45 10.20 -3.62
CA ILE C 122 0.50 9.31 -2.99
C ILE C 122 1.08 10.11 -1.79
N PRO C 123 1.73 9.40 -0.83
CA PRO C 123 2.24 10.13 0.35
C PRO C 123 3.22 11.17 -0.14
N GLU C 124 3.21 12.37 0.45
CA GLU C 124 4.25 13.33 0.11
C GLU C 124 5.54 12.94 0.87
N ARG C 125 6.64 13.58 0.47
CA ARG C 125 7.96 13.32 1.11
C ARG C 125 7.91 13.71 2.60
N ILE C 126 8.62 13.00 3.46
CA ILE C 126 8.49 13.29 4.89
C ILE C 126 8.97 14.71 5.17
N VAL C 127 10.04 15.08 4.47
CA VAL C 127 10.62 16.43 4.51
C VAL C 127 10.91 16.80 3.11
N HIS C 128 11.07 18.13 2.85
CA HIS C 128 11.20 18.64 1.45
C HIS C 128 10.00 18.26 0.58
N ALA C 129 8.79 18.19 1.17
CA ALA C 129 7.58 17.88 0.38
C ALA C 129 7.27 18.91 -0.71
N ARG C 130 7.67 20.15 -0.46
CA ARG C 130 7.41 21.25 -1.38
C ARG C 130 8.65 21.42 -2.27
N GLY C 131 8.52 21.29 -3.58
CA GLY C 131 9.73 21.51 -4.38
C GLY C 131 9.45 21.57 -5.84
N SER C 132 10.43 22.06 -6.61
CA SER C 132 10.18 22.41 -8.03
C SER C 132 11.39 21.95 -8.83
N ALA C 133 11.17 21.37 -10.02
CA ALA C 133 12.24 20.56 -10.64
C ALA C 133 12.38 20.92 -12.14
N ALA C 134 13.58 20.68 -12.72
CA ALA C 134 13.76 20.92 -14.17
C ALA C 134 14.88 19.95 -14.64
N HIS C 135 14.82 19.61 -15.92
CA HIS C 135 15.83 18.79 -16.60
C HIS C 135 17.01 19.76 -17.06
N GLY C 136 18.22 19.18 -17.21
CA GLY C 136 19.33 19.94 -17.78
C GLY C 136 20.47 19.02 -18.09
N TYR C 137 21.68 19.58 -18.06
CA TYR C 137 22.82 18.77 -18.36
C TYR C 137 24.03 19.37 -17.62
N PHE C 138 25.04 18.52 -17.44
CA PHE C 138 26.27 18.91 -16.76
C PHE C 138 27.45 18.49 -17.64
N GLN C 139 28.54 19.26 -17.57
CA GLN C 139 29.76 18.90 -18.25
C GLN C 139 30.96 19.39 -17.42
N PRO C 140 32.00 18.56 -17.23
CA PRO C 140 33.15 19.03 -16.44
C PRO C 140 34.02 19.91 -17.32
N TYR C 141 34.78 20.80 -16.69
CA TYR C 141 35.69 21.67 -17.46
C TYR C 141 36.94 20.93 -17.98
N LYS C 142 37.45 20.00 -17.18
CA LYS C 142 38.53 19.12 -17.60
C LYS C 142 38.42 17.75 -16.94
N SER C 143 39.18 16.80 -17.44
CA SER C 143 39.20 15.48 -16.82
C SER C 143 39.71 15.59 -15.37
N LEU C 144 39.05 14.92 -14.42
CA LEU C 144 39.54 14.91 -13.06
C LEU C 144 40.13 13.56 -12.70
N SER C 145 40.63 12.81 -13.71
CA SER C 145 41.06 11.44 -13.47
C SER C 145 42.23 11.35 -12.42
N ASP C 146 43.01 12.44 -12.22
CA ASP C 146 44.07 12.42 -11.21
C ASP C 146 43.55 12.29 -9.75
N ILE C 147 42.30 12.71 -9.51
CA ILE C 147 41.70 12.69 -8.16
C ILE C 147 40.46 11.79 -8.03
N THR C 148 39.81 11.48 -9.14
CA THR C 148 38.68 10.55 -9.10
C THR C 148 38.52 9.71 -10.36
N LYS C 149 38.15 8.44 -10.21
CA LYS C 149 37.81 7.66 -11.43
C LYS C 149 36.31 7.75 -11.84
N ALA C 150 35.57 8.69 -11.28
CA ALA C 150 34.13 8.81 -11.61
C ALA C 150 34.02 9.09 -13.09
N ASP C 151 33.28 8.28 -13.84
CA ASP C 151 33.23 8.46 -15.30
C ASP C 151 32.70 9.82 -15.74
N PHE C 152 31.70 10.33 -15.03
CA PHE C 152 31.05 11.59 -15.48
C PHE C 152 31.94 12.82 -15.35
N LEU C 153 33.04 12.68 -14.61
CA LEU C 153 34.10 13.68 -14.47
C LEU C 153 35.38 13.34 -15.26
N SER C 154 35.31 12.41 -16.21
CA SER C 154 36.61 11.94 -16.79
C SER C 154 37.02 12.66 -18.10
N ASP C 155 36.12 13.44 -18.67
CA ASP C 155 36.26 13.90 -20.07
C ASP C 155 35.44 15.16 -20.22
N PRO C 156 36.09 16.24 -20.60
CA PRO C 156 35.31 17.49 -20.78
C PRO C 156 34.24 17.46 -21.88
N ASN C 157 34.31 16.49 -22.81
CA ASN C 157 33.27 16.27 -23.83
C ASN C 157 32.12 15.38 -23.34
N LYS C 158 32.24 14.88 -22.13
CA LYS C 158 31.24 13.97 -21.66
C LYS C 158 30.10 14.75 -21.05
N ILE C 159 28.93 14.60 -21.67
CA ILE C 159 27.86 15.41 -21.17
C ILE C 159 26.84 14.50 -20.45
N THR C 160 26.49 14.91 -19.23
CA THR C 160 25.68 14.04 -18.32
C THR C 160 24.32 14.74 -18.16
N PRO C 161 23.20 14.06 -18.53
CA PRO C 161 21.87 14.65 -18.27
C PRO C 161 21.65 14.72 -16.75
N VAL C 162 20.92 15.73 -16.31
CA VAL C 162 20.54 15.89 -14.86
C VAL C 162 19.08 16.16 -14.74
N PHE C 163 18.55 15.88 -13.53
CA PHE C 163 17.22 16.30 -13.17
C PHE C 163 17.41 16.88 -11.72
N VAL C 164 17.02 18.15 -11.52
CA VAL C 164 17.28 18.84 -10.27
C VAL C 164 15.98 19.25 -9.63
N ARG C 165 15.81 18.96 -8.34
CA ARG C 165 14.67 19.39 -7.61
C ARG C 165 15.18 20.32 -6.48
N PHE C 166 14.60 21.51 -6.41
CA PHE C 166 14.85 22.50 -5.33
C PHE C 166 13.65 22.42 -4.42
N SER C 167 13.82 22.63 -3.11
CA SER C 167 12.66 22.48 -2.20
C SER C 167 12.84 23.37 -0.97
N THR C 168 11.77 23.57 -0.23
CA THR C 168 11.91 23.90 1.23
C THR C 168 12.02 22.58 2.00
N VAL C 169 11.91 22.61 3.36
CA VAL C 169 12.09 21.45 4.14
C VAL C 169 10.82 21.11 4.97
N GLN C 170 10.29 22.13 5.67
CA GLN C 170 9.26 21.87 6.69
C GLN C 170 7.87 21.63 6.08
N GLY C 171 7.43 22.51 5.16
CA GLY C 171 6.02 22.56 4.79
C GLY C 171 5.61 21.43 3.87
N GLY C 172 4.29 21.29 3.75
CA GLY C 172 3.73 20.25 2.87
C GLY C 172 3.89 20.58 1.40
N ALA C 173 3.52 19.60 0.55
CA ALA C 173 3.63 19.83 -0.90
C ALA C 173 2.80 21.03 -1.34
N GLY C 174 1.76 21.32 -0.58
CA GLY C 174 0.90 22.50 -0.89
C GLY C 174 1.19 23.78 -0.09
N SER C 175 2.33 23.80 0.62
CA SER C 175 2.80 25.05 1.31
C SER C 175 3.44 26.06 0.36
N ALA C 176 3.81 27.22 0.91
CA ALA C 176 4.27 28.36 0.15
C ALA C 176 5.77 28.34 -0.11
N ASP C 177 6.21 28.96 -1.20
CA ASP C 177 7.63 28.93 -1.57
C ASP C 177 8.55 29.88 -0.75
N THR C 178 8.11 31.13 -0.52
CA THR C 178 9.06 32.13 0.03
C THR C 178 8.98 32.19 1.57
N VAL C 179 8.80 31.02 2.17
CA VAL C 179 8.92 30.87 3.62
C VAL C 179 10.37 31.12 4.09
N ARG C 180 10.53 31.40 5.38
CA ARG C 180 11.89 31.25 5.97
C ARG C 180 12.18 29.79 6.30
N ASP C 181 13.19 29.21 5.68
CA ASP C 181 13.46 27.78 5.90
C ASP C 181 14.81 27.47 5.23
N ILE C 182 15.38 26.31 5.52
CA ILE C 182 16.49 25.82 4.69
C ILE C 182 15.88 25.44 3.31
N ARG C 183 16.70 25.42 2.25
CA ARG C 183 16.25 24.90 0.97
C ARG C 183 17.05 23.73 0.58
N GLY C 184 16.39 22.79 -0.09
CA GLY C 184 17.01 21.62 -0.67
C GLY C 184 17.44 21.92 -2.10
N PHE C 185 18.54 21.29 -2.50
CA PHE C 185 19.09 21.37 -3.86
C PHE C 185 19.60 19.96 -4.19
N ALA C 186 18.76 19.18 -4.90
CA ALA C 186 19.04 17.76 -5.17
C ALA C 186 19.25 17.57 -6.69
N THR C 187 20.36 16.91 -7.05
CA THR C 187 20.70 16.72 -8.49
C THR C 187 20.88 15.24 -8.73
N LYS C 188 20.07 14.72 -9.64
CA LYS C 188 20.21 13.34 -10.14
C LYS C 188 21.04 13.37 -11.42
N PHE C 189 22.26 12.85 -11.35
CA PHE C 189 23.14 12.74 -12.55
C PHE C 189 22.95 11.38 -13.15
N TYR C 190 22.52 11.33 -14.43
CA TYR C 190 22.32 10.05 -15.09
C TYR C 190 23.66 9.72 -15.81
N THR C 191 24.62 9.17 -15.05
CA THR C 191 25.94 8.81 -15.62
C THR C 191 25.99 7.47 -16.37
N GLU C 192 27.04 7.26 -17.18
CA GLU C 192 27.21 6.03 -17.94
C GLU C 192 27.61 4.88 -16.99
N GLU C 193 27.91 5.21 -15.71
CA GLU C 193 28.24 4.16 -14.73
C GLU C 193 27.28 4.12 -13.56
N GLY C 194 26.05 4.62 -13.77
CA GLY C 194 25.00 4.56 -12.76
C GLY C 194 24.50 5.95 -12.40
N ILE C 195 23.35 5.98 -11.72
CA ILE C 195 22.85 7.22 -11.14
C ILE C 195 23.74 7.69 -9.98
N PHE C 196 24.12 8.97 -10.04
CA PHE C 196 24.70 9.61 -8.86
C PHE C 196 23.74 10.72 -8.44
N ASP C 197 23.23 10.66 -7.19
CA ASP C 197 22.37 11.71 -6.65
C ASP C 197 23.24 12.55 -5.64
N LEU C 198 23.32 13.84 -5.92
CA LEU C 198 23.97 14.83 -5.00
C LEU C 198 22.87 15.58 -4.31
N VAL C 199 22.57 15.13 -3.07
CA VAL C 199 21.36 15.58 -2.34
C VAL C 199 21.82 16.64 -1.29
N GLY C 200 21.82 17.89 -1.73
CA GLY C 200 22.35 19.02 -0.92
C GLY C 200 21.34 20.02 -0.44
N ASN C 201 21.81 21.05 0.28
CA ASN C 201 20.94 22.10 0.74
C ASN C 201 21.63 23.41 0.47
N ASN C 202 21.02 24.52 0.88
CA ASN C 202 21.57 25.84 0.49
C ASN C 202 22.36 26.50 1.62
N THR C 203 22.68 25.70 2.62
CA THR C 203 23.69 26.07 3.64
C THR C 203 24.68 24.92 3.74
N PRO C 204 25.90 25.20 4.24
CA PRO C 204 26.98 24.24 4.29
C PRO C 204 26.95 23.28 5.43
N ILE C 205 25.97 23.40 6.31
CA ILE C 205 25.99 22.53 7.51
C ILE C 205 24.57 22.10 7.80
N PHE C 206 24.38 21.26 8.83
CA PHE C 206 23.05 20.95 9.28
C PHE C 206 22.86 21.27 10.75
N PHE C 207 21.60 21.18 11.22
CA PHE C 207 21.29 21.49 12.64
C PHE C 207 21.78 20.49 13.64
N ILE C 208 21.89 19.21 13.22
CA ILE C 208 22.23 18.18 14.25
C ILE C 208 23.41 17.33 13.76
N GLN C 209 24.02 16.60 14.73
CA GLN C 209 25.26 15.85 14.48
C GLN C 209 25.05 14.37 14.14
N ASP C 210 24.05 13.74 14.74
CA ASP C 210 23.86 12.26 14.55
C ASP C 210 22.48 11.99 13.98
N ALA C 211 22.41 11.10 12.98
CA ALA C 211 21.11 10.81 12.33
C ALA C 211 20.03 10.28 13.29
N HIS C 212 20.43 9.65 14.40
CA HIS C 212 19.47 9.17 15.37
C HIS C 212 18.54 10.28 15.90
N LYS C 213 18.97 11.56 15.87
CA LYS C 213 18.14 12.61 16.39
C LYS C 213 17.30 13.24 15.26
N PHE C 214 17.42 12.76 14.02
CA PHE C 214 16.73 13.49 12.94
C PHE C 214 15.17 13.54 13.20
N PRO C 215 14.54 12.45 13.65
CA PRO C 215 13.09 12.58 13.90
C PRO C 215 12.76 13.56 15.03
N ASP C 216 13.66 13.69 16.01
CA ASP C 216 13.43 14.64 17.07
C ASP C 216 13.48 16.05 16.53
N PHE C 217 14.54 16.38 15.78
CA PHE C 217 14.71 17.76 15.32
C PHE C 217 13.54 18.04 14.30
N VAL C 218 13.28 17.11 13.38
CA VAL C 218 12.17 17.31 12.37
C VAL C 218 10.80 17.46 13.05
N HIS C 219 10.51 16.65 14.07
CA HIS C 219 9.26 16.80 14.80
C HIS C 219 9.16 18.20 15.45
N ALA C 220 10.27 18.64 16.00
CA ALA C 220 10.35 19.94 16.64
C ALA C 220 10.03 21.13 15.67
N VAL C 221 10.61 21.12 14.44
CA VAL C 221 10.37 22.20 13.48
C VAL C 221 9.00 22.13 12.80
N LYS C 222 8.51 20.90 12.59
CA LYS C 222 7.24 20.60 11.90
C LYS C 222 6.02 21.13 12.70
N PRO C 223 4.83 21.10 12.08
CA PRO C 223 3.68 21.59 12.81
C PRO C 223 3.51 20.78 14.06
N GLU C 224 3.14 21.48 15.19
CA GLU C 224 3.00 20.79 16.48
C GLU C 224 1.86 19.74 16.51
N PRO C 225 2.05 18.62 17.22
CA PRO C 225 1.21 17.42 16.89
C PRO C 225 -0.24 17.53 17.39
N HIS C 226 -0.52 18.40 18.39
CA HIS C 226 -1.92 18.48 18.84
C HIS C 226 -2.75 19.11 17.73
N TRP C 227 -2.34 20.29 17.22
CA TRP C 227 -3.23 21.05 16.27
C TRP C 227 -2.68 21.24 14.83
N ALA C 228 -1.51 20.67 14.56
CA ALA C 228 -0.86 20.81 13.21
C ALA C 228 -0.74 22.27 12.73
N ILE C 229 -0.16 23.10 13.60
CA ILE C 229 0.22 24.46 13.31
C ILE C 229 1.62 24.66 13.86
N PRO C 230 2.46 25.45 13.17
CA PRO C 230 2.31 26.28 11.94
C PRO C 230 2.95 25.68 10.71
N GLN C 231 2.40 26.02 9.55
CA GLN C 231 2.90 25.51 8.28
C GLN C 231 4.03 26.38 7.80
N GLY C 232 5.11 25.73 7.43
CA GLY C 232 6.20 26.39 6.72
C GLY C 232 6.99 27.35 7.58
N GLN C 233 6.99 27.13 8.91
CA GLN C 233 7.55 28.10 9.87
C GLN C 233 8.26 27.39 11.03
N SER C 234 9.43 27.91 11.40
CA SER C 234 10.09 27.48 12.64
C SER C 234 9.70 28.39 13.81
N ALA C 235 8.85 29.42 13.57
CA ALA C 235 8.49 30.38 14.57
C ALA C 235 7.45 29.84 15.50
N HIS C 236 7.79 28.85 16.27
CA HIS C 236 6.87 28.30 17.25
C HIS C 236 7.59 27.63 18.40
N ASP C 237 6.93 27.34 19.50
CA ASP C 237 7.62 26.92 20.72
C ASP C 237 8.51 25.65 20.64
N THR C 238 8.04 24.62 19.97
CA THR C 238 8.73 23.35 20.02
C THR C 238 10.07 23.49 19.28
N PHE C 239 10.11 24.26 18.19
CA PHE C 239 11.39 24.43 17.47
C PHE C 239 12.38 25.07 18.40
N TRP C 240 12.02 26.22 18.94
CA TRP C 240 12.96 26.96 19.79
C TRP C 240 13.26 26.23 21.15
N ASP C 241 12.35 25.38 21.62
CA ASP C 241 12.64 24.53 22.79
C ASP C 241 13.82 23.57 22.47
N TYR C 242 13.70 22.88 21.33
CA TYR C 242 14.74 21.91 20.92
C TYR C 242 16.09 22.66 20.79
N VAL C 243 16.11 23.77 20.03
CA VAL C 243 17.35 24.56 19.83
C VAL C 243 17.97 24.99 21.16
N SER C 244 17.13 25.52 22.07
CA SER C 244 17.67 25.95 23.37
C SER C 244 18.28 24.83 24.16
N LEU C 245 17.83 23.59 23.91
CA LEU C 245 18.33 22.44 24.62
C LEU C 245 19.46 21.66 23.87
N GLN C 246 19.73 22.08 22.62
CA GLN C 246 20.69 21.37 21.78
C GLN C 246 21.55 22.42 21.05
N PRO C 247 22.53 22.99 21.75
CA PRO C 247 23.37 24.03 21.17
C PRO C 247 24.08 23.65 19.86
N GLU C 248 24.18 22.37 19.55
CA GLU C 248 24.74 21.98 18.26
C GLU C 248 23.95 22.59 17.11
N THR C 249 22.65 22.90 17.37
CA THR C 249 21.81 23.47 16.33
C THR C 249 22.15 24.91 15.95
N LEU C 250 22.89 25.64 16.78
CA LEU C 250 22.94 27.10 16.64
C LEU C 250 23.57 27.52 15.31
N HIS C 251 24.59 26.76 14.82
CA HIS C 251 25.20 27.14 13.57
C HIS C 251 24.16 27.25 12.43
N ASN C 252 23.47 26.13 12.13
CA ASN C 252 22.51 26.22 11.05
C ASN C 252 21.36 27.17 11.40
N VAL C 253 21.00 27.28 12.68
CA VAL C 253 19.99 28.32 13.05
C VAL C 253 20.44 29.75 12.63
N MET C 254 21.72 30.05 12.81
CA MET C 254 22.23 31.37 12.40
C MET C 254 21.96 31.56 10.90
N TRP C 255 22.25 30.52 10.13
CA TRP C 255 22.06 30.61 8.66
C TRP C 255 20.60 30.85 8.32
N ALA C 256 19.72 30.07 8.98
CA ALA C 256 18.32 30.16 8.79
C ALA C 256 17.76 31.54 9.16
N MET C 257 18.30 32.17 10.23
CA MET C 257 17.79 33.43 10.68
C MET C 257 18.32 34.59 9.81
N SER C 258 19.44 34.36 9.11
CA SER C 258 19.92 35.34 8.13
C SER C 258 19.04 35.32 6.88
N ASP C 259 19.36 36.20 5.93
CA ASP C 259 18.56 36.34 4.70
C ASP C 259 18.84 35.12 3.82
N ARG C 260 19.85 34.32 4.15
CA ARG C 260 19.98 33.02 3.48
C ARG C 260 18.70 32.22 3.58
N GLY C 261 17.95 32.41 4.66
CA GLY C 261 16.70 31.59 4.79
C GLY C 261 15.51 32.00 3.92
N ILE C 262 15.67 33.10 3.17
CA ILE C 262 14.59 33.62 2.26
C ILE C 262 15.19 34.04 0.88
N PRO C 263 15.66 33.07 0.04
CA PRO C 263 16.26 33.42 -1.24
C PRO C 263 15.31 34.06 -2.23
N ARG C 264 15.88 34.88 -3.12
CA ARG C 264 15.12 35.59 -4.10
C ARG C 264 14.58 34.60 -5.14
N SER C 265 15.39 33.58 -5.39
CA SER C 265 15.10 32.65 -6.48
C SER C 265 15.90 31.42 -6.21
N TYR C 266 15.49 30.24 -6.71
CA TYR C 266 16.43 29.09 -6.68
C TYR C 266 17.68 29.32 -7.55
N ARG C 267 17.57 30.18 -8.56
CA ARG C 267 18.73 30.59 -9.36
C ARG C 267 19.81 31.43 -8.60
N THR C 268 19.42 32.03 -7.47
CA THR C 268 20.32 32.95 -6.75
C THR C 268 20.66 32.51 -5.33
N MET C 269 20.87 31.20 -5.11
CA MET C 269 21.30 30.69 -3.81
C MET C 269 22.45 29.68 -4.07
N GLU C 270 23.33 29.50 -3.07
CA GLU C 270 24.34 28.49 -3.15
C GLU C 270 23.77 27.09 -2.82
N GLY C 271 24.49 26.07 -3.24
CA GLY C 271 24.19 24.72 -2.85
C GLY C 271 25.48 24.15 -2.25
N PHE C 272 25.29 23.15 -1.39
CA PHE C 272 26.35 22.45 -0.71
C PHE C 272 25.96 21.00 -0.48
N GLY C 273 26.94 20.14 -0.49
CA GLY C 273 26.70 18.71 -0.27
C GLY C 273 26.59 18.33 1.19
N CYS C 274 26.81 19.28 2.09
CA CYS C 274 26.58 19.04 3.55
C CYS C 274 27.68 18.23 4.28
N HIS C 275 28.17 17.15 3.65
CA HIS C 275 29.18 16.26 4.31
C HIS C 275 30.50 16.15 3.59
N THR C 276 31.50 15.70 4.35
CA THR C 276 32.70 15.19 3.75
C THR C 276 32.38 13.82 3.15
N PHE C 277 32.67 13.70 1.84
CA PHE C 277 32.61 12.43 1.11
C PHE C 277 34.03 12.12 0.70
N ARG C 278 34.25 11.08 -0.10
CA ARG C 278 35.61 10.89 -0.63
C ARG C 278 35.55 10.81 -2.16
N LEU C 279 36.63 11.30 -2.80
CA LEU C 279 36.97 10.91 -4.14
C LEU C 279 38.00 9.78 -4.11
N ILE C 280 37.84 8.90 -5.07
CA ILE C 280 38.78 7.80 -5.11
C ILE C 280 39.34 7.75 -6.51
N ASN C 281 40.67 7.86 -6.68
CA ASN C 281 41.22 7.75 -8.01
C ASN C 281 41.56 6.29 -8.40
N ALA C 282 42.06 6.12 -9.62
CA ALA C 282 42.31 4.80 -10.18
C ALA C 282 43.44 4.12 -9.40
N GLU C 283 44.35 4.89 -8.84
CA GLU C 283 45.42 4.30 -7.96
C GLU C 283 44.92 3.90 -6.57
N GLY C 284 43.66 4.19 -6.24
CA GLY C 284 43.12 3.82 -4.91
C GLY C 284 43.30 4.90 -3.88
N LYS C 285 43.84 6.04 -4.27
CA LYS C 285 44.01 7.15 -3.32
C LYS C 285 42.71 7.86 -2.97
N ALA C 286 42.48 8.09 -1.69
CA ALA C 286 41.23 8.74 -1.28
C ALA C 286 41.52 10.19 -0.97
N THR C 287 40.67 11.11 -1.40
CA THR C 287 40.82 12.52 -1.03
C THR C 287 39.52 12.91 -0.42
N PHE C 288 39.54 13.72 0.68
CA PHE C 288 38.26 14.15 1.27
C PHE C 288 37.68 15.27 0.40
N VAL C 289 36.35 15.32 0.29
CA VAL C 289 35.73 16.32 -0.56
C VAL C 289 34.45 16.86 0.09
N ARG C 290 34.27 18.17 0.01
CA ARG C 290 32.93 18.76 0.16
C ARG C 290 32.46 19.46 -1.16
N PHE C 291 31.21 19.23 -1.51
CA PHE C 291 30.64 19.67 -2.76
C PHE C 291 29.98 21.03 -2.63
N HIS C 292 30.10 21.85 -3.68
CA HIS C 292 29.60 23.18 -3.72
C HIS C 292 28.89 23.41 -5.07
N TRP C 293 27.78 24.16 -5.02
CA TRP C 293 27.21 24.70 -6.26
C TRP C 293 27.28 26.20 -6.16
N LYS C 294 27.84 26.87 -7.17
CA LYS C 294 27.91 28.36 -7.17
C LYS C 294 26.93 28.86 -8.24
N PRO C 295 25.98 29.73 -7.82
CA PRO C 295 24.99 30.21 -8.75
C PRO C 295 25.63 31.27 -9.69
N LEU C 296 25.57 31.03 -10.99
CA LEU C 296 26.20 31.93 -11.93
C LEU C 296 25.36 33.20 -12.10
N ALA C 297 24.09 33.20 -11.65
CA ALA C 297 23.28 34.41 -11.60
C ALA C 297 23.58 35.25 -10.35
N GLY C 298 24.46 34.78 -9.48
CA GLY C 298 24.79 35.53 -8.27
C GLY C 298 23.93 35.19 -7.05
N LYS C 299 24.35 35.67 -5.89
CA LYS C 299 23.63 35.42 -4.65
C LYS C 299 22.64 36.53 -4.32
N ALA C 300 21.40 36.19 -3.90
CA ALA C 300 20.39 37.25 -3.64
C ALA C 300 19.21 36.70 -2.87
N SER C 301 18.74 37.48 -1.89
CA SER C 301 17.63 37.05 -1.02
C SER C 301 16.64 38.19 -0.89
N LEU C 302 15.39 37.87 -0.54
CA LEU C 302 14.34 38.84 -0.17
C LEU C 302 14.68 39.41 1.19
N VAL C 303 13.84 40.32 1.65
CA VAL C 303 13.82 40.72 3.05
C VAL C 303 12.56 40.15 3.64
N TRP C 304 12.54 40.02 4.94
CA TRP C 304 11.55 39.21 5.63
C TRP C 304 10.12 39.69 5.39
N ASP C 305 9.86 41.01 5.49
CA ASP C 305 8.49 41.44 5.36
C ASP C 305 7.98 41.09 3.96
N GLU C 306 8.88 41.25 2.99
CA GLU C 306 8.57 41.00 1.57
C GLU C 306 8.30 39.49 1.38
N ALA C 307 9.21 38.65 1.89
CA ALA C 307 9.08 37.19 1.77
C ALA C 307 7.76 36.73 2.39
N GLN C 308 7.40 37.25 3.54
CA GLN C 308 6.23 36.76 4.26
C GLN C 308 4.94 37.15 3.51
N LYS C 309 4.89 38.41 3.07
CA LYS C 309 3.74 38.87 2.31
C LYS C 309 3.61 38.13 0.99
N LEU C 310 4.75 37.83 0.37
CA LEU C 310 4.74 37.13 -0.85
C LEU C 310 4.19 35.67 -0.71
N THR C 311 4.35 35.04 0.49
CA THR C 311 3.75 33.71 0.67
C THR C 311 2.19 33.79 0.51
N GLY C 312 1.65 34.97 0.78
CA GLY C 312 0.21 35.26 0.57
C GLY C 312 -0.15 35.72 -0.84
N ARG C 313 0.55 36.73 -1.39
CA ARG C 313 0.29 37.18 -2.74
C ARG C 313 0.56 36.14 -3.84
N ASP C 314 1.66 35.38 -3.73
CA ASP C 314 1.95 34.25 -4.65
C ASP C 314 2.71 33.16 -3.96
N PRO C 315 1.98 32.18 -3.34
CA PRO C 315 2.69 31.11 -2.66
C PRO C 315 3.48 30.22 -3.60
N ASP C 316 3.30 30.40 -4.92
CA ASP C 316 4.06 29.62 -5.87
C ASP C 316 5.21 30.39 -6.54
N PHE C 317 5.65 31.47 -5.93
CA PHE C 317 6.55 32.40 -6.65
C PHE C 317 7.86 31.76 -7.12
N HIS C 318 8.51 30.94 -6.28
CA HIS C 318 9.79 30.34 -6.75
C HIS C 318 9.58 29.25 -7.80
N ARG C 319 8.53 28.43 -7.66
CA ARG C 319 8.18 27.42 -8.69
C ARG C 319 7.89 28.13 -10.04
N ARG C 320 7.15 29.24 -9.93
CA ARG C 320 6.81 30.03 -11.10
C ARG C 320 8.04 30.62 -11.73
N GLU C 321 8.94 31.18 -10.90
CA GLU C 321 10.08 31.99 -11.37
C GLU C 321 11.04 31.02 -12.10
N LEU C 322 11.20 29.82 -11.52
CA LEU C 322 12.03 28.75 -12.12
C LEU C 322 11.48 28.31 -13.48
N TRP C 323 10.18 28.01 -13.55
CA TRP C 323 9.58 27.54 -14.82
C TRP C 323 9.69 28.63 -15.89
N GLU C 324 9.42 29.89 -15.49
CA GLU C 324 9.40 30.99 -16.45
C GLU C 324 10.80 31.38 -16.91
N ALA C 325 11.77 31.27 -16.02
CA ALA C 325 13.20 31.50 -16.39
C ALA C 325 13.58 30.55 -17.52
N ILE C 326 13.19 29.26 -17.35
CA ILE C 326 13.57 28.26 -18.34
C ILE C 326 12.83 28.56 -19.64
N GLU C 327 11.54 28.98 -19.52
CA GLU C 327 10.74 29.21 -20.76
C GLU C 327 11.33 30.41 -21.56
N ALA C 328 11.91 31.37 -20.81
CA ALA C 328 12.52 32.57 -21.40
C ALA C 328 13.95 32.39 -21.93
N GLY C 329 14.59 31.28 -21.60
CA GLY C 329 15.99 31.13 -21.98
C GLY C 329 16.92 31.66 -20.90
N ASP C 330 16.40 32.04 -19.74
CA ASP C 330 17.24 32.48 -18.64
C ASP C 330 17.62 31.21 -17.88
N PHE C 331 18.27 30.26 -18.56
CA PHE C 331 18.48 28.97 -17.92
C PHE C 331 19.28 29.11 -16.62
N PRO C 332 18.75 28.58 -15.50
CA PRO C 332 19.54 28.50 -14.27
C PRO C 332 20.90 27.85 -14.58
N GLU C 333 21.98 28.48 -14.10
CA GLU C 333 23.29 27.85 -14.29
C GLU C 333 24.07 27.81 -13.02
N TYR C 334 24.78 26.69 -12.75
CA TYR C 334 25.55 26.56 -11.50
C TYR C 334 26.90 25.94 -11.76
N GLU C 335 27.94 26.43 -11.08
CA GLU C 335 29.25 25.79 -11.18
C GLU C 335 29.46 24.80 -10.04
N LEU C 336 29.72 23.54 -10.41
CA LEU C 336 30.05 22.55 -9.40
C LEU C 336 31.50 22.86 -8.94
N GLY C 337 31.72 22.81 -7.64
CA GLY C 337 33.06 23.07 -7.05
C GLY C 337 33.38 22.06 -5.95
N PHE C 338 34.68 21.77 -5.75
CA PHE C 338 35.11 20.82 -4.70
C PHE C 338 36.01 21.54 -3.70
N GLN C 339 35.76 21.36 -2.39
CA GLN C 339 36.80 21.63 -1.41
C GLN C 339 37.50 20.31 -1.22
N LEU C 340 38.82 20.28 -1.39
CA LEU C 340 39.60 19.02 -1.35
C LEU C 340 40.59 19.04 -0.22
N ILE C 341 40.62 17.97 0.59
CA ILE C 341 41.50 17.87 1.74
C ILE C 341 42.18 16.49 1.66
N PRO C 342 43.54 16.45 1.63
CA PRO C 342 44.18 15.17 1.61
C PRO C 342 43.89 14.35 2.87
N GLU C 343 43.97 13.04 2.73
CA GLU C 343 43.71 12.18 3.84
C GLU C 343 44.61 12.49 5.03
N GLU C 344 45.87 12.80 4.78
CA GLU C 344 46.79 13.06 5.87
C GLU C 344 46.51 14.40 6.57
N ASP C 345 45.56 15.18 6.05
CA ASP C 345 45.14 16.46 6.65
C ASP C 345 43.84 16.35 7.49
N GLU C 346 43.37 15.13 7.74
CA GLU C 346 42.13 14.89 8.50
C GLU C 346 42.05 15.71 9.78
N PHE C 347 43.16 15.78 10.53
CA PHE C 347 43.12 16.41 11.86
C PHE C 347 43.79 17.77 11.89
N LYS C 348 44.01 18.37 10.73
CA LYS C 348 44.70 19.67 10.70
C LYS C 348 43.86 20.88 11.12
N PHE C 349 42.58 20.68 11.41
CA PHE C 349 41.71 21.85 11.73
C PHE C 349 41.27 21.89 13.18
N ASP C 350 40.72 23.03 13.60
CA ASP C 350 40.16 23.23 14.93
C ASP C 350 38.86 22.45 15.11
N PHE C 351 38.31 21.91 14.02
CA PHE C 351 36.98 21.23 14.11
C PHE C 351 37.15 19.85 13.42
N ASP C 352 36.18 18.97 13.60
CA ASP C 352 36.27 17.63 13.02
C ASP C 352 35.66 17.71 11.61
N LEU C 353 36.34 17.17 10.60
CA LEU C 353 35.85 17.20 9.24
C LEU C 353 34.55 16.39 9.08
N LEU C 354 34.33 15.44 10.00
CA LEU C 354 33.15 14.57 9.94
C LEU C 354 31.98 15.20 10.69
N ASP C 355 32.15 16.41 11.22
CA ASP C 355 31.09 17.04 12.02
C ASP C 355 30.22 17.89 11.08
N PRO C 356 28.97 17.42 10.82
CA PRO C 356 28.21 18.15 9.80
C PRO C 356 27.64 19.47 10.33
N THR C 357 27.89 19.84 11.59
CA THR C 357 27.50 21.15 12.09
C THR C 357 28.65 22.18 11.87
N LYS C 358 29.73 21.69 11.27
CA LYS C 358 30.94 22.53 11.09
C LYS C 358 31.08 22.81 9.58
N LEU C 359 31.40 24.04 9.21
CA LEU C 359 31.74 24.31 7.81
C LEU C 359 33.26 24.34 7.62
N ILE C 360 33.67 24.23 6.38
CA ILE C 360 35.12 24.35 6.09
C ILE C 360 35.25 25.72 5.40
N PRO C 361 35.81 26.70 6.12
CA PRO C 361 35.96 28.06 5.58
C PRO C 361 36.78 28.04 4.28
N GLU C 362 36.27 28.75 3.26
CA GLU C 362 36.98 28.82 1.96
C GLU C 362 38.32 29.53 2.08
N GLU C 363 38.45 30.40 3.08
CA GLU C 363 39.76 31.00 3.39
C GLU C 363 40.81 29.91 3.71
N LEU C 364 40.41 28.81 4.32
CA LEU C 364 41.34 27.67 4.63
C LEU C 364 41.48 26.65 3.49
N VAL C 365 40.34 26.30 2.86
CA VAL C 365 40.36 25.32 1.78
C VAL C 365 39.51 25.89 0.61
N PRO C 366 40.17 26.36 -0.49
CA PRO C 366 39.40 26.97 -1.56
C PRO C 366 38.56 25.95 -2.28
N VAL C 367 37.48 26.47 -2.86
CA VAL C 367 36.65 25.73 -3.78
C VAL C 367 37.34 25.71 -5.14
N GLN C 368 37.59 24.50 -5.61
CA GLN C 368 38.19 24.27 -6.93
C GLN C 368 37.05 24.05 -7.95
N ARG C 369 37.08 24.78 -9.06
CA ARG C 369 35.96 24.71 -10.00
C ARG C 369 36.02 23.36 -10.75
N VAL C 370 34.85 22.77 -11.00
CA VAL C 370 34.81 21.38 -11.54
C VAL C 370 34.05 21.32 -12.85
N GLY C 371 32.87 21.98 -12.90
CA GLY C 371 32.09 21.90 -14.13
C GLY C 371 30.88 22.78 -14.07
N LYS C 372 30.13 22.80 -15.18
CA LYS C 372 28.94 23.65 -15.25
C LYS C 372 27.71 22.81 -15.46
N MET C 373 26.64 23.22 -14.78
CA MET C 373 25.31 22.63 -14.94
C MET C 373 24.29 23.68 -15.42
N VAL C 374 23.51 23.31 -16.42
CA VAL C 374 22.50 24.20 -17.01
C VAL C 374 21.16 23.51 -16.98
N LEU C 375 20.12 24.17 -16.46
CA LEU C 375 18.79 23.60 -16.43
C LEU C 375 18.02 24.29 -17.56
N ASN C 376 17.65 23.48 -18.57
CA ASN C 376 17.16 24.03 -19.79
C ASN C 376 15.83 23.45 -20.29
N ARG C 377 15.16 22.60 -19.48
CA ARG C 377 13.86 22.13 -19.92
C ARG C 377 12.96 21.85 -18.77
N ASN C 378 11.71 22.34 -18.81
CA ASN C 378 10.75 21.99 -17.78
C ASN C 378 10.20 20.58 -18.00
N PRO C 379 9.64 19.95 -16.93
CA PRO C 379 8.96 18.67 -17.16
C PRO C 379 7.73 18.81 -18.03
N ASP C 380 7.21 17.68 -18.46
CA ASP C 380 5.87 17.67 -19.09
C ASP C 380 4.72 17.52 -18.07
N ASN C 381 4.88 16.64 -17.09
CA ASN C 381 3.84 16.39 -16.07
C ASN C 381 4.48 16.43 -14.70
N PHE C 382 4.04 17.40 -13.90
CA PHE C 382 4.65 17.63 -12.59
C PHE C 382 4.57 16.39 -11.73
N PHE C 383 3.39 15.79 -11.63
CA PHE C 383 3.31 14.58 -10.80
C PHE C 383 4.27 13.47 -11.24
N ALA C 384 4.18 13.12 -12.54
CA ALA C 384 4.93 11.97 -13.03
C ALA C 384 6.44 12.10 -12.87
N GLU C 385 6.97 13.31 -13.14
CA GLU C 385 8.43 13.58 -13.15
C GLU C 385 8.98 14.20 -11.85
N ASN C 386 8.22 15.14 -11.27
CA ASN C 386 8.68 15.81 -10.08
C ASN C 386 8.26 15.05 -8.84
N GLU C 387 6.96 14.87 -8.65
CA GLU C 387 6.52 14.30 -7.38
C GLU C 387 7.10 12.89 -7.22
N GLN C 388 7.13 12.14 -8.31
CA GLN C 388 7.61 10.76 -8.26
C GLN C 388 9.15 10.59 -8.23
N ALA C 389 9.92 11.65 -8.46
CA ALA C 389 11.43 11.51 -8.51
C ALA C 389 11.93 11.12 -7.13
N ALA C 390 12.89 10.18 -7.07
CA ALA C 390 13.45 9.76 -5.79
C ALA C 390 14.96 9.99 -5.85
N PHE C 391 15.45 10.83 -4.94
CA PHE C 391 16.90 11.19 -4.86
C PHE C 391 17.42 10.56 -3.57
N HIS C 392 18.67 10.09 -3.53
CA HIS C 392 19.12 9.49 -2.26
C HIS C 392 20.65 9.57 -2.30
N PRO C 393 21.27 10.12 -1.26
CA PRO C 393 22.72 10.34 -1.29
C PRO C 393 23.58 9.04 -1.26
N GLY C 394 22.99 7.91 -0.87
CA GLY C 394 23.71 6.65 -1.04
C GLY C 394 23.89 6.26 -2.48
N HIS C 395 23.17 6.91 -3.41
CA HIS C 395 23.34 6.61 -4.83
C HIS C 395 24.62 7.19 -5.38
N ILE C 396 25.72 6.48 -5.15
CA ILE C 396 27.04 6.98 -5.62
C ILE C 396 27.55 6.05 -6.69
N VAL C 397 28.69 6.41 -7.31
CA VAL C 397 29.25 5.61 -8.45
C VAL C 397 30.72 5.37 -8.15
N PRO C 398 31.39 4.39 -8.85
CA PRO C 398 32.81 4.17 -8.60
C PRO C 398 33.58 5.51 -8.77
N GLY C 399 34.52 5.78 -7.84
CA GLY C 399 35.20 7.04 -7.89
C GLY C 399 34.74 7.97 -6.77
N LEU C 400 33.65 7.62 -6.09
CA LEU C 400 33.15 8.39 -4.93
C LEU C 400 33.07 7.39 -3.78
N ASP C 401 33.19 7.89 -2.55
CA ASP C 401 32.80 7.01 -1.43
C ASP C 401 32.34 7.85 -0.22
N PHE C 402 31.87 7.24 0.85
CA PHE C 402 31.31 7.94 1.99
C PHE C 402 32.46 8.19 3.03
N THR C 403 32.12 8.78 4.17
CA THR C 403 32.99 8.81 5.32
C THR C 403 32.11 8.47 6.50
N ASN C 404 32.71 8.58 7.69
CA ASN C 404 31.99 8.22 8.92
C ASN C 404 31.18 9.34 9.53
N ASP C 405 31.00 10.42 8.78
CA ASP C 405 30.08 11.48 9.23
C ASP C 405 28.79 10.80 9.75
N PRO C 406 28.44 11.04 11.03
CA PRO C 406 27.39 10.19 11.56
C PRO C 406 25.96 10.62 11.23
N LEU C 407 25.83 11.78 10.59
CA LEU C 407 24.56 12.17 10.01
C LEU C 407 24.41 11.53 8.62
N LEU C 408 25.44 11.65 7.78
CA LEU C 408 25.43 10.93 6.49
C LEU C 408 25.22 9.44 6.66
N GLN C 409 25.88 8.84 7.64
CA GLN C 409 25.77 7.38 7.88
C GLN C 409 24.33 6.95 8.04
N GLY C 410 23.56 7.71 8.82
CA GLY C 410 22.13 7.40 8.98
C GLY C 410 21.25 7.79 7.82
N ARG C 411 21.60 8.88 7.12
CA ARG C 411 20.92 9.18 5.81
C ARG C 411 20.89 7.97 4.93
N LEU C 412 21.98 7.21 4.89
CA LEU C 412 22.08 6.04 3.97
C LEU C 412 20.99 5.01 4.13
N PHE C 413 20.51 4.88 5.36
CA PHE C 413 19.38 4.01 5.62
C PHE C 413 18.04 4.59 5.12
N SER C 414 17.83 5.86 5.42
CA SER C 414 16.51 6.48 5.19
C SER C 414 16.08 6.56 3.74
N TYR C 415 16.95 7.04 2.85
CA TYR C 415 16.43 7.38 1.54
C TYR C 415 16.00 6.20 0.69
N THR C 416 16.47 5.00 1.02
CA THR C 416 15.97 3.76 0.37
C THR C 416 14.63 3.33 1.03
N ASP C 417 14.69 3.22 2.33
CA ASP C 417 13.52 2.85 3.13
C ASP C 417 12.21 3.63 2.83
N THR C 418 12.31 4.99 2.86
CA THR C 418 11.13 5.86 2.74
C THR C 418 10.38 5.61 1.41
N GLN C 419 11.09 5.22 0.35
CA GLN C 419 10.45 4.97 -0.95
C GLN C 419 9.42 3.83 -0.94
N ILE C 420 9.53 2.88 -0.01
CA ILE C 420 8.68 1.69 -0.05
C ILE C 420 7.20 2.10 0.22
N SER C 421 6.97 3.09 1.10
CA SER C 421 5.58 3.66 1.19
C SER C 421 5.36 4.80 0.15
N ARG C 422 6.32 5.72 0.00
CA ARG C 422 6.04 6.92 -0.80
C ARG C 422 5.76 6.54 -2.25
N LEU C 423 6.57 5.64 -2.82
CA LEU C 423 6.43 5.24 -4.20
C LEU C 423 5.91 3.80 -4.36
N GLY C 424 5.40 3.21 -3.27
CA GLY C 424 4.58 2.01 -3.42
C GLY C 424 5.34 0.69 -3.48
N GLY C 425 6.69 0.73 -3.36
CA GLY C 425 7.46 -0.53 -3.33
C GLY C 425 8.88 -0.42 -3.87
N PRO C 426 9.54 -1.59 -4.08
CA PRO C 426 10.97 -1.59 -4.29
C PRO C 426 11.31 -1.44 -5.77
N ASN C 427 10.30 -1.33 -6.64
CA ASN C 427 10.57 -1.08 -8.08
C ASN C 427 10.48 0.42 -8.44
N PHE C 428 10.76 1.28 -7.45
CA PHE C 428 10.70 2.73 -7.71
C PHE C 428 11.72 3.18 -8.77
N HIS C 429 12.83 2.44 -8.99
CA HIS C 429 13.75 2.78 -10.07
C HIS C 429 13.16 2.50 -11.44
N GLU C 430 12.04 1.76 -11.55
CA GLU C 430 11.41 1.59 -12.88
C GLU C 430 10.41 2.76 -13.23
N ILE C 431 10.15 3.64 -12.26
CA ILE C 431 9.33 4.83 -12.58
C ILE C 431 10.17 5.66 -13.54
N PRO C 432 9.60 6.11 -14.69
CA PRO C 432 10.47 6.63 -15.75
C PRO C 432 11.55 7.65 -15.37
N ILE C 433 11.17 8.67 -14.60
CA ILE C 433 12.15 9.72 -14.23
C ILE C 433 13.33 9.11 -13.43
N ASN C 434 13.04 8.03 -12.68
CA ASN C 434 14.09 7.41 -11.85
C ASN C 434 14.99 6.44 -12.60
N ARG C 435 14.64 6.07 -13.80
CA ARG C 435 15.47 5.04 -14.50
C ARG C 435 16.88 5.49 -14.82
N PRO C 436 17.86 4.63 -14.55
CA PRO C 436 19.21 4.96 -15.08
C PRO C 436 19.15 4.93 -16.59
N THR C 437 20.02 5.70 -17.20
CA THR C 437 20.29 5.57 -18.62
C THR C 437 21.37 4.53 -18.82
N ALA C 438 22.19 4.30 -17.79
CA ALA C 438 23.20 3.22 -17.82
C ALA C 438 22.49 1.84 -17.80
N PRO C 439 23.15 0.79 -18.29
CA PRO C 439 22.50 -0.49 -18.21
C PRO C 439 22.31 -0.96 -16.78
N TYR C 440 21.23 -1.70 -16.54
CA TYR C 440 21.08 -2.30 -15.22
C TYR C 440 20.50 -3.71 -15.43
N HIS C 441 21.15 -4.70 -14.81
CA HIS C 441 20.80 -6.14 -14.91
C HIS C 441 21.20 -6.79 -13.61
N ASN C 442 20.31 -7.58 -13.02
CA ASN C 442 20.73 -8.28 -11.81
C ASN C 442 19.69 -9.38 -11.55
N PHE C 443 19.75 -10.01 -10.39
CA PHE C 443 18.90 -11.19 -10.09
C PHE C 443 17.72 -10.86 -9.21
N GLN C 444 17.48 -9.58 -8.98
CA GLN C 444 16.30 -9.18 -8.19
C GLN C 444 15.00 -9.37 -9.02
N ARG C 445 13.90 -9.76 -8.38
CA ARG C 445 12.68 -10.11 -9.18
C ARG C 445 11.47 -9.64 -8.42
N ASP C 446 10.35 -9.48 -9.16
CA ASP C 446 8.98 -9.28 -8.55
C ASP C 446 8.89 -7.95 -7.81
N GLY C 447 8.05 -7.90 -6.71
CA GLY C 447 7.62 -6.63 -6.07
C GLY C 447 6.42 -6.01 -6.78
N MET C 448 5.72 -5.09 -6.09
CA MET C 448 4.57 -4.43 -6.64
C MET C 448 4.97 -3.60 -7.87
N HIS C 449 4.08 -3.47 -8.84
N HIS C 449 4.05 -3.70 -8.85
CA HIS C 449 4.38 -2.61 -10.01
CA HIS C 449 4.03 -3.01 -10.18
C HIS C 449 5.61 -3.11 -10.76
C HIS C 449 5.37 -3.18 -10.89
N ARG C 450 5.83 -4.43 -10.87
CA ARG C 450 7.04 -4.87 -11.62
C ARG C 450 6.90 -4.63 -13.14
N MET C 451 7.77 -3.77 -13.68
CA MET C 451 7.71 -3.48 -15.13
C MET C 451 8.61 -4.41 -15.91
N GLY C 452 9.87 -4.57 -15.47
CA GLY C 452 10.83 -5.37 -16.33
C GLY C 452 10.45 -6.85 -16.31
N ILE C 453 10.41 -7.49 -17.48
CA ILE C 453 10.10 -8.91 -17.64
C ILE C 453 11.44 -9.59 -17.95
N ASP C 454 11.99 -10.20 -16.92
CA ASP C 454 13.31 -10.81 -17.00
C ASP C 454 13.24 -12.16 -17.77
N THR C 455 14.10 -12.28 -18.78
CA THR C 455 14.14 -13.55 -19.55
C THR C 455 15.28 -14.46 -19.03
N ASN C 456 16.15 -13.98 -18.13
CA ASN C 456 17.23 -14.85 -17.62
C ASN C 456 16.66 -16.20 -17.08
N PRO C 457 17.15 -17.38 -17.55
CA PRO C 457 16.75 -18.66 -16.95
C PRO C 457 17.10 -18.66 -15.46
N ALA C 458 18.08 -17.89 -15.04
CA ALA C 458 18.48 -17.82 -13.59
C ALA C 458 18.00 -16.59 -12.88
N ASN C 459 17.66 -16.72 -11.61
CA ASN C 459 17.40 -15.55 -10.80
C ASN C 459 18.27 -15.62 -9.56
N TYR C 460 19.41 -16.32 -9.70
CA TYR C 460 20.37 -16.35 -8.58
C TYR C 460 21.78 -16.46 -9.17
N GLU C 461 22.77 -16.15 -8.35
CA GLU C 461 24.17 -16.44 -8.72
C GLU C 461 24.89 -16.93 -7.42
N PRO C 462 25.93 -17.78 -7.58
CA PRO C 462 26.40 -18.30 -8.90
C PRO C 462 25.40 -19.31 -9.56
N ASN C 463 25.35 -19.26 -10.90
CA ASN C 463 24.51 -20.21 -11.62
C ASN C 463 25.30 -20.75 -12.79
N SER C 464 25.00 -21.98 -13.16
CA SER C 464 25.61 -22.51 -14.43
C SER C 464 24.60 -22.44 -15.57
N ILE C 465 23.29 -22.26 -15.24
CA ILE C 465 22.25 -22.47 -16.30
C ILE C 465 22.17 -21.24 -17.25
N ASN C 466 22.74 -20.10 -16.80
CA ASN C 466 22.94 -18.97 -17.69
C ASN C 466 24.41 -18.57 -17.77
N ASP C 467 25.32 -19.54 -17.58
CA ASP C 467 26.78 -19.25 -17.63
C ASP C 467 27.14 -18.07 -16.72
N ASN C 468 26.37 -17.97 -15.62
CA ASN C 468 26.61 -17.02 -14.54
C ASN C 468 26.38 -15.55 -14.88
N TRP C 469 25.66 -15.25 -15.97
CA TRP C 469 25.36 -13.83 -16.35
C TRP C 469 24.02 -13.43 -15.69
N PRO C 470 23.85 -12.13 -15.34
CA PRO C 470 24.89 -11.12 -15.46
C PRO C 470 26.03 -11.30 -14.40
N ARG C 471 27.25 -10.90 -14.76
CA ARG C 471 28.45 -11.25 -13.96
C ARG C 471 29.02 -10.09 -13.19
N GLU C 472 29.56 -10.40 -12.01
CA GLU C 472 30.36 -9.42 -11.23
C GLU C 472 31.51 -8.85 -12.10
N THR C 473 31.99 -7.67 -11.74
CA THR C 473 33.05 -6.97 -12.52
C THR C 473 34.08 -6.49 -11.53
N PRO C 474 35.38 -6.92 -11.67
CA PRO C 474 36.42 -6.43 -10.74
C PRO C 474 36.52 -4.86 -10.74
N PRO C 475 36.94 -4.25 -9.61
CA PRO C 475 37.15 -2.83 -9.66
C PRO C 475 38.29 -2.52 -10.66
N GLY C 476 38.28 -1.31 -11.17
CA GLY C 476 39.39 -0.90 -12.05
C GLY C 476 39.33 0.56 -12.40
N PRO C 477 40.21 1.02 -13.30
CA PRO C 477 40.26 2.49 -13.52
C PRO C 477 39.02 3.06 -14.18
N LYS C 478 38.39 2.28 -15.06
CA LYS C 478 37.13 2.66 -15.76
C LYS C 478 36.20 1.46 -15.86
N ARG C 479 34.89 1.72 -15.74
CA ARG C 479 33.84 0.72 -16.02
C ARG C 479 34.03 -0.51 -15.12
N GLY C 480 34.64 -0.30 -13.95
CA GLY C 480 34.87 -1.40 -12.99
C GLY C 480 33.78 -1.47 -11.94
N GLY C 481 33.72 -2.60 -11.22
CA GLY C 481 32.75 -2.79 -10.14
C GLY C 481 33.05 -1.86 -8.97
N PHE C 482 32.01 -1.57 -8.18
CA PHE C 482 32.19 -0.78 -6.94
C PHE C 482 32.88 -1.57 -5.81
N GLU C 483 33.96 -1.00 -5.26
CA GLU C 483 34.63 -1.56 -4.05
C GLU C 483 34.79 -0.40 -3.08
N SER C 484 34.44 -0.61 -1.80
CA SER C 484 34.60 0.46 -0.81
C SER C 484 36.08 0.73 -0.53
N TYR C 485 36.42 1.99 -0.27
CA TYR C 485 37.78 2.32 0.21
C TYR C 485 38.02 1.62 1.57
N GLN C 486 39.19 0.96 1.69
CA GLN C 486 39.46 0.12 2.84
C GLN C 486 39.91 0.93 4.04
N GLU C 487 39.02 1.79 4.53
CA GLU C 487 39.29 2.66 5.66
C GLU C 487 39.49 1.81 6.95
N ARG C 488 40.45 2.19 7.77
CA ARG C 488 40.67 1.52 9.02
C ARG C 488 39.59 1.86 10.03
N VAL C 489 39.09 0.85 10.73
CA VAL C 489 38.09 1.05 11.76
C VAL C 489 38.70 0.47 13.06
N GLU C 490 38.62 1.19 14.14
CA GLU C 490 39.11 0.70 15.40
C GLU C 490 38.37 1.38 16.56
N GLY C 491 37.74 0.57 17.41
CA GLY C 491 37.16 1.12 18.60
C GLY C 491 36.16 0.14 19.14
N ASN C 492 35.47 0.46 20.24
CA ASN C 492 34.44 -0.50 20.72
C ASN C 492 33.08 -0.11 20.10
N LYS C 493 32.14 -1.03 20.17
CA LYS C 493 30.77 -0.76 19.75
C LYS C 493 30.15 0.18 20.78
N VAL C 494 29.99 1.45 20.42
CA VAL C 494 29.46 2.45 21.39
C VAL C 494 28.37 3.33 20.82
N ARG C 495 27.47 3.79 21.69
CA ARG C 495 26.57 4.87 21.33
C ARG C 495 27.08 6.14 22.04
N GLU C 496 27.97 6.82 21.31
CA GLU C 496 28.74 7.89 21.92
C GLU C 496 29.03 8.96 20.88
N ARG C 497 28.90 10.23 21.29
CA ARG C 497 29.28 11.33 20.42
C ARG C 497 30.79 11.56 20.57
N SER C 498 31.51 11.74 19.46
CA SER C 498 32.94 12.04 19.54
C SER C 498 33.13 13.35 20.31
N PRO C 499 34.06 13.40 21.28
CA PRO C 499 34.33 14.60 22.07
C PRO C 499 34.70 15.74 21.13
N SER C 500 35.33 15.39 20.03
CA SER C 500 35.74 16.34 19.02
C SER C 500 34.57 17.13 18.39
N PHE C 501 33.35 16.59 18.49
CA PHE C 501 32.15 17.28 18.04
C PHE C 501 31.52 18.26 19.11
N GLY C 502 32.05 18.26 20.34
CA GLY C 502 31.44 19.03 21.45
C GLY C 502 31.91 20.47 21.51
N GLU C 503 31.79 21.19 20.43
CA GLU C 503 32.06 22.65 20.42
C GLU C 503 30.98 23.29 19.54
N TYR C 504 30.21 24.26 20.06
CA TYR C 504 28.95 24.66 19.41
C TYR C 504 28.88 26.13 18.98
N TYR C 505 29.83 26.96 19.41
CA TYR C 505 29.68 28.43 19.29
C TYR C 505 30.63 29.11 18.32
N SER C 506 31.76 28.48 18.00
CA SER C 506 32.80 29.19 17.25
C SER C 506 32.41 29.39 15.80
N HIS C 507 31.70 28.40 15.26
CA HIS C 507 31.22 28.56 13.89
C HIS C 507 30.08 29.56 13.73
N PRO C 508 29.06 29.50 14.63
CA PRO C 508 28.02 30.55 14.59
C PRO C 508 28.66 31.95 14.65
N ARG C 509 29.67 32.11 15.51
CA ARG C 509 30.42 33.43 15.67
C ARG C 509 31.13 33.80 14.40
N LEU C 510 31.81 32.83 13.75
CA LEU C 510 32.50 33.13 12.54
C LEU C 510 31.48 33.58 11.53
N PHE C 511 30.36 32.87 11.44
CA PHE C 511 29.35 33.25 10.46
C PHE C 511 28.88 34.69 10.74
N TRP C 512 28.55 34.99 12.01
CA TRP C 512 28.05 36.34 12.42
C TRP C 512 29.01 37.45 12.06
N LEU C 513 30.28 37.22 12.37
CA LEU C 513 31.31 38.28 12.14
C LEU C 513 31.58 38.45 10.67
N SER C 514 31.20 37.45 9.84
CA SER C 514 31.46 37.54 8.40
C SER C 514 30.38 38.32 7.63
N GLN C 515 29.27 38.61 8.32
CA GLN C 515 28.14 39.32 7.69
C GLN C 515 28.35 40.83 7.69
N THR C 516 27.81 41.55 6.71
CA THR C 516 27.80 43.02 6.71
C THR C 516 26.89 43.51 7.85
N PRO C 517 26.94 44.82 8.13
CA PRO C 517 26.12 45.34 9.25
C PRO C 517 24.65 45.21 8.98
N PHE C 518 24.23 45.36 7.71
CA PHE C 518 22.83 45.15 7.38
C PHE C 518 22.38 43.67 7.44
N GLU C 519 23.26 42.75 7.07
CA GLU C 519 22.97 41.33 7.18
C GLU C 519 22.84 40.95 8.66
N GLN C 520 23.73 41.51 9.48
CA GLN C 520 23.65 41.32 10.93
C GLN C 520 22.32 41.81 11.50
N ARG C 521 21.87 42.98 11.06
CA ARG C 521 20.60 43.54 11.55
C ARG C 521 19.46 42.59 11.16
N HIS C 522 19.47 42.09 9.92
CA HIS C 522 18.41 41.13 9.51
C HIS C 522 18.43 39.84 10.33
N ILE C 523 19.61 39.39 10.70
CA ILE C 523 19.72 38.23 11.64
C ILE C 523 19.11 38.54 12.98
N VAL C 524 19.49 39.68 13.56
CA VAL C 524 18.84 40.09 14.80
C VAL C 524 17.32 40.09 14.64
N ASP C 525 16.82 40.70 13.55
CA ASP C 525 15.35 40.80 13.40
C ASP C 525 14.73 39.40 13.20
N GLY C 526 15.43 38.49 12.52
CA GLY C 526 14.93 37.07 12.28
C GLY C 526 14.74 36.39 13.63
N PHE C 527 15.76 36.40 14.48
CA PHE C 527 15.57 35.81 15.82
C PHE C 527 14.46 36.51 16.58
N SER C 528 14.48 37.82 16.50
CA SER C 528 13.54 38.63 17.33
C SER C 528 12.09 38.35 16.97
N PHE C 529 11.80 38.39 15.68
CA PHE C 529 10.47 38.02 15.18
C PHE C 529 10.09 36.58 15.58
N GLU C 530 10.96 35.60 15.30
CA GLU C 530 10.62 34.19 15.62
C GLU C 530 10.35 34.00 17.14
N LEU C 531 11.28 34.49 17.98
CA LEU C 531 11.14 34.32 19.45
C LEU C 531 9.92 35.11 19.98
N SER C 532 9.53 36.19 19.32
CA SER C 532 8.25 36.86 19.72
C SER C 532 7.02 35.94 19.52
N LYS C 533 7.11 34.98 18.62
CA LYS C 533 5.97 34.01 18.41
C LYS C 533 6.08 32.77 19.31
N VAL C 534 7.14 32.66 20.11
CA VAL C 534 7.18 31.59 21.10
C VAL C 534 6.38 32.03 22.36
N VAL C 535 5.37 31.24 22.70
CA VAL C 535 4.43 31.64 23.74
C VAL C 535 5.05 31.51 25.16
N ARG C 536 5.94 30.53 25.38
CA ARG C 536 6.45 30.32 26.73
C ARG C 536 7.71 31.19 26.92
N PRO C 537 7.63 32.21 27.79
CA PRO C 537 8.76 33.18 27.82
C PRO C 537 10.13 32.57 28.19
N TYR C 538 10.16 31.54 29.02
CA TYR C 538 11.43 30.98 29.45
C TYR C 538 12.22 30.40 28.27
N ILE C 539 11.50 29.94 27.24
CA ILE C 539 12.16 29.40 26.06
C ILE C 539 12.88 30.54 25.35
N ARG C 540 12.26 31.70 25.28
CA ARG C 540 12.98 32.85 24.64
C ARG C 540 14.25 33.24 25.45
N GLU C 541 14.13 33.23 26.75
CA GLU C 541 15.22 33.49 27.66
C GLU C 541 16.36 32.54 27.49
N ARG C 542 16.04 31.24 27.39
CA ARG C 542 17.03 30.25 27.14
C ARG C 542 17.74 30.45 25.81
N VAL C 543 17.04 30.92 24.77
CA VAL C 543 17.71 31.09 23.52
C VAL C 543 18.63 32.30 23.57
N VAL C 544 18.15 33.39 24.16
CA VAL C 544 19.02 34.53 24.40
C VAL C 544 20.33 34.12 25.14
N ASP C 545 20.21 33.29 26.17
CA ASP C 545 21.40 32.78 26.87
C ASP C 545 22.39 32.12 25.89
N GLN C 546 21.88 31.33 24.95
CA GLN C 546 22.74 30.70 23.92
C GLN C 546 23.37 31.76 23.07
N LEU C 547 22.61 32.79 22.67
CA LEU C 547 23.19 33.83 21.81
C LEU C 547 24.30 34.54 22.53
N ALA C 548 24.17 34.67 23.85
CA ALA C 548 25.23 35.34 24.64
C ALA C 548 26.55 34.53 24.62
N HIS C 549 26.46 33.24 24.33
CA HIS C 549 27.65 32.42 24.14
C HIS C 549 28.31 32.58 22.78
N ILE C 550 27.66 33.27 21.85
CA ILE C 550 28.12 33.30 20.49
C ILE C 550 28.73 34.70 20.32
N ASP C 551 27.90 35.73 20.61
CA ASP C 551 28.29 37.12 20.44
C ASP C 551 27.38 38.05 21.29
N LEU C 552 28.01 38.82 22.17
CA LEU C 552 27.29 39.74 23.07
C LEU C 552 26.44 40.80 22.36
N THR C 553 26.98 41.38 21.29
CA THR C 553 26.28 42.39 20.51
C THR C 553 24.98 41.79 19.95
N LEU C 554 25.12 40.59 19.35
CA LEU C 554 23.96 39.86 18.82
C LEU C 554 22.96 39.59 19.96
N ALA C 555 23.45 39.03 21.06
CA ALA C 555 22.59 38.69 22.18
C ALA C 555 21.84 39.88 22.77
N GLN C 556 22.54 40.99 23.02
CA GLN C 556 21.88 42.16 23.58
C GLN C 556 20.85 42.73 22.64
N ALA C 557 21.16 42.78 21.34
CA ALA C 557 20.22 43.34 20.38
C ALA C 557 18.90 42.52 20.26
N VAL C 558 19.02 41.19 20.28
CA VAL C 558 17.81 40.32 20.42
C VAL C 558 17.05 40.56 21.71
N ALA C 559 17.79 40.56 22.81
CA ALA C 559 17.22 40.77 24.13
C ALA C 559 16.36 42.04 24.20
N LYS C 560 16.89 43.13 23.64
CA LYS C 560 16.21 44.43 23.66
C LYS C 560 14.87 44.30 22.95
N ASN C 561 14.85 43.56 21.83
CA ASN C 561 13.61 43.44 21.07
C ASN C 561 12.60 42.60 21.81
N LEU C 562 13.06 41.74 22.73
CA LEU C 562 12.18 40.87 23.53
C LEU C 562 11.86 41.40 24.93
N GLY C 563 12.39 42.58 25.27
CA GLY C 563 12.28 43.11 26.65
C GLY C 563 12.98 42.26 27.68
N ILE C 564 14.04 41.58 27.30
CA ILE C 564 14.85 40.76 28.23
C ILE C 564 16.13 41.55 28.57
N GLU C 565 16.59 41.45 29.82
CA GLU C 565 17.85 42.10 30.18
C GLU C 565 18.89 41.03 30.47
N LEU C 566 20.06 41.10 29.86
CA LEU C 566 21.13 40.15 30.20
C LEU C 566 21.63 40.30 31.65
N THR C 567 21.91 39.19 32.33
CA THR C 567 22.45 39.22 33.69
C THR C 567 23.89 39.74 33.62
N ASP C 568 24.53 40.00 34.77
CA ASP C 568 25.97 40.30 34.71
C ASP C 568 26.77 39.06 34.28
N ASP C 569 26.32 37.87 34.68
CA ASP C 569 27.03 36.65 34.23
C ASP C 569 26.97 36.51 32.71
N GLN C 570 25.80 36.77 32.13
CA GLN C 570 25.67 36.68 30.69
C GLN C 570 26.54 37.71 30.02
N LEU C 571 26.71 38.88 30.64
CA LEU C 571 27.44 40.00 30.02
C LEU C 571 28.93 39.68 29.96
N ASN C 572 29.32 38.66 30.72
CA ASN C 572 30.74 38.36 30.90
C ASN C 572 31.15 36.99 30.39
N ILE C 573 30.33 36.40 29.52
CA ILE C 573 30.65 35.08 28.95
C ILE C 573 31.78 35.31 27.97
N THR C 574 32.85 34.54 28.09
CA THR C 574 33.96 34.66 27.11
C THR C 574 33.50 34.21 25.71
N PRO C 575 33.76 35.05 24.68
CA PRO C 575 33.39 34.59 23.34
C PRO C 575 34.19 33.34 22.97
N PRO C 576 33.64 32.52 22.10
CA PRO C 576 34.33 31.31 21.59
C PRO C 576 35.57 31.70 20.79
N PRO C 577 36.53 30.76 20.65
CA PRO C 577 37.76 30.99 19.90
C PRO C 577 37.51 31.24 18.40
N ASP C 578 38.45 31.86 17.73
CA ASP C 578 38.29 31.95 16.31
C ASP C 578 38.52 30.58 15.70
N VAL C 579 38.22 30.45 14.41
CA VAL C 579 38.32 29.13 13.78
C VAL C 579 39.62 29.13 13.00
N ASN C 580 40.63 28.37 13.46
CA ASN C 580 41.97 28.30 12.81
C ASN C 580 42.48 29.62 12.40
N GLY C 581 42.41 30.55 13.35
CA GLY C 581 42.99 31.86 13.16
C GLY C 581 42.10 32.88 12.51
N LEU C 582 40.96 32.43 11.95
CA LEU C 582 40.07 33.33 11.23
C LEU C 582 39.09 34.06 12.15
N LYS C 583 39.00 35.39 11.95
CA LYS C 583 38.05 36.27 12.63
C LYS C 583 36.96 36.69 11.64
N LYS C 584 37.01 36.13 10.44
CA LYS C 584 35.89 36.25 9.53
C LYS C 584 36.28 35.63 8.24
N ASP C 585 35.26 35.32 7.43
CA ASP C 585 35.47 34.75 6.07
C ASP C 585 34.40 35.33 5.15
N PRO C 586 34.77 36.30 4.27
CA PRO C 586 33.72 36.99 3.51
C PRO C 586 32.94 36.16 2.56
N SER C 587 33.41 34.96 2.23
CA SER C 587 32.59 34.07 1.38
C SER C 587 31.26 33.63 2.08
N LEU C 588 31.12 33.92 3.38
CA LEU C 588 29.93 33.49 4.17
C LEU C 588 28.81 34.48 4.06
N SER C 589 29.12 35.67 3.52
CA SER C 589 28.17 36.76 3.41
C SER C 589 27.50 36.66 2.06
N LEU C 590 26.22 36.99 1.99
CA LEU C 590 25.58 37.04 0.73
C LEU C 590 26.08 38.23 -0.10
N TYR C 591 26.48 39.33 0.57
CA TYR C 591 26.61 40.58 -0.17
C TYR C 591 27.92 41.32 -0.03
N ALA C 592 28.77 40.87 0.88
CA ALA C 592 30.05 41.53 1.17
C ALA C 592 30.85 41.79 -0.11
N ILE C 593 30.86 40.77 -0.98
CA ILE C 593 31.54 40.80 -2.29
C ILE C 593 30.49 40.72 -3.43
N PRO C 594 30.28 41.86 -4.16
CA PRO C 594 29.30 41.99 -5.25
C PRO C 594 29.41 40.82 -6.24
N ASP C 595 28.31 40.11 -6.47
CA ASP C 595 28.30 39.16 -7.59
C ASP C 595 26.98 39.26 -8.36
N GLY C 596 26.41 40.47 -8.35
CA GLY C 596 25.19 40.79 -9.12
C GLY C 596 25.19 40.48 -10.62
N ASP C 597 24.03 40.00 -11.09
CA ASP C 597 23.76 39.74 -12.51
C ASP C 597 22.29 40.12 -12.71
N VAL C 598 22.01 41.06 -13.61
CA VAL C 598 20.63 41.51 -13.81
C VAL C 598 19.83 40.70 -14.81
N LYS C 599 20.49 39.83 -15.58
CA LYS C 599 19.77 39.07 -16.60
C LYS C 599 18.68 38.22 -15.93
N GLY C 600 17.46 38.33 -16.43
CA GLY C 600 16.32 37.56 -15.87
C GLY C 600 15.58 38.16 -14.68
N ARG C 601 16.11 39.29 -14.15
CA ARG C 601 15.36 40.14 -13.20
C ARG C 601 14.17 40.81 -13.92
N VAL C 602 13.27 41.41 -13.16
CA VAL C 602 12.03 42.00 -13.69
C VAL C 602 11.75 43.36 -13.07
N VAL C 603 11.26 44.29 -13.89
CA VAL C 603 10.88 45.62 -13.51
C VAL C 603 9.37 45.80 -13.72
N ALA C 604 8.70 46.43 -12.75
CA ALA C 604 7.31 46.87 -12.88
C ALA C 604 7.41 48.24 -13.50
N ILE C 605 6.62 48.45 -14.56
CA ILE C 605 6.43 49.76 -15.20
C ILE C 605 5.01 50.21 -14.95
N LEU C 606 4.88 51.31 -14.25
CA LEU C 606 3.58 51.81 -13.79
C LEU C 606 2.99 52.76 -14.85
N LEU C 607 1.96 52.31 -15.59
CA LEU C 607 1.41 53.09 -16.70
C LEU C 607 0.39 54.11 -16.24
N ASN C 608 0.15 55.08 -17.13
CA ASN C 608 -0.96 56.03 -17.00
C ASN C 608 -1.66 56.13 -18.35
N ASP C 609 -2.83 56.81 -18.41
CA ASP C 609 -3.71 56.77 -19.62
C ASP C 609 -3.14 57.56 -20.85
N GLU C 610 -2.07 58.30 -20.58
CA GLU C 610 -1.38 59.02 -21.65
C GLU C 610 0.14 59.01 -21.39
N VAL C 611 0.74 57.84 -21.51
CA VAL C 611 2.17 57.69 -21.27
C VAL C 611 2.97 58.44 -22.33
N ARG C 612 4.08 59.02 -21.90
CA ARG C 612 5.09 59.52 -22.80
C ARG C 612 5.91 58.41 -23.50
N SER C 613 5.59 58.16 -24.76
CA SER C 613 6.21 57.09 -25.55
C SER C 613 7.75 57.14 -25.65
N ALA C 614 8.32 58.35 -25.70
CA ALA C 614 9.78 58.45 -25.77
C ALA C 614 10.48 57.92 -24.51
N ASP C 615 9.83 58.06 -23.36
CA ASP C 615 10.31 57.47 -22.10
C ASP C 615 10.25 55.93 -22.18
N LEU C 616 9.06 55.41 -22.50
CA LEU C 616 8.86 53.97 -22.56
C LEU C 616 9.78 53.30 -23.57
N LEU C 617 9.98 53.92 -24.74
CA LEU C 617 10.85 53.36 -25.75
C LEU C 617 12.23 53.18 -25.15
N ALA C 618 12.70 54.21 -24.42
CA ALA C 618 14.09 54.21 -23.94
C ALA C 618 14.25 53.21 -22.78
N ILE C 619 13.23 53.14 -21.93
CA ILE C 619 13.19 52.18 -20.81
C ILE C 619 13.36 50.74 -21.33
N LEU C 620 12.41 50.31 -22.17
CA LEU C 620 12.37 48.96 -22.72
C LEU C 620 13.59 48.65 -23.55
N LYS C 621 14.16 49.66 -24.22
CA LYS C 621 15.31 49.39 -25.05
C LYS C 621 16.52 48.99 -24.16
N ALA C 622 16.69 49.74 -23.07
CA ALA C 622 17.79 49.51 -22.17
C ALA C 622 17.57 48.19 -21.40
N LEU C 623 16.35 47.96 -20.96
CA LEU C 623 16.05 46.69 -20.28
C LEU C 623 16.31 45.47 -21.20
N LYS C 624 15.77 45.51 -22.41
CA LYS C 624 16.05 44.47 -23.41
C LYS C 624 17.55 44.17 -23.61
N ALA C 625 18.37 45.22 -23.72
CA ALA C 625 19.79 45.07 -23.95
C ALA C 625 20.49 44.32 -22.84
N LYS C 626 19.95 44.35 -21.61
CA LYS C 626 20.58 43.58 -20.52
C LYS C 626 19.80 42.33 -20.12
N GLY C 627 18.74 42.01 -20.86
CA GLY C 627 17.98 40.80 -20.59
C GLY C 627 17.09 40.89 -19.35
N VAL C 628 16.72 42.13 -19.03
CA VAL C 628 15.84 42.37 -17.90
C VAL C 628 14.41 42.44 -18.44
N HIS C 629 13.48 41.71 -17.80
CA HIS C 629 12.07 41.74 -18.20
C HIS C 629 11.29 42.91 -17.60
N ALA C 630 10.14 43.17 -18.19
CA ALA C 630 9.26 44.23 -17.73
C ALA C 630 7.82 43.73 -17.63
N LYS C 631 7.05 44.24 -16.68
CA LYS C 631 5.58 44.12 -16.73
C LYS C 631 4.91 45.48 -16.66
N LEU C 632 4.04 45.70 -17.63
CA LEU C 632 3.26 46.95 -17.71
C LEU C 632 1.96 46.85 -16.92
N LEU C 633 1.85 47.69 -15.89
CA LEU C 633 0.80 47.55 -14.93
C LEU C 633 -0.10 48.76 -15.02
N TYR C 634 -1.39 48.57 -14.74
CA TYR C 634 -2.33 49.69 -14.66
C TYR C 634 -3.46 49.39 -13.63
N SER C 635 -4.52 50.18 -13.67
CA SER C 635 -5.57 50.13 -12.67
C SER C 635 -6.66 49.19 -13.09
N ARG C 636 -6.53 48.66 -14.32
CA ARG C 636 -7.50 47.71 -14.93
C ARG C 636 -6.75 46.99 -16.01
N MET C 637 -7.36 45.95 -16.55
CA MET C 637 -6.79 45.24 -17.68
C MET C 637 -7.14 45.96 -18.99
N GLY C 638 -6.70 45.39 -20.12
CA GLY C 638 -6.96 45.94 -21.47
C GLY C 638 -5.72 46.60 -22.05
N GLU C 639 -5.88 47.82 -22.57
CA GLU C 639 -4.77 48.57 -23.16
C GLU C 639 -4.94 50.00 -22.77
N VAL C 640 -3.86 50.79 -22.82
CA VAL C 640 -3.94 52.25 -22.83
C VAL C 640 -3.20 52.73 -24.08
N THR C 641 -3.32 54.03 -24.38
CA THR C 641 -2.70 54.55 -25.60
C THR C 641 -1.68 55.64 -25.26
N ALA C 642 -0.47 55.52 -25.79
CA ALA C 642 0.56 56.52 -25.54
C ALA C 642 0.19 57.91 -26.14
N ASP C 643 0.92 58.95 -25.73
CA ASP C 643 0.73 60.30 -26.25
C ASP C 643 0.75 60.31 -27.79
N ASP C 644 1.48 59.36 -28.36
CA ASP C 644 1.73 59.31 -29.80
C ASP C 644 0.93 58.19 -30.52
N GLY C 645 -0.19 57.74 -29.90
CA GLY C 645 -1.05 56.70 -30.49
C GLY C 645 -0.69 55.22 -30.31
N THR C 646 0.55 54.91 -29.89
CA THR C 646 0.98 53.53 -29.60
C THR C 646 0.04 52.87 -28.56
N VAL C 647 -0.35 51.63 -28.85
CA VAL C 647 -1.29 50.91 -28.01
C VAL C 647 -0.43 50.02 -27.12
N LEU C 648 -0.60 50.21 -25.80
CA LEU C 648 0.20 49.53 -24.79
C LEU C 648 -0.66 48.48 -24.08
N PRO C 649 -0.36 47.19 -24.26
CA PRO C 649 -1.13 46.11 -23.58
C PRO C 649 -0.79 46.00 -22.05
N ILE C 650 -1.81 45.89 -21.21
CA ILE C 650 -1.58 45.80 -19.77
C ILE C 650 -1.43 44.34 -19.35
N ALA C 651 -0.33 44.06 -18.64
CA ALA C 651 -0.06 42.77 -18.09
C ALA C 651 -0.94 42.45 -16.88
N ALA C 652 -1.13 43.43 -15.99
CA ALA C 652 -1.75 43.18 -14.68
C ALA C 652 -2.10 44.46 -14.03
N THR C 653 -2.91 44.40 -12.95
CA THR C 653 -3.27 45.61 -12.21
C THR C 653 -2.23 45.81 -11.08
N PHE C 654 -2.15 47.01 -10.55
CA PHE C 654 -1.30 47.31 -9.41
C PHE C 654 -1.46 46.26 -8.32
N ALA C 655 -2.70 45.80 -8.07
CA ALA C 655 -3.03 44.88 -6.96
C ALA C 655 -2.78 43.46 -7.38
N GLY C 656 -3.00 43.23 -8.67
CA GLY C 656 -2.76 41.95 -9.30
C GLY C 656 -1.31 41.49 -9.31
N ALA C 657 -0.40 42.42 -9.58
CA ALA C 657 0.99 42.08 -9.61
C ALA C 657 1.76 43.07 -8.73
N PRO C 658 1.73 42.84 -7.40
CA PRO C 658 2.34 43.67 -6.33
C PRO C 658 3.84 43.83 -6.52
N SER C 659 4.39 44.87 -5.91
CA SER C 659 5.84 45.16 -6.04
C SER C 659 6.73 43.98 -5.55
N LEU C 660 6.19 43.19 -4.62
CA LEU C 660 6.80 41.98 -4.06
C LEU C 660 7.38 41.11 -5.15
N THR C 661 6.71 41.05 -6.31
CA THR C 661 7.08 40.17 -7.37
C THR C 661 8.11 40.75 -8.36
N VAL C 662 8.61 41.97 -8.12
CA VAL C 662 9.57 42.51 -9.08
C VAL C 662 10.82 42.98 -8.37
N ASP C 663 11.85 43.34 -9.14
CA ASP C 663 13.12 43.78 -8.55
C ASP C 663 13.33 45.25 -8.51
N ALA C 664 12.53 45.97 -9.30
CA ALA C 664 12.59 47.45 -9.33
C ALA C 664 11.33 47.97 -9.92
N VAL C 665 11.08 49.29 -9.73
CA VAL C 665 9.87 49.93 -10.27
C VAL C 665 10.27 51.18 -11.05
N ILE C 666 9.71 51.35 -12.26
CA ILE C 666 9.93 52.57 -13.06
C ILE C 666 8.55 53.17 -13.38
N VAL C 667 8.46 54.51 -13.19
CA VAL C 667 7.25 55.23 -13.53
C VAL C 667 7.54 56.23 -14.65
N PRO C 668 7.03 55.97 -15.87
CA PRO C 668 7.40 56.90 -16.92
C PRO C 668 6.51 58.12 -16.79
N ALA C 669 6.90 59.23 -17.45
CA ALA C 669 6.09 60.48 -17.48
C ALA C 669 4.72 60.34 -18.22
N GLY C 670 3.97 61.45 -18.23
CA GLY C 670 2.73 61.54 -19.02
C GLY C 670 1.61 62.15 -18.21
N ASN C 671 0.40 61.61 -18.36
CA ASN C 671 -0.73 62.05 -17.56
C ASN C 671 -0.67 61.55 -16.09
N ILE C 672 0.25 62.09 -15.30
CA ILE C 672 0.48 61.53 -13.96
C ILE C 672 -0.73 61.71 -13.03
N ALA C 673 -1.63 62.62 -13.38
CA ALA C 673 -2.81 62.97 -12.57
C ALA C 673 -3.71 61.78 -12.53
N ASP C 674 -3.70 61.02 -13.63
CA ASP C 674 -4.52 59.82 -13.84
C ASP C 674 -4.35 58.86 -12.65
N ILE C 675 -3.11 58.69 -12.18
CA ILE C 675 -2.78 57.71 -11.11
C ILE C 675 -2.29 58.29 -9.79
N ALA C 676 -2.05 59.61 -9.74
CA ALA C 676 -1.49 60.29 -8.56
C ALA C 676 -2.31 60.09 -7.27
N ASP C 677 -3.62 59.85 -7.37
CA ASP C 677 -4.43 59.70 -6.15
C ASP C 677 -5.01 58.30 -6.10
N ASN C 678 -4.42 57.41 -6.92
CA ASN C 678 -4.74 56.00 -6.91
C ASN C 678 -3.99 55.38 -5.70
N GLY C 679 -4.73 54.92 -4.70
CA GLY C 679 -4.09 54.34 -3.49
C GLY C 679 -3.14 53.19 -3.83
N ASP C 680 -3.59 52.33 -4.76
CA ASP C 680 -2.78 51.15 -5.20
C ASP C 680 -1.43 51.59 -5.82
N ALA C 681 -1.49 52.61 -6.66
CA ALA C 681 -0.30 53.05 -7.31
C ALA C 681 0.70 53.66 -6.30
N ASN C 682 0.23 54.50 -5.39
CA ASN C 682 1.08 55.06 -4.36
C ASN C 682 1.64 53.98 -3.44
N TYR C 683 0.75 53.05 -3.04
CA TYR C 683 1.17 51.94 -2.18
C TYR C 683 2.21 51.08 -2.87
N TYR C 684 2.10 50.95 -4.19
CA TYR C 684 3.08 50.15 -4.95
C TYR C 684 4.53 50.66 -4.69
N LEU C 685 4.70 51.98 -4.75
CA LEU C 685 5.98 52.63 -4.57
C LEU C 685 6.43 52.58 -3.12
N MET C 686 5.47 52.71 -2.20
CA MET C 686 5.77 52.58 -0.76
C MET C 686 6.31 51.19 -0.36
N GLU C 687 5.67 50.16 -0.92
CA GLU C 687 6.05 48.75 -0.62
C GLU C 687 7.44 48.53 -1.20
N ALA C 688 7.62 48.85 -2.47
CA ALA C 688 8.90 48.66 -3.09
C ALA C 688 10.00 49.47 -2.33
N TYR C 689 9.65 50.67 -1.88
CA TYR C 689 10.63 51.53 -1.19
C TYR C 689 11.04 50.90 0.12
N LYS C 690 10.07 50.42 0.88
CA LYS C 690 10.27 49.72 2.17
C LYS C 690 11.22 48.52 2.02
N HIS C 691 11.05 47.78 0.92
CA HIS C 691 11.79 46.54 0.65
C HIS C 691 13.11 46.81 -0.05
N LEU C 692 13.56 48.08 -0.03
CA LEU C 692 14.88 48.42 -0.51
C LEU C 692 15.10 48.25 -1.99
N LYS C 693 14.02 48.29 -2.78
CA LYS C 693 14.19 48.12 -4.23
C LYS C 693 14.49 49.46 -4.95
N PRO C 694 15.30 49.39 -6.01
CA PRO C 694 15.52 50.62 -6.83
C PRO C 694 14.19 51.09 -7.39
N ILE C 695 13.97 52.42 -7.35
CA ILE C 695 12.82 53.11 -8.00
C ILE C 695 13.30 54.22 -8.95
N ALA C 696 12.69 54.35 -10.12
CA ALA C 696 13.07 55.36 -11.12
C ALA C 696 11.82 56.13 -11.52
N LEU C 697 11.92 57.47 -11.43
CA LEU C 697 10.81 58.37 -11.79
C LEU C 697 11.25 59.39 -12.86
N ALA C 698 10.52 59.49 -13.97
CA ALA C 698 10.90 60.43 -15.06
C ALA C 698 9.84 61.51 -15.25
N GLY C 699 10.29 62.77 -15.40
CA GLY C 699 9.37 63.88 -15.63
C GLY C 699 8.45 64.10 -14.46
N ASP C 700 7.15 64.21 -14.74
CA ASP C 700 6.12 64.42 -13.75
C ASP C 700 5.92 63.26 -12.79
N ALA C 701 6.35 62.05 -13.17
CA ALA C 701 6.35 60.94 -12.17
C ALA C 701 7.13 61.28 -10.91
N ARG C 702 8.04 62.25 -11.03
CA ARG C 702 8.66 62.85 -9.84
C ARG C 702 7.66 63.36 -8.78
N LYS C 703 6.41 63.57 -9.17
CA LYS C 703 5.38 63.91 -8.21
C LYS C 703 5.27 62.85 -7.11
N PHE C 704 5.56 61.58 -7.43
CA PHE C 704 5.47 60.46 -6.47
C PHE C 704 6.52 60.52 -5.34
N LYS C 705 7.50 61.42 -5.45
CA LYS C 705 8.53 61.60 -4.43
C LYS C 705 7.91 61.97 -3.08
N ALA C 706 6.78 62.69 -3.11
CA ALA C 706 6.06 63.08 -1.89
C ALA C 706 5.51 61.83 -1.16
N THR C 707 4.97 60.86 -1.89
CA THR C 707 4.44 59.68 -1.19
C THR C 707 5.50 58.85 -0.44
N ILE C 708 6.74 58.81 -0.93
CA ILE C 708 7.80 58.07 -0.20
C ILE C 708 8.76 59.01 0.50
N LYS C 709 8.34 60.28 0.66
CA LYS C 709 9.07 61.24 1.45
C LYS C 709 10.49 61.53 0.99
N ILE C 710 10.67 61.70 -0.33
CA ILE C 710 12.00 61.90 -0.90
C ILE C 710 12.28 63.41 -0.95
N ALA C 711 13.46 63.84 -0.50
CA ALA C 711 13.82 65.27 -0.51
C ALA C 711 14.08 65.79 -1.92
N ASP C 712 13.99 67.10 -2.10
CA ASP C 712 14.06 67.65 -3.44
C ASP C 712 15.39 67.37 -4.13
N GLN C 713 16.49 67.38 -3.36
CA GLN C 713 17.80 67.13 -3.94
C GLN C 713 18.00 65.64 -4.28
N GLY C 714 17.00 64.82 -3.93
CA GLY C 714 16.99 63.38 -4.22
C GLY C 714 17.72 62.53 -3.19
N GLU C 715 17.78 61.22 -3.43
CA GLU C 715 18.57 60.36 -2.54
C GLU C 715 19.07 59.13 -3.25
N GLU C 716 20.22 58.63 -2.79
CA GLU C 716 20.81 57.41 -3.38
C GLU C 716 19.75 56.29 -3.40
N GLY C 717 19.56 55.67 -4.57
CA GLY C 717 18.58 54.57 -4.70
C GLY C 717 17.28 54.98 -5.37
N ILE C 718 17.11 56.30 -5.57
CA ILE C 718 15.95 56.84 -6.27
C ILE C 718 16.55 57.55 -7.49
N VAL C 719 16.25 57.01 -8.67
CA VAL C 719 16.69 57.61 -9.95
C VAL C 719 15.59 58.54 -10.43
N GLU C 720 15.98 59.76 -10.82
CA GLU C 720 15.04 60.79 -11.27
C GLU C 720 15.71 61.69 -12.33
N ALA C 721 14.89 62.14 -13.28
CA ALA C 721 15.35 63.02 -14.39
C ALA C 721 14.13 63.54 -15.15
N ASP C 722 14.32 64.57 -16.02
CA ASP C 722 13.17 65.10 -16.79
C ASP C 722 12.58 64.07 -17.76
N SER C 723 13.45 63.21 -18.25
CA SER C 723 13.10 62.19 -19.24
C SER C 723 13.85 60.91 -18.95
N ALA C 724 13.33 59.83 -19.52
CA ALA C 724 13.94 58.53 -19.34
C ALA C 724 15.12 58.20 -20.28
N ASP C 725 15.91 59.16 -20.75
CA ASP C 725 17.32 58.77 -20.86
C ASP C 725 18.52 59.64 -20.60
N GLY C 726 19.42 59.74 -21.59
CA GLY C 726 20.83 59.91 -21.26
C GLY C 726 21.13 58.79 -20.24
N SER C 727 21.46 59.15 -19.01
CA SER C 727 22.04 58.15 -18.11
C SER C 727 21.06 57.57 -17.09
N PHE C 728 19.76 57.78 -17.33
CA PHE C 728 18.72 57.39 -16.38
C PHE C 728 18.66 55.86 -16.29
N MET C 729 18.56 55.18 -17.44
CA MET C 729 18.52 53.72 -17.41
C MET C 729 19.86 53.14 -16.96
N ASP C 730 21.02 53.75 -17.29
CA ASP C 730 22.26 53.19 -16.75
C ASP C 730 22.28 53.24 -15.20
N GLU C 731 21.80 54.35 -14.62
CA GLU C 731 21.72 54.51 -13.16
C GLU C 731 20.88 53.47 -12.50
N LEU C 732 19.70 53.24 -13.10
CA LEU C 732 18.76 52.23 -12.59
C LEU C 732 19.33 50.82 -12.65
N LEU C 733 19.88 50.50 -13.82
CA LEU C 733 20.52 49.20 -14.02
C LEU C 733 21.74 48.96 -13.07
N THR C 734 22.52 50.00 -12.78
CA THR C 734 23.59 49.93 -11.78
C THR C 734 23.02 49.59 -10.42
N LEU C 735 21.91 50.23 -10.07
CA LEU C 735 21.29 49.92 -8.80
C LEU C 735 20.75 48.49 -8.78
N MET C 736 20.14 48.04 -9.87
CA MET C 736 19.67 46.63 -9.89
C MET C 736 20.84 45.66 -9.77
N ALA C 737 22.00 46.02 -10.35
CA ALA C 737 23.16 45.09 -10.26
C ALA C 737 23.60 44.87 -8.78
N ALA C 738 23.32 45.87 -7.95
CA ALA C 738 23.63 45.75 -6.52
C ALA C 738 22.44 45.20 -5.71
N HIS C 739 21.37 44.80 -6.42
CA HIS C 739 20.21 44.00 -5.82
C HIS C 739 19.24 44.87 -5.00
N ARG C 740 19.71 45.45 -3.88
CA ARG C 740 18.86 46.27 -3.01
C ARG C 740 19.68 47.44 -2.50
N VAL C 741 18.97 48.47 -2.00
CA VAL C 741 19.56 49.77 -1.59
C VAL C 741 19.72 49.74 -0.09
N TRP C 742 20.82 49.15 0.38
CA TRP C 742 20.95 48.83 1.80
C TRP C 742 21.04 50.11 2.63
N SER C 743 21.51 51.16 1.98
CA SER C 743 21.69 52.48 2.65
C SER C 743 20.35 53.09 3.06
N ARG C 744 19.25 52.53 2.53
CA ARG C 744 17.95 53.09 2.77
C ARG C 744 17.38 52.62 4.09
N ILE C 745 18.03 51.61 4.67
CA ILE C 745 17.46 50.93 5.81
C ILE C 745 17.09 51.91 6.93
N PRO C 746 17.97 52.88 7.25
CA PRO C 746 17.51 53.75 8.35
C PRO C 746 16.20 54.55 8.00
N LYS C 747 15.95 54.87 6.74
CA LYS C 747 14.74 55.65 6.37
C LYS C 747 13.41 54.92 6.39
N ILE C 748 13.44 53.58 6.28
CA ILE C 748 12.21 52.87 6.08
C ILE C 748 11.28 52.80 7.30
N ASP C 749 11.80 52.85 8.52
CA ASP C 749 10.91 52.73 9.72
C ASP C 749 9.82 53.81 9.81
N LYS C 750 10.13 55.00 9.29
CA LYS C 750 9.17 56.11 9.24
C LYS C 750 8.00 55.87 8.27
N ILE C 751 8.17 54.99 7.27
CA ILE C 751 7.10 54.86 6.28
C ILE C 751 6.01 53.86 6.68
N PRO C 752 4.76 54.31 6.66
CA PRO C 752 3.64 53.41 7.03
C PRO C 752 3.29 52.51 5.86
N ALA C 753 3.93 51.36 5.76
CA ALA C 753 3.74 50.45 4.63
C ALA C 753 4.00 49.01 5.11
N SER D 28 -34.50 -20.23 13.58
CA SER D 28 -33.42 -21.12 14.12
C SER D 28 -32.89 -22.34 13.24
N LEU D 29 -31.66 -22.19 12.79
CA LEU D 29 -30.98 -23.17 11.91
C LEU D 29 -30.13 -24.21 12.67
N ALA D 30 -29.75 -23.94 13.94
CA ALA D 30 -28.96 -24.93 14.68
C ALA D 30 -29.85 -26.16 14.99
N PRO D 31 -29.25 -27.38 15.10
CA PRO D 31 -30.04 -28.56 15.50
C PRO D 31 -30.60 -28.36 16.92
N GLU D 32 -31.81 -28.84 17.21
CA GLU D 32 -32.37 -28.71 18.57
C GLU D 32 -31.52 -29.42 19.62
N ASP D 33 -30.83 -30.49 19.23
CA ASP D 33 -29.99 -31.27 20.18
C ASP D 33 -28.66 -30.59 20.58
N GLY D 34 -28.39 -29.40 20.02
CA GLY D 34 -27.18 -28.63 20.34
C GLY D 34 -25.90 -29.28 19.88
N SER D 35 -25.99 -30.24 18.94
CA SER D 35 -24.79 -30.98 18.47
C SER D 35 -23.92 -30.17 17.46
N HIS D 36 -24.30 -28.93 17.19
CA HIS D 36 -23.52 -28.10 16.31
C HIS D 36 -22.28 -27.51 17.05
N ARG D 37 -22.38 -27.45 18.38
CA ARG D 37 -21.40 -26.79 19.26
C ARG D 37 -20.48 -27.80 19.98
N PRO D 38 -19.16 -27.63 19.83
CA PRO D 38 -18.20 -28.50 20.54
C PRO D 38 -18.19 -28.25 22.04
N ALA D 39 -18.10 -29.30 22.85
CA ALA D 39 -17.93 -29.16 24.25
C ALA D 39 -16.70 -28.32 24.59
N ALA D 40 -16.88 -27.42 25.55
CA ALA D 40 -15.78 -26.56 26.01
C ALA D 40 -14.93 -27.33 27.08
N GLU D 41 -14.43 -28.52 26.70
CA GLU D 41 -13.55 -29.33 27.54
C GLU D 41 -12.58 -30.06 26.62
N PRO D 42 -11.45 -30.56 27.17
CA PRO D 42 -10.56 -31.26 26.26
C PRO D 42 -11.20 -32.55 25.70
N THR D 43 -11.01 -32.81 24.40
CA THR D 43 -11.58 -33.98 23.77
C THR D 43 -10.59 -34.52 22.72
N PRO D 44 -10.59 -35.83 22.50
CA PRO D 44 -9.58 -36.42 21.62
C PRO D 44 -9.80 -36.00 20.14
N PRO D 45 -8.74 -36.07 19.30
CA PRO D 45 -8.90 -35.70 17.94
C PRO D 45 -10.09 -36.42 17.28
N GLY D 46 -10.88 -35.67 16.47
CA GLY D 46 -12.01 -36.30 15.79
C GLY D 46 -13.31 -36.42 16.58
N ALA D 47 -13.24 -36.35 17.90
CA ALA D 47 -14.45 -36.51 18.76
C ALA D 47 -15.50 -35.37 18.60
N GLN D 48 -15.04 -34.15 18.28
CA GLN D 48 -15.92 -32.97 18.27
C GLN D 48 -15.40 -32.06 17.17
N PRO D 49 -16.26 -31.20 16.64
CA PRO D 49 -15.72 -30.25 15.65
C PRO D 49 -14.71 -29.35 16.34
N THR D 50 -13.65 -28.95 15.63
CA THR D 50 -12.69 -27.98 16.23
C THR D 50 -13.30 -26.57 16.28
N ALA D 51 -12.75 -25.72 17.17
CA ALA D 51 -13.32 -24.38 17.43
C ALA D 51 -12.24 -23.35 17.75
N PRO D 52 -12.54 -22.05 17.65
CA PRO D 52 -11.63 -21.03 18.18
C PRO D 52 -11.23 -21.28 19.62
N GLY D 53 -9.98 -20.96 19.97
CA GLY D 53 -9.47 -21.28 21.29
C GLY D 53 -10.29 -20.70 22.45
N SER D 54 -10.81 -19.47 22.34
CA SER D 54 -11.44 -18.82 23.49
C SER D 54 -12.83 -19.52 23.70
N LEU D 55 -13.34 -20.20 22.68
CA LEU D 55 -14.62 -20.91 22.81
C LEU D 55 -14.38 -22.36 23.27
N LYS D 56 -13.26 -22.96 22.81
CA LYS D 56 -12.96 -24.35 23.15
C LYS D 56 -12.46 -24.43 24.60
N ALA D 57 -11.66 -23.42 25.01
CA ALA D 57 -10.97 -23.47 26.27
C ALA D 57 -10.99 -22.08 26.95
N PRO D 58 -12.20 -21.60 27.31
CA PRO D 58 -12.35 -20.26 27.85
C PRO D 58 -11.56 -20.03 29.13
N ASP D 59 -11.32 -21.06 29.93
CA ASP D 59 -10.66 -20.83 31.20
C ASP D 59 -9.12 -20.93 31.10
N THR D 60 -8.61 -21.17 29.89
CA THR D 60 -7.16 -21.20 29.74
C THR D 60 -6.71 -19.80 29.49
N ARG D 61 -5.95 -19.23 30.43
CA ARG D 61 -5.62 -17.78 30.38
C ARG D 61 -4.14 -17.50 30.55
N ASN D 62 -3.64 -16.37 29.98
CA ASN D 62 -2.33 -15.86 30.36
C ASN D 62 -2.43 -14.35 30.17
N GLU D 63 -1.43 -13.62 30.62
CA GLU D 63 -1.44 -12.18 30.54
C GLU D 63 -1.66 -11.65 29.10
N LYS D 64 -1.02 -12.28 28.10
CA LYS D 64 -1.23 -11.82 26.70
C LYS D 64 -2.70 -12.13 26.22
N LEU D 65 -3.14 -13.35 26.44
CA LEU D 65 -4.52 -13.75 26.05
C LEU D 65 -5.56 -12.81 26.67
N ASN D 66 -5.38 -12.49 27.95
CA ASN D 66 -6.28 -11.54 28.63
C ASN D 66 -6.22 -10.16 28.01
N SER D 67 -5.02 -9.74 27.61
CA SER D 67 -4.84 -8.37 27.07
C SER D 67 -5.43 -8.24 25.65
N LEU D 68 -5.74 -9.36 25.00
CA LEU D 68 -6.42 -9.32 23.69
C LEU D 68 -7.90 -9.17 23.81
N GLU D 69 -8.44 -9.20 25.04
CA GLU D 69 -9.91 -9.13 25.20
C GLU D 69 -10.49 -7.84 24.62
N ASP D 70 -9.75 -6.75 24.70
CA ASP D 70 -10.26 -5.48 24.12
C ASP D 70 -10.61 -5.52 22.63
N VAL D 71 -10.06 -6.47 21.91
CA VAL D 71 -10.35 -6.56 20.49
C VAL D 71 -11.09 -7.83 20.06
N ARG D 72 -11.28 -8.79 20.97
CA ARG D 72 -12.11 -9.98 20.61
C ARG D 72 -13.55 -9.55 20.39
N LYS D 73 -14.20 -10.08 19.35
CA LYS D 73 -15.55 -9.69 19.00
C LYS D 73 -16.36 -10.97 18.97
N GLY D 74 -17.45 -11.03 19.74
CA GLY D 74 -18.37 -12.17 19.66
C GLY D 74 -19.39 -12.05 18.53
N SER D 75 -20.52 -12.70 18.73
CA SER D 75 -21.50 -12.82 17.62
C SER D 75 -22.91 -13.19 18.07
N GLU D 76 -22.98 -14.06 19.07
CA GLU D 76 -24.27 -14.66 19.41
C GLU D 76 -25.13 -13.54 20.00
N ASN D 77 -26.42 -13.56 19.64
CA ASN D 77 -27.41 -12.57 20.08
C ASN D 77 -27.21 -11.19 19.56
N TYR D 78 -26.30 -10.98 18.61
CA TYR D 78 -26.08 -9.64 18.11
C TYR D 78 -26.69 -9.51 16.70
N ALA D 79 -27.15 -8.29 16.35
CA ALA D 79 -27.73 -8.05 15.01
C ALA D 79 -26.60 -7.96 13.97
N LEU D 80 -26.90 -8.46 12.74
CA LEU D 80 -25.95 -8.33 11.61
C LEU D 80 -25.91 -6.84 11.19
N THR D 81 -24.72 -6.27 11.02
CA THR D 81 -24.65 -4.81 10.68
C THR D 81 -23.61 -4.55 9.61
N THR D 82 -23.68 -3.40 8.97
CA THR D 82 -22.51 -2.87 8.21
C THR D 82 -21.35 -2.59 9.22
N ASN D 83 -20.16 -2.29 8.69
CA ASN D 83 -19.03 -1.90 9.55
C ASN D 83 -19.26 -0.59 10.27
N GLN D 84 -20.17 0.20 9.73
CA GLN D 84 -20.59 1.48 10.39
C GLN D 84 -21.68 1.27 11.41
N GLY D 85 -22.09 0.02 11.71
CA GLY D 85 -23.03 -0.20 12.78
C GLY D 85 -24.49 -0.10 12.34
N VAL D 86 -24.77 -0.07 11.03
CA VAL D 86 -26.17 -0.01 10.55
C VAL D 86 -26.75 -1.46 10.41
N ARG D 87 -27.87 -1.78 11.09
CA ARG D 87 -28.47 -3.09 10.95
C ARG D 87 -28.93 -3.34 9.53
N ILE D 88 -28.62 -4.54 9.05
CA ILE D 88 -28.99 -5.03 7.74
C ILE D 88 -30.27 -5.88 7.85
N ALA D 89 -31.22 -5.56 7.00
CA ALA D 89 -32.53 -6.26 6.94
C ALA D 89 -32.48 -7.48 6.02
N ASP D 90 -31.89 -7.33 4.83
CA ASP D 90 -31.86 -8.43 3.87
C ASP D 90 -30.44 -8.63 3.37
N ASP D 91 -29.79 -9.63 3.92
CA ASP D 91 -28.41 -9.92 3.55
C ASP D 91 -28.39 -10.98 2.43
N GLN D 92 -29.50 -11.11 1.67
CA GLN D 92 -29.55 -12.15 0.63
C GLN D 92 -29.67 -11.55 -0.75
N ASN D 93 -29.82 -10.22 -0.84
CA ASN D 93 -30.07 -9.60 -2.16
C ASN D 93 -29.38 -8.26 -2.29
N SER D 94 -29.00 -7.92 -3.52
CA SER D 94 -28.61 -6.56 -3.89
C SER D 94 -29.85 -5.71 -4.10
N LEU D 95 -29.70 -4.39 -3.99
CA LEU D 95 -30.76 -3.45 -4.35
C LEU D 95 -30.84 -3.31 -5.85
N ARG D 96 -32.05 -3.55 -6.45
CA ARG D 96 -32.19 -3.42 -7.90
C ARG D 96 -33.47 -2.70 -8.27
N ALA D 97 -33.54 -2.21 -9.50
CA ALA D 97 -34.79 -1.57 -9.98
C ALA D 97 -35.71 -2.68 -10.58
N GLY D 98 -36.60 -3.23 -9.76
CA GLY D 98 -37.42 -4.35 -10.13
C GLY D 98 -36.66 -5.59 -9.71
N SER D 99 -37.38 -6.65 -9.33
CA SER D 99 -36.69 -7.85 -8.87
C SER D 99 -35.91 -8.63 -9.91
N ARG D 100 -36.07 -8.30 -11.19
CA ARG D 100 -35.16 -8.78 -12.28
C ARG D 100 -34.38 -7.63 -12.91
N GLY D 101 -34.24 -6.52 -12.21
CA GLY D 101 -33.61 -5.39 -12.88
C GLY D 101 -32.14 -5.17 -12.49
N PRO D 102 -31.60 -4.00 -12.89
CA PRO D 102 -30.17 -3.80 -12.73
C PRO D 102 -29.88 -3.43 -11.27
N THR D 103 -28.68 -3.78 -10.78
CA THR D 103 -28.22 -3.37 -9.46
C THR D 103 -27.90 -1.87 -9.44
N LEU D 104 -28.27 -1.20 -8.35
CA LEU D 104 -28.13 0.22 -8.26
C LEU D 104 -26.86 0.56 -7.49
N LEU D 105 -26.27 1.66 -7.93
CA LEU D 105 -25.04 2.14 -7.30
C LEU D 105 -25.25 2.55 -5.86
N GLU D 106 -26.46 3.01 -5.55
CA GLU D 106 -26.75 3.36 -4.18
C GLU D 106 -26.79 2.19 -3.20
N ASP D 107 -26.60 0.94 -3.65
CA ASP D 107 -26.54 -0.17 -2.70
C ASP D 107 -25.18 -0.17 -1.90
N PHE D 108 -25.09 0.63 -0.84
CA PHE D 108 -23.85 0.84 -0.06
C PHE D 108 -23.61 -0.42 0.79
N ILE D 109 -24.66 -1.23 1.07
CA ILE D 109 -24.53 -2.41 1.91
C ILE D 109 -23.76 -3.50 1.13
N LEU D 110 -24.23 -3.71 -0.09
CA LEU D 110 -23.54 -4.52 -1.09
C LEU D 110 -22.09 -4.05 -1.23
N ARG D 111 -21.89 -2.81 -1.59
CA ARG D 111 -20.50 -2.38 -1.87
C ARG D 111 -19.55 -2.43 -0.65
N GLU D 112 -20.03 -2.13 0.55
CA GLU D 112 -19.14 -2.27 1.73
C GLU D 112 -18.74 -3.77 1.86
N LYS D 113 -19.70 -4.67 1.71
CA LYS D 113 -19.50 -6.10 1.96
C LYS D 113 -18.51 -6.65 0.89
N ILE D 114 -18.80 -6.37 -0.39
CA ILE D 114 -17.90 -6.79 -1.45
C ILE D 114 -16.53 -6.06 -1.41
N THR D 115 -16.48 -4.76 -1.01
CA THR D 115 -15.17 -4.11 -0.95
C THR D 115 -14.31 -4.82 0.11
N HIS D 116 -14.91 -5.17 1.25
CA HIS D 116 -14.07 -5.76 2.30
C HIS D 116 -13.56 -7.15 1.86
N PHE D 117 -14.43 -7.89 1.19
CA PHE D 117 -14.05 -9.12 0.56
C PHE D 117 -12.90 -8.95 -0.47
N ASP D 118 -13.04 -7.96 -1.33
CA ASP D 118 -12.06 -7.74 -2.45
C ASP D 118 -10.68 -7.36 -1.98
N HIS D 119 -10.60 -6.99 -0.69
CA HIS D 119 -9.32 -6.56 -0.13
C HIS D 119 -8.89 -7.42 1.07
N GLU D 120 -9.35 -8.66 1.15
CA GLU D 120 -9.01 -9.48 2.32
C GLU D 120 -7.55 -9.82 2.41
N ARG D 121 -6.88 -10.03 1.27
CA ARG D 121 -5.53 -10.60 1.28
C ARG D 121 -4.46 -9.56 1.45
N ILE D 122 -3.45 -9.99 2.19
CA ILE D 122 -2.23 -9.25 2.40
C ILE D 122 -1.07 -10.07 1.83
N PRO D 123 0.06 -9.41 1.49
CA PRO D 123 1.18 -10.26 0.98
C PRO D 123 1.59 -11.38 1.98
N GLU D 124 1.88 -12.58 1.45
CA GLU D 124 2.36 -13.62 2.32
C GLU D 124 3.81 -13.32 2.69
N ARG D 125 4.30 -14.02 3.69
CA ARG D 125 5.74 -13.83 4.08
C ARG D 125 6.66 -14.23 2.94
N ILE D 126 7.79 -13.53 2.75
CA ILE D 126 8.66 -13.89 1.59
C ILE D 126 9.11 -15.39 1.67
N VAL D 127 9.49 -15.78 2.89
CA VAL D 127 9.80 -17.18 3.19
C VAL D 127 9.04 -17.55 4.49
N HIS D 128 8.91 -18.85 4.74
CA HIS D 128 8.07 -19.39 5.89
C HIS D 128 6.61 -18.94 5.72
N ALA D 129 6.16 -18.75 4.46
CA ALA D 129 4.73 -18.35 4.26
C ALA D 129 3.70 -19.33 4.86
N ARG D 130 4.07 -20.62 4.91
CA ARG D 130 3.21 -21.68 5.40
C ARG D 130 3.54 -21.89 6.88
N GLY D 131 2.57 -21.77 7.79
CA GLY D 131 2.92 -21.75 9.24
C GLY D 131 1.68 -21.94 10.11
N SER D 132 1.85 -22.63 11.23
CA SER D 132 0.79 -22.91 12.21
C SER D 132 1.21 -22.44 13.57
N ALA D 133 0.28 -21.83 14.33
CA ALA D 133 0.72 -21.11 15.53
C ALA D 133 -0.19 -21.38 16.73
N ALA D 134 0.32 -21.14 17.92
CA ALA D 134 -0.43 -21.29 19.16
C ALA D 134 0.12 -20.43 20.26
N HIS D 135 -0.74 -20.12 21.24
CA HIS D 135 -0.45 -19.39 22.50
C HIS D 135 0.05 -20.37 23.60
N GLY D 136 0.91 -19.87 24.49
CA GLY D 136 1.23 -20.73 25.66
C GLY D 136 2.03 -19.93 26.63
N TYR D 137 2.90 -20.57 27.44
CA TYR D 137 3.63 -19.83 28.47
C TYR D 137 4.96 -20.48 28.74
N PHE D 138 5.90 -19.66 29.26
CA PHE D 138 7.24 -20.18 29.52
C PHE D 138 7.61 -19.84 30.92
N GLN D 139 8.42 -20.69 31.58
CA GLN D 139 8.89 -20.38 32.90
C GLN D 139 10.31 -21.00 33.07
N PRO D 140 11.24 -20.25 33.69
CA PRO D 140 12.56 -20.83 33.87
C PRO D 140 12.59 -21.76 35.07
N TYR D 141 13.46 -22.75 35.04
CA TYR D 141 13.58 -23.63 36.20
C TYR D 141 14.28 -22.95 37.40
N LYS D 142 15.25 -22.07 37.14
CA LYS D 142 15.95 -21.31 38.18
C LYS D 142 16.35 -19.97 37.67
N SER D 143 16.69 -19.07 38.59
CA SER D 143 17.19 -17.76 38.19
C SER D 143 18.49 -17.86 37.43
N LEU D 144 18.61 -17.16 36.29
CA LEU D 144 19.87 -17.20 35.53
C LEU D 144 20.69 -15.92 35.71
N SER D 145 20.39 -15.18 36.79
CA SER D 145 21.04 -13.84 37.03
C SER D 145 22.58 -13.89 37.03
N ASP D 146 23.18 -15.03 37.32
CA ASP D 146 24.66 -15.07 37.26
C ASP D 146 25.21 -14.94 35.83
N ILE D 147 24.37 -15.20 34.83
CA ILE D 147 24.88 -15.15 33.45
C ILE D 147 24.13 -14.20 32.51
N THR D 148 22.91 -13.78 32.89
CA THR D 148 22.14 -12.83 32.10
C THR D 148 21.20 -12.00 32.98
N LYS D 149 21.08 -10.70 32.68
CA LYS D 149 20.18 -9.87 33.42
C LYS D 149 18.76 -9.86 32.75
N ALA D 150 18.52 -10.78 31.77
CA ALA D 150 17.23 -10.81 31.08
C ALA D 150 16.09 -11.06 32.09
N ASP D 151 15.10 -10.17 32.12
CA ASP D 151 14.08 -10.25 33.20
C ASP D 151 13.30 -11.59 33.14
N PHE D 152 12.97 -12.03 31.93
CA PHE D 152 12.20 -13.27 31.82
C PHE D 152 12.88 -14.54 32.33
N LEU D 153 14.19 -14.46 32.59
CA LEU D 153 14.98 -15.62 33.01
C LEU D 153 15.46 -15.39 34.50
N SER D 154 14.88 -14.40 35.16
CA SER D 154 15.43 -13.98 36.48
C SER D 154 14.86 -14.72 37.66
N ASP D 155 13.74 -15.38 37.47
CA ASP D 155 12.94 -15.92 38.62
C ASP D 155 12.14 -17.12 38.16
N PRO D 156 12.29 -18.29 38.85
CA PRO D 156 11.47 -19.45 38.48
C PRO D 156 9.94 -19.22 38.60
N ASN D 157 9.49 -18.21 39.36
CA ASN D 157 8.05 -17.95 39.51
C ASN D 157 7.54 -16.94 38.49
N LYS D 158 8.43 -16.45 37.65
CA LYS D 158 8.06 -15.55 36.59
C LYS D 158 7.58 -16.28 35.30
N ILE D 159 6.32 -16.04 34.96
CA ILE D 159 5.68 -16.75 33.87
C ILE D 159 5.59 -15.71 32.73
N THR D 160 6.06 -16.13 31.57
CA THR D 160 6.11 -15.26 30.36
C THR D 160 5.17 -15.88 29.30
N PRO D 161 4.12 -15.15 28.88
CA PRO D 161 3.31 -15.65 27.78
C PRO D 161 4.13 -15.69 26.53
N VAL D 162 3.82 -16.69 25.73
CA VAL D 162 4.45 -16.80 24.41
C VAL D 162 3.39 -17.00 23.29
N PHE D 163 3.78 -16.68 22.05
CA PHE D 163 2.99 -17.06 20.90
C PHE D 163 4.02 -17.67 19.99
N VAL D 164 3.76 -18.90 19.51
CA VAL D 164 4.77 -19.68 18.71
C VAL D 164 4.20 -19.99 17.36
N ARG D 165 4.96 -19.74 16.31
CA ARG D 165 4.57 -20.14 14.97
C ARG D 165 5.63 -21.11 14.44
N PHE D 166 5.15 -22.27 13.94
CA PHE D 166 6.02 -23.25 13.29
C PHE D 166 5.77 -23.12 11.81
N SER D 167 6.74 -23.47 10.95
CA SER D 167 6.49 -23.19 9.50
C SER D 167 7.33 -24.09 8.70
N THR D 168 6.97 -24.22 7.44
CA THR D 168 7.97 -24.65 6.43
C THR D 168 8.75 -23.43 5.92
N VAL D 169 9.51 -23.57 4.85
CA VAL D 169 10.33 -22.39 4.34
C VAL D 169 9.95 -21.94 2.92
N GLN D 170 9.95 -22.86 1.95
CA GLN D 170 9.92 -22.53 0.50
C GLN D 170 8.47 -22.22 0.03
N GLY D 171 7.49 -23.00 0.50
CA GLY D 171 6.14 -23.00 -0.13
C GLY D 171 5.27 -21.83 0.30
N GLY D 172 4.23 -21.56 -0.49
CA GLY D 172 3.31 -20.47 -0.15
C GLY D 172 2.42 -20.81 1.03
N ALA D 173 1.61 -19.81 1.43
CA ALA D 173 0.80 -19.98 2.63
C ALA D 173 -0.26 -21.10 2.35
N GLY D 174 -0.53 -21.39 1.08
CA GLY D 174 -1.47 -22.46 0.73
C GLY D 174 -0.78 -23.75 0.26
N SER D 175 0.55 -23.89 0.52
CA SER D 175 1.27 -25.14 0.18
C SER D 175 1.07 -26.22 1.24
N ALA D 176 1.66 -27.40 1.04
CA ALA D 176 1.39 -28.54 1.91
C ALA D 176 2.36 -28.60 3.14
N ASP D 177 1.92 -29.27 4.22
CA ASP D 177 2.71 -29.29 5.45
C ASP D 177 3.88 -30.30 5.43
N THR D 178 3.60 -31.53 5.01
CA THR D 178 4.62 -32.63 5.12
C THR D 178 5.59 -32.75 3.90
N VAL D 179 5.98 -31.62 3.35
CA VAL D 179 7.03 -31.54 2.32
C VAL D 179 8.36 -31.85 2.98
N ARG D 180 9.37 -32.10 2.16
CA ARG D 180 10.77 -32.12 2.65
C ARG D 180 11.25 -30.69 2.59
N ASP D 181 11.62 -30.15 3.77
CA ASP D 181 12.06 -28.74 3.82
C ASP D 181 12.64 -28.55 5.20
N ILE D 182 13.33 -27.43 5.44
CA ILE D 182 13.62 -27.04 6.79
C ILE D 182 12.28 -26.56 7.43
N ARG D 183 12.17 -26.59 8.78
CA ARG D 183 11.03 -26.00 9.47
C ARG D 183 11.50 -24.82 10.27
N GLY D 184 10.66 -23.80 10.30
CA GLY D 184 10.83 -22.62 11.24
C GLY D 184 10.19 -22.91 12.57
N PHE D 185 10.76 -22.32 13.64
CA PHE D 185 10.23 -22.46 15.00
C PHE D 185 10.50 -21.09 15.63
N ALA D 186 9.46 -20.27 15.68
CA ALA D 186 9.58 -18.85 16.09
C ALA D 186 8.76 -18.67 17.34
N THR D 187 9.36 -18.05 18.37
CA THR D 187 8.71 -17.88 19.70
C THR D 187 8.77 -16.41 20.03
N LYS D 188 7.60 -15.84 20.23
CA LYS D 188 7.45 -14.48 20.63
C LYS D 188 7.24 -14.49 22.18
N PHE D 189 8.21 -13.93 22.93
CA PHE D 189 8.12 -13.95 24.43
C PHE D 189 7.65 -12.57 24.85
N TYR D 190 6.50 -12.49 25.54
CA TYR D 190 5.99 -11.13 25.86
C TYR D 190 6.54 -10.86 27.29
N THR D 191 7.80 -10.37 27.38
CA THR D 191 8.44 -10.17 28.70
C THR D 191 8.08 -8.78 29.29
N GLU D 192 8.33 -8.62 30.59
CA GLU D 192 7.99 -7.41 31.30
C GLU D 192 8.94 -6.27 30.89
N GLU D 193 10.05 -6.61 30.19
CA GLU D 193 11.02 -5.60 29.71
C GLU D 193 11.09 -5.55 28.18
N GLY D 194 10.01 -6.01 27.53
CA GLY D 194 9.92 -5.93 26.09
C GLY D 194 9.65 -7.25 25.40
N ILE D 195 9.31 -7.17 24.12
CA ILE D 195 9.15 -8.41 23.29
C ILE D 195 10.50 -9.00 23.04
N PHE D 196 10.70 -10.28 23.33
CA PHE D 196 11.87 -11.00 22.82
C PHE D 196 11.42 -12.07 21.81
N ASP D 197 11.92 -11.98 20.57
CA ASP D 197 11.61 -12.97 19.56
C ASP D 197 12.85 -13.88 19.33
N LEU D 198 12.67 -15.18 19.60
CA LEU D 198 13.65 -16.18 19.29
C LEU D 198 13.18 -16.88 18.00
N VAL D 199 13.87 -16.54 16.91
CA VAL D 199 13.36 -16.91 15.59
C VAL D 199 14.30 -17.99 15.10
N GLY D 200 13.93 -19.27 15.32
CA GLY D 200 14.86 -20.37 14.99
C GLY D 200 14.30 -21.34 13.96
N ASN D 201 15.03 -22.43 13.74
CA ASN D 201 14.69 -23.47 12.74
C ASN D 201 14.89 -24.82 13.42
N ASN D 202 14.52 -25.89 12.72
CA ASN D 202 14.64 -27.22 13.27
C ASN D 202 15.97 -27.89 12.93
N THR D 203 16.94 -27.13 12.43
CA THR D 203 18.35 -27.65 12.26
C THR D 203 19.26 -26.57 12.86
N PRO D 204 20.48 -26.95 13.33
CA PRO D 204 21.27 -26.04 14.13
C PRO D 204 22.13 -25.12 13.24
N ILE D 205 21.97 -25.15 11.91
CA ILE D 205 22.81 -24.32 11.04
C ILE D 205 21.99 -23.84 9.87
N PHE D 206 22.58 -23.02 8.99
CA PHE D 206 21.85 -22.62 7.81
C PHE D 206 22.67 -22.95 6.56
N PHE D 207 22.06 -22.84 5.36
CA PHE D 207 22.76 -23.17 4.11
C PHE D 207 23.94 -22.20 3.78
N ILE D 208 23.88 -20.94 4.17
CA ILE D 208 24.82 -19.94 3.62
C ILE D 208 25.42 -19.19 4.79
N GLN D 209 26.54 -18.55 4.49
CA GLN D 209 27.39 -17.86 5.49
C GLN D 209 27.11 -16.39 5.62
N ASP D 210 26.84 -15.71 4.48
CA ASP D 210 26.72 -14.25 4.50
C ASP D 210 25.29 -13.83 4.02
N ALA D 211 24.63 -12.95 4.78
CA ALA D 211 23.23 -12.52 4.45
C ALA D 211 23.12 -11.95 3.05
N HIS D 212 24.21 -11.42 2.52
CA HIS D 212 24.15 -10.83 1.17
C HIS D 212 23.71 -11.90 0.16
N LYS D 213 23.95 -13.19 0.44
CA LYS D 213 23.52 -14.23 -0.50
C LYS D 213 22.11 -14.75 -0.27
N PHE D 214 21.38 -14.25 0.74
CA PHE D 214 20.14 -14.87 1.08
C PHE D 214 19.12 -14.83 -0.15
N PRO D 215 19.04 -13.71 -0.91
CA PRO D 215 18.12 -13.74 -2.08
C PRO D 215 18.59 -14.76 -3.11
N ASP D 216 19.90 -15.02 -3.26
CA ASP D 216 20.39 -15.97 -4.27
C ASP D 216 19.97 -17.37 -3.83
N PHE D 217 20.27 -17.70 -2.57
CA PHE D 217 19.87 -18.98 -2.05
C PHE D 217 18.34 -19.15 -2.13
N VAL D 218 17.58 -18.19 -1.59
CA VAL D 218 16.14 -18.43 -1.59
C VAL D 218 15.59 -18.49 -3.02
N HIS D 219 16.07 -17.64 -3.91
CA HIS D 219 15.58 -17.75 -5.29
C HIS D 219 15.87 -19.14 -5.91
N ALA D 220 17.03 -19.74 -5.53
CA ALA D 220 17.40 -21.03 -6.14
C ALA D 220 16.47 -22.15 -5.64
N VAL D 221 16.04 -22.10 -4.37
CA VAL D 221 15.21 -23.20 -3.80
C VAL D 221 13.70 -22.91 -4.17
N LYS D 222 13.31 -21.65 -4.32
CA LYS D 222 11.89 -21.27 -4.62
C LYS D 222 11.50 -21.74 -6.01
N PRO D 223 10.18 -21.71 -6.33
CA PRO D 223 9.81 -22.14 -7.69
C PRO D 223 10.56 -21.31 -8.74
N GLU D 224 10.92 -21.96 -9.84
CA GLU D 224 11.76 -21.33 -10.87
C GLU D 224 10.97 -20.26 -11.59
N PRO D 225 11.66 -19.18 -12.04
CA PRO D 225 10.91 -17.97 -12.38
C PRO D 225 10.18 -17.98 -13.68
N HIS D 226 10.55 -18.82 -14.65
CA HIS D 226 9.80 -18.79 -15.89
C HIS D 226 8.38 -19.34 -15.60
N TRP D 227 8.30 -20.49 -14.90
CA TRP D 227 7.01 -21.21 -14.81
C TRP D 227 6.41 -21.36 -13.46
N ALA D 228 7.16 -20.93 -12.48
CA ALA D 228 6.71 -21.05 -11.07
C ALA D 228 6.45 -22.51 -10.66
N ILE D 229 7.43 -23.39 -10.89
CA ILE D 229 7.40 -24.77 -10.44
C ILE D 229 8.81 -25.07 -9.91
N PRO D 230 8.98 -25.92 -8.85
CA PRO D 230 7.97 -26.65 -8.11
C PRO D 230 7.62 -26.01 -6.77
N GLN D 231 6.42 -26.29 -6.31
CA GLN D 231 5.98 -25.82 -4.98
C GLN D 231 6.41 -26.77 -3.88
N GLY D 232 7.00 -26.16 -2.85
CA GLY D 232 7.29 -26.91 -1.61
C GLY D 232 8.38 -27.95 -1.82
N GLN D 233 9.29 -27.73 -2.77
CA GLN D 233 10.29 -28.78 -3.07
C GLN D 233 11.65 -28.18 -3.45
N SER D 234 12.74 -28.78 -2.96
CA SER D 234 14.03 -28.35 -3.43
C SER D 234 14.46 -29.29 -4.57
N ALA D 235 13.63 -30.27 -4.93
CA ALA D 235 14.01 -31.27 -5.93
C ALA D 235 13.88 -30.70 -7.36
N HIS D 236 14.77 -29.76 -7.71
CA HIS D 236 14.73 -29.18 -9.08
C HIS D 236 16.09 -28.54 -9.38
N ASP D 237 16.32 -28.26 -10.66
CA ASP D 237 17.66 -27.86 -11.13
C ASP D 237 18.29 -26.70 -10.39
N THR D 238 17.56 -25.60 -10.21
CA THR D 238 18.22 -24.40 -9.72
C THR D 238 18.73 -24.54 -8.30
N PHE D 239 18.03 -25.31 -7.47
CA PHE D 239 18.50 -25.49 -6.10
C PHE D 239 19.84 -26.24 -6.11
N TRP D 240 19.84 -27.39 -6.80
CA TRP D 240 21.03 -28.26 -6.81
C TRP D 240 22.20 -27.62 -7.62
N ASP D 241 21.84 -26.79 -8.60
CA ASP D 241 22.84 -25.93 -9.27
C ASP D 241 23.58 -25.04 -8.27
N TYR D 242 22.80 -24.32 -7.46
CA TYR D 242 23.42 -23.45 -6.41
C TYR D 242 24.22 -24.26 -5.41
N VAL D 243 23.62 -25.36 -4.86
CA VAL D 243 24.35 -26.24 -3.94
C VAL D 243 25.72 -26.65 -4.55
N SER D 244 25.68 -27.09 -5.81
CA SER D 244 26.87 -27.63 -6.51
C SER D 244 27.99 -26.58 -6.62
N LEU D 245 27.62 -25.31 -6.63
CA LEU D 245 28.53 -24.17 -6.81
C LEU D 245 28.89 -23.51 -5.50
N GLN D 246 28.21 -23.92 -4.44
CA GLN D 246 28.37 -23.27 -3.11
C GLN D 246 28.49 -24.31 -2.03
N PRO D 247 29.66 -24.92 -1.90
CA PRO D 247 29.79 -26.08 -0.95
C PRO D 247 29.51 -25.71 0.50
N GLU D 248 29.55 -24.40 0.86
CA GLU D 248 29.10 -24.04 2.19
C GLU D 248 27.71 -24.56 2.52
N THR D 249 26.88 -24.85 1.48
CA THR D 249 25.49 -25.24 1.68
C THR D 249 25.39 -26.69 2.15
N LEU D 250 26.48 -27.44 2.06
CA LEU D 250 26.35 -28.92 2.11
C LEU D 250 25.90 -29.40 3.47
N HIS D 251 26.35 -28.73 4.54
CA HIS D 251 25.90 -29.13 5.85
C HIS D 251 24.39 -29.10 6.06
N ASN D 252 23.77 -27.95 5.77
CA ASN D 252 22.32 -27.90 5.98
C ASN D 252 21.58 -28.77 4.94
N VAL D 253 22.17 -28.95 3.74
CA VAL D 253 21.62 -29.91 2.77
C VAL D 253 21.61 -31.33 3.34
N MET D 254 22.67 -31.75 4.02
CA MET D 254 22.66 -33.12 4.67
C MET D 254 21.51 -33.21 5.61
N TRP D 255 21.29 -32.15 6.40
CA TRP D 255 20.15 -32.22 7.31
C TRP D 255 18.81 -32.35 6.55
N ALA D 256 18.67 -31.61 5.44
CA ALA D 256 17.35 -31.54 4.77
C ALA D 256 17.07 -32.87 4.11
N MET D 257 18.14 -33.55 3.63
CA MET D 257 17.99 -34.86 2.97
C MET D 257 17.74 -36.04 3.93
N SER D 258 18.02 -35.82 5.20
CA SER D 258 17.83 -36.86 6.27
C SER D 258 16.35 -36.74 6.59
N ASP D 259 15.85 -37.63 7.45
CA ASP D 259 14.49 -37.58 7.91
C ASP D 259 14.23 -36.36 8.75
N ARG D 260 15.25 -35.61 9.13
CA ARG D 260 14.99 -34.29 9.79
C ARG D 260 14.09 -33.40 8.90
N GLY D 261 14.20 -33.52 7.59
CA GLY D 261 13.45 -32.72 6.66
C GLY D 261 11.96 -33.03 6.56
N ILE D 262 11.53 -34.15 7.17
CA ILE D 262 10.14 -34.62 7.12
C ILE D 262 9.63 -35.01 8.53
N PRO D 263 9.53 -34.02 9.45
CA PRO D 263 9.06 -34.32 10.87
C PRO D 263 7.66 -34.93 10.92
N ARG D 264 7.45 -35.81 11.90
CA ARG D 264 6.14 -36.39 12.17
C ARG D 264 5.13 -35.32 12.64
N SER D 265 5.65 -34.32 13.33
CA SER D 265 4.79 -33.31 13.99
C SER D 265 5.67 -32.21 14.44
N TYR D 266 5.17 -30.97 14.52
CA TYR D 266 5.95 -29.91 15.14
C TYR D 266 6.29 -30.19 16.58
N ARG D 267 5.49 -31.04 17.26
CA ARG D 267 5.81 -31.49 18.61
C ARG D 267 7.00 -32.42 18.75
N THR D 268 7.41 -33.06 17.64
CA THR D 268 8.49 -34.07 17.67
C THR D 268 9.68 -33.67 16.80
N MET D 269 9.95 -32.37 16.80
CA MET D 269 11.22 -31.92 16.16
C MET D 269 12.02 -31.03 17.12
N GLU D 270 13.34 -30.94 16.92
CA GLU D 270 14.14 -30.05 17.75
C GLU D 270 14.05 -28.62 17.22
N GLY D 271 14.40 -27.66 18.06
CA GLY D 271 14.45 -26.25 17.60
C GLY D 271 15.88 -25.73 17.92
N PHE D 272 16.34 -24.77 17.14
CA PHE D 272 17.69 -24.17 17.38
C PHE D 272 17.65 -22.70 17.01
N GLY D 273 18.42 -21.89 17.71
CA GLY D 273 18.40 -20.46 17.46
C GLY D 273 19.37 -20.08 16.37
N CYS D 274 20.13 -21.05 15.80
CA CYS D 274 20.89 -20.88 14.53
C CYS D 274 22.27 -20.15 14.71
N HIS D 275 22.31 -19.06 15.47
CA HIS D 275 23.52 -18.24 15.70
C HIS D 275 24.06 -18.25 17.09
N THR D 276 25.36 -17.95 17.20
CA THR D 276 25.85 -17.46 18.44
C THR D 276 25.30 -16.06 18.71
N PHE D 277 24.70 -15.92 19.90
CA PHE D 277 24.25 -14.62 20.42
C PHE D 277 25.10 -14.41 21.67
N ARG D 278 24.81 -13.35 22.45
CA ARG D 278 25.46 -13.17 23.78
C ARG D 278 24.46 -13.07 24.88
N LEU D 279 24.82 -13.58 26.05
CA LEU D 279 24.08 -13.20 27.24
C LEU D 279 24.95 -12.17 27.96
N ILE D 280 24.32 -11.22 28.64
CA ILE D 280 25.08 -10.19 29.35
C ILE D 280 24.55 -10.13 30.74
N ASN D 281 25.42 -10.28 31.77
CA ASN D 281 24.88 -10.25 33.14
C ASN D 281 24.99 -8.81 33.76
N ALA D 282 24.54 -8.63 35.02
CA ALA D 282 24.53 -7.28 35.63
C ALA D 282 25.94 -6.69 35.78
N GLU D 283 26.94 -7.56 35.89
CA GLU D 283 28.36 -7.13 36.08
C GLU D 283 28.96 -6.77 34.75
N GLY D 284 28.22 -6.99 33.65
CA GLY D 284 28.67 -6.60 32.28
C GLY D 284 29.44 -7.71 31.58
N LYS D 285 29.46 -8.92 32.16
CA LYS D 285 30.19 -10.05 31.53
C LYS D 285 29.38 -10.60 30.37
N ALA D 286 30.00 -10.79 29.20
CA ALA D 286 29.39 -11.48 28.05
C ALA D 286 29.74 -13.00 27.98
N THR D 287 28.71 -13.80 27.74
CA THR D 287 28.85 -15.21 27.48
C THR D 287 28.25 -15.50 26.13
N PHE D 288 28.97 -16.24 25.29
CA PHE D 288 28.39 -16.60 23.99
C PHE D 288 27.34 -17.69 24.28
N VAL D 289 26.26 -17.67 23.53
CA VAL D 289 25.16 -18.66 23.74
C VAL D 289 24.60 -19.13 22.38
N ARG D 290 24.35 -20.44 22.23
CA ARG D 290 23.41 -20.88 21.19
C ARG D 290 22.16 -21.47 21.85
N PHE D 291 21.00 -21.18 21.25
CA PHE D 291 19.72 -21.56 21.84
C PHE D 291 19.20 -22.89 21.28
N HIS D 292 18.60 -23.69 22.13
CA HIS D 292 18.05 -25.01 21.79
C HIS D 292 16.65 -25.15 22.31
N TRP D 293 15.78 -25.83 21.56
CA TRP D 293 14.54 -26.36 22.14
C TRP D 293 14.56 -27.86 22.03
N LYS D 294 14.35 -28.51 23.18
CA LYS D 294 14.19 -29.99 23.18
C LYS D 294 12.70 -30.37 23.24
N PRO D 295 12.23 -31.26 22.33
CA PRO D 295 10.79 -31.56 22.33
C PRO D 295 10.55 -32.62 23.40
N LEU D 296 9.68 -32.35 24.36
CA LEU D 296 9.49 -33.32 25.42
C LEU D 296 8.70 -34.54 24.98
N ALA D 297 8.08 -34.45 23.81
CA ALA D 297 7.38 -35.57 23.20
C ALA D 297 8.39 -36.45 22.41
N GLY D 298 9.67 -36.11 22.39
CA GLY D 298 10.61 -36.92 21.66
C GLY D 298 10.84 -36.48 20.20
N LYS D 299 11.82 -37.06 19.54
CA LYS D 299 12.13 -36.67 18.18
C LYS D 299 11.53 -37.75 17.30
N ALA D 300 10.82 -37.38 16.23
CA ALA D 300 10.20 -38.40 15.35
C ALA D 300 9.96 -37.81 14.00
N SER D 301 10.20 -38.63 12.95
CA SER D 301 10.00 -38.15 11.57
C SER D 301 9.26 -39.19 10.80
N LEU D 302 8.72 -38.76 9.67
CA LEU D 302 8.08 -39.63 8.70
C LEU D 302 9.17 -40.27 7.82
N VAL D 303 8.70 -41.12 6.88
CA VAL D 303 9.59 -41.59 5.80
C VAL D 303 9.14 -40.94 4.53
N TRP D 304 10.03 -40.86 3.54
CA TRP D 304 9.74 -40.01 2.36
C TRP D 304 8.48 -40.40 1.63
N ASP D 305 8.28 -41.67 1.29
CA ASP D 305 7.08 -42.02 0.49
C ASP D 305 5.79 -41.62 1.20
N GLU D 306 5.84 -41.76 2.52
CA GLU D 306 4.68 -41.45 3.35
C GLU D 306 4.46 -39.92 3.38
N ALA D 307 5.53 -39.15 3.62
CA ALA D 307 5.42 -37.72 3.70
C ALA D 307 4.87 -37.17 2.38
N GLN D 308 5.39 -37.70 1.26
CA GLN D 308 5.05 -37.15 -0.06
C GLN D 308 3.58 -37.47 -0.35
N LYS D 309 3.20 -38.70 -0.06
CA LYS D 309 1.82 -39.09 -0.28
C LYS D 309 0.87 -38.33 0.63
N LEU D 310 1.29 -38.06 1.83
CA LEU D 310 0.47 -37.34 2.79
C LEU D 310 0.27 -35.85 2.35
N THR D 311 1.22 -35.24 1.64
CA THR D 311 0.96 -33.88 1.09
C THR D 311 -0.28 -33.93 0.17
N GLY D 312 -0.59 -35.09 -0.42
CA GLY D 312 -1.84 -35.22 -1.20
C GLY D 312 -3.07 -35.55 -0.38
N ARG D 313 -2.94 -36.55 0.49
CA ARG D 313 -4.13 -37.02 1.21
C ARG D 313 -4.51 -36.00 2.29
N ASP D 314 -3.54 -35.28 2.90
CA ASP D 314 -3.91 -34.21 3.88
C ASP D 314 -2.82 -33.18 3.89
N PRO D 315 -2.85 -32.23 2.93
CA PRO D 315 -1.80 -31.18 2.98
C PRO D 315 -1.83 -30.30 4.24
N ASP D 316 -2.86 -30.44 5.11
CA ASP D 316 -2.88 -29.68 6.35
C ASP D 316 -2.50 -30.51 7.61
N PHE D 317 -1.79 -31.61 7.40
CA PHE D 317 -1.65 -32.62 8.45
C PHE D 317 -0.95 -32.04 9.69
N HIS D 318 0.12 -31.22 9.55
CA HIS D 318 0.82 -30.75 10.77
C HIS D 318 0.02 -29.63 11.46
N ARG D 319 -0.60 -28.76 10.65
CA ARG D 319 -1.48 -27.72 11.18
C ARG D 319 -2.62 -28.36 12.05
N ARG D 320 -3.21 -29.40 11.45
CA ARG D 320 -4.34 -30.15 12.07
C ARG D 320 -3.89 -30.80 13.36
N GLU D 321 -2.79 -31.55 13.29
CA GLU D 321 -2.20 -32.29 14.38
C GLU D 321 -1.86 -31.34 15.54
N LEU D 322 -1.31 -30.17 15.21
CA LEU D 322 -1.00 -29.23 16.29
C LEU D 322 -2.28 -28.76 17.00
N TRP D 323 -3.29 -28.35 16.20
CA TRP D 323 -4.55 -27.78 16.73
C TRP D 323 -5.26 -28.82 17.59
N GLU D 324 -5.33 -30.05 17.08
CA GLU D 324 -6.02 -31.12 17.79
C GLU D 324 -5.26 -31.62 19.00
N ALA D 325 -3.93 -31.55 19.00
CA ALA D 325 -3.19 -31.92 20.22
C ALA D 325 -3.56 -30.95 21.33
N ILE D 326 -3.54 -29.67 20.98
CA ILE D 326 -3.91 -28.69 21.97
C ILE D 326 -5.39 -28.81 22.45
N GLU D 327 -6.32 -29.10 21.57
CA GLU D 327 -7.71 -29.33 21.97
C GLU D 327 -7.85 -30.58 22.80
N ALA D 328 -6.94 -31.54 22.61
CA ALA D 328 -7.00 -32.76 23.41
C ALA D 328 -6.31 -32.63 24.81
N GLY D 329 -5.61 -31.53 25.09
CA GLY D 329 -4.74 -31.47 26.28
C GLY D 329 -3.38 -32.13 26.10
N ASP D 330 -3.03 -32.60 24.92
CA ASP D 330 -1.66 -33.06 24.70
C ASP D 330 -0.81 -31.83 24.41
N PHE D 331 -0.67 -30.93 25.38
CA PHE D 331 0.00 -29.66 24.99
C PHE D 331 1.42 -29.88 24.47
N PRO D 332 1.78 -29.25 23.32
CA PRO D 332 3.22 -29.31 22.97
C PRO D 332 4.10 -28.69 24.09
N GLU D 333 5.14 -29.42 24.54
CA GLU D 333 6.04 -28.86 25.53
C GLU D 333 7.47 -28.98 25.05
N TYR D 334 8.28 -27.97 25.37
CA TYR D 334 9.68 -27.93 24.85
C TYR D 334 10.52 -27.42 25.98
N GLU D 335 11.74 -27.92 26.13
CA GLU D 335 12.64 -27.37 27.12
C GLU D 335 13.67 -26.52 26.41
N LEU D 336 13.77 -25.25 26.83
CA LEU D 336 14.80 -24.31 26.35
C LEU D 336 16.12 -24.71 27.00
N GLY D 337 17.17 -24.72 26.19
CA GLY D 337 18.53 -25.08 26.64
C GLY D 337 19.53 -24.11 26.03
N PHE D 338 20.68 -23.91 26.68
CA PHE D 338 21.70 -23.01 26.15
C PHE D 338 23.00 -23.80 26.04
N GLN D 339 23.69 -23.68 24.91
CA GLN D 339 25.13 -24.02 24.88
C GLN D 339 25.85 -22.74 25.23
N LEU D 340 26.71 -22.78 26.27
CA LEU D 340 27.35 -21.53 26.78
C LEU D 340 28.84 -21.63 26.54
N ILE D 341 29.44 -20.58 25.93
CA ILE D 341 30.92 -20.61 25.69
C ILE D 341 31.54 -19.30 26.21
N PRO D 342 32.57 -19.43 27.08
CA PRO D 342 33.11 -18.25 27.71
C PRO D 342 33.77 -17.43 26.61
N GLU D 343 33.83 -16.13 26.82
CA GLU D 343 34.50 -15.25 25.87
C GLU D 343 35.95 -15.67 25.49
N GLU D 344 36.69 -16.13 26.50
CA GLU D 344 38.10 -16.63 26.39
C GLU D 344 38.17 -17.86 25.49
N ASP D 345 37.05 -18.53 25.21
CA ASP D 345 37.13 -19.81 24.46
C ASP D 345 36.68 -19.59 23.00
N GLU D 346 36.55 -18.34 22.61
CA GLU D 346 36.09 -18.01 21.25
C GLU D 346 36.83 -18.77 20.16
N PHE D 347 38.14 -18.97 20.34
CA PHE D 347 38.94 -19.51 19.28
C PHE D 347 39.42 -20.94 19.46
N LYS D 348 38.76 -21.68 20.34
CA LYS D 348 39.29 -23.01 20.77
C LYS D 348 38.67 -24.15 20.03
N PHE D 349 37.95 -23.84 18.95
CA PHE D 349 37.34 -24.89 18.13
C PHE D 349 37.96 -24.90 16.73
N ASP D 350 37.86 -26.03 16.04
CA ASP D 350 38.33 -26.16 14.63
C ASP D 350 37.51 -25.27 13.69
N PHE D 351 36.32 -24.92 14.13
CA PHE D 351 35.38 -24.08 13.32
C PHE D 351 35.20 -22.69 13.96
N ASP D 352 34.68 -21.73 13.18
CA ASP D 352 34.51 -20.34 13.72
C ASP D 352 33.15 -20.31 14.44
N LEU D 353 33.09 -19.87 15.69
CA LEU D 353 31.81 -19.78 16.41
C LEU D 353 30.76 -18.89 15.68
N LEU D 354 31.21 -17.98 14.82
CA LEU D 354 30.35 -17.04 14.14
C LEU D 354 29.87 -17.53 12.80
N ASP D 355 30.28 -18.74 12.42
CA ASP D 355 29.93 -19.27 11.09
C ASP D 355 28.63 -20.06 11.29
N PRO D 356 27.55 -19.59 10.68
CA PRO D 356 26.22 -20.22 10.85
C PRO D 356 26.07 -21.52 10.04
N THR D 357 27.07 -21.92 9.23
CA THR D 357 27.03 -23.27 8.61
C THR D 357 27.65 -24.37 9.51
N LYS D 358 28.12 -23.95 10.70
CA LYS D 358 28.82 -24.86 11.62
C LYS D 358 27.97 -25.08 12.86
N LEU D 359 27.87 -26.33 13.30
CA LEU D 359 27.18 -26.55 14.60
C LEU D 359 28.17 -26.70 15.71
N ILE D 360 27.71 -26.58 16.98
CA ILE D 360 28.58 -26.86 18.09
C ILE D 360 28.16 -28.23 18.62
N PRO D 361 29.03 -29.23 18.52
CA PRO D 361 28.64 -30.59 18.92
C PRO D 361 28.32 -30.58 20.45
N GLU D 362 27.26 -31.25 20.86
CA GLU D 362 26.93 -31.28 22.24
C GLU D 362 28.00 -32.05 23.01
N GLU D 363 28.74 -32.91 22.33
CA GLU D 363 29.87 -33.62 23.02
C GLU D 363 30.92 -32.66 23.46
N LEU D 364 31.12 -31.61 22.71
CA LEU D 364 32.06 -30.58 23.10
C LEU D 364 31.47 -29.56 24.09
N VAL D 365 30.23 -29.14 23.85
CA VAL D 365 29.58 -28.13 24.71
C VAL D 365 28.15 -28.56 25.01
N PRO D 366 27.88 -29.06 26.21
CA PRO D 366 26.55 -29.59 26.46
C PRO D 366 25.48 -28.49 26.55
N VAL D 367 24.25 -28.89 26.30
CA VAL D 367 23.13 -28.03 26.45
C VAL D 367 22.72 -27.98 27.92
N GLN D 368 22.69 -26.77 28.47
CA GLN D 368 22.26 -26.59 29.88
C GLN D 368 20.73 -26.31 29.86
N ARG D 369 19.95 -27.06 30.64
CA ARG D 369 18.46 -26.87 30.67
C ARG D 369 18.17 -25.53 31.33
N VAL D 370 17.21 -24.77 30.80
CA VAL D 370 16.95 -23.41 31.26
C VAL D 370 15.49 -23.25 31.70
N GLY D 371 14.53 -23.84 30.96
CA GLY D 371 13.14 -23.75 31.39
C GLY D 371 12.22 -24.45 30.42
N LYS D 372 10.91 -24.32 30.64
CA LYS D 372 9.97 -25.14 29.90
C LYS D 372 8.90 -24.24 29.27
N MET D 373 8.56 -24.52 28.03
CA MET D 373 7.47 -23.79 27.34
C MET D 373 6.37 -24.80 27.06
N VAL D 374 5.13 -24.40 27.34
CA VAL D 374 3.93 -25.21 27.06
C VAL D 374 2.97 -24.44 26.16
N LEU D 375 2.55 -25.05 25.08
CA LEU D 375 1.59 -24.39 24.17
C LEU D 375 0.21 -24.98 24.49
N ASN D 376 -0.69 -24.16 25.04
CA ASN D 376 -1.93 -24.71 25.59
C ASN D 376 -3.20 -24.01 25.10
N ARG D 377 -3.11 -23.15 24.09
CA ARG D 377 -4.35 -22.60 23.53
C ARG D 377 -4.18 -22.19 22.07
N ASN D 378 -5.10 -22.66 21.23
CA ASN D 378 -5.15 -22.19 19.83
C ASN D 378 -5.63 -20.76 19.72
N PRO D 379 -5.32 -20.13 18.59
CA PRO D 379 -5.93 -18.85 18.36
C PRO D 379 -7.45 -18.83 18.17
N ASP D 380 -8.02 -17.62 18.08
CA ASP D 380 -9.42 -17.43 17.71
C ASP D 380 -9.61 -17.31 16.22
N ASN D 381 -8.77 -16.48 15.59
CA ASN D 381 -8.88 -16.19 14.16
C ASN D 381 -7.47 -16.29 13.57
N PHE D 382 -7.30 -17.20 12.65
CA PHE D 382 -6.00 -17.53 12.09
C PHE D 382 -5.43 -16.34 11.42
N PHE D 383 -6.21 -15.68 10.60
CA PHE D 383 -5.62 -14.48 9.94
C PHE D 383 -5.14 -13.44 10.91
N ALA D 384 -6.02 -13.11 11.85
CA ALA D 384 -5.76 -11.98 12.69
C ALA D 384 -4.53 -12.23 13.59
N GLU D 385 -4.38 -13.47 14.11
CA GLU D 385 -3.32 -13.77 15.10
C GLU D 385 -2.12 -14.46 14.47
N ASN D 386 -2.39 -15.45 13.60
CA ASN D 386 -1.27 -16.14 12.93
C ASN D 386 -0.76 -15.33 11.73
N GLU D 387 -1.60 -15.02 10.76
CA GLU D 387 -1.08 -14.51 9.50
C GLU D 387 -0.42 -13.15 9.80
N GLN D 388 -1.01 -12.35 10.70
CA GLN D 388 -0.43 -10.99 10.95
C GLN D 388 0.67 -10.92 11.98
N ALA D 389 1.00 -12.07 12.63
CA ALA D 389 2.11 -12.00 13.64
C ALA D 389 3.43 -11.64 12.95
N ALA D 390 4.23 -10.78 13.60
CA ALA D 390 5.54 -10.44 13.06
C ALA D 390 6.63 -10.79 14.07
N PHE D 391 7.50 -11.71 13.68
CA PHE D 391 8.65 -12.08 14.59
C PHE D 391 9.94 -11.56 13.96
N HIS D 392 10.93 -11.17 14.76
CA HIS D 392 12.16 -10.70 14.13
C HIS D 392 13.27 -10.88 15.19
N PRO D 393 14.41 -11.45 14.83
CA PRO D 393 15.48 -11.77 15.80
C PRO D 393 16.19 -10.57 16.34
N GLY D 394 16.06 -9.39 15.71
CA GLY D 394 16.48 -8.18 16.36
C GLY D 394 15.69 -7.74 17.57
N HIS D 395 14.52 -8.31 17.80
CA HIS D 395 13.72 -7.97 19.00
C HIS D 395 14.35 -8.69 20.16
N ILE D 396 15.40 -8.07 20.75
CA ILE D 396 16.04 -8.61 21.96
C ILE D 396 15.78 -7.69 23.13
N VAL D 397 16.25 -8.09 24.31
CA VAL D 397 15.93 -7.36 25.50
C VAL D 397 17.24 -7.19 26.29
N PRO D 398 17.26 -6.25 27.24
CA PRO D 398 18.49 -6.11 28.02
C PRO D 398 18.83 -7.44 28.68
N GLY D 399 20.11 -7.83 28.62
CA GLY D 399 20.58 -9.19 29.09
C GLY D 399 20.91 -10.11 27.92
N LEU D 400 20.49 -9.67 26.72
CA LEU D 400 20.85 -10.40 25.49
C LEU D 400 21.65 -9.46 24.54
N ASP D 401 22.49 -9.99 23.66
CA ASP D 401 23.06 -9.09 22.64
C ASP D 401 23.42 -9.95 21.40
N PHE D 402 23.87 -9.29 20.33
CA PHE D 402 24.16 -10.01 19.09
C PHE D 402 25.65 -10.35 19.04
N THR D 403 26.08 -10.97 17.95
CA THR D 403 27.49 -11.12 17.64
C THR D 403 27.68 -10.71 16.20
N ASN D 404 28.89 -10.86 15.74
CA ASN D 404 29.17 -10.49 14.33
C ASN D 404 28.90 -11.59 13.30
N ASP D 405 28.28 -12.71 13.71
CA ASP D 405 27.79 -13.67 12.75
C ASP D 405 27.22 -12.95 11.49
N PRO D 406 27.83 -13.13 10.28
CA PRO D 406 27.44 -12.21 9.16
C PRO D 406 26.10 -12.58 8.49
N LEU D 407 25.51 -13.69 8.88
CA LEU D 407 24.13 -14.04 8.48
C LEU D 407 23.16 -13.28 9.45
N LEU D 408 23.39 -13.45 10.75
CA LEU D 408 22.58 -12.81 11.78
C LEU D 408 22.62 -11.31 11.49
N GLN D 409 23.81 -10.77 11.18
CA GLN D 409 23.93 -9.31 11.00
C GLN D 409 22.94 -8.76 9.92
N GLY D 410 22.81 -9.50 8.79
CA GLY D 410 21.90 -9.08 7.71
C GLY D 410 20.48 -9.36 8.09
N ARG D 411 20.19 -10.42 8.87
CA ARG D 411 18.82 -10.62 9.30
C ARG D 411 18.29 -9.41 10.00
N LEU D 412 19.12 -8.74 10.81
CA LEU D 412 18.63 -7.58 11.57
C LEU D 412 18.03 -6.52 10.71
N PHE D 413 18.55 -6.36 9.49
CA PHE D 413 17.91 -5.40 8.56
C PHE D 413 16.57 -5.89 8.04
N SER D 414 16.52 -7.17 7.64
CA SER D 414 15.36 -7.71 6.86
C SER D 414 14.05 -7.72 7.66
N TYR D 415 14.09 -8.20 8.88
CA TYR D 415 12.80 -8.44 9.55
C TYR D 415 12.00 -7.23 9.91
N THR D 416 12.64 -6.07 10.04
CA THR D 416 11.88 -4.86 10.24
C THR D 416 11.44 -4.28 8.88
N ASP D 417 12.33 -4.29 7.87
CA ASP D 417 11.98 -3.76 6.53
C ASP D 417 10.76 -4.47 5.93
N THR D 418 10.77 -5.81 5.95
CA THR D 418 9.75 -6.57 5.25
C THR D 418 8.33 -6.26 5.74
N GLN D 419 8.13 -5.91 7.01
CA GLN D 419 6.82 -5.63 7.54
C GLN D 419 6.15 -4.46 6.88
N ILE D 420 6.93 -3.55 6.31
CA ILE D 420 6.34 -2.31 5.75
C ILE D 420 5.38 -2.65 4.59
N SER D 421 5.71 -3.64 3.79
CA SER D 421 4.73 -4.04 2.76
C SER D 421 3.80 -5.12 3.31
N ARG D 422 4.37 -6.07 4.04
CA ARG D 422 3.54 -7.24 4.47
C ARG D 422 2.36 -6.83 5.36
N LEU D 423 2.63 -5.92 6.29
CA LEU D 423 1.65 -5.50 7.30
C LEU D 423 1.25 -4.04 7.10
N GLY D 424 1.57 -3.49 5.94
CA GLY D 424 1.03 -2.18 5.52
C GLY D 424 1.64 -0.97 6.15
N GLY D 425 2.71 -1.11 6.95
CA GLY D 425 3.43 0.13 7.44
C GLY D 425 4.11 -0.04 8.79
N PRO D 426 4.56 1.06 9.38
CA PRO D 426 5.42 1.01 10.55
C PRO D 426 4.66 0.83 11.85
N ASN D 427 3.29 0.70 11.81
CA ASN D 427 2.56 0.55 13.05
C ASN D 427 2.19 -0.91 13.24
N PHE D 428 3.02 -1.82 12.74
CA PHE D 428 2.65 -3.25 12.81
C PHE D 428 2.68 -3.76 14.24
N HIS D 429 3.42 -3.08 15.12
CA HIS D 429 3.41 -3.44 16.54
C HIS D 429 2.10 -3.12 17.26
N GLU D 430 1.22 -2.38 16.59
CA GLU D 430 -0.06 -2.11 17.17
C GLU D 430 -1.14 -3.12 16.74
N ILE D 431 -0.79 -3.98 15.80
CA ILE D 431 -1.65 -5.10 15.44
C ILE D 431 -1.74 -5.99 16.73
N PRO D 432 -2.97 -6.29 17.19
CA PRO D 432 -3.02 -6.81 18.53
C PRO D 432 -2.05 -7.97 18.94
N ILE D 433 -1.95 -9.04 18.14
CA ILE D 433 -1.02 -10.14 18.48
C ILE D 433 0.42 -9.66 18.70
N ASN D 434 0.83 -8.61 17.98
CA ASN D 434 2.22 -8.10 18.06
C ASN D 434 2.49 -7.14 19.23
N ARG D 435 1.42 -6.65 19.86
CA ARG D 435 1.58 -5.67 20.97
C ARG D 435 2.40 -6.23 22.15
N PRO D 436 3.34 -5.44 22.68
CA PRO D 436 4.05 -5.86 23.92
C PRO D 436 3.01 -5.83 25.02
N THR D 437 3.17 -6.68 26.01
CA THR D 437 2.41 -6.48 27.30
C THR D 437 3.16 -5.53 28.22
N ALA D 438 4.48 -5.37 27.98
CA ALA D 438 5.30 -4.32 28.67
C ALA D 438 4.85 -2.93 28.18
N PRO D 439 5.05 -1.89 28.99
CA PRO D 439 4.66 -0.51 28.56
C PRO D 439 5.50 -0.12 27.37
N TYR D 440 4.92 0.67 26.46
CA TYR D 440 5.75 1.27 25.44
C TYR D 440 5.34 2.72 25.27
N HIS D 441 6.31 3.64 25.27
CA HIS D 441 6.09 5.06 25.07
C HIS D 441 7.25 5.70 24.42
N ASN D 442 7.02 6.52 23.41
CA ASN D 442 8.18 7.17 22.73
C ASN D 442 7.66 8.33 21.92
N PHE D 443 8.52 8.92 21.11
CA PHE D 443 8.17 10.14 20.37
C PHE D 443 7.84 9.86 18.92
N GLN D 444 7.70 8.56 18.58
CA GLN D 444 7.33 8.25 17.21
C GLN D 444 5.82 8.53 16.96
N ARG D 445 5.48 9.07 15.77
CA ARG D 445 4.07 9.47 15.53
C ARG D 445 3.62 9.02 14.15
N ASP D 446 2.31 8.94 13.98
CA ASP D 446 1.68 8.84 12.64
C ASP D 446 1.95 7.51 11.95
N GLY D 447 2.07 7.54 10.62
CA GLY D 447 2.16 6.23 9.84
C GLY D 447 0.73 5.71 9.54
N MET D 448 0.62 4.81 8.54
CA MET D 448 -0.67 4.29 8.14
C MET D 448 -1.27 3.45 9.29
N HIS D 449 -2.58 3.45 9.47
N HIS D 449 -2.59 3.63 9.43
CA HIS D 449 -3.18 2.56 10.52
CA HIS D 449 -3.49 2.94 10.42
C HIS D 449 -2.74 2.97 11.91
C HIS D 449 -2.94 3.04 11.84
N ARG D 450 -2.57 4.27 12.18
CA ARG D 450 -2.12 4.65 13.50
C ARG D 450 -3.32 4.48 14.50
N MET D 451 -3.10 3.64 15.48
CA MET D 451 -4.12 3.38 16.52
C MET D 451 -3.94 4.24 17.79
N GLY D 452 -2.69 4.27 18.31
CA GLY D 452 -2.44 5.01 19.57
C GLY D 452 -2.60 6.49 19.37
N ILE D 453 -3.40 7.11 20.23
CA ILE D 453 -3.62 8.60 20.21
C ILE D 453 -2.75 9.19 21.33
N ASP D 454 -1.64 9.80 20.91
CA ASP D 454 -0.66 10.33 21.87
C ASP D 454 -1.16 11.69 22.42
N THR D 455 -1.13 11.81 23.75
CA THR D 455 -1.53 13.02 24.37
C THR D 455 -0.31 13.87 24.77
N ASN D 456 0.87 13.30 24.61
CA ASN D 456 2.09 14.08 24.97
C ASN D 456 2.16 15.44 24.21
N PRO D 457 2.33 16.59 24.92
CA PRO D 457 2.44 17.88 24.25
C PRO D 457 3.67 17.87 23.28
N ALA D 458 4.68 17.10 23.64
CA ALA D 458 5.95 16.91 22.91
C ALA D 458 5.98 15.64 22.09
N ASN D 459 6.56 15.80 20.88
CA ASN D 459 6.84 14.62 20.00
C ASN D 459 8.31 14.54 19.64
N TYR D 460 9.15 15.10 20.53
CA TYR D 460 10.61 15.14 20.33
C TYR D 460 11.22 15.15 21.72
N GLU D 461 12.50 14.79 21.78
CA GLU D 461 13.33 15.00 22.93
C GLU D 461 14.75 15.39 22.48
N PRO D 462 15.46 16.29 23.27
CA PRO D 462 15.02 16.74 24.63
C PRO D 462 13.89 17.77 24.52
N ASN D 463 12.96 17.78 25.50
CA ASN D 463 11.91 18.79 25.47
C ASN D 463 11.72 19.30 26.88
N SER D 464 11.34 20.55 27.02
CA SER D 464 11.00 21.06 28.32
C SER D 464 9.51 21.06 28.50
N ILE D 465 8.71 21.08 27.42
CA ILE D 465 7.26 21.32 27.57
C ILE D 465 6.50 20.14 28.21
N ASN D 466 7.13 18.95 28.26
CA ASN D 466 6.57 17.83 28.98
C ASN D 466 7.57 17.29 30.00
N ASP D 467 8.47 18.20 30.49
CA ASP D 467 9.54 17.87 31.42
C ASP D 467 10.36 16.67 30.92
N ASN D 468 10.57 16.67 29.62
CA ASN D 468 11.33 15.61 28.96
C ASN D 468 10.81 14.16 29.02
N TRP D 469 9.53 13.94 29.37
CA TRP D 469 9.03 12.56 29.41
C TRP D 469 8.44 12.19 28.02
N PRO D 470 8.50 10.90 27.64
CA PRO D 470 9.14 9.81 28.39
C PRO D 470 10.69 9.87 28.33
N ARG D 471 11.35 9.42 29.40
CA ARG D 471 12.78 9.67 29.62
C ARG D 471 13.59 8.40 29.38
N GLU D 472 14.77 8.59 28.80
CA GLU D 472 15.80 7.54 28.78
C GLU D 472 16.08 6.99 30.19
N THR D 473 16.56 5.75 30.23
CA THR D 473 16.84 5.03 31.51
C THR D 473 18.23 4.43 31.41
N PRO D 474 19.12 4.76 32.37
CA PRO D 474 20.46 4.15 32.42
C PRO D 474 20.38 2.62 32.39
N PRO D 475 21.41 1.95 31.82
CA PRO D 475 21.51 0.50 32.03
C PRO D 475 21.67 0.21 33.50
N GLY D 476 21.19 -0.93 33.90
CA GLY D 476 21.29 -1.30 35.29
C GLY D 476 21.04 -2.80 35.39
N PRO D 477 21.08 -3.34 36.60
CA PRO D 477 20.80 -4.80 36.83
C PRO D 477 19.39 -5.27 36.53
N LYS D 478 18.40 -4.37 36.60
CA LYS D 478 16.98 -4.73 36.33
C LYS D 478 16.27 -3.49 35.85
N ARG D 479 15.32 -3.63 34.93
CA ARG D 479 14.55 -2.48 34.47
C ARG D 479 15.40 -1.31 33.93
N GLY D 480 16.61 -1.61 33.43
CA GLY D 480 17.48 -0.57 32.88
C GLY D 480 17.31 -0.47 31.38
N GLY D 481 17.81 0.63 30.83
CA GLY D 481 17.87 0.82 29.38
C GLY D 481 18.84 -0.13 28.71
N PHE D 482 18.60 -0.33 27.41
CA PHE D 482 19.45 -1.21 26.62
C PHE D 482 20.77 -0.49 26.24
N GLU D 483 21.89 -1.19 26.46
CA GLU D 483 23.19 -0.70 26.01
C GLU D 483 23.89 -1.86 25.37
N SER D 484 24.47 -1.63 24.20
CA SER D 484 25.21 -2.69 23.56
C SER D 484 26.50 -3.05 24.32
N TYR D 485 26.84 -4.33 24.32
CA TYR D 485 28.15 -4.79 24.83
C TYR D 485 29.27 -4.12 24.00
N GLN D 486 30.29 -3.59 24.69
CA GLN D 486 31.32 -2.79 24.05
C GLN D 486 32.40 -3.66 23.44
N GLU D 487 31.98 -4.46 22.47
CA GLU D 487 32.90 -5.40 21.78
C GLU D 487 33.93 -4.63 20.98
N ARG D 488 35.20 -5.08 21.02
CA ARG D 488 36.25 -4.37 20.23
C ARG D 488 36.09 -4.69 18.76
N VAL D 489 36.11 -3.64 17.94
CA VAL D 489 36.11 -3.81 16.47
C VAL D 489 37.44 -3.33 15.93
N GLU D 490 38.04 -4.07 14.99
CA GLU D 490 39.31 -3.61 14.46
C GLU D 490 39.52 -4.27 13.08
N GLY D 491 39.70 -3.43 12.07
CA GLY D 491 39.88 -3.89 10.73
C GLY D 491 39.55 -2.84 9.72
N ASN D 492 39.70 -3.20 8.45
CA ASN D 492 39.42 -2.28 7.40
C ASN D 492 37.98 -2.52 6.95
N LYS D 493 37.36 -1.51 6.32
CA LYS D 493 36.05 -1.74 5.61
C LYS D 493 36.28 -2.67 4.41
N VAL D 494 35.84 -3.91 4.53
CA VAL D 494 36.02 -4.90 3.47
C VAL D 494 34.74 -5.75 3.18
N ARG D 495 34.62 -6.16 1.94
CA ARG D 495 33.60 -7.21 1.54
C ARG D 495 34.41 -8.44 1.34
N GLU D 496 34.59 -9.16 2.43
CA GLU D 496 35.49 -10.28 2.47
C GLU D 496 34.99 -11.35 3.38
N ARG D 497 35.05 -12.60 2.97
CA ARG D 497 34.67 -13.74 3.87
C ARG D 497 35.86 -14.05 4.75
N SER D 498 35.63 -14.32 6.01
CA SER D 498 36.77 -14.69 6.87
C SER D 498 37.36 -16.02 6.40
N PRO D 499 38.69 -16.13 6.32
CA PRO D 499 39.33 -17.41 5.95
C PRO D 499 38.91 -18.55 6.91
N SER D 500 38.56 -18.16 8.14
CA SER D 500 38.14 -19.15 9.13
C SER D 500 36.84 -19.83 8.74
N PHE D 501 36.12 -19.20 7.82
CA PHE D 501 34.85 -19.80 7.36
C PHE D 501 35.06 -20.79 6.15
N GLY D 502 36.26 -20.88 5.62
CA GLY D 502 36.40 -21.64 4.36
C GLY D 502 36.60 -23.14 4.54
N GLU D 503 35.76 -23.81 5.32
CA GLU D 503 35.90 -25.24 5.44
C GLU D 503 34.45 -25.76 5.37
N TYR D 504 34.23 -26.69 4.46
CA TYR D 504 32.80 -26.99 4.08
C TYR D 504 32.36 -28.41 4.31
N TYR D 505 33.32 -29.33 4.56
CA TYR D 505 32.99 -30.78 4.47
C TYR D 505 32.99 -31.50 5.82
N SER D 506 33.72 -30.94 6.83
CA SER D 506 33.85 -31.71 8.08
C SER D 506 32.57 -31.83 8.85
N HIS D 507 31.78 -30.74 8.87
CA HIS D 507 30.50 -30.82 9.57
C HIS D 507 29.49 -31.73 8.87
N PRO D 508 29.38 -31.66 7.51
CA PRO D 508 28.63 -32.70 6.83
C PRO D 508 29.04 -34.16 7.17
N ARG D 509 30.36 -34.44 7.16
CA ARG D 509 30.83 -35.72 7.57
C ARG D 509 30.47 -36.06 8.98
N LEU D 510 30.67 -35.15 9.94
CA LEU D 510 30.28 -35.44 11.34
C LEU D 510 28.80 -35.82 11.42
N PHE D 511 27.97 -35.12 10.64
CA PHE D 511 26.55 -35.41 10.69
C PHE D 511 26.31 -36.81 10.16
N TRP D 512 26.87 -37.08 8.99
CA TRP D 512 26.72 -38.41 8.38
C TRP D 512 27.10 -39.58 9.30
N LEU D 513 28.26 -39.47 9.90
CA LEU D 513 28.80 -40.58 10.69
C LEU D 513 28.02 -40.77 12.02
N SER D 514 27.25 -39.75 12.41
CA SER D 514 26.44 -39.79 13.65
C SER D 514 25.08 -40.43 13.45
N GLN D 515 24.71 -40.72 12.19
CA GLN D 515 23.35 -41.23 11.91
C GLN D 515 23.34 -42.76 11.97
N THR D 516 22.18 -43.36 12.28
CA THR D 516 22.12 -44.87 12.36
C THR D 516 22.20 -45.36 10.94
N PRO D 517 22.36 -46.70 10.73
CA PRO D 517 22.48 -47.15 9.30
C PRO D 517 21.21 -46.93 8.54
N PHE D 518 20.04 -47.08 9.16
CA PHE D 518 18.78 -46.76 8.46
C PHE D 518 18.64 -45.26 8.21
N GLU D 519 19.10 -44.43 9.12
CA GLU D 519 19.11 -42.98 8.78
C GLU D 519 19.99 -42.64 7.60
N GLN D 520 21.17 -43.30 7.51
CA GLN D 520 22.08 -43.11 6.42
C GLN D 520 21.43 -43.52 5.14
N ARG D 521 20.76 -44.65 5.19
CA ARG D 521 20.03 -45.10 4.00
C ARG D 521 19.00 -44.02 3.53
N HIS D 522 18.24 -43.46 4.47
CA HIS D 522 17.20 -42.44 4.12
C HIS D 522 17.84 -41.17 3.56
N ILE D 523 19.04 -40.83 4.05
CA ILE D 523 19.80 -39.71 3.48
C ILE D 523 20.19 -39.99 2.01
N VAL D 524 20.72 -41.16 1.79
CA VAL D 524 21.08 -41.57 0.44
C VAL D 524 19.86 -41.49 -0.46
N ASP D 525 18.74 -41.99 0.01
CA ASP D 525 17.54 -42.05 -0.83
C ASP D 525 17.02 -40.65 -1.05
N GLY D 526 17.19 -39.76 -0.07
CA GLY D 526 16.71 -38.34 -0.29
C GLY D 526 17.53 -37.67 -1.38
N PHE D 527 18.88 -37.69 -1.28
CA PHE D 527 19.70 -37.16 -2.34
C PHE D 527 19.36 -37.82 -3.67
N SER D 528 19.14 -39.13 -3.68
CA SER D 528 18.94 -39.89 -4.97
C SER D 528 17.63 -39.42 -5.62
N PHE D 529 16.61 -39.32 -4.78
CA PHE D 529 15.31 -38.97 -5.28
C PHE D 529 15.43 -37.52 -5.81
N GLU D 530 15.99 -36.63 -5.04
CA GLU D 530 15.99 -35.24 -5.44
C GLU D 530 16.81 -35.05 -6.71
N LEU D 531 18.01 -35.65 -6.75
CA LEU D 531 18.83 -35.45 -7.93
C LEU D 531 18.22 -36.08 -9.19
N SER D 532 17.37 -37.11 -9.01
CA SER D 532 16.66 -37.69 -10.11
C SER D 532 15.66 -36.74 -10.78
N LYS D 533 15.26 -35.69 -10.08
CA LYS D 533 14.37 -34.70 -10.63
C LYS D 533 15.11 -33.54 -11.22
N VAL D 534 16.44 -33.60 -11.19
CA VAL D 534 17.24 -32.52 -11.77
C VAL D 534 17.43 -32.94 -13.24
N VAL D 535 16.99 -32.10 -14.15
CA VAL D 535 16.85 -32.47 -15.57
C VAL D 535 18.23 -32.45 -16.26
N ARG D 536 19.07 -31.51 -15.85
CA ARG D 536 20.43 -31.36 -16.46
C ARG D 536 21.43 -32.38 -15.80
N PRO D 537 21.85 -33.44 -16.53
CA PRO D 537 22.64 -34.45 -15.79
C PRO D 537 23.95 -33.94 -15.22
N TYR D 538 24.58 -32.93 -15.83
CA TYR D 538 25.89 -32.44 -15.29
C TYR D 538 25.76 -31.89 -13.87
N ILE D 539 24.56 -31.38 -13.54
CA ILE D 539 24.32 -30.87 -12.15
C ILE D 539 24.34 -32.06 -11.18
N ARG D 540 23.69 -33.17 -11.54
CA ARG D 540 23.74 -34.37 -10.68
C ARG D 540 25.18 -34.84 -10.45
N GLU D 541 25.92 -34.91 -11.56
CA GLU D 541 27.34 -35.22 -11.54
C GLU D 541 28.15 -34.34 -10.55
N ARG D 542 28.03 -33.01 -10.67
CA ARG D 542 28.70 -32.06 -9.80
C ARG D 542 28.32 -32.25 -8.31
N VAL D 543 27.07 -32.58 -8.04
CA VAL D 543 26.66 -32.80 -6.64
C VAL D 543 27.32 -34.07 -6.11
N VAL D 544 27.36 -35.12 -6.95
CA VAL D 544 27.99 -36.37 -6.54
C VAL D 544 29.47 -36.12 -6.23
N ASP D 545 30.13 -35.30 -7.04
CA ASP D 545 31.48 -34.90 -6.76
C ASP D 545 31.63 -34.27 -5.38
N GLN D 546 30.74 -33.35 -5.00
CA GLN D 546 30.84 -32.75 -3.71
C GLN D 546 30.62 -33.80 -2.65
N LEU D 547 29.63 -34.69 -2.82
CA LEU D 547 29.47 -35.80 -1.84
C LEU D 547 30.78 -36.61 -1.59
N ALA D 548 31.60 -36.76 -2.64
CA ALA D 548 32.81 -37.58 -2.58
C ALA D 548 33.84 -36.87 -1.74
N HIS D 549 33.69 -35.56 -1.54
CA HIS D 549 34.49 -34.79 -0.54
C HIS D 549 34.02 -34.87 0.90
N ILE D 550 32.88 -35.45 1.10
CA ILE D 550 32.31 -35.63 2.46
C ILE D 550 32.56 -37.07 2.92
N ASP D 551 32.13 -38.04 2.13
CA ASP D 551 32.21 -39.47 2.53
C ASP D 551 32.03 -40.37 1.30
N LEU D 552 33.01 -41.26 1.12
CA LEU D 552 33.04 -42.12 -0.08
C LEU D 552 31.84 -43.06 -0.18
N THR D 553 31.46 -43.70 0.93
CA THR D 553 30.26 -44.58 0.98
C THR D 553 29.00 -43.83 0.54
N LEU D 554 28.73 -42.71 1.22
CA LEU D 554 27.64 -41.80 0.82
C LEU D 554 27.68 -41.53 -0.67
N ALA D 555 28.83 -41.10 -1.17
CA ALA D 555 28.93 -40.69 -2.55
C ALA D 555 28.64 -41.87 -3.53
N GLN D 556 29.20 -43.03 -3.23
CA GLN D 556 29.07 -44.20 -4.04
C GLN D 556 27.62 -44.68 -4.09
N ALA D 557 26.94 -44.60 -2.94
CA ALA D 557 25.60 -45.14 -2.87
C ALA D 557 24.65 -44.24 -3.68
N VAL D 558 24.84 -42.93 -3.59
CA VAL D 558 23.98 -41.98 -4.39
C VAL D 558 24.32 -42.15 -5.87
N ALA D 559 25.61 -42.17 -6.18
CA ALA D 559 26.08 -42.43 -7.55
C ALA D 559 25.40 -43.68 -8.15
N LYS D 560 25.35 -44.77 -7.41
CA LYS D 560 24.80 -46.03 -7.97
C LYS D 560 23.33 -45.85 -8.33
N ASN D 561 22.58 -45.16 -7.46
CA ASN D 561 21.16 -44.89 -7.75
C ASN D 561 20.95 -43.95 -8.92
N LEU D 562 21.94 -43.12 -9.22
CA LEU D 562 21.89 -42.22 -10.39
C LEU D 562 22.53 -42.79 -11.70
N GLY D 563 23.00 -44.04 -11.65
CA GLY D 563 23.73 -44.67 -12.79
C GLY D 563 25.03 -43.94 -13.15
N ILE D 564 25.68 -43.35 -12.15
CA ILE D 564 26.96 -42.58 -12.27
C ILE D 564 28.08 -43.40 -11.63
N GLU D 565 29.26 -43.46 -12.27
CA GLU D 565 30.36 -44.27 -11.74
C GLU D 565 31.42 -43.26 -11.24
N LEU D 566 31.88 -43.32 -9.99
CA LEU D 566 32.92 -42.34 -9.57
C LEU D 566 34.23 -42.56 -10.35
N THR D 567 34.99 -41.50 -10.61
CA THR D 567 36.34 -41.62 -11.24
C THR D 567 37.36 -42.09 -10.20
N ASP D 568 38.50 -42.62 -10.65
CA ASP D 568 39.57 -42.98 -9.70
C ASP D 568 39.93 -41.81 -8.83
N ASP D 569 39.97 -40.59 -9.39
CA ASP D 569 40.28 -39.40 -8.62
C ASP D 569 39.27 -39.15 -7.51
N GLN D 570 37.98 -39.36 -7.81
CA GLN D 570 36.96 -39.16 -6.75
C GLN D 570 37.10 -40.24 -5.66
N LEU D 571 37.47 -41.44 -6.10
CA LEU D 571 37.58 -42.56 -5.16
C LEU D 571 38.74 -42.31 -4.16
N ASN D 572 39.61 -41.36 -4.51
CA ASN D 572 40.86 -41.09 -3.77
C ASN D 572 40.87 -39.78 -3.02
N ILE D 573 39.74 -39.05 -3.04
CA ILE D 573 39.69 -37.80 -2.30
C ILE D 573 39.84 -38.08 -0.81
N THR D 574 40.74 -37.39 -0.15
CA THR D 574 40.86 -37.75 1.27
C THR D 574 39.72 -37.08 2.08
N PRO D 575 39.14 -37.86 3.01
CA PRO D 575 38.04 -37.28 3.75
C PRO D 575 38.49 -36.11 4.60
N PRO D 576 37.54 -35.23 4.94
CA PRO D 576 37.89 -34.11 5.77
C PRO D 576 38.23 -34.53 7.21
N PRO D 577 38.92 -33.66 7.96
CA PRO D 577 39.25 -33.95 9.39
C PRO D 577 38.03 -34.16 10.26
N ASP D 578 38.23 -34.90 11.36
CA ASP D 578 37.29 -34.97 12.47
C ASP D 578 37.05 -33.56 13.00
N VAL D 579 35.95 -33.37 13.70
CA VAL D 579 35.71 -32.04 14.28
C VAL D 579 36.17 -32.08 15.73
N ASN D 580 37.25 -31.34 16.05
CA ASN D 580 37.84 -31.42 17.39
C ASN D 580 37.92 -32.86 17.95
N GLY D 581 38.42 -33.73 17.10
CA GLY D 581 38.71 -35.16 17.43
C GLY D 581 37.47 -36.05 17.54
N LEU D 582 36.29 -35.50 17.22
CA LEU D 582 35.06 -36.32 17.24
C LEU D 582 34.90 -37.13 15.97
N LYS D 583 34.63 -38.41 16.08
CA LYS D 583 34.19 -39.21 14.89
C LYS D 583 32.66 -39.45 14.85
N LYS D 584 31.94 -39.02 15.87
CA LYS D 584 30.49 -39.00 15.79
C LYS D 584 30.02 -38.22 16.99
N ASP D 585 28.74 -37.85 16.97
CA ASP D 585 28.08 -37.29 18.15
C ASP D 585 26.61 -37.75 18.07
N PRO D 586 26.24 -38.75 18.90
CA PRO D 586 24.90 -39.35 18.79
C PRO D 586 23.76 -38.37 18.95
N SER D 587 24.03 -37.19 19.49
CA SER D 587 22.91 -36.22 19.67
C SER D 587 22.47 -35.63 18.34
N LEU D 588 23.20 -35.93 17.27
CA LEU D 588 22.88 -35.47 15.92
C LEU D 588 21.91 -36.39 15.25
N SER D 589 21.73 -37.60 15.82
CA SER D 589 20.77 -38.57 15.28
C SER D 589 19.33 -38.37 15.84
N LEU D 590 18.28 -38.59 15.04
CA LEU D 590 16.93 -38.63 15.58
C LEU D 590 16.71 -39.79 16.50
N TYR D 591 17.33 -40.96 16.20
CA TYR D 591 16.92 -42.23 16.74
C TYR D 591 17.99 -43.05 17.51
N ALA D 592 19.26 -42.69 17.34
CA ALA D 592 20.37 -43.43 18.04
C ALA D 592 20.11 -43.61 19.55
N ILE D 593 19.61 -42.58 20.22
CA ILE D 593 19.31 -42.69 21.64
C ILE D 593 17.81 -42.59 21.78
N PRO D 594 17.15 -43.68 22.26
CA PRO D 594 15.68 -43.73 22.41
C PRO D 594 15.15 -42.54 23.23
N ASP D 595 14.16 -41.83 22.70
CA ASP D 595 13.47 -40.79 23.46
C ASP D 595 11.99 -40.82 23.12
N GLY D 596 11.42 -42.00 22.84
CA GLY D 596 10.00 -42.07 22.40
C GLY D 596 9.01 -41.75 23.52
N ASP D 597 7.83 -41.23 23.13
CA ASP D 597 6.75 -40.89 24.04
C ASP D 597 5.46 -41.21 23.26
N VAL D 598 4.64 -42.12 23.72
CA VAL D 598 3.42 -42.44 22.94
C VAL D 598 2.24 -41.49 23.13
N LYS D 599 2.26 -40.66 24.15
CA LYS D 599 1.06 -39.93 24.44
C LYS D 599 0.81 -38.96 23.27
N GLY D 600 -0.41 -38.92 22.74
CA GLY D 600 -0.70 -37.94 21.67
C GLY D 600 -0.61 -38.62 20.32
N ARG D 601 0.00 -39.81 20.27
CA ARG D 601 0.01 -40.64 19.04
C ARG D 601 -1.38 -41.20 18.77
N VAL D 602 -1.54 -41.81 17.61
CA VAL D 602 -2.86 -42.28 17.16
C VAL D 602 -2.80 -43.63 16.42
N VAL D 603 -3.82 -44.45 16.64
CA VAL D 603 -3.87 -45.77 16.08
C VAL D 603 -5.14 -45.91 15.26
N ALA D 604 -5.02 -46.50 14.05
CA ALA D 604 -6.20 -46.91 13.26
C ALA D 604 -6.65 -48.24 13.73
N ILE D 605 -7.98 -48.40 13.87
CA ILE D 605 -8.56 -49.68 14.27
C ILE D 605 -9.48 -50.10 13.14
N LEU D 606 -9.17 -51.21 12.46
CA LEU D 606 -9.98 -51.57 11.31
C LEU D 606 -11.13 -52.48 11.76
N LEU D 607 -12.34 -51.92 11.69
CA LEU D 607 -13.60 -52.63 12.07
C LEU D 607 -14.06 -53.66 11.01
N ASN D 608 -14.86 -54.63 11.47
CA ASN D 608 -15.67 -55.50 10.60
C ASN D 608 -17.11 -55.39 11.12
N ASP D 609 -18.09 -55.95 10.42
CA ASP D 609 -19.49 -55.80 10.88
C ASP D 609 -19.92 -56.62 12.14
N GLU D 610 -19.00 -57.40 12.70
CA GLU D 610 -19.28 -58.16 13.98
C GLU D 610 -18.01 -58.37 14.79
N VAL D 611 -17.50 -57.25 15.32
CA VAL D 611 -16.21 -57.19 15.97
C VAL D 611 -16.33 -57.99 17.26
N ARG D 612 -15.26 -58.69 17.64
CA ARG D 612 -15.21 -59.25 18.99
C ARG D 612 -15.11 -58.15 20.06
N SER D 613 -16.20 -57.92 20.77
CA SER D 613 -16.30 -56.74 21.64
C SER D 613 -15.27 -56.72 22.80
N ALA D 614 -14.90 -57.91 23.30
CA ALA D 614 -13.89 -58.02 24.37
C ALA D 614 -12.45 -57.63 23.91
N ASP D 615 -12.15 -57.87 22.63
CA ASP D 615 -10.87 -57.42 22.03
C ASP D 615 -10.89 -55.86 22.07
N LEU D 616 -11.98 -55.26 21.56
CA LEU D 616 -12.08 -53.81 21.42
C LEU D 616 -12.03 -53.11 22.79
N LEU D 617 -12.69 -53.70 23.81
CA LEU D 617 -12.57 -53.17 25.18
C LEU D 617 -11.12 -53.15 25.67
N ALA D 618 -10.38 -54.24 25.45
CA ALA D 618 -9.01 -54.33 25.91
C ALA D 618 -8.16 -53.32 25.12
N ILE D 619 -8.37 -53.25 23.80
CA ILE D 619 -7.56 -52.33 22.93
C ILE D 619 -7.78 -50.87 23.37
N LEU D 620 -9.04 -50.46 23.44
CA LEU D 620 -9.29 -49.06 23.65
C LEU D 620 -8.86 -48.64 25.02
N LYS D 621 -9.07 -49.50 26.03
CA LYS D 621 -8.70 -49.02 27.37
C LYS D 621 -7.18 -48.99 27.54
N ALA D 622 -6.47 -49.90 26.89
CA ALA D 622 -5.01 -49.90 26.99
C ALA D 622 -4.48 -48.58 26.34
N LEU D 623 -5.06 -48.21 25.21
CA LEU D 623 -4.59 -46.98 24.52
C LEU D 623 -4.90 -45.78 25.40
N LYS D 624 -6.11 -45.74 25.92
CA LYS D 624 -6.52 -44.60 26.75
C LYS D 624 -5.61 -44.44 27.94
N ALA D 625 -5.20 -45.55 28.56
CA ALA D 625 -4.37 -45.47 29.76
C ALA D 625 -3.01 -44.80 29.44
N LYS D 626 -2.60 -44.83 28.16
CA LYS D 626 -1.29 -44.27 27.81
C LYS D 626 -1.43 -42.93 27.04
N GLY D 627 -2.65 -42.45 26.84
CA GLY D 627 -2.86 -41.15 26.18
C GLY D 627 -2.75 -41.27 24.69
N VAL D 628 -2.88 -42.51 24.17
CA VAL D 628 -2.79 -42.76 22.73
C VAL D 628 -4.21 -42.72 22.19
N HIS D 629 -4.46 -42.00 21.11
CA HIS D 629 -5.81 -41.93 20.52
C HIS D 629 -6.10 -43.06 19.54
N ALA D 630 -7.37 -43.21 19.21
CA ALA D 630 -7.78 -44.18 18.23
C ALA D 630 -8.79 -43.61 17.29
N LYS D 631 -8.80 -44.13 16.06
CA LYS D 631 -9.87 -43.82 15.10
C LYS D 631 -10.43 -45.13 14.53
N LEU D 632 -11.73 -45.32 14.73
CA LEU D 632 -12.43 -46.52 14.31
C LEU D 632 -12.77 -46.38 12.83
N LEU D 633 -12.24 -47.26 12.00
CA LEU D 633 -12.45 -47.15 10.57
C LEU D 633 -13.27 -48.30 9.99
N TYR D 634 -14.00 -47.99 8.92
CA TYR D 634 -14.78 -49.04 8.24
C TYR D 634 -14.87 -48.72 6.71
N SER D 635 -15.70 -49.48 5.96
CA SER D 635 -15.86 -49.29 4.51
C SER D 635 -16.95 -48.30 4.17
N ARG D 636 -17.66 -47.82 5.20
CA ARG D 636 -18.67 -46.79 5.11
C ARG D 636 -18.78 -46.03 6.40
N MET D 637 -19.46 -44.88 6.37
CA MET D 637 -19.77 -44.15 7.62
C MET D 637 -20.98 -44.77 8.36
N GLY D 638 -21.25 -44.25 9.55
CA GLY D 638 -22.43 -44.55 10.41
C GLY D 638 -22.02 -45.46 11.53
N GLU D 639 -22.65 -46.64 11.64
CA GLU D 639 -22.34 -47.57 12.74
C GLU D 639 -22.22 -49.03 12.30
N VAL D 640 -21.48 -49.79 13.11
CA VAL D 640 -21.55 -51.23 13.12
C VAL D 640 -21.85 -51.69 14.57
N THR D 641 -22.36 -52.92 14.64
CA THR D 641 -22.73 -53.60 15.90
C THR D 641 -21.78 -54.76 16.23
N ALA D 642 -21.25 -54.74 17.47
CA ALA D 642 -20.32 -55.77 17.90
C ALA D 642 -21.05 -57.13 18.25
N ASP D 643 -20.27 -58.20 18.44
CA ASP D 643 -20.84 -59.51 18.83
C ASP D 643 -21.86 -59.39 19.94
N ASP D 644 -21.57 -58.59 20.96
CA ASP D 644 -22.47 -58.43 22.10
C ASP D 644 -23.52 -57.30 21.97
N GLY D 645 -23.68 -56.72 20.79
CA GLY D 645 -24.67 -55.65 20.59
C GLY D 645 -24.22 -54.20 20.81
N THR D 646 -22.98 -54.02 21.23
CA THR D 646 -22.45 -52.66 21.39
C THR D 646 -22.41 -52.02 20.03
N VAL D 647 -22.93 -50.80 19.98
CA VAL D 647 -23.00 -50.00 18.73
C VAL D 647 -21.68 -49.24 18.67
N LEU D 648 -20.96 -49.37 17.54
CA LEU D 648 -19.61 -48.76 17.35
C LEU D 648 -19.64 -47.67 16.31
N PRO D 649 -19.48 -46.37 16.71
CA PRO D 649 -19.56 -45.27 15.77
C PRO D 649 -18.30 -45.21 14.89
N ILE D 650 -18.47 -44.92 13.61
CA ILE D 650 -17.35 -45.02 12.69
C ILE D 650 -16.86 -43.63 12.50
N ALA D 651 -15.54 -43.44 12.66
CA ALA D 651 -14.93 -42.11 12.48
C ALA D 651 -14.69 -41.75 11.02
N ALA D 652 -14.30 -42.74 10.20
CA ALA D 652 -13.90 -42.45 8.81
C ALA D 652 -13.82 -43.74 8.08
N THR D 653 -13.80 -43.64 6.76
CA THR D 653 -13.58 -44.80 5.94
C THR D 653 -12.08 -45.13 5.78
N PHE D 654 -11.77 -46.33 5.27
CA PHE D 654 -10.39 -46.73 5.07
C PHE D 654 -9.69 -45.75 4.12
N ALA D 655 -10.36 -45.40 3.03
CA ALA D 655 -9.80 -44.44 2.06
C ALA D 655 -9.81 -43.01 2.62
N GLY D 656 -10.80 -42.72 3.45
CA GLY D 656 -10.96 -41.39 4.03
C GLY D 656 -9.94 -40.95 5.03
N ALA D 657 -9.39 -41.93 5.76
CA ALA D 657 -8.41 -41.68 6.77
C ALA D 657 -7.28 -42.69 6.62
N PRO D 658 -6.42 -42.52 5.59
CA PRO D 658 -5.39 -43.49 5.25
C PRO D 658 -4.35 -43.72 6.32
N SER D 659 -3.64 -44.83 6.20
CA SER D 659 -2.67 -45.21 7.18
C SER D 659 -1.59 -44.13 7.31
N LEU D 660 -1.42 -43.28 6.34
CA LEU D 660 -0.44 -42.15 6.47
C LEU D 660 -0.65 -41.31 7.73
N THR D 661 -1.92 -41.20 8.16
CA THR D 661 -2.32 -40.31 9.21
C THR D 661 -2.22 -40.90 10.61
N VAL D 662 -1.79 -42.17 10.72
CA VAL D 662 -1.69 -42.81 12.03
C VAL D 662 -0.34 -43.38 12.28
N ASP D 663 -0.12 -43.76 13.54
CA ASP D 663 1.20 -44.22 13.92
C ASP D 663 1.27 -45.75 13.97
N ALA D 664 0.11 -46.40 13.93
CA ALA D 664 0.05 -47.87 14.04
C ALA D 664 -1.34 -48.34 13.67
N VAL D 665 -1.46 -49.66 13.42
CA VAL D 665 -2.74 -50.21 12.99
C VAL D 665 -3.06 -51.47 13.80
N ILE D 666 -4.29 -51.54 14.29
CA ILE D 666 -4.79 -52.74 15.04
C ILE D 666 -6.04 -53.28 14.32
N VAL D 667 -6.11 -54.60 14.16
CA VAL D 667 -7.26 -55.19 13.48
C VAL D 667 -7.81 -56.14 14.54
N PRO D 668 -8.99 -55.83 15.07
CA PRO D 668 -9.59 -56.76 16.04
C PRO D 668 -10.25 -57.95 15.39
N ALA D 669 -10.43 -59.03 16.16
CA ALA D 669 -11.09 -60.23 15.66
C ALA D 669 -12.56 -60.00 15.41
N GLY D 670 -13.20 -60.98 14.77
CA GLY D 670 -14.62 -60.88 14.56
C GLY D 670 -14.94 -61.49 13.21
N ASN D 671 -15.92 -60.92 12.54
CA ASN D 671 -16.24 -61.39 11.20
C ASN D 671 -15.25 -60.87 10.15
N ILE D 672 -14.05 -61.42 10.13
CA ILE D 672 -12.98 -60.95 9.21
C ILE D 672 -13.34 -61.05 7.72
N ALA D 673 -14.21 -62.00 7.41
CA ALA D 673 -14.60 -62.18 6.00
C ALA D 673 -15.33 -60.97 5.43
N ASP D 674 -15.99 -60.17 6.27
CA ASP D 674 -16.56 -58.87 5.86
C ASP D 674 -15.56 -57.96 5.10
N ILE D 675 -14.31 -57.91 5.55
CA ILE D 675 -13.28 -56.93 5.05
C ILE D 675 -12.07 -57.63 4.42
N ALA D 676 -12.04 -58.97 4.51
CA ALA D 676 -10.91 -59.75 3.97
C ALA D 676 -10.66 -59.51 2.50
N ASP D 677 -11.69 -59.18 1.73
CA ASP D 677 -11.51 -59.05 0.28
C ASP D 677 -11.69 -57.61 -0.14
N ASN D 678 -11.74 -56.71 0.86
CA ASN D 678 -11.93 -55.28 0.60
C ASN D 678 -10.55 -54.76 0.20
N GLY D 679 -10.41 -54.30 -1.03
CA GLY D 679 -9.07 -53.87 -1.50
C GLY D 679 -8.51 -52.76 -0.59
N ASP D 680 -9.39 -51.86 -0.14
CA ASP D 680 -8.93 -50.75 0.72
C ASP D 680 -8.39 -51.25 2.05
N ALA D 681 -9.05 -52.26 2.63
CA ALA D 681 -8.60 -52.80 3.91
C ALA D 681 -7.22 -53.45 3.81
N ASN D 682 -7.04 -54.28 2.80
CA ASN D 682 -5.76 -54.85 2.51
C ASN D 682 -4.68 -53.80 2.24
N TYR D 683 -5.01 -52.82 1.41
CA TYR D 683 -4.02 -51.82 1.06
C TYR D 683 -3.62 -50.99 2.28
N TYR D 684 -4.59 -50.78 3.19
CA TYR D 684 -4.31 -50.04 4.46
C TYR D 684 -3.09 -50.68 5.15
N LEU D 685 -3.15 -52.02 5.32
CA LEU D 685 -2.09 -52.76 5.96
C LEU D 685 -0.80 -52.73 5.12
N MET D 686 -0.92 -52.85 3.79
CA MET D 686 0.29 -52.80 2.96
C MET D 686 1.03 -51.46 3.11
N GLU D 687 0.26 -50.40 3.07
CA GLU D 687 0.82 -49.03 3.16
C GLU D 687 1.45 -48.86 4.55
N ALA D 688 0.77 -49.29 5.61
CA ALA D 688 1.35 -49.14 6.98
C ALA D 688 2.59 -50.00 7.15
N TYR D 689 2.54 -51.22 6.56
CA TYR D 689 3.67 -52.15 6.52
C TYR D 689 4.89 -51.50 5.85
N LYS D 690 4.73 -51.01 4.62
CA LYS D 690 5.82 -50.33 3.86
C LYS D 690 6.44 -49.19 4.65
N HIS D 691 5.63 -48.42 5.38
CA HIS D 691 6.14 -47.19 6.06
C HIS D 691 6.63 -47.55 7.46
N LEU D 692 6.77 -48.86 7.73
CA LEU D 692 7.48 -49.34 8.94
C LEU D 692 6.68 -49.16 10.25
N LYS D 693 5.35 -49.10 10.14
CA LYS D 693 4.51 -48.84 11.30
C LYS D 693 4.18 -50.15 11.95
N PRO D 694 4.08 -50.15 13.30
CA PRO D 694 3.59 -51.34 14.06
C PRO D 694 2.20 -51.76 13.60
N ILE D 695 1.96 -53.05 13.46
CA ILE D 695 0.63 -53.57 13.10
C ILE D 695 0.35 -54.72 14.07
N ALA D 696 -0.87 -54.75 14.62
CA ALA D 696 -1.30 -55.81 15.55
C ALA D 696 -2.59 -56.49 15.04
N LEU D 697 -2.58 -57.83 15.05
CA LEU D 697 -3.65 -58.62 14.50
C LEU D 697 -4.14 -59.64 15.55
N ALA D 698 -5.42 -59.55 15.89
CA ALA D 698 -5.99 -60.41 16.97
C ALA D 698 -6.89 -61.45 16.33
N GLY D 699 -6.72 -62.70 16.76
CA GLY D 699 -7.58 -63.78 16.33
C GLY D 699 -7.53 -63.99 14.84
N ASP D 700 -8.71 -64.11 14.26
CA ASP D 700 -8.84 -64.40 12.85
C ASP D 700 -8.37 -63.18 12.00
N ALA D 701 -8.12 -61.99 12.61
CA ALA D 701 -7.47 -60.89 11.83
C ALA D 701 -6.08 -61.35 11.38
N ARG D 702 -5.54 -62.39 12.00
CA ARG D 702 -4.22 -62.92 11.54
C ARG D 702 -4.24 -63.42 10.06
N LYS D 703 -5.42 -63.65 9.48
CA LYS D 703 -5.50 -64.03 8.06
C LYS D 703 -4.95 -62.96 7.11
N PHE D 704 -4.96 -61.69 7.54
CA PHE D 704 -4.24 -60.59 6.86
C PHE D 704 -2.72 -60.73 6.82
N LYS D 705 -2.12 -61.68 7.55
CA LYS D 705 -0.69 -61.94 7.39
C LYS D 705 -0.28 -62.22 5.91
N ALA D 706 -1.10 -62.96 5.18
CA ALA D 706 -0.84 -63.28 3.78
C ALA D 706 -0.72 -62.03 2.88
N THR D 707 -1.56 -61.02 3.14
CA THR D 707 -1.49 -59.72 2.43
C THR D 707 -0.13 -59.06 2.53
N ILE D 708 0.49 -59.13 3.69
CA ILE D 708 1.77 -58.49 3.93
C ILE D 708 2.93 -59.48 3.98
N LYS D 709 2.64 -60.74 3.65
CA LYS D 709 3.68 -61.81 3.58
C LYS D 709 4.38 -62.09 4.91
N ILE D 710 3.65 -62.31 6.00
CA ILE D 710 4.31 -62.53 7.29
C ILE D 710 4.46 -64.04 7.41
N ALA D 711 5.63 -64.49 7.85
CA ALA D 711 5.88 -65.91 8.12
C ALA D 711 4.89 -66.39 9.20
N ASP D 712 4.52 -67.67 9.17
CA ASP D 712 3.67 -68.25 10.21
C ASP D 712 4.19 -67.99 11.58
N GLN D 713 5.51 -68.12 11.74
CA GLN D 713 6.05 -68.04 13.09
C GLN D 713 6.15 -66.58 13.54
N GLY D 714 5.71 -65.67 12.68
CA GLY D 714 5.74 -64.24 13.04
C GLY D 714 7.03 -63.55 12.67
N GLU D 715 7.05 -62.25 12.92
CA GLU D 715 8.18 -61.38 12.66
C GLU D 715 8.12 -60.15 13.59
N GLU D 716 9.30 -59.66 14.01
CA GLU D 716 9.45 -58.44 14.83
C GLU D 716 8.76 -57.24 14.17
N GLY D 717 7.90 -56.58 14.94
CA GLY D 717 7.09 -55.45 14.47
C GLY D 717 5.66 -55.80 14.05
N ILE D 718 5.31 -57.09 14.05
CA ILE D 718 3.92 -57.51 13.90
C ILE D 718 3.49 -58.17 15.22
N VAL D 719 2.48 -57.62 15.90
CA VAL D 719 2.01 -58.17 17.17
C VAL D 719 0.85 -59.11 16.83
N GLU D 720 0.86 -60.38 17.27
CA GLU D 720 -0.24 -61.28 16.91
C GLU D 720 -0.52 -62.23 18.04
N ALA D 721 -1.80 -62.47 18.29
CA ALA D 721 -2.27 -63.39 19.35
C ALA D 721 -3.70 -63.88 19.10
N ASP D 722 -4.10 -64.90 19.87
CA ASP D 722 -5.51 -65.35 19.79
C ASP D 722 -6.51 -64.24 20.13
N SER D 723 -6.10 -63.36 21.02
CA SER D 723 -6.92 -62.27 21.44
C SER D 723 -6.08 -61.01 21.83
N ALA D 724 -6.75 -59.87 21.93
CA ALA D 724 -6.13 -58.62 22.35
C ALA D 724 -5.80 -58.55 23.85
N ASP D 725 -5.90 -59.65 24.57
CA ASP D 725 -5.65 -59.60 26.00
C ASP D 725 -4.19 -59.91 26.30
N GLY D 726 -3.93 -60.21 27.56
CA GLY D 726 -2.58 -60.45 28.05
C GLY D 726 -1.64 -59.34 27.61
N SER D 727 -0.52 -59.74 27.01
CA SER D 727 0.54 -58.81 26.67
C SER D 727 0.40 -58.21 25.29
N PHE D 728 -0.69 -58.53 24.57
CA PHE D 728 -0.88 -58.04 23.22
C PHE D 728 -0.74 -56.49 23.19
N MET D 729 -1.45 -55.79 24.08
CA MET D 729 -1.39 -54.32 24.04
C MET D 729 -0.06 -53.77 24.51
N ASP D 730 0.56 -54.43 25.50
CA ASP D 730 1.85 -53.93 25.97
C ASP D 730 2.87 -54.03 24.86
N GLU D 731 2.82 -55.15 24.13
CA GLU D 731 3.77 -55.37 23.03
C GLU D 731 3.59 -54.33 21.92
N LEU D 732 2.33 -54.01 21.62
CA LEU D 732 2.04 -52.99 20.59
C LEU D 732 2.57 -51.61 21.05
N LEU D 733 2.33 -51.28 22.31
CA LEU D 733 2.76 -49.97 22.88
C LEU D 733 4.26 -49.80 22.96
N THR D 734 4.96 -50.94 23.14
CA THR D 734 6.39 -50.95 23.11
C THR D 734 6.91 -50.69 21.71
N LEU D 735 6.31 -51.30 20.71
CA LEU D 735 6.64 -50.94 19.32
C LEU D 735 6.35 -49.42 19.06
N MET D 736 5.24 -48.89 19.55
CA MET D 736 4.94 -47.50 19.32
C MET D 736 5.95 -46.59 19.98
N ALA D 737 6.42 -46.96 21.16
CA ALA D 737 7.45 -46.16 21.82
C ALA D 737 8.75 -46.05 21.03
N ALA D 738 9.03 -47.04 20.20
CA ALA D 738 10.23 -46.99 19.36
C ALA D 738 9.94 -46.38 17.97
N HIS D 739 8.71 -45.88 17.81
CA HIS D 739 8.26 -45.10 16.61
C HIS D 739 8.02 -45.91 15.32
N ARG D 740 9.09 -46.49 14.77
CA ARG D 740 8.94 -47.33 13.60
C ARG D 740 9.79 -48.59 13.71
N VAL D 741 9.59 -49.53 12.77
CA VAL D 741 10.20 -50.89 12.82
C VAL D 741 11.32 -50.89 11.78
N TRP D 742 12.46 -50.29 12.15
CA TRP D 742 13.51 -50.06 11.18
C TRP D 742 14.03 -51.43 10.60
N SER D 743 13.93 -52.48 11.38
CA SER D 743 14.43 -53.82 10.99
C SER D 743 13.68 -54.39 9.80
N ARG D 744 12.51 -53.82 9.51
CA ARG D 744 11.65 -54.22 8.38
C ARG D 744 12.17 -53.65 7.05
N ILE D 745 13.10 -52.68 7.07
CA ILE D 745 13.45 -52.00 5.79
C ILE D 745 13.83 -53.02 4.66
N PRO D 746 14.68 -54.01 4.95
CA PRO D 746 14.95 -54.95 3.83
C PRO D 746 13.76 -55.73 3.32
N LYS D 747 12.71 -55.93 4.14
CA LYS D 747 11.52 -56.69 3.73
C LYS D 747 10.54 -55.88 2.88
N ILE D 748 10.51 -54.53 3.02
CA ILE D 748 9.50 -53.73 2.33
C ILE D 748 9.99 -53.54 0.93
N ASP D 749 11.30 -53.79 0.78
CA ASP D 749 12.06 -53.32 -0.36
C ASP D 749 11.38 -53.72 -1.63
N LYS D 750 10.62 -54.84 -1.56
CA LYS D 750 10.00 -55.50 -2.69
C LYS D 750 8.46 -55.63 -2.62
N ILE D 751 7.84 -54.98 -1.63
CA ILE D 751 6.38 -54.98 -1.48
C ILE D 751 5.74 -54.12 -2.58
N PRO D 752 4.66 -54.62 -3.24
CA PRO D 752 4.03 -53.77 -4.27
C PRO D 752 3.00 -52.86 -3.61
N ALA D 753 3.50 -51.74 -3.08
CA ALA D 753 2.62 -50.70 -2.42
C ALA D 753 3.17 -49.31 -2.48
FE HDD E . -15.00 -14.18 -10.42
CHA HDD E . -11.56 -13.86 -10.24
CHB HDD E . -14.67 -16.61 -12.92
CHC HDD E . -18.36 -14.86 -10.22
CHD HDD E . -15.34 -11.75 -8.04
NA HDD E . -13.47 -15.03 -11.37
C1A HDD E . -12.13 -14.74 -11.16
C2A HDD E . -11.35 -15.54 -12.08
C3A HDD E . -12.21 -16.28 -12.80
C4A HDD E . -13.54 -15.99 -12.38
CMA HDD E . -11.86 -17.32 -13.89
CAA HDD E . -9.79 -15.58 -12.22
CBA HDD E . -9.33 -14.69 -13.39
CGA HDD E . -7.82 -14.79 -13.39
O1A HDD E . -7.08 -13.88 -12.90
O2A HDD E . -7.36 -15.82 -13.93
NB HDD E . -16.26 -15.46 -11.43
C1B HDD E . -15.92 -16.42 -12.40
C2B HDD E . -17.14 -17.13 -12.80
C3B HDD E . -18.13 -16.67 -12.06
C4B HDD E . -17.64 -15.59 -11.16
CMB HDD E . -17.32 -18.22 -13.88
CAB HDD E . -19.54 -17.23 -12.28
CBB HDD E . -20.40 -16.49 -12.99
NC HDD E . -16.56 -13.45 -9.35
C1C HDD E . -17.88 -13.88 -9.38
C2C HDD E . -18.56 -13.23 -8.25
C3C HDD E . -17.77 -12.24 -7.82
C4C HDD E . -16.47 -12.44 -8.40
CMC HDD E . -20.10 -13.16 -8.03
CAC HDD E . -18.09 -11.19 -6.73
CBC HDD E . -19.09 -10.31 -6.90
ND HDD E . -13.62 -12.99 -9.30
C1D HDD E . -14.03 -12.04 -8.36
C2D HDD E . -12.86 -11.35 -7.85
C3D HDD E . -11.63 -12.02 -8.56
C4D HDD E . -12.23 -13.05 -9.37
CMD HDD E . -12.84 -11.34 -6.30
CAD HDD E . -10.38 -12.42 -7.77
CBD HDD E . -9.65 -11.07 -7.77
CGD HDD E . -9.80 -10.82 -9.25
O1D HDD E . -11.10 -11.15 -9.47
O2D HDD E . -9.16 -9.99 -9.99
OND HDD E . -12.88 -9.91 -8.21
FE HDE F . -14.69 -14.17 -10.02
NA HDE F . -13.43 -12.95 -9.07
NB HDE F . -16.11 -13.54 -8.80
NC HDE F . -15.93 -15.46 -10.97
ND HDE F . -13.19 -14.88 -11.27
C1A HDE F . -12.03 -12.85 -9.38
O1A HDE F . -10.58 -10.89 -9.68
C1B HDE F . -16.13 -12.26 -8.15
C1C HDE F . -17.35 -15.51 -10.84
C1D HDE F . -13.20 -15.75 -12.31
O1D HDE F . -6.89 -13.53 -12.75
C2A HDE F . -11.34 -11.69 -8.74
O2A HDE F . -8.39 -10.14 -10.08
C2B HDE F . -17.42 -11.90 -7.74
C2C HDE F . -18.07 -16.20 -11.85
C2D HDE F . -11.99 -16.04 -12.91
O2D HDE F . -7.14 -15.49 -13.75
C3A HDE F . -12.49 -10.90 -8.09
C3B HDE F . -18.30 -12.98 -8.30
C3C HDE F . -16.99 -16.57 -12.79
C3D HDE F . -11.02 -15.30 -12.08
C4A HDE F . -13.72 -11.78 -8.31
C4B HDE F . -17.46 -13.85 -8.97
C4C HDE F . -15.72 -16.05 -12.25
C4D HDE F . -11.89 -14.63 -11.09
CAA HDE F . -10.24 -12.27 -7.83
CAB HDE F . -19.81 -13.15 -8.28
CAC HDE F . -17.12 -17.28 -14.12
CAD HDE F . -9.51 -15.21 -12.16
CBA HDE F . -8.87 -11.66 -8.19
CBB HDE F . -20.40 -12.03 -7.51
CBC HDE F . -18.54 -17.24 -14.54
CBD HDE F . -9.09 -14.26 -13.27
CGA HDE F . -9.17 -10.83 -9.39
CGD HDE F . -7.59 -14.44 -13.26
CHA HDE F . -11.35 -13.73 -10.05
CHB HDE F . -14.91 -11.54 -7.75
CHC HDE F . -17.97 -15.02 -9.64
CHD HDE F . -14.43 -16.31 -12.88
CMA HDE F . -12.31 -10.59 -6.59
CMB HDE F . -17.78 -10.69 -6.93
CMC HDE F . -19.53 -16.46 -11.95
CMD HDE F . -11.77 -16.95 -14.08
ONA HDE F . -12.68 -9.62 -8.72
S H2S G . -21.58 -18.17 -13.91
FE HDD H . -16.96 15.17 -1.75
CHA HDD H . -14.28 14.73 0.48
CHB HDD H . -18.33 17.46 0.30
CHC HDD H . -19.23 16.09 -4.28
CHD HDD H . -15.77 12.73 -3.69
NA HDD H . -16.42 15.90 0.01
C1A HDD H . -15.28 15.63 0.76
C2A HDD H . -15.34 16.46 1.94
C3A HDD H . -16.42 17.22 1.91
C4A HDD H . -17.15 16.90 0.67
CMA HDD H . -16.91 18.25 2.98
CAA HDD H . -14.28 16.44 3.05
CBA HDD H . -14.64 15.34 4.09
CGA HDD H . -13.57 15.46 5.17
O1A HDD H . -12.77 14.52 5.47
O2A HDD H . -13.47 16.58 5.71
NB HDD H . -18.54 16.51 -1.96
C1B HDD H . -18.89 17.41 -0.96
C2B HDD H . -19.96 18.25 -1.45
C3B HDD H . -20.23 17.87 -2.72
C4B HDD H . -19.31 16.78 -3.08
CMB HDD H . -20.69 19.27 -0.55
CAB HDD H . -21.33 18.48 -3.63
CBB HDD H . -22.46 18.90 -3.02
NC HDD H . -17.47 14.50 -3.64
C1C HDD H . -18.37 15.03 -4.53
C2C HDD H . -18.22 14.31 -5.77
C3C HDD H . -17.29 13.36 -5.60
C4C HDD H . -16.76 13.51 -4.25
CMC HDD H . -19.15 14.53 -6.99
CAC HDD H . -16.83 12.32 -6.61
CBC HDD H . -17.79 11.87 -7.45
ND HDD H . -15.27 13.91 -1.60
C1D HDD H . -15.01 12.95 -2.56
C2D HDD H . -13.89 12.15 -2.12
C3D HDD H . -13.39 12.73 -0.80
C4D HDD H . -14.31 13.84 -0.58
CMD HDD H . -12.82 11.97 -3.25
CAD HDD H . -11.92 13.19 -0.69
CBD HDD H . -11.30 11.97 -0.06
CGD HDD H . -12.38 11.64 0.96
O1D HDD H . -13.54 11.82 0.26
O2D HDD H . -12.20 10.98 2.01
OND HDD H . -14.27 10.78 -1.82
FE HDE I . -16.91 15.62 -1.95
NA HDE I . -15.40 14.35 -1.91
NB HDE I . -17.32 15.04 -3.84
NC HDE I . -18.43 16.97 -2.01
ND HDE I . -16.46 16.22 0.01
C1A HDE I . -14.57 14.06 -0.77
O1A HDE I . -14.06 11.85 0.11
C1B HDE I . -16.96 13.78 -4.37
C1C HDE I . -19.50 16.96 -2.98
C1D HDE I . -17.10 17.10 0.81
O1D HDE I . -12.80 14.36 5.01
C2A HDE I . -13.76 12.78 -0.94
O2A HDE I . -12.92 10.83 1.90
C2B HDE I . -17.70 13.38 -5.49
C2C HDE I . -20.73 17.56 -2.59
C2D HDE I . -16.53 17.31 2.08
O2D HDE I . -13.40 16.22 6.06
C3A HDE I . -14.21 12.23 -2.28
C3B HDE I . -18.74 14.41 -5.61
C3C HDE I . -20.41 17.96 -1.21
C3D HDE I . -15.35 16.45 2.09
C4A HDE I . -15.26 13.20 -2.74
C4B HDE I . -18.49 15.30 -4.57
C4C HDE I . -19.03 17.55 -0.86
C4D HDE I . -15.38 15.84 0.75
CAA HDE I . -12.22 12.95 -0.87
CAB HDE I . -19.86 14.50 -6.61
CAC HDE I . -21.42 18.61 -0.33
CAD HDE I . -14.35 16.30 3.21
CBA HDE I . -11.68 12.26 0.40
CBB HDE I . -19.81 13.36 -7.53
CBC HDE I . -22.41 19.06 -1.35
CBD HDE I . -14.86 15.43 4.37
CGA HDE I . -12.91 11.56 0.92
CGD HDE I . -13.62 15.32 5.22
CHA HDE I . -14.37 14.88 0.26
CHB HDE I . -15.81 13.03 -3.91
CHC HDE I . -19.26 16.49 -4.34
CHD HDE I . -18.33 17.77 0.41
CMA HDE I . -13.14 12.24 -3.38
CMB HDE I . -17.53 12.15 -6.32
CMC HDE I . -22.04 17.73 -3.36
CMD HDE I . -17.08 18.22 3.16
ONA HDE I . -14.71 10.89 -2.05
S H2S J . -24.27 19.82 -3.57
FE HDD K . 17.46 14.48 3.74
CHA HDD K . 14.81 14.40 1.49
CHB HDD K . 18.90 17.05 1.96
CHC HDD K . 19.70 15.04 6.31
CHD HDD K . 16.20 11.70 5.32
NA HDD K . 16.97 15.50 2.07
C1A HDD K . 15.82 15.32 1.30
C2A HDD K . 15.88 16.27 0.21
C3A HDD K . 17.00 16.99 0.32
C4A HDD K . 17.70 16.54 1.52
CMA HDD K . 17.48 18.11 -0.62
CAA HDD K . 14.84 16.42 -0.91
CBA HDD K . 15.15 15.41 -2.02
CGA HDD K . 14.01 15.56 -3.00
O1A HDD K . 13.18 14.62 -3.09
O2A HDD K . 13.92 16.62 -3.67
NB HDD K . 19.03 15.79 4.07
C1B HDD K . 19.42 16.80 3.21
C2B HDD K . 20.53 17.50 3.84
C3B HDD K . 20.75 16.95 5.03
C4B HDD K . 19.80 15.85 5.21
CMB HDD K . 21.34 18.66 3.22
CAB HDD K . 21.83 17.40 6.04
CBB HDD K . 22.86 18.01 5.46
NC HDD K . 17.88 13.54 5.44
C1C HDD K . 18.82 13.98 6.40
C2C HDD K . 18.75 13.07 7.52
C3C HDD K . 17.74 12.21 7.28
C4C HDD K . 17.19 12.46 5.95
CMC HDD K . 19.60 13.26 8.82
CAC HDD K . 17.28 11.07 8.17
CBC HDD K . 18.30 10.30 8.61
ND HDD K . 15.74 13.20 3.44
C1D HDD K . 15.44 12.09 4.22
C2D HDD K . 14.29 11.38 3.64
C3D HDD K . 13.84 12.23 2.45
C4D HDD K . 14.80 13.34 2.41
CMD HDD K . 13.14 10.99 4.60
CAD HDD K . 12.36 12.69 2.48
CBD HDD K . 11.65 11.63 1.70
CGD HDD K . 12.71 11.18 0.71
O1D HDD K . 13.93 11.51 1.26
O2D HDD K . 12.49 10.96 -0.50
OND HDD K . 14.70 10.07 3.17
FE HDE L . 17.23 14.77 3.81
NA HDE L . 15.71 13.55 3.65
NB HDE L . 17.57 13.97 5.63
NC HDE L . 18.76 16.07 4.01
ND HDE L . 16.84 15.61 1.93
C1A HDE L . 14.90 13.46 2.49
O1A HDE L . 14.40 11.44 1.35
C1B HDE L . 17.20 12.68 6.01
C1C HDE L . 19.80 15.98 5.00
C1D HDE L . 17.51 16.54 1.22
O1D HDE L . 13.08 14.93 -3.69
C2A HDE L . 14.06 12.21 2.52
O2A HDE L . 13.21 10.69 -0.55
C2B HDE L . 17.92 12.17 7.08
C2C HDE L . 21.00 16.68 4.70
C2D HDE L . 16.97 16.91 0.00
O2D HDE L . 13.93 16.93 -3.87
C3A HDE L . 14.40 11.48 3.80
C3B HDE L . 19.00 13.19 7.32
C3C HDE L . 20.71 17.16 3.36
C3D HDE L . 15.71 16.14 -0.08
C4A HDE L . 15.51 12.32 4.34
C4B HDE L . 18.75 14.18 6.40
C4C HDE L . 19.36 16.75 2.94
C4D HDE L . 15.75 15.38 1.19
CAA HDE L . 12.56 12.53 2.43
CAB HDE L . 20.10 13.17 8.34
CAC HDE L . 21.67 17.94 2.53
CAD HDE L . 14.64 16.10 -1.13
CBA HDE L . 12.12 12.22 1.00
CBB HDE L . 20.01 11.97 9.20
CBC HDE L . 22.88 17.71 3.33
CBD HDE L . 15.09 15.42 -2.42
CGA HDE L . 13.25 11.36 0.47
CGD HDE L . 13.97 15.78 -3.40
CHA HDE L . 14.71 14.43 1.58
CHB HDE L . 16.03 11.97 5.49
CHC HDE L . 19.54 15.38 6.31
CHD HDE L . 18.78 17.11 1.66
CMA HDE L . 13.36 11.54 4.91
CMB HDE L . 17.65 10.84 7.73
CMC HDE L . 22.27 16.85 5.54
CMD HDE L . 17.58 17.91 -0.94
ONA HDE L . 14.82 10.12 3.52
S H2S M . 24.74 18.73 5.84
FE HDD N . 14.49 -15.64 8.43
CHA HDD N . 10.97 -15.26 8.30
CHB HDD N . 14.09 -18.30 10.57
CHC HDD N . 17.81 -16.37 8.12
CHD HDD N . 14.80 -12.92 6.34
NA HDD N . 12.87 -16.60 9.27
C1A HDD N . 11.52 -16.25 9.08
C2A HDD N . 10.75 -17.17 9.89
C3A HDD N . 11.60 -17.99 10.52
C4A HDD N . 12.96 -17.68 10.13
CMA HDD N . 11.22 -19.13 11.49
CAA HDD N . 9.21 -17.16 10.04
CBA HDD N . 8.76 -16.32 11.26
CGA HDD N . 7.27 -16.47 11.29
O1A HDD N . 6.50 -15.54 10.87
O2A HDD N . 6.81 -17.56 11.75
NB HDD N . 15.73 -17.07 9.23
C1B HDD N . 15.38 -18.08 10.12
C2B HDD N . 16.57 -18.83 10.48
C3B HDD N . 17.57 -18.28 9.80
C4B HDD N . 17.08 -17.19 8.98
CMB HDD N . 16.70 -20.00 11.48
CAB HDD N . 19.05 -18.74 9.89
CBB HDD N . 19.78 -18.08 10.81
NC HDD N . 16.05 -14.78 7.46
C1C HDD N . 17.33 -15.28 7.42
C2C HDD N . 18.03 -14.52 6.39
C3C HDD N . 17.23 -13.48 6.01
C4C HDD N . 15.92 -13.71 6.58
CMC HDD N . 19.56 -14.60 6.17
CAC HDD N . 17.56 -12.32 5.04
CBC HDD N . 18.61 -11.51 5.38
ND HDD N . 13.05 -14.23 7.44
C1D HDD N . 13.45 -13.16 6.65
C2D HDD N . 12.26 -12.34 6.40
C3D HDD N . 11.04 -13.08 6.97
C4D HDD N . 11.65 -14.24 7.59
CMD HDD N . 12.13 -11.87 4.90
CAD HDD N . 9.92 -13.45 5.96
CBD HDD N . 8.97 -12.29 6.18
CGD HDD N . 9.11 -11.97 7.64
O1D HDD N . 10.31 -12.43 7.96
O2D HDD N . 8.23 -11.51 8.45
OND HDD N . 12.36 -11.11 7.17
FE HDE O . 14.47 -16.01 8.18
NA HDE O . 13.27 -14.65 7.42
NB HDE O . 15.93 -15.22 7.06
NC HDE O . 15.64 -17.43 8.93
ND HDE O . 12.89 -16.84 9.30
C1A HDE O . 11.87 -14.50 7.71
O1A HDE O . 10.86 -12.30 8.21
C1B HDE O . 16.01 -13.89 6.58
C1C HDE O . 17.05 -17.47 8.80
C1D HDE O . 12.88 -17.78 10.25
O1D HDE O . 6.66 -15.32 10.93
C2A HDE O . 11.33 -13.19 7.19
O2A HDE O . 8.74 -11.55 8.97
C2B HDE O . 17.29 -13.48 6.28
C2C HDE O . 17.74 -18.21 9.74
C2D HDE O . 11.65 -18.12 10.79
O2D HDE O . 6.69 -17.43 11.59
C3A HDE O . 12.50 -12.55 6.46
C3B HDE O . 18.14 -14.63 6.69
C3C HDE O . 16.68 -18.67 10.63
C3D HDE O . 10.68 -17.29 10.06
C4A HDE O . 13.66 -13.43 6.78
C4B HDE O . 17.27 -15.54 7.21
C4C HDE O . 15.41 -18.12 10.14
C4D HDE O . 11.58 -16.52 9.16
CAA HDE O . 10.14 -13.35 6.23
CAB HDE O . 19.63 -14.78 6.64
CAC HDE O . 16.88 -19.50 11.87
CAD HDE O . 9.19 -17.25 10.25
CBA HDE O . 8.90 -12.70 6.86
CBB HDE O . 20.13 -13.50 6.08
CBC HDE O . 18.38 -19.48 11.96
CBD HDE O . 8.78 -16.36 11.43
CGA HDE O . 9.44 -12.11 8.13
CGD HDE O . 7.27 -16.36 11.31
CHA HDE O . 11.10 -15.51 8.21
CHB HDE O . 14.85 -13.08 6.32
CHC HDE O . 17.66 -16.86 7.64
CHD HDE O . 14.10 -18.40 10.73
CMA HDE O . 12.35 -12.66 4.93
CMB HDE O . 17.71 -12.14 5.72
CMC HDE O . 19.23 -18.47 9.80
CMD HDE O . 11.36 -19.13 11.86
ONA HDE O . 12.70 -11.17 6.84
S H2S P . 21.08 -20.33 11.40
#